data_7Z5J
#
_entry.id   7Z5J
#
_cell.length_a   1.00
_cell.length_b   1.00
_cell.length_c   1.00
_cell.angle_alpha   90.00
_cell.angle_beta   90.00
_cell.angle_gamma   90.00
#
_symmetry.space_group_name_H-M   'P 1'
#
loop_
_entity.id
_entity.type
_entity.pdbx_description
1 polymer 'Molybdenum storage protein subunit beta'
2 polymer 'Molybdenum storage protein subunit alpha'
3 non-polymer 'MOLYBDATE ION'
4 non-polymer "ADENOSINE-5'-TRIPHOSPHATE"
5 non-polymer 'MAGNESIUM ION'
6 non-polymer 'W11-O35 cluster'
7 non-polymer 1,1,3,3,5,7,7,9,11,15,15-undecakis($l^{1}-oxidanyl)-2$l^{4},4$l^{3},6$l^{5},8,10,12,14,16,17,18,19$l^{3},20,21,22,23-pentadecaoxa-1$l^{6},3$l^{6},5$l^{6},7$l^{6},9$l^{6},11$l^{6},13$l^{6},15$l^{6}-octatungstapentadecacyclo[7.7.1.1^{1,13}.1^{3,5}.1^{3,15}.1^{5,7}.1^{5,11}.1^{7,11}.0^{2,13}.0^{2,15}.0^{4,13}.0^{6,9}.0^{6,11}.0^{6,13}.0^{9,19}]tricosane
8 non-polymer 'W8-O26 cluster'
9 non-polymer 'W10-O37 cluster'
10 non-polymer 'tungstate cluster'
11 non-polymer 'W3-O10 cluster'
#
loop_
_entity_poly.entity_id
_entity_poly.type
_entity_poly.pdbx_seq_one_letter_code
_entity_poly.pdbx_strand_id
1 'polypeptide(L)'
;ANSTAELEELLMQRSLTDPQLQAAAAAAADFRILPDATVIKIGGQSVIDRGRAAVYPLVDEIVAARKNHKLLIGTGAGTR
ARHLYSIAAGLGLPAGVLAQLGSSVADQNAAMLGQLLAKHGIPVVGGAGLSAVPLSLAEVNAVVFSGMPPYKLWMRPAAE
GVIPPYRTDAGCFLLAEQFGCKQMIFVKDEDGLYTANPKTSKDATFIPRISVDEMKAKGLHDSILEFPVLDLLQSAQHVR
EVQVVNGLVPGNLTRALAGEHVGTIITAS
;
B,D,F,H,J,L
2 'polypeptide(L)'
;TDTTNSIKHVISPLARQTLQDRDLTRPVAGKRPIRLLPWLQVVKIGGRVMDRGADAILPLVEELRKLLPEHRLLILTGAG
VRARHVFSVGLDLGLPVGSLAPLAASEAGQNGHILAAMLASEGVSYVEHPTVADQLAIHLSATRAVVGSAFPPYHHHEFP
GSRIPPHRADTGAFLLADAFGAAGLTIVENVDGIYTADPNGPDRGQARFLPETSATDLAKSEGPLPVDRALLDVMATARH
IERVQVVNGLVPGRLTAALRGEHVGTLIRTGVRPA
;
A,C,E,I,G,K
#
loop_
_chem_comp.id
_chem_comp.type
_chem_comp.name
_chem_comp.formula
ATP non-polymer ADENOSINE-5'-TRIPHOSPHATE 'C10 H16 N5 O13 P3'
IHW non-polymer 'tungstate cluster' 'O58 W16'
IV9 non-polymer 1,1,3,3,5,7,7,9,11,15,15-undecakis($l^{1}-oxidanyl)-2$l^{4},4$l^{3},6$l^{5},8,10,12,14,16,17,18,19$l^{3},20,21,22,23-pentadecaoxa-1$l^{6},3$l^{6},5$l^{6},7$l^{6},9$l^{6},11$l^{6},13$l^{6},15$l^{6}-octatungstapentadecacyclo[7.7.1.1^{1,13}.1^{3,5}.1^{3,15}.1^{5,7}.1^{5,11}.1^{7,11}.0^{2,13}.0^{2,15}.0^{4,13}.0^{6,9}.0^{6,11}.0^{6,13}.0^{9,19}]tricosane 'O26 W8'
IWL non-polymer 'W11-O35 cluster' 'O35 W11'
IWO non-polymer 'W8-O26 cluster' 'O26 W8'
IWZ non-polymer 'W10-O37 cluster' 'O37 W10'
IX3 non-polymer 'W3-O10 cluster' 'O10 W3'
MG non-polymer 'MAGNESIUM ION' 'Mg 2'
MOO non-polymer 'MOLYBDATE ION' 'Mo O4 -2'
#
# COMPACT_ATOMS: atom_id res chain seq x y z
N SER A 3 53.02 27.57 -1.83
CA SER A 3 52.98 26.20 -1.31
C SER A 3 51.58 25.64 -1.43
N THR A 4 50.82 26.13 -2.39
CA THR A 4 49.46 25.67 -2.59
C THR A 4 49.38 24.39 -3.40
N ALA A 5 50.43 24.05 -4.14
CA ALA A 5 50.41 22.84 -4.94
C ALA A 5 50.40 21.60 -4.05
N GLU A 6 51.20 21.61 -2.98
CA GLU A 6 51.17 20.53 -2.03
C GLU A 6 49.79 20.41 -1.40
N LEU A 7 49.21 21.55 -1.03
CA LEU A 7 47.86 21.55 -0.48
C LEU A 7 46.89 20.90 -1.45
N GLU A 8 46.98 21.24 -2.72
CA GLU A 8 46.02 20.74 -3.70
C GLU A 8 46.19 19.24 -3.90
N GLU A 9 47.43 18.79 -4.08
CA GLU A 9 47.64 17.37 -4.32
C GLU A 9 47.24 16.56 -3.11
N LEU A 10 47.46 17.09 -1.91
CA LEU A 10 47.00 16.41 -0.71
C LEU A 10 45.48 16.34 -0.69
N LEU A 11 44.83 17.47 -0.95
CA LEU A 11 43.38 17.51 -0.93
C LEU A 11 42.80 16.47 -1.87
N MET A 12 43.41 16.32 -3.03
CA MET A 12 42.89 15.40 -4.01
C MET A 12 43.22 13.96 -3.69
N GLN A 13 44.30 13.72 -2.97
CA GLN A 13 44.76 12.36 -2.68
CA GLN A 13 44.77 12.37 -2.67
C GLN A 13 44.38 11.92 -1.28
N ARG A 14 44.85 12.62 -0.26
CA ARG A 14 44.70 12.15 1.10
C ARG A 14 43.28 12.36 1.59
N SER A 15 43.03 11.83 2.78
CA SER A 15 41.79 12.09 3.46
C SER A 15 41.91 13.33 4.34
N LEU A 16 40.79 14.00 4.54
CA LEU A 16 40.78 15.23 5.30
C LEU A 16 41.20 15.04 6.74
N THR A 17 41.31 13.80 7.18
CA THR A 17 41.88 13.48 8.47
C THR A 17 43.39 13.42 8.42
N ASP A 18 43.97 13.53 7.24
CA ASP A 18 45.41 13.48 7.13
C ASP A 18 45.97 14.72 7.81
N PRO A 19 46.83 14.56 8.80
CA PRO A 19 47.36 15.72 9.51
CA PRO A 19 47.36 15.72 9.51
C PRO A 19 48.22 16.62 8.65
N GLN A 20 49.02 16.05 7.75
CA GLN A 20 49.80 16.87 6.85
C GLN A 20 48.88 17.85 6.15
N LEU A 21 47.68 17.38 5.79
CA LEU A 21 46.70 18.22 5.11
C LEU A 21 46.14 19.29 6.03
N GLN A 22 45.81 18.92 7.26
CA GLN A 22 45.28 19.91 8.20
C GLN A 22 46.30 21.00 8.46
N ALA A 23 47.56 20.62 8.58
CA ALA A 23 48.63 21.58 8.81
C ALA A 23 48.80 22.49 7.61
N ALA A 24 48.72 21.92 6.40
CA ALA A 24 48.78 22.74 5.21
C ALA A 24 47.65 23.74 5.17
N ALA A 25 46.46 23.30 5.55
CA ALA A 25 45.29 24.16 5.51
C ALA A 25 45.39 25.28 6.52
N ALA A 26 45.83 24.95 7.73
CA ALA A 26 45.99 25.97 8.76
C ALA A 26 46.93 27.07 8.30
N ALA A 27 47.85 26.75 7.40
CA ALA A 27 48.80 27.71 6.87
C ALA A 27 48.20 28.59 5.82
N ALA A 28 46.90 28.46 5.58
CA ALA A 28 46.24 29.22 4.53
C ALA A 28 45.88 30.61 5.03
N ALA A 29 45.28 31.39 4.15
CA ALA A 29 44.94 32.76 4.45
C ALA A 29 43.76 32.83 5.41
N ASP A 30 43.45 34.05 5.81
CA ASP A 30 42.36 34.33 6.73
C ASP A 30 41.63 35.56 6.21
N PHE A 31 40.35 35.40 5.92
CA PHE A 31 39.56 36.45 5.33
C PHE A 31 38.41 36.77 6.27
N ARG A 32 38.24 38.05 6.56
CA ARG A 32 37.20 38.52 7.44
C ARG A 32 36.10 39.15 6.60
N ILE A 33 34.88 38.69 6.81
CA ILE A 33 33.77 39.03 5.94
C ILE A 33 33.07 40.28 6.42
N LEU A 34 32.94 40.43 7.73
CA LEU A 34 32.32 41.60 8.34
C LEU A 34 33.21 42.03 9.49
N PRO A 35 34.42 42.48 9.19
CA PRO A 35 35.35 42.84 10.24
C PRO A 35 34.93 44.06 11.02
N ASP A 36 34.12 44.91 10.44
CA ASP A 36 33.67 46.12 11.08
C ASP A 36 32.39 45.91 11.87
N ALA A 37 31.91 44.69 11.92
CA ALA A 37 30.62 44.41 12.53
C ALA A 37 30.79 43.88 13.94
N THR A 38 29.78 44.14 14.75
CA THR A 38 29.75 43.75 16.13
C THR A 38 28.50 42.90 16.36
N VAL A 39 28.66 41.81 17.09
CA VAL A 39 27.57 40.89 17.35
C VAL A 39 27.17 41.03 18.79
N ILE A 40 25.87 41.05 19.04
CA ILE A 40 25.33 41.11 20.39
C ILE A 40 24.20 40.11 20.49
N LYS A 41 24.04 39.55 21.67
CA LYS A 41 23.02 38.55 21.94
C LYS A 41 22.12 39.07 23.04
N ILE A 42 20.85 39.29 22.69
CA ILE A 42 19.86 39.73 23.65
C ILE A 42 19.22 38.52 24.29
N GLY A 43 19.46 38.35 25.58
CA GLY A 43 18.87 37.26 26.30
C GLY A 43 17.36 37.29 26.25
N GLY A 44 16.76 36.11 26.21
CA GLY A 44 15.32 36.03 26.21
C GLY A 44 14.76 35.95 27.61
N GLN A 45 15.30 35.03 28.39
CA GLN A 45 14.82 34.85 29.75
C GLN A 45 15.25 36.01 30.63
N SER A 46 16.35 36.65 30.28
CA SER A 46 16.92 37.69 31.12
C SER A 46 16.42 39.07 30.75
N VAL A 47 15.96 39.26 29.53
CA VAL A 47 15.63 40.59 29.04
C VAL A 47 14.25 40.64 28.42
N ILE A 48 14.09 39.95 27.30
CA ILE A 48 12.86 40.06 26.54
C ILE A 48 11.68 39.59 27.36
N ASP A 49 11.88 38.53 28.14
CA ASP A 49 10.82 38.01 28.98
C ASP A 49 10.47 38.95 30.11
N ARG A 50 11.21 40.05 30.27
CA ARG A 50 10.83 41.09 31.21
C ARG A 50 9.86 42.08 30.59
N GLY A 51 9.89 42.21 29.28
CA GLY A 51 8.90 43.01 28.60
C GLY A 51 9.36 44.43 28.31
N ARG A 52 8.43 45.35 28.48
CA ARG A 52 8.62 46.74 28.07
C ARG A 52 9.84 47.35 28.73
N ALA A 53 9.88 47.30 30.06
CA ALA A 53 10.87 48.01 30.84
C ALA A 53 12.29 47.70 30.40
N ALA A 54 12.52 46.50 29.91
CA ALA A 54 13.85 46.07 29.52
C ALA A 54 14.09 46.14 28.03
N VAL A 55 13.05 46.28 27.23
CA VAL A 55 13.19 46.21 25.79
C VAL A 55 13.17 47.59 25.15
N TYR A 56 12.27 48.45 25.58
CA TYR A 56 12.22 49.79 25.00
C TYR A 56 13.54 50.54 25.17
N PRO A 57 14.13 50.59 26.36
CA PRO A 57 15.44 51.24 26.50
C PRO A 57 16.49 50.66 25.59
N LEU A 58 16.50 49.35 25.43
CA LEU A 58 17.49 48.72 24.58
C LEU A 58 17.25 49.07 23.13
N VAL A 59 15.99 49.17 22.73
CA VAL A 59 15.67 49.59 21.39
C VAL A 59 16.23 50.99 21.14
N ASP A 60 16.08 51.86 22.14
CA ASP A 60 16.64 53.19 22.04
C ASP A 60 18.16 53.13 21.86
N GLU A 61 18.81 52.38 22.73
CA GLU A 61 20.26 52.24 22.67
C GLU A 61 20.70 51.76 21.32
N ILE A 62 19.92 50.88 20.73
CA ILE A 62 20.31 50.25 19.47
C ILE A 62 20.17 51.22 18.31
N VAL A 63 19.01 51.90 18.29
CA VAL A 63 18.68 52.94 17.27
C VAL A 63 19.75 54.03 17.36
N ALA A 64 20.34 54.22 18.53
CA ALA A 64 21.38 55.22 18.75
C ALA A 64 22.73 54.73 18.29
N ALA A 65 23.04 53.47 18.59
CA ALA A 65 24.38 52.95 18.34
C ALA A 65 24.60 52.61 16.89
N ARG A 66 23.55 52.20 16.17
CA ARG A 66 23.71 51.83 14.78
C ARG A 66 24.27 52.97 13.95
N LYS A 67 24.25 54.19 14.47
CA LYS A 67 24.77 55.32 13.73
C LYS A 67 26.28 55.34 13.72
N ASN A 68 26.91 54.69 14.68
CA ASN A 68 28.36 54.62 14.76
C ASN A 68 28.89 53.21 14.68
N HIS A 69 28.07 52.21 14.89
CA HIS A 69 28.48 50.83 14.85
C HIS A 69 27.59 50.03 13.91
N LYS A 70 28.08 48.86 13.56
CA LYS A 70 27.37 47.93 12.70
C LYS A 70 26.97 46.72 13.54
N LEU A 71 25.68 46.43 13.58
CA LEU A 71 25.13 45.55 14.60
C LEU A 71 24.41 44.35 14.03
N LEU A 72 24.72 43.19 14.59
CA LEU A 72 24.02 41.95 14.34
C LEU A 72 23.44 41.51 15.67
N ILE A 73 22.13 41.60 15.79
CA ILE A 73 21.44 41.40 17.04
C ILE A 73 20.78 40.04 17.00
N GLY A 74 21.32 39.11 17.77
CA GLY A 74 20.74 37.80 17.87
C GLY A 74 19.85 37.71 19.09
N THR A 75 18.73 37.03 18.92
CA THR A 75 17.82 36.86 20.03
C THR A 75 18.00 35.51 20.71
N GLY A 76 17.66 35.50 21.99
CA GLY A 76 17.56 34.29 22.75
C GLY A 76 16.15 33.76 22.76
N ALA A 77 16.00 32.62 23.42
CA ALA A 77 14.71 31.92 23.40
C ALA A 77 13.86 32.28 24.61
N GLY A 78 14.31 31.92 25.78
CA GLY A 78 13.63 32.25 27.00
C GLY A 78 13.03 31.05 27.70
N THR A 79 11.93 31.32 28.40
CA THR A 79 11.34 30.31 29.26
C THR A 79 10.31 29.46 28.54
N ARG A 80 9.75 29.96 27.45
CA ARG A 80 8.92 29.10 26.63
C ARG A 80 9.71 27.90 26.15
N ALA A 81 10.98 28.12 25.84
CA ALA A 81 11.84 27.04 25.43
C ALA A 81 12.06 26.07 26.57
N ARG A 82 12.15 26.57 27.79
CA ARG A 82 12.37 25.71 28.92
C ARG A 82 11.13 24.87 29.20
N HIS A 83 9.97 25.46 29.01
CA HIS A 83 8.74 24.70 29.07
C HIS A 83 8.74 23.58 28.05
N LEU A 84 9.06 23.91 26.81
CA LEU A 84 9.10 22.91 25.76
C LEU A 84 10.10 21.81 26.07
N TYR A 85 11.27 22.19 26.55
CA TYR A 85 12.29 21.21 26.88
C TYR A 85 11.82 20.29 27.98
N SER A 86 11.17 20.84 28.99
CA SER A 86 10.64 20.01 30.06
C SER A 86 9.63 19.01 29.54
N ILE A 87 8.72 19.49 28.70
CA ILE A 87 7.71 18.62 28.12
C ILE A 87 8.38 17.49 27.35
N ALA A 88 9.23 17.85 26.42
CA ALA A 88 9.81 16.88 25.50
C ALA A 88 10.72 15.91 26.21
N ALA A 89 11.37 16.34 27.29
CA ALA A 89 12.19 15.45 28.07
C ALA A 89 11.33 14.49 28.88
N GLY A 90 10.20 14.97 29.38
CA GLY A 90 9.27 14.08 30.04
C GLY A 90 8.82 12.95 29.14
N LEU A 91 8.93 13.15 27.84
CA LEU A 91 8.58 12.13 26.88
C LEU A 91 9.76 11.31 26.41
N GLY A 92 10.95 11.81 26.70
CA GLY A 92 12.16 11.08 26.30
C GLY A 92 12.55 11.42 24.89
N LEU A 93 11.99 12.47 24.32
CA LEU A 93 12.40 12.89 22.95
C LEU A 93 13.80 13.43 23.10
N PRO A 94 14.90 13.24 22.10
CA PRO A 94 16.31 13.57 22.02
C PRO A 94 16.55 15.05 21.80
N ALA A 95 17.83 15.40 21.86
CA ALA A 95 18.23 16.80 21.82
C ALA A 95 17.87 17.48 20.52
N GLY A 96 17.94 16.75 19.41
CA GLY A 96 17.64 17.36 18.14
C GLY A 96 16.25 17.94 18.08
N VAL A 97 15.28 17.22 18.62
CA VAL A 97 13.91 17.73 18.62
C VAL A 97 13.83 18.99 19.45
N LEU A 98 14.40 18.95 20.66
CA LEU A 98 14.40 20.11 21.52
C LEU A 98 14.99 21.32 20.81
N ALA A 99 16.00 21.09 20.00
CA ALA A 99 16.61 22.17 19.24
C ALA A 99 15.64 22.73 18.21
N GLN A 100 15.01 21.84 17.46
CA GLN A 100 13.96 22.25 16.54
C GLN A 100 12.96 23.14 17.24
N LEU A 101 12.70 22.86 18.50
CA LEU A 101 11.66 23.57 19.21
C LEU A 101 12.13 24.93 19.67
N GLY A 102 13.33 25.01 20.23
CA GLY A 102 13.84 26.27 20.72
C GLY A 102 14.14 27.27 19.62
N SER A 103 14.53 26.75 18.45
CA SER A 103 14.73 27.64 17.31
C SER A 103 13.54 28.54 17.14
N SER A 104 12.36 28.00 17.37
CA SER A 104 11.14 28.73 17.09
C SER A 104 10.91 29.83 18.09
N VAL A 105 11.20 29.50 19.34
CA VAL A 105 11.07 30.49 20.41
C VAL A 105 12.05 31.61 20.09
N ALA A 106 13.25 31.30 19.65
CA ALA A 106 14.19 32.38 19.34
C ALA A 106 13.70 33.20 18.16
N ASP A 107 12.97 32.61 17.21
CA ASP A 107 12.46 33.27 16.04
C ASP A 107 11.28 34.17 16.38
N GLN A 108 10.50 33.78 17.38
CA GLN A 108 9.36 34.58 17.83
C GLN A 108 9.82 35.87 18.48
N ASN A 109 10.85 35.71 19.33
CA ASN A 109 11.38 36.90 20.00
C ASN A 109 11.98 37.85 18.99
N ALA A 110 12.66 37.29 17.99
CA ALA A 110 13.19 38.13 16.92
C ALA A 110 12.09 38.86 16.18
N ALA A 111 11.00 38.17 15.90
CA ALA A 111 9.88 38.81 15.22
C ALA A 111 9.37 39.99 16.03
N MET A 112 9.21 39.81 17.33
CA MET A 112 8.74 40.89 18.18
C MET A 112 9.69 42.08 18.10
N LEU A 113 10.97 41.82 18.28
CA LEU A 113 11.94 42.89 18.27
C LEU A 113 11.95 43.60 16.93
N GLY A 114 11.79 42.85 15.85
CA GLY A 114 11.77 43.45 14.53
C GLY A 114 10.56 44.31 14.30
N GLN A 115 9.43 43.91 14.87
CA GLN A 115 8.26 44.75 14.79
C GLN A 115 8.48 46.04 15.55
N LEU A 116 9.27 45.96 16.62
CA LEU A 116 9.58 47.17 17.36
C LEU A 116 10.52 48.08 16.58
N LEU A 117 11.43 47.50 15.81
CA LEU A 117 12.49 48.26 15.19
C LEU A 117 12.22 48.62 13.74
N ALA A 118 11.14 48.13 13.15
CA ALA A 118 10.93 48.33 11.73
C ALA A 118 10.84 49.81 11.38
N LYS A 119 10.18 50.60 12.23
CA LYS A 119 10.08 52.02 11.96
C LYS A 119 11.45 52.69 11.92
N HIS A 120 12.46 52.04 12.45
CA HIS A 120 13.82 52.55 12.44
C HIS A 120 14.65 51.95 11.33
N GLY A 121 14.04 51.13 10.48
CA GLY A 121 14.73 50.60 9.33
C GLY A 121 15.57 49.38 9.60
N ILE A 122 15.34 48.72 10.71
CA ILE A 122 16.13 47.56 11.12
C ILE A 122 15.30 46.31 10.87
N PRO A 123 15.71 45.43 9.98
CA PRO A 123 14.90 44.28 9.61
C PRO A 123 15.28 43.02 10.36
N VAL A 124 14.46 42.01 10.15
CA VAL A 124 14.73 40.67 10.61
C VAL A 124 15.16 39.83 9.43
N VAL A 125 16.24 39.11 9.63
CA VAL A 125 16.89 38.50 8.48
C VAL A 125 17.09 37.03 8.81
N GLY A 126 16.75 36.12 7.92
CA GLY A 126 17.21 34.75 8.11
C GLY A 126 18.70 34.75 7.86
N GLY A 127 19.09 35.49 6.82
CA GLY A 127 20.45 35.67 6.29
C GLY A 127 21.31 36.74 6.92
N ALA A 128 21.75 36.59 8.17
CA ALA A 128 22.57 37.59 8.89
C ALA A 128 23.93 37.83 8.25
N GLY A 129 24.66 36.77 7.91
CA GLY A 129 26.00 36.93 7.35
C GLY A 129 26.00 37.61 6.00
N LEU A 130 25.08 37.27 5.12
CA LEU A 130 25.11 37.82 3.75
C LEU A 130 24.00 38.83 3.53
N SER A 131 23.51 39.47 4.58
CA SER A 131 22.60 40.63 4.45
C SER A 131 23.54 41.82 4.31
N ALA A 132 24.08 42.02 3.11
CA ALA A 132 25.13 43.00 2.80
C ALA A 132 24.57 44.41 2.72
N VAL A 133 23.34 44.55 2.29
CA VAL A 133 22.74 45.86 2.09
C VAL A 133 22.51 46.58 3.41
N PRO A 134 21.74 46.05 4.34
CA PRO A 134 21.46 46.78 5.57
C PRO A 134 22.71 47.11 6.34
N LEU A 135 23.64 46.15 6.42
CA LEU A 135 24.88 46.37 7.12
C LEU A 135 25.76 47.39 6.45
N SER A 136 25.41 47.79 5.25
CA SER A 136 26.18 48.77 4.52
CA SER A 136 26.17 48.78 4.50
C SER A 136 25.62 50.18 4.63
N LEU A 137 24.32 50.31 4.77
CA LEU A 137 23.69 51.62 4.83
C LEU A 137 23.71 52.15 6.24
N ALA A 138 24.24 53.36 6.40
CA ALA A 138 24.23 54.02 7.69
C ALA A 138 22.81 54.28 8.17
N GLU A 139 21.85 54.31 7.24
CA GLU A 139 20.46 54.46 7.61
C GLU A 139 19.95 53.24 8.35
N VAL A 140 20.62 52.11 8.20
CA VAL A 140 20.21 50.86 8.80
C VAL A 140 21.30 50.30 9.70
N ASN A 141 22.40 49.86 9.10
CA ASN A 141 23.60 49.46 9.82
C ASN A 141 23.29 48.46 10.94
N ALA A 142 22.22 47.68 10.80
CA ALA A 142 21.89 46.72 11.83
C ALA A 142 20.87 45.73 11.32
N VAL A 143 20.88 44.53 11.87
CA VAL A 143 19.88 43.49 11.48
C VAL A 143 19.55 42.70 12.72
N VAL A 144 18.36 42.13 12.79
CA VAL A 144 17.99 41.27 13.94
C VAL A 144 17.91 39.85 13.38
N PHE A 145 18.60 38.89 13.97
CA PHE A 145 18.50 37.52 13.53
C PHE A 145 18.05 36.79 14.77
N SER A 146 17.98 35.50 14.68
CA SER A 146 17.53 34.75 15.85
C SER A 146 18.66 33.81 16.21
N GLY A 147 19.01 33.74 17.47
CA GLY A 147 20.27 33.12 17.88
C GLY A 147 20.38 31.64 17.74
N MET A 148 19.30 30.87 17.93
CA MET A 148 19.38 29.38 17.95
C MET A 148 19.97 28.94 16.65
N PRO A 149 21.11 27.97 16.46
CA PRO A 149 21.81 27.53 15.30
C PRO A 149 21.03 26.51 14.51
N PRO A 150 21.51 26.19 13.34
CA PRO A 150 20.76 25.39 12.38
C PRO A 150 20.92 23.90 12.56
N TYR A 151 21.58 23.46 13.61
CA TYR A 151 21.91 22.03 13.77
C TYR A 151 20.67 21.23 14.12
N LYS A 152 19.53 21.90 14.08
CA LYS A 152 18.15 21.44 14.36
C LYS A 152 18.15 19.98 14.79
N LEU A 153 18.22 19.04 13.85
CA LEU A 153 18.15 17.66 14.36
C LEU A 153 19.53 17.04 14.39
N TRP A 154 20.54 17.67 13.84
CA TRP A 154 21.84 16.99 13.86
C TRP A 154 22.63 17.45 15.06
N MET A 155 22.01 18.12 16.02
CA MET A 155 22.70 18.65 17.21
C MET A 155 23.58 17.61 17.91
N ARG A 156 24.82 17.94 18.26
CA ARG A 156 25.66 17.10 19.05
C ARG A 156 25.09 16.98 20.44
N PRO A 157 24.65 15.81 20.86
CA PRO A 157 24.10 15.68 22.20
C PRO A 157 25.18 15.81 23.25
N ALA A 158 24.74 16.13 24.45
CA ALA A 158 25.66 16.25 25.55
C ALA A 158 26.03 14.87 26.08
N ALA A 159 27.07 14.84 26.90
CA ALA A 159 27.50 13.59 27.49
C ALA A 159 26.39 12.94 28.30
N GLU A 160 25.63 13.78 29.00
CA GLU A 160 24.55 13.28 29.87
C GLU A 160 23.32 14.14 29.66
N GLY A 161 22.21 13.57 29.18
CA GLY A 161 20.96 14.28 29.06
C GLY A 161 20.58 14.53 27.62
N VAL A 162 19.43 15.19 27.48
CA VAL A 162 18.88 15.55 26.19
C VAL A 162 18.85 17.04 25.97
N ILE A 163 19.32 17.82 26.93
CA ILE A 163 19.32 19.27 26.75
C ILE A 163 20.34 19.64 25.68
N PRO A 164 19.96 20.39 24.66
CA PRO A 164 20.91 20.81 23.68
C PRO A 164 21.95 21.72 24.30
N PRO A 165 23.23 21.38 24.16
CA PRO A 165 24.27 22.20 24.75
C PRO A 165 24.56 23.44 23.93
N TYR A 166 24.40 23.35 22.63
CA TYR A 166 24.69 24.47 21.74
C TYR A 166 23.39 25.19 21.45
N ARG A 167 23.18 26.32 22.14
CA ARG A 167 21.95 27.10 21.91
C ARG A 167 22.32 28.51 21.43
N THR A 168 21.49 29.49 21.70
CA THR A 168 21.59 30.88 21.25
C THR A 168 22.95 31.50 21.47
N ASP A 169 23.51 31.32 22.66
CA ASP A 169 24.85 31.83 22.92
C ASP A 169 25.82 31.36 21.87
N ALA A 170 25.82 30.05 21.61
CA ALA A 170 26.73 29.47 20.65
C ALA A 170 26.42 29.93 19.24
N GLY A 171 25.15 30.03 18.90
CA GLY A 171 24.78 30.50 17.58
C GLY A 171 25.36 31.87 17.30
N CYS A 172 25.13 32.80 18.21
CA CYS A 172 25.65 34.14 18.05
C CYS A 172 27.17 34.15 17.99
N PHE A 173 27.82 33.44 18.90
CA PHE A 173 29.26 33.47 18.93
C PHE A 173 29.86 32.90 17.65
N LEU A 174 29.29 31.82 17.14
CA LEU A 174 29.81 31.21 15.94
C LEU A 174 29.58 32.07 14.74
N LEU A 175 28.45 32.75 14.70
CA LEU A 175 28.20 33.69 13.63
C LEU A 175 29.23 34.79 13.65
N ALA A 176 29.65 35.21 14.84
CA ALA A 176 30.71 36.20 14.93
C ALA A 176 32.03 35.65 14.43
N GLU A 177 32.43 34.51 14.94
CA GLU A 177 33.73 33.96 14.58
C GLU A 177 33.83 33.69 13.10
N GLN A 178 32.73 33.27 12.48
CA GLN A 178 32.73 33.00 11.05
C GLN A 178 32.95 34.26 10.26
N PHE A 179 32.11 35.26 10.47
CA PHE A 179 32.17 36.51 9.75
C PHE A 179 33.22 37.45 10.30
N GLY A 180 34.15 36.94 11.09
CA GLY A 180 35.31 37.71 11.49
C GLY A 180 34.96 39.01 12.18
N CYS A 181 33.84 39.05 12.84
CA CYS A 181 33.41 40.26 13.51
C CYS A 181 34.40 40.66 14.58
N LYS A 182 34.34 41.93 14.95
CA LYS A 182 35.36 42.52 15.80
C LYS A 182 35.11 42.25 17.27
N GLN A 183 33.85 42.24 17.69
CA GLN A 183 33.58 41.96 19.10
C GLN A 183 32.21 41.31 19.24
N MET A 184 32.07 40.60 20.35
CA MET A 184 30.92 39.79 20.65
C MET A 184 30.48 40.08 22.07
N ILE A 185 29.21 40.42 22.21
CA ILE A 185 28.67 40.91 23.46
C ILE A 185 27.42 40.12 23.81
N PHE A 186 27.24 39.89 25.09
CA PHE A 186 26.09 39.18 25.60
C PHE A 186 25.39 40.10 26.58
N VAL A 187 24.18 40.54 26.21
CA VAL A 187 23.38 41.43 27.03
C VAL A 187 22.48 40.55 27.88
N LYS A 188 22.62 40.67 29.20
CA LYS A 188 21.82 39.87 30.09
C LYS A 188 21.38 40.67 31.31
N ASP A 189 20.88 39.97 32.33
CA ASP A 189 20.26 40.60 33.47
C ASP A 189 21.20 40.71 34.66
N GLU A 190 22.49 40.58 34.44
CA GLU A 190 23.47 40.65 35.49
C GLU A 190 24.66 41.46 35.03
N ASP A 191 25.35 42.06 35.99
CA ASP A 191 26.49 42.89 35.70
C ASP A 191 27.60 42.12 35.02
N GLY A 192 27.58 40.81 35.12
CA GLY A 192 28.57 39.97 34.50
C GLY A 192 28.58 38.60 35.12
N LEU A 193 29.73 37.95 35.03
CA LEU A 193 29.91 36.63 35.59
C LEU A 193 30.32 36.73 37.05
N TYR A 194 29.67 35.92 37.88
CA TYR A 194 30.04 35.80 39.28
C TYR A 194 30.61 34.41 39.54
N THR A 195 30.82 34.14 40.82
CA THR A 195 31.26 32.82 41.24
C THR A 195 30.11 31.83 41.31
N ALA A 196 28.88 32.34 41.31
CA ALA A 196 27.72 31.49 41.43
C ALA A 196 26.50 32.31 41.05
N ASN A 197 25.40 31.62 40.84
CA ASN A 197 24.20 32.32 40.44
C ASN A 197 23.76 33.27 41.53
N PRO A 198 23.89 34.57 41.32
CA PRO A 198 23.52 35.52 42.36
C PRO A 198 22.05 35.49 42.70
N LYS A 199 21.20 35.05 41.78
CA LYS A 199 19.78 34.95 42.08
C LYS A 199 19.51 33.93 43.15
N THR A 200 20.37 32.93 43.29
CA THR A 200 20.23 31.91 44.31
C THR A 200 21.12 32.20 45.50
N SER A 201 22.41 32.35 45.25
CA SER A 201 23.39 32.65 46.29
C SER A 201 23.58 34.15 46.39
N LYS A 202 23.71 34.64 47.62
CA LYS A 202 23.94 36.05 47.87
C LYS A 202 25.40 36.36 48.14
N ASP A 203 26.21 35.35 48.35
CA ASP A 203 27.63 35.51 48.57
C ASP A 203 28.43 35.49 47.28
N ALA A 204 27.75 35.37 46.15
CA ALA A 204 28.43 35.24 44.87
C ALA A 204 29.30 36.47 44.61
N THR A 205 30.51 36.22 44.17
CA THR A 205 31.51 37.27 43.98
C THR A 205 31.62 37.62 42.50
N PHE A 206 31.76 38.91 42.21
CA PHE A 206 31.86 39.33 40.83
C PHE A 206 33.18 38.91 40.22
N ILE A 207 33.18 38.95 38.91
CA ILE A 207 34.37 38.61 38.14
C ILE A 207 34.48 39.55 36.95
N PRO A 208 35.42 40.45 36.92
CA PRO A 208 35.49 41.43 35.83
C PRO A 208 36.16 40.88 34.59
N ARG A 209 37.07 39.94 34.80
CA ARG A 209 37.88 39.41 33.72
C ARG A 209 38.39 38.05 34.12
N ILE A 210 38.50 37.16 33.12
CA ILE A 210 38.95 35.80 33.35
C ILE A 210 39.17 35.14 32.01
N SER A 211 39.93 34.06 32.02
CA SER A 211 40.15 33.24 30.85
C SER A 211 39.35 31.96 30.95
N VAL A 212 39.32 31.23 29.85
CA VAL A 212 38.55 29.99 29.79
C VAL A 212 39.14 28.95 30.70
N ASP A 213 40.46 28.83 30.72
CA ASP A 213 41.11 27.84 31.56
C ASP A 213 40.81 28.09 33.02
N GLU A 214 40.99 29.33 33.47
CA GLU A 214 40.65 29.69 34.84
C GLU A 214 39.18 29.45 35.11
N MET A 215 38.34 29.69 34.10
CA MET A 215 36.90 29.52 34.27
C MET A 215 36.55 28.07 34.53
N LYS A 216 37.25 27.15 33.85
CA LYS A 216 37.01 25.74 34.09
C LYS A 216 37.59 25.31 35.42
N ALA A 217 38.80 25.76 35.73
CA ALA A 217 39.42 25.41 37.00
C ALA A 217 38.53 25.75 38.18
N LYS A 218 37.76 26.82 38.07
CA LYS A 218 36.88 27.21 39.16
C LYS A 218 35.77 26.21 39.38
N GLY A 219 35.58 25.28 38.45
CA GLY A 219 34.58 24.24 38.62
C GLY A 219 33.21 24.79 38.89
N LEU A 220 32.78 25.73 38.05
CA LEU A 220 31.49 26.36 38.23
C LEU A 220 30.37 25.37 37.97
N HIS A 221 29.44 25.29 38.92
CA HIS A 221 28.27 24.46 38.73
C HIS A 221 27.30 25.08 37.75
N ASP A 222 27.23 26.40 37.72
CA ASP A 222 26.37 27.11 36.81
C ASP A 222 27.11 28.33 36.32
N SER A 223 26.89 28.68 35.07
CA SER A 223 27.54 29.83 34.46
C SER A 223 26.50 30.68 33.75
N ILE A 224 26.94 31.88 33.40
CA ILE A 224 26.09 32.78 32.65
C ILE A 224 26.16 32.50 31.17
N LEU A 225 27.08 31.64 30.76
CA LEU A 225 27.19 31.21 29.39
C LEU A 225 27.17 29.69 29.32
N GLU A 226 26.84 29.19 28.14
CA GLU A 226 26.89 27.75 27.87
C GLU A 226 28.37 27.42 27.86
N PHE A 227 28.83 26.42 28.57
CA PHE A 227 30.22 26.04 28.70
C PHE A 227 30.83 25.64 27.36
N PRO A 228 30.10 24.93 26.51
CA PRO A 228 30.64 24.62 25.19
C PRO A 228 31.12 25.83 24.43
N VAL A 229 30.49 26.98 24.67
CA VAL A 229 30.96 28.21 24.06
C VAL A 229 32.39 28.47 24.45
N LEU A 230 32.80 28.01 25.63
CA LEU A 230 34.17 28.21 26.06
C LEU A 230 35.12 27.39 25.21
N ASP A 231 34.81 26.11 25.03
CA ASP A 231 35.66 25.27 24.20
C ASP A 231 35.71 25.80 22.77
N LEU A 232 34.63 26.42 22.33
CA LEU A 232 34.63 27.04 21.02
C LEU A 232 35.53 28.25 20.99
N LEU A 233 35.46 29.07 22.02
CA LEU A 233 36.24 30.29 22.10
C LEU A 233 37.73 29.98 22.18
N GLN A 234 38.08 28.90 22.88
CA GLN A 234 39.46 28.49 22.99
C GLN A 234 40.00 28.02 21.65
N SER A 235 39.11 27.72 20.71
CA SER A 235 39.46 27.13 19.44
C SER A 235 39.22 28.06 18.27
N ALA A 236 38.83 29.29 18.54
CA ALA A 236 38.52 30.22 17.49
C ALA A 236 39.78 30.88 16.94
N GLN A 237 39.60 31.63 15.85
CA GLN A 237 40.69 32.26 15.14
C GLN A 237 40.57 33.79 15.15
N HIS A 238 39.38 34.30 14.92
CA HIS A 238 39.17 35.73 14.78
C HIS A 238 38.85 36.38 16.12
N VAL A 239 37.74 35.99 16.71
CA VAL A 239 37.29 36.57 17.96
C VAL A 239 37.84 35.74 19.11
N ARG A 240 38.63 36.38 19.95
CA ARG A 240 39.33 35.71 21.03
C ARG A 240 38.82 36.12 22.39
N GLU A 241 37.84 37.00 22.46
CA GLU A 241 37.27 37.40 23.73
C GLU A 241 35.84 37.85 23.51
N VAL A 242 35.06 37.75 24.57
CA VAL A 242 33.68 38.21 24.57
C VAL A 242 33.44 39.01 25.83
N GLN A 243 32.40 39.84 25.78
CA GLN A 243 32.04 40.64 26.93
C GLN A 243 30.58 40.44 27.28
N VAL A 244 30.33 40.26 28.56
CA VAL A 244 28.99 40.10 29.11
C VAL A 244 28.65 41.35 29.89
N VAL A 245 27.46 41.88 29.66
CA VAL A 245 27.06 43.13 30.30
C VAL A 245 25.59 43.02 30.69
N ASN A 246 25.16 44.03 31.45
CA ASN A 246 23.78 44.13 31.89
C ASN A 246 23.06 45.14 31.01
N GLY A 247 21.99 44.68 30.36
CA GLY A 247 21.20 45.55 29.52
C GLY A 247 20.17 46.34 30.28
N LEU A 248 19.91 45.98 31.53
CA LEU A 248 19.01 46.76 32.35
C LEU A 248 19.65 48.07 32.79
N VAL A 249 20.96 48.10 32.88
CA VAL A 249 21.68 49.33 33.16
C VAL A 249 21.79 50.14 31.86
N PRO A 250 21.32 51.38 31.85
CA PRO A 250 21.42 52.18 30.62
C PRO A 250 22.86 52.58 30.35
N GLY A 251 23.23 52.57 29.07
CA GLY A 251 24.54 53.01 28.63
C GLY A 251 25.58 51.91 28.59
N ASN A 252 25.38 50.84 29.35
CA ASN A 252 26.38 49.79 29.40
C ASN A 252 26.66 49.22 28.02
N LEU A 253 25.61 48.99 27.24
CA LEU A 253 25.78 48.45 25.90
C LEU A 253 26.54 49.42 25.00
N THR A 254 26.13 50.69 25.02
CA THR A 254 26.81 51.70 24.21
C THR A 254 28.27 51.81 24.58
N ARG A 255 28.57 51.77 25.88
CA ARG A 255 29.95 51.89 26.31
C ARG A 255 30.75 50.67 25.89
N ALA A 256 30.14 49.50 25.94
CA ALA A 256 30.83 48.28 25.53
C ALA A 256 31.15 48.32 24.05
N LEU A 257 30.19 48.74 23.24
CA LEU A 257 30.43 48.83 21.81
C LEU A 257 31.63 49.72 21.52
N ALA A 258 31.87 50.72 22.36
CA ALA A 258 33.02 51.57 22.22
C ALA A 258 34.30 50.90 22.69
N GLY A 259 34.20 49.69 23.24
CA GLY A 259 35.36 48.96 23.71
C GLY A 259 35.58 48.99 25.19
N GLU A 260 34.79 49.77 25.93
CA GLU A 260 35.00 49.88 27.36
C GLU A 260 34.85 48.52 28.03
N HIS A 261 35.38 48.45 29.25
CA HIS A 261 35.23 47.26 30.09
C HIS A 261 34.14 47.55 31.10
N VAL A 262 32.92 47.23 30.70
CA VAL A 262 31.74 47.52 31.49
C VAL A 262 31.42 46.38 32.44
N GLY A 263 31.32 45.18 31.91
CA GLY A 263 30.96 44.04 32.71
C GLY A 263 32.09 43.06 32.83
N THR A 264 31.86 41.84 32.37
CA THR A 264 32.83 40.78 32.46
C THR A 264 33.43 40.52 31.09
N ILE A 265 34.71 40.22 31.05
CA ILE A 265 35.40 39.92 29.82
C ILE A 265 36.01 38.54 29.93
N ILE A 266 35.71 37.70 28.96
CA ILE A 266 36.18 36.32 28.94
C ILE A 266 37.09 36.17 27.74
N THR A 267 38.30 35.70 28.02
CA THR A 267 39.36 35.61 27.04
C THR A 267 39.74 34.15 26.83
N ALA A 268 39.98 33.78 25.59
CA ALA A 268 40.40 32.42 25.32
C ALA A 268 41.72 32.11 26.00
N SER A 269 42.63 33.08 26.03
CA SER A 269 43.94 32.87 26.57
C SER A 269 44.28 33.94 27.59
N THR B 4 8.90 45.07 39.36
CA THR B 4 8.74 46.13 38.37
C THR B 4 9.12 45.62 36.99
N ASN B 5 10.38 45.20 36.84
CA ASN B 5 10.88 44.62 35.62
C ASN B 5 11.14 43.14 35.80
N SER B 6 10.44 42.52 36.74
CA SER B 6 10.65 41.12 37.01
C SER B 6 10.34 40.29 35.78
N ILE B 7 10.91 39.09 35.75
CA ILE B 7 10.74 38.21 34.62
C ILE B 7 9.39 37.55 34.67
N LYS B 8 8.76 37.41 33.51
CA LYS B 8 7.50 36.69 33.37
C LYS B 8 7.83 35.26 33.01
N HIS B 9 7.72 34.37 33.97
CA HIS B 9 8.08 32.98 33.78
C HIS B 9 6.86 32.15 33.40
N VAL B 10 7.11 31.13 32.61
CA VAL B 10 6.15 30.05 32.38
C VAL B 10 6.49 28.94 33.35
N ILE B 11 5.52 28.54 34.15
CA ILE B 11 5.73 27.54 35.17
C ILE B 11 6.16 26.24 34.52
N SER B 12 7.30 25.71 34.96
CA SER B 12 7.82 24.47 34.42
C SER B 12 8.95 24.01 35.31
N PRO B 13 9.33 22.74 35.21
CA PRO B 13 10.44 22.24 36.02
C PRO B 13 11.75 22.94 35.72
N LEU B 14 11.92 23.42 34.50
CA LEU B 14 13.16 24.04 34.07
C LEU B 14 13.09 25.56 34.14
N ALA B 15 12.07 26.09 34.77
CA ALA B 15 11.94 27.53 34.90
C ALA B 15 13.00 28.07 35.83
N ARG B 16 13.45 29.29 35.54
CA ARG B 16 14.44 29.99 36.34
C ARG B 16 15.79 29.32 36.29
N GLN B 17 16.00 28.49 35.27
CA GLN B 17 17.24 27.79 35.07
C GLN B 17 17.98 28.29 33.85
N THR B 18 19.28 28.07 33.85
CA THR B 18 20.14 28.38 32.73
C THR B 18 20.40 27.17 31.86
N LEU B 19 20.06 25.99 32.34
CA LEU B 19 20.32 24.74 31.64
C LEU B 19 21.78 24.38 31.61
N GLN B 20 22.60 25.08 32.39
CA GLN B 20 24.01 24.78 32.53
C GLN B 20 24.32 23.96 33.76
N ASP B 21 23.49 24.07 34.80
CA ASP B 21 23.69 23.29 36.02
C ASP B 21 23.05 21.92 35.83
N ARG B 22 23.89 20.90 35.75
CA ARG B 22 23.40 19.57 35.43
C ARG B 22 22.63 18.97 36.58
N ASP B 23 22.93 19.40 37.80
CA ASP B 23 22.24 18.87 38.97
C ASP B 23 20.77 19.28 38.99
N LEU B 24 20.41 20.30 38.23
CA LEU B 24 19.04 20.77 38.18
C LEU B 24 18.28 20.27 36.98
N THR B 25 19.00 19.89 35.92
CA THR B 25 18.38 19.35 34.72
C THR B 25 18.27 17.84 34.75
N ARG B 26 19.18 17.17 35.44
CA ARG B 26 19.17 15.72 35.49
C ARG B 26 17.83 15.16 35.94
N PRO B 27 17.15 15.74 36.92
CA PRO B 27 15.85 15.21 37.34
C PRO B 27 14.81 15.26 36.26
N VAL B 28 15.06 15.99 35.18
CA VAL B 28 14.10 16.20 34.13
C VAL B 28 14.61 15.66 32.80
N ALA B 29 15.88 15.91 32.51
CA ALA B 29 16.46 15.59 31.22
C ALA B 29 17.65 14.66 31.33
N GLY B 30 17.83 14.03 32.48
CA GLY B 30 18.99 13.21 32.70
C GLY B 30 18.82 11.76 32.32
N LYS B 31 17.69 11.40 31.75
CA LYS B 31 17.39 10.02 31.42
C LYS B 31 17.64 9.75 29.96
N ARG B 32 17.62 8.49 29.62
CA ARG B 32 17.91 8.08 28.26
C ARG B 32 16.67 8.27 27.38
N PRO B 33 16.86 8.74 26.18
CA PRO B 33 15.73 8.98 25.31
C PRO B 33 15.19 7.73 24.64
N ILE B 34 14.28 7.94 23.71
CA ILE B 34 13.61 6.87 23.05
C ILE B 34 14.05 6.83 21.58
N ARG B 35 13.60 5.80 20.89
CA ARG B 35 13.83 5.66 19.46
C ARG B 35 12.58 6.06 18.71
N LEU B 36 12.73 6.99 17.78
CA LEU B 36 11.60 7.42 16.97
C LEU B 36 11.35 6.47 15.82
N LEU B 37 12.40 6.08 15.12
CA LEU B 37 12.32 5.19 13.98
C LEU B 37 13.25 4.01 14.22
N PRO B 38 12.91 3.17 15.20
CA PRO B 38 13.76 2.03 15.52
C PRO B 38 13.83 1.02 14.42
N TRP B 39 12.96 1.12 13.43
CA TRP B 39 12.92 0.18 12.33
C TRP B 39 13.65 0.67 11.11
N LEU B 40 14.50 1.66 11.30
CA LEU B 40 15.18 2.31 10.20
C LEU B 40 16.61 1.81 10.08
N GLN B 41 17.06 1.69 8.84
CA GLN B 41 18.42 1.32 8.52
C GLN B 41 19.04 2.45 7.72
N VAL B 42 20.21 2.89 8.13
CA VAL B 42 20.87 4.02 7.51
C VAL B 42 22.12 3.54 6.81
N VAL B 43 22.34 4.06 5.62
CA VAL B 43 23.45 3.66 4.77
C VAL B 43 24.10 4.91 4.23
N LYS B 44 25.34 5.13 4.59
CA LYS B 44 26.09 6.27 4.10
C LYS B 44 27.05 5.82 3.02
N ILE B 45 26.77 6.26 1.80
CA ILE B 45 27.64 6.02 0.66
C ILE B 45 28.69 7.11 0.63
N GLY B 46 29.95 6.71 0.49
CA GLY B 46 31.00 7.68 0.37
C GLY B 46 31.04 8.27 -1.03
N GLY B 47 31.55 9.50 -1.10
CA GLY B 47 31.66 10.17 -2.37
C GLY B 47 32.76 9.63 -3.25
N ARG B 48 33.80 9.06 -2.64
CA ARG B 48 34.85 8.44 -3.43
C ARG B 48 34.31 7.27 -4.23
N VAL B 49 33.21 6.69 -3.76
CA VAL B 49 32.53 5.64 -4.51
C VAL B 49 31.81 6.21 -5.71
N MET B 50 30.96 7.20 -5.48
CA MET B 50 30.18 7.77 -6.55
C MET B 50 31.05 8.46 -7.58
N ASP B 51 32.25 8.88 -7.19
CA ASP B 51 33.14 9.56 -8.10
C ASP B 51 33.71 8.63 -9.16
N ARG B 52 33.65 7.33 -8.92
CA ARG B 52 34.11 6.36 -9.89
C ARG B 52 33.08 6.10 -10.97
N GLY B 53 31.84 6.47 -10.73
CA GLY B 53 30.84 6.45 -11.75
C GLY B 53 30.14 5.11 -11.88
N ALA B 54 29.69 4.87 -13.10
CA ALA B 54 28.89 3.69 -13.40
C ALA B 54 29.57 2.44 -12.88
N ASP B 55 30.87 2.32 -13.12
CA ASP B 55 31.62 1.12 -12.76
C ASP B 55 31.35 0.69 -11.34
N ALA B 56 31.05 1.64 -10.47
CA ALA B 56 30.79 1.36 -9.07
C ALA B 56 29.35 1.60 -8.67
N ILE B 57 28.62 2.39 -9.45
CA ILE B 57 27.27 2.76 -9.05
C ILE B 57 26.27 1.74 -9.52
N LEU B 58 26.39 1.27 -10.76
CA LEU B 58 25.39 0.36 -11.29
C LEU B 58 25.30 -0.91 -10.46
N PRO B 59 26.39 -1.56 -10.10
CA PRO B 59 26.30 -2.72 -9.21
C PRO B 59 25.66 -2.37 -7.88
N LEU B 60 26.09 -1.25 -7.32
CA LEU B 60 25.52 -0.77 -6.07
C LEU B 60 24.03 -0.52 -6.22
N VAL B 61 23.63 0.05 -7.35
CA VAL B 61 22.23 0.32 -7.59
C VAL B 61 21.44 -0.97 -7.63
N GLU B 62 22.00 -2.01 -8.25
CA GLU B 62 21.27 -3.27 -8.31
C GLU B 62 21.16 -3.90 -6.93
N GLU B 63 22.23 -3.84 -6.16
CA GLU B 63 22.19 -4.31 -4.79
C GLU B 63 21.08 -3.63 -4.00
N LEU B 64 21.06 -2.30 -4.07
CA LEU B 64 20.03 -1.56 -3.36
C LEU B 64 18.64 -1.95 -3.86
N ARG B 65 18.49 -2.06 -5.17
CA ARG B 65 17.24 -2.48 -5.74
C ARG B 65 16.77 -3.78 -5.12
N LYS B 66 17.71 -4.66 -4.82
CA LYS B 66 17.37 -5.92 -4.19
C LYS B 66 17.19 -5.80 -2.68
N LEU B 67 17.60 -4.69 -2.09
CA LEU B 67 17.46 -4.51 -0.66
C LEU B 67 16.17 -3.85 -0.24
N LEU B 68 15.57 -3.06 -1.11
CA LEU B 68 14.39 -2.28 -0.72
C LEU B 68 13.31 -3.12 -0.06
N PRO B 69 12.88 -4.24 -0.64
CA PRO B 69 11.82 -5.03 -0.02
C PRO B 69 12.20 -5.67 1.28
N GLU B 70 13.47 -5.59 1.65
CA GLU B 70 13.99 -6.20 2.86
C GLU B 70 14.10 -5.23 4.01
N HIS B 71 14.36 -3.96 3.71
CA HIS B 71 14.57 -2.96 4.73
C HIS B 71 13.86 -1.67 4.35
N ARG B 72 13.75 -0.80 5.34
CA ARG B 72 13.34 0.58 5.14
C ARG B 72 14.60 1.41 5.26
N LEU B 73 15.00 2.03 4.16
CA LEU B 73 16.35 2.53 4.01
C LEU B 73 16.39 4.05 3.90
N LEU B 74 17.33 4.63 4.60
CA LEU B 74 17.72 6.00 4.40
C LEU B 74 19.14 5.99 3.88
N ILE B 75 19.30 6.34 2.61
CA ILE B 75 20.58 6.29 1.93
C ILE B 75 21.11 7.70 1.84
N LEU B 76 22.12 7.99 2.63
CA LEU B 76 22.76 9.28 2.65
C LEU B 76 24.02 9.21 1.83
N THR B 77 24.35 10.29 1.16
CA THR B 77 25.52 10.34 0.31
C THR B 77 26.55 11.32 0.83
N GLY B 78 27.78 11.09 0.43
CA GLY B 78 28.86 12.00 0.72
C GLY B 78 29.27 12.79 -0.50
N ALA B 79 30.33 13.57 -0.30
CA ALA B 79 30.72 14.58 -1.27
C ALA B 79 31.76 14.07 -2.25
N GLY B 80 32.93 13.72 -1.75
CA GLY B 80 33.99 13.24 -2.59
C GLY B 80 35.00 14.29 -2.95
N VAL B 81 35.40 14.30 -4.21
CA VAL B 81 36.54 15.10 -4.63
C VAL B 81 36.15 16.53 -4.98
N ARG B 82 34.94 16.74 -5.48
CA ARG B 82 34.50 18.09 -5.77
C ARG B 82 34.56 18.97 -4.53
N ALA B 83 34.26 18.39 -3.39
CA ALA B 83 34.42 19.11 -2.14
C ALA B 83 35.87 19.46 -1.90
N ARG B 84 36.79 18.58 -2.30
CA ARG B 84 38.19 18.88 -2.15
C ARG B 84 38.57 20.06 -3.02
N HIS B 85 38.02 20.12 -4.21
CA HIS B 85 38.32 21.23 -5.10
C HIS B 85 37.79 22.53 -4.55
N VAL B 86 36.57 22.52 -4.04
CA VAL B 86 36.01 23.75 -3.52
C VAL B 86 36.75 24.17 -2.27
N PHE B 87 37.27 23.22 -1.50
CA PHE B 87 38.14 23.57 -0.39
C PHE B 87 39.41 24.22 -0.89
N SER B 88 40.02 23.64 -1.92
CA SER B 88 41.21 24.21 -2.50
C SER B 88 41.00 25.67 -2.83
N VAL B 89 39.93 25.95 -3.54
CA VAL B 89 39.63 27.32 -3.94
C VAL B 89 39.38 28.20 -2.73
N GLY B 90 38.45 27.80 -1.87
CA GLY B 90 38.10 28.63 -0.73
C GLY B 90 39.27 28.92 0.17
N LEU B 91 40.22 28.01 0.23
CA LEU B 91 41.42 28.25 1.02
C LEU B 91 42.38 29.17 0.30
N ASP B 92 42.47 29.06 -1.02
CA ASP B 92 43.24 30.04 -1.76
C ASP B 92 42.68 31.44 -1.51
N LEU B 93 41.37 31.54 -1.39
CA LEU B 93 40.72 32.80 -1.10
C LEU B 93 40.73 33.15 0.37
N GLY B 94 41.06 32.20 1.23
CA GLY B 94 41.12 32.47 2.65
C GLY B 94 39.81 32.36 3.36
N LEU B 95 38.84 31.69 2.77
CA LEU B 95 37.55 31.60 3.39
C LEU B 95 37.60 30.71 4.62
N PRO B 96 36.76 30.97 5.60
CA PRO B 96 36.74 30.15 6.79
C PRO B 96 35.90 28.90 6.60
N VAL B 97 36.05 28.01 7.56
CA VAL B 97 35.50 26.67 7.44
C VAL B 97 33.99 26.72 7.30
N GLY B 98 33.36 27.67 8.00
CA GLY B 98 31.93 27.83 7.90
C GLY B 98 31.47 28.25 6.53
N SER B 99 32.37 28.78 5.73
CA SER B 99 32.02 29.16 4.37
C SER B 99 32.13 27.98 3.44
N LEU B 100 32.95 27.01 3.79
CA LEU B 100 33.19 25.87 2.94
C LEU B 100 32.22 24.75 3.20
N ALA B 101 31.74 24.62 4.42
CA ALA B 101 30.85 23.52 4.76
C ALA B 101 29.69 23.38 3.79
N PRO B 102 28.87 24.39 3.57
CA PRO B 102 27.74 24.23 2.65
C PRO B 102 28.18 23.91 1.24
N LEU B 103 29.30 24.46 0.81
CA LEU B 103 29.77 24.23 -0.54
C LEU B 103 30.05 22.76 -0.77
N ALA B 104 30.36 22.03 0.28
CA ALA B 104 30.59 20.60 0.20
C ALA B 104 29.30 19.81 0.39
N ALA B 105 28.47 20.25 1.33
CA ALA B 105 27.17 19.65 1.51
C ALA B 105 26.44 19.57 0.18
N SER B 106 26.69 20.54 -0.68
CA SER B 106 26.01 20.60 -1.95
CA SER B 106 26.01 20.60 -1.95
C SER B 106 26.47 19.49 -2.88
N GLU B 107 27.76 19.21 -2.92
CA GLU B 107 28.24 18.12 -3.74
C GLU B 107 27.68 16.81 -3.26
N ALA B 108 27.54 16.68 -1.94
CA ALA B 108 26.85 15.52 -1.40
C ALA B 108 25.44 15.41 -1.94
N GLY B 109 24.70 16.51 -1.89
CA GLY B 109 23.34 16.50 -2.36
C GLY B 109 23.23 16.16 -3.82
N GLN B 110 24.21 16.56 -4.61
CA GLN B 110 24.17 16.27 -6.03
C GLN B 110 24.43 14.79 -6.30
N ASN B 111 25.38 14.22 -5.57
CA ASN B 111 25.55 12.77 -5.66
C ASN B 111 24.26 12.06 -5.30
N GLY B 112 23.56 12.55 -4.29
CA GLY B 112 22.30 11.95 -3.91
C GLY B 112 21.25 12.06 -4.98
N HIS B 113 21.16 13.22 -5.62
CA HIS B 113 20.22 13.38 -6.71
C HIS B 113 20.50 12.41 -7.83
N ILE B 114 21.78 12.18 -8.11
CA ILE B 114 22.18 11.23 -9.12
C ILE B 114 21.66 9.84 -8.77
N LEU B 115 22.01 9.38 -7.59
CA LEU B 115 21.59 8.05 -7.16
C LEU B 115 20.09 7.90 -7.20
N ALA B 116 19.37 8.90 -6.75
CA ALA B 116 17.93 8.83 -6.77
C ALA B 116 17.39 8.78 -8.18
N ALA B 117 18.04 9.46 -9.11
CA ALA B 117 17.64 9.36 -10.49
C ALA B 117 17.81 7.94 -10.99
N MET B 118 18.88 7.30 -10.56
CA MET B 118 19.12 5.94 -11.01
C MET B 118 18.13 4.97 -10.39
N LEU B 119 17.58 5.30 -9.23
CA LEU B 119 16.67 4.42 -8.52
C LEU B 119 15.22 4.80 -8.62
N ALA B 120 14.89 5.88 -9.32
CA ALA B 120 13.52 6.37 -9.37
C ALA B 120 12.55 5.30 -9.83
N SER B 121 12.94 4.50 -10.81
CA SER B 121 12.06 3.46 -11.31
C SER B 121 11.51 2.58 -10.20
N GLU B 122 12.14 2.59 -9.03
CA GLU B 122 11.75 1.74 -7.92
C GLU B 122 11.01 2.48 -6.83
N GLY B 123 10.74 3.77 -7.03
CA GLY B 123 10.02 4.54 -6.05
C GLY B 123 10.88 5.33 -5.11
N VAL B 124 12.10 5.60 -5.49
CA VAL B 124 13.07 6.26 -4.63
C VAL B 124 13.24 7.70 -5.08
N SER B 125 13.45 8.58 -4.12
CA SER B 125 13.58 9.99 -4.39
C SER B 125 14.47 10.63 -3.35
N TYR B 126 14.90 11.84 -3.65
CA TYR B 126 15.76 12.62 -2.80
C TYR B 126 14.96 13.60 -1.95
N VAL B 127 15.33 13.67 -0.69
CA VAL B 127 14.57 14.43 0.30
C VAL B 127 15.56 15.38 0.92
N GLU B 128 15.20 16.63 1.10
CA GLU B 128 16.08 17.69 1.61
C GLU B 128 16.15 17.57 3.13
N HIS B 129 17.08 18.26 3.76
CA HIS B 129 17.33 18.11 5.20
C HIS B 129 16.08 18.40 6.00
N PRO B 130 15.27 19.44 5.77
CA PRO B 130 14.08 19.59 6.58
C PRO B 130 13.09 18.44 6.43
N THR B 131 12.91 17.87 5.24
CA THR B 131 11.95 16.75 5.07
C THR B 131 12.37 15.58 5.93
N VAL B 132 13.63 15.21 5.85
CA VAL B 132 14.22 14.14 6.65
C VAL B 132 13.94 14.35 8.11
N ALA B 133 14.29 15.53 8.61
CA ALA B 133 14.15 15.87 10.03
C ALA B 133 12.68 15.75 10.44
N ASP B 134 11.82 16.63 9.95
CA ASP B 134 10.40 16.71 10.36
C ASP B 134 9.55 15.53 9.88
N GLN B 135 9.72 15.06 8.66
CA GLN B 135 8.76 14.08 8.09
C GLN B 135 9.34 12.87 7.34
N LEU B 136 10.17 12.10 7.95
CA LEU B 136 10.76 10.96 7.24
C LEU B 136 9.83 9.78 7.32
N ALA B 137 8.95 9.72 8.31
CA ALA B 137 8.18 8.52 8.54
C ALA B 137 7.15 8.32 7.44
N ILE B 138 6.58 9.40 6.97
CA ILE B 138 5.57 9.32 5.94
C ILE B 138 6.18 9.07 4.58
N HIS B 139 7.32 9.66 4.36
CA HIS B 139 8.00 9.42 3.09
C HIS B 139 8.51 7.99 3.02
N LEU B 140 8.53 7.37 4.09
CA LEU B 140 8.92 5.97 4.14
C LEU B 140 7.75 5.03 4.26
N SER B 141 6.60 5.52 4.69
CA SER B 141 5.39 4.74 4.60
C SER B 141 4.90 4.67 3.17
N ALA B 142 5.20 5.69 2.38
CA ALA B 142 4.83 5.68 0.98
C ALA B 142 5.69 4.69 0.21
N THR B 143 6.98 4.90 0.25
CA THR B 143 7.94 4.06 -0.45
C THR B 143 8.85 3.38 0.55
N ARG B 144 9.87 2.74 0.03
CA ARG B 144 10.75 1.91 0.84
CA ARG B 144 10.78 1.89 0.79
C ARG B 144 12.05 2.59 1.21
N ALA B 145 12.69 3.28 0.29
CA ALA B 145 13.94 3.95 0.55
C ALA B 145 13.84 5.38 0.12
N VAL B 146 14.61 6.22 0.79
CA VAL B 146 14.78 7.60 0.36
C VAL B 146 16.25 7.94 0.43
N VAL B 147 16.66 8.83 -0.43
CA VAL B 147 18.03 9.28 -0.49
C VAL B 147 18.12 10.66 0.10
N GLY B 148 19.28 10.98 0.63
CA GLY B 148 19.51 12.25 1.27
C GLY B 148 20.98 12.58 1.30
N SER B 149 21.25 13.75 1.81
CA SER B 149 22.62 14.18 2.01
C SER B 149 23.05 13.85 3.42
N ALA B 150 24.30 13.46 3.54
CA ALA B 150 24.85 13.13 4.83
C ALA B 150 25.46 14.32 5.53
N PHE B 151 25.90 15.34 4.82
CA PHE B 151 26.49 16.44 5.53
C PHE B 151 25.43 17.13 6.37
N PRO B 152 25.74 17.42 7.62
CA PRO B 152 24.81 18.06 8.47
C PRO B 152 24.77 19.54 8.20
N PRO B 153 23.70 20.17 8.51
CA PRO B 153 23.54 21.60 8.28
C PRO B 153 24.21 22.45 9.35
N TYR B 154 25.52 22.37 9.42
CA TYR B 154 26.22 23.28 10.35
C TYR B 154 26.81 24.37 9.48
N HIS B 155 26.29 24.52 8.27
CA HIS B 155 26.91 25.31 7.17
C HIS B 155 27.67 26.57 7.59
N HIS B 156 27.06 27.68 7.97
CA HIS B 156 27.91 28.83 8.36
C HIS B 156 28.21 28.75 9.83
N HIS B 157 27.58 27.86 10.58
CA HIS B 157 27.84 27.77 12.01
C HIS B 157 28.76 26.59 12.31
N GLU B 158 29.65 26.13 11.45
CA GLU B 158 30.51 25.00 11.76
C GLU B 158 31.50 25.35 12.86
N PHE B 159 31.99 24.33 13.54
CA PHE B 159 32.91 24.54 14.63
C PHE B 159 34.26 25.00 14.12
N PRO B 160 34.92 25.90 14.81
CA PRO B 160 36.23 26.37 14.40
C PRO B 160 37.33 25.47 14.96
N GLY B 161 38.57 25.88 14.70
CA GLY B 161 39.73 25.14 15.13
C GLY B 161 40.51 24.63 13.95
N SER B 162 39.79 24.19 12.94
CA SER B 162 40.36 23.70 11.72
C SER B 162 39.80 24.46 10.54
N ARG B 163 40.63 24.64 9.52
CA ARG B 163 40.15 25.21 8.28
C ARG B 163 39.39 24.21 7.44
N ILE B 164 39.24 22.99 7.93
CA ILE B 164 38.50 21.94 7.25
C ILE B 164 37.29 21.59 8.09
N PRO B 165 36.10 21.55 7.51
CA PRO B 165 34.92 21.22 8.28
C PRO B 165 35.03 19.86 8.92
N PRO B 166 35.01 19.79 10.24
CA PRO B 166 35.13 18.49 10.90
C PRO B 166 33.86 17.68 10.84
N HIS B 167 32.71 18.34 10.77
CA HIS B 167 31.43 17.65 10.74
C HIS B 167 31.06 17.41 9.30
N ARG B 168 31.34 16.22 8.83
CA ARG B 168 31.10 15.81 7.46
C ARG B 168 30.11 14.66 7.44
N ALA B 169 30.00 14.05 6.27
CA ALA B 169 28.95 13.09 5.99
C ALA B 169 28.80 12.04 7.07
N ASP B 170 29.89 11.35 7.38
CA ASP B 170 29.84 10.28 8.38
C ASP B 170 29.20 10.77 9.66
N THR B 171 29.65 11.93 10.12
CA THR B 171 29.15 12.49 11.36
C THR B 171 27.66 12.75 11.29
N GLY B 172 27.20 13.33 10.20
CA GLY B 172 25.79 13.64 10.09
C GLY B 172 24.94 12.41 10.04
N ALA B 173 25.39 11.41 9.30
CA ALA B 173 24.68 10.15 9.25
C ALA B 173 24.55 9.55 10.63
N PHE B 174 25.65 9.53 11.39
CA PHE B 174 25.57 8.95 12.72
C PHE B 174 24.65 9.75 13.61
N LEU B 175 24.72 11.07 13.54
CA LEU B 175 23.89 11.88 14.40
C LEU B 175 22.42 11.64 14.12
N LEU B 176 22.06 11.60 12.85
CA LEU B 176 20.70 11.25 12.50
C LEU B 176 20.32 9.91 13.09
N ALA B 177 21.07 8.88 12.74
CA ALA B 177 20.72 7.54 13.16
C ALA B 177 20.55 7.43 14.66
N ASP B 178 21.44 8.04 15.42
CA ASP B 178 21.36 7.98 16.86
C ASP B 178 20.22 8.81 17.40
N ALA B 179 19.80 9.84 16.69
CA ALA B 179 18.63 10.59 17.09
C ALA B 179 17.36 9.79 16.84
N PHE B 180 17.19 9.33 15.62
CA PHE B 180 16.07 8.48 15.27
C PHE B 180 16.08 7.16 16.00
N GLY B 181 17.18 6.81 16.66
CA GLY B 181 17.24 5.52 17.32
C GLY B 181 17.21 4.39 16.32
N ALA B 182 17.83 4.60 15.18
CA ALA B 182 17.73 3.65 14.10
C ALA B 182 18.31 2.30 14.50
N ALA B 183 18.00 1.31 13.67
CA ALA B 183 18.43 -0.04 13.94
C ALA B 183 19.90 -0.23 13.68
N GLY B 184 20.44 0.48 12.70
CA GLY B 184 21.81 0.30 12.33
C GLY B 184 22.25 1.37 11.38
N LEU B 185 23.54 1.67 11.48
CA LEU B 185 24.23 2.56 10.57
C LEU B 185 25.31 1.76 9.88
N THR B 186 25.40 1.91 8.57
CA THR B 186 26.35 1.17 7.77
C THR B 186 27.03 2.13 6.83
N ILE B 187 28.35 2.10 6.80
CA ILE B 187 29.14 3.01 5.98
C ILE B 187 29.75 2.23 4.84
N VAL B 188 29.73 2.82 3.66
CA VAL B 188 30.22 2.21 2.45
C VAL B 188 31.37 3.04 1.92
N GLU B 189 32.52 2.43 1.85
CA GLU B 189 33.73 3.08 1.37
C GLU B 189 34.28 2.32 0.18
N ASN B 190 35.39 2.83 -0.32
CA ASN B 190 36.11 2.23 -1.42
C ASN B 190 37.22 1.30 -0.95
N VAL B 191 37.21 0.93 0.32
CA VAL B 191 38.22 0.04 0.89
C VAL B 191 37.53 -0.96 1.79
N ASP B 192 38.21 -2.08 2.01
CA ASP B 192 37.61 -3.17 2.77
C ASP B 192 37.16 -2.73 4.14
N GLY B 193 37.79 -1.69 4.67
CA GLY B 193 37.46 -1.19 5.98
C GLY B 193 38.47 -0.22 6.50
N ILE B 194 38.79 -0.32 7.77
CA ILE B 194 39.76 0.54 8.41
C ILE B 194 41.06 -0.22 8.59
N TYR B 195 42.16 0.47 8.41
CA TYR B 195 43.48 -0.07 8.58
C TYR B 195 44.25 0.74 9.61
N THR B 196 45.51 0.37 9.80
CA THR B 196 46.41 1.14 10.63
C THR B 196 46.97 2.33 9.89
N ALA B 197 46.78 2.39 8.58
CA ALA B 197 47.32 3.45 7.77
C ALA B 197 46.66 3.41 6.41
N ASP B 198 46.82 4.49 5.68
CA ASP B 198 46.21 4.59 4.37
C ASP B 198 46.82 3.57 3.42
N PRO B 199 46.07 2.55 3.03
CA PRO B 199 46.61 1.56 2.09
C PRO B 199 46.76 2.09 0.69
N ASN B 200 46.26 3.27 0.41
CA ASN B 200 46.49 3.95 -0.84
C ASN B 200 47.57 5.00 -0.73
N GLY B 201 48.30 5.01 0.38
CA GLY B 201 49.29 6.02 0.63
C GLY B 201 50.70 5.51 0.58
N PRO B 202 51.63 6.26 1.19
CA PRO B 202 53.03 5.84 1.16
C PRO B 202 53.32 4.65 2.04
N ASP B 203 52.70 4.58 3.21
CA ASP B 203 52.94 3.50 4.17
C ASP B 203 51.95 2.37 4.00
N ARG B 204 51.45 2.19 2.79
CA ARG B 204 50.48 1.15 2.53
C ARG B 204 51.02 -0.24 2.80
N GLY B 205 52.33 -0.40 2.77
CA GLY B 205 52.91 -1.71 3.04
C GLY B 205 52.73 -2.14 4.49
N GLN B 206 52.75 -1.17 5.40
CA GLN B 206 52.57 -1.46 6.81
C GLN B 206 51.12 -1.42 7.25
N ALA B 207 50.23 -1.01 6.36
CA ALA B 207 48.81 -0.93 6.69
C ALA B 207 48.27 -2.31 6.98
N ARG B 208 47.69 -2.48 8.15
CA ARG B 208 47.12 -3.74 8.57
C ARG B 208 45.64 -3.55 8.84
N PHE B 209 44.85 -4.52 8.38
CA PHE B 209 43.40 -4.41 8.49
C PHE B 209 42.96 -4.57 9.93
N LEU B 210 41.92 -3.84 10.29
CA LEU B 210 41.32 -3.91 11.61
C LEU B 210 39.90 -4.41 11.51
N PRO B 211 39.64 -5.68 11.83
CA PRO B 211 38.29 -6.19 11.67
C PRO B 211 37.32 -5.60 12.67
N GLU B 212 37.83 -5.16 13.81
CA GLU B 212 36.98 -4.68 14.88
C GLU B 212 37.80 -3.77 15.77
N THR B 213 37.13 -2.78 16.33
CA THR B 213 37.79 -1.85 17.22
C THR B 213 36.74 -0.97 17.87
N SER B 214 37.21 -0.07 18.71
CA SER B 214 36.37 0.86 19.42
C SER B 214 36.68 2.27 18.98
N ALA B 215 35.71 3.15 19.21
CA ALA B 215 35.90 4.55 18.86
C ALA B 215 37.04 5.17 19.64
N THR B 216 37.24 4.73 20.88
CA THR B 216 38.27 5.29 21.72
C THR B 216 39.65 4.96 21.18
N ASP B 217 39.89 3.69 20.87
CA ASP B 217 41.18 3.28 20.37
C ASP B 217 41.60 4.10 19.17
N LEU B 218 40.65 4.46 18.32
CA LEU B 218 40.96 5.27 17.16
C LEU B 218 41.15 6.72 17.55
N ALA B 219 40.25 7.26 18.35
CA ALA B 219 40.31 8.67 18.68
C ALA B 219 41.53 9.00 19.50
N LYS B 220 42.02 8.06 20.28
CA LYS B 220 43.22 8.25 21.05
C LYS B 220 44.47 8.00 20.23
N SER B 221 44.31 7.48 19.02
CA SER B 221 45.41 7.31 18.11
C SER B 221 45.60 8.57 17.28
N GLU B 222 46.52 8.49 16.34
CA GLU B 222 46.76 9.56 15.39
C GLU B 222 47.00 8.94 14.04
N GLY B 223 46.69 9.70 13.01
CA GLY B 223 46.78 9.22 11.66
C GLY B 223 45.47 9.37 10.94
N PRO B 224 45.50 9.10 9.65
CA PRO B 224 44.31 9.29 8.84
C PRO B 224 43.28 8.22 9.10
N LEU B 225 42.09 8.47 8.56
CA LEU B 225 40.99 7.54 8.64
C LEU B 225 40.07 7.77 7.47
N PRO B 226 39.32 6.75 7.06
CA PRO B 226 38.27 6.94 6.06
C PRO B 226 37.04 7.61 6.61
N VAL B 227 37.04 7.91 7.90
CA VAL B 227 35.90 8.52 8.57
C VAL B 227 36.40 9.67 9.42
N ASP B 228 35.50 10.60 9.66
CA ASP B 228 35.82 11.77 10.46
C ASP B 228 36.18 11.38 11.87
N ARG B 229 36.85 12.27 12.56
CA ARG B 229 37.16 12.10 13.97
C ARG B 229 36.06 12.63 14.86
N ALA B 230 35.38 13.68 14.40
CA ALA B 230 34.17 14.12 15.07
C ALA B 230 33.17 12.99 15.19
N LEU B 231 33.20 12.06 14.25
CA LEU B 231 32.36 10.88 14.36
C LEU B 231 32.67 10.12 15.63
N LEU B 232 33.95 9.98 15.94
CA LEU B 232 34.34 9.28 17.16
C LEU B 232 33.94 10.07 18.39
N ASP B 233 34.12 11.38 18.32
CA ASP B 233 33.73 12.24 19.43
C ASP B 233 32.25 12.11 19.74
N VAL B 234 31.42 12.02 18.71
CA VAL B 234 29.98 11.86 18.95
C VAL B 234 29.61 10.45 19.35
N MET B 235 30.26 9.45 18.77
CA MET B 235 30.11 8.08 19.24
C MET B 235 30.27 8.01 20.75
N ALA B 236 31.27 8.70 21.27
CA ALA B 236 31.47 8.69 22.70
C ALA B 236 30.23 9.10 23.46
N THR B 237 29.36 9.88 22.83
CA THR B 237 28.16 10.41 23.48
C THR B 237 26.89 9.83 22.87
N ALA B 238 27.00 8.66 22.26
CA ALA B 238 25.84 8.05 21.66
C ALA B 238 24.90 7.51 22.71
N ARG B 239 23.70 7.21 22.27
CA ARG B 239 22.62 6.77 23.14
C ARG B 239 22.04 5.43 22.74
N HIS B 240 21.95 5.15 21.45
CA HIS B 240 21.32 3.96 20.94
C HIS B 240 22.25 3.09 20.12
N ILE B 241 23.00 3.66 19.20
CA ILE B 241 23.81 2.88 18.29
C ILE B 241 24.98 2.29 19.04
N GLU B 242 25.14 0.98 18.93
CA GLU B 242 26.20 0.26 19.62
C GLU B 242 27.37 -0.08 18.72
N ARG B 243 27.13 -0.25 17.43
CA ARG B 243 28.20 -0.62 16.52
C ARG B 243 27.90 -0.07 15.14
N VAL B 244 28.98 0.20 14.42
CA VAL B 244 28.92 0.71 13.07
C VAL B 244 29.85 -0.11 12.21
N GLN B 245 29.37 -0.57 11.07
CA GLN B 245 30.17 -1.38 10.18
C GLN B 245 30.55 -0.59 8.94
N VAL B 246 31.85 -0.61 8.65
CA VAL B 246 32.44 -0.02 7.46
C VAL B 246 32.71 -1.14 6.50
N VAL B 247 32.22 -1.00 5.27
CA VAL B 247 32.35 -2.06 4.28
C VAL B 247 32.68 -1.45 2.94
N ASN B 248 33.27 -2.28 2.09
CA ASN B 248 33.57 -1.90 0.72
C ASN B 248 32.36 -2.14 -0.16
N GLY B 249 31.92 -1.10 -0.84
CA GLY B 249 30.81 -1.21 -1.77
C GLY B 249 31.19 -1.58 -3.16
N LEU B 250 32.47 -1.52 -3.48
CA LEU B 250 32.96 -2.02 -4.75
C LEU B 250 32.85 -3.53 -4.83
N VAL B 251 32.69 -4.19 -3.70
CA VAL B 251 32.57 -5.64 -3.64
C VAL B 251 31.10 -5.99 -3.44
N PRO B 252 30.50 -6.74 -4.35
CA PRO B 252 29.07 -7.03 -4.21
C PRO B 252 28.77 -7.95 -3.04
N GLY B 253 27.60 -7.75 -2.46
CA GLY B 253 27.11 -8.62 -1.43
C GLY B 253 27.49 -8.22 -0.03
N ARG B 254 28.48 -7.35 0.12
CA ARG B 254 28.93 -6.99 1.45
C ARG B 254 27.97 -6.03 2.12
N LEU B 255 27.38 -5.13 1.34
CA LEU B 255 26.41 -4.21 1.90
C LEU B 255 25.18 -4.95 2.38
N THR B 256 24.67 -5.87 1.58
CA THR B 256 23.54 -6.68 1.97
C THR B 256 23.82 -7.42 3.27
N ALA B 257 24.94 -8.13 3.31
CA ALA B 257 25.32 -8.86 4.50
C ALA B 257 25.39 -7.93 5.71
N ALA B 258 26.01 -6.77 5.54
CA ALA B 258 26.15 -5.85 6.65
C ALA B 258 24.81 -5.44 7.18
N LEU B 259 23.88 -5.14 6.29
CA LEU B 259 22.54 -4.82 6.72
C LEU B 259 21.91 -5.99 7.46
N ARG B 260 22.32 -7.20 7.13
CA ARG B 260 21.86 -8.36 7.86
C ARG B 260 22.68 -8.66 9.10
N GLY B 261 23.65 -7.82 9.42
CA GLY B 261 24.41 -7.94 10.64
C GLY B 261 25.71 -8.69 10.51
N GLU B 262 26.05 -9.15 9.32
CA GLU B 262 27.26 -9.89 9.13
C GLU B 262 28.49 -9.01 9.35
N HIS B 263 29.60 -9.67 9.60
CA HIS B 263 30.88 -9.01 9.84
C HIS B 263 31.73 -9.19 8.59
N VAL B 264 31.56 -8.28 7.65
CA VAL B 264 32.24 -8.31 6.38
C VAL B 264 33.28 -7.23 6.27
N GLY B 265 33.27 -6.27 7.16
CA GLY B 265 34.27 -5.23 7.18
C GLY B 265 34.76 -4.92 8.56
N THR B 266 34.78 -3.64 8.89
CA THR B 266 35.29 -3.18 10.15
C THR B 266 34.13 -2.82 11.07
N LEU B 267 34.21 -3.29 12.30
CA LEU B 267 33.20 -3.01 13.30
C LEU B 267 33.74 -2.03 14.31
N ILE B 268 32.99 -0.97 14.57
CA ILE B 268 33.35 0.07 15.51
C ILE B 268 32.32 0.07 16.60
N ARG B 269 32.75 -0.26 17.81
CA ARG B 269 31.87 -0.23 18.97
C ARG B 269 31.87 1.17 19.54
N THR B 270 30.68 1.65 19.87
CA THR B 270 30.53 2.96 20.48
C THR B 270 30.64 2.84 21.99
N GLY B 271 30.42 3.95 22.68
CA GLY B 271 30.46 3.97 24.11
C GLY B 271 29.21 3.46 24.76
N VAL B 272 28.27 2.99 23.97
CA VAL B 272 27.00 2.52 24.51
C VAL B 272 27.22 1.22 25.27
N ARG B 273 26.50 1.07 26.37
CA ARG B 273 26.52 -0.15 27.15
C ARG B 273 25.18 -0.84 27.01
N PRO B 274 25.09 -1.94 26.29
CA PRO B 274 23.81 -2.64 26.16
C PRO B 274 23.39 -3.29 27.47
N ALA B 275 22.21 -3.89 27.45
CA ALA B 275 21.66 -4.55 28.63
C ALA B 275 21.94 -6.04 28.62
N SER C 3 -0.97 47.28 36.56
CA SER C 3 -2.11 46.37 36.54
C SER C 3 -1.85 45.19 35.61
N THR C 4 -0.58 44.96 35.29
CA THR C 4 -0.23 43.88 34.39
C THR C 4 -0.17 42.54 35.11
N ALA C 5 -0.04 42.53 36.43
CA ALA C 5 -0.01 41.27 37.16
C ALA C 5 -1.35 40.55 37.07
N GLU C 6 -2.45 41.29 37.19
CA GLU C 6 -3.76 40.71 37.00
C GLU C 6 -3.90 40.16 35.60
N LEU C 7 -3.43 40.93 34.62
CA LEU C 7 -3.46 40.46 33.25
C LEU C 7 -2.72 39.15 33.11
N GLU C 8 -1.54 39.04 33.71
CA GLU C 8 -0.73 37.85 33.55
C GLU C 8 -1.39 36.65 34.23
N GLU C 9 -1.85 36.83 35.46
CA GLU C 9 -2.45 35.70 36.15
C GLU C 9 -3.72 35.25 35.46
N LEU C 10 -4.48 36.18 34.90
CA LEU C 10 -5.64 35.80 34.12
C LEU C 10 -5.24 35.03 32.89
N LEU C 11 -4.24 35.54 32.15
CA LEU C 11 -3.79 34.87 30.95
C LEU C 11 -3.39 33.44 31.23
N MET C 12 -2.73 33.23 32.36
CA MET C 12 -2.24 31.90 32.69
C MET C 12 -3.34 31.00 33.20
N GLN C 13 -4.38 31.57 33.81
CA GLN C 13 -5.44 30.79 34.41
CA GLN C 13 -5.45 30.80 34.42
C GLN C 13 -6.69 30.71 33.53
N ARG C 14 -7.28 31.84 33.21
CA ARG C 14 -8.55 31.83 32.54
C ARG C 14 -8.40 31.47 31.07
N SER C 15 -9.54 31.33 30.42
CA SER C 15 -9.58 31.16 28.99
C SER C 15 -9.67 32.51 28.31
N LEU C 16 -9.14 32.58 27.10
CA LEU C 16 -9.11 33.82 26.36
C LEU C 16 -10.50 34.33 26.03
N THR C 17 -11.53 33.53 26.27
CA THR C 17 -12.90 33.98 26.18
C THR C 17 -13.35 34.65 27.45
N ASP C 18 -12.55 34.60 28.50
CA ASP C 18 -12.93 35.24 29.73
C ASP C 18 -13.00 36.74 29.50
N PRO C 19 -14.15 37.37 29.75
CA PRO C 19 -14.27 38.80 29.47
CA PRO C 19 -14.27 38.80 29.47
C PRO C 19 -13.41 39.67 30.36
N GLN C 20 -13.24 39.29 31.62
CA GLN C 20 -12.34 40.03 32.48
C GLN C 20 -10.98 40.15 31.81
N LEU C 21 -10.56 39.08 31.15
CA LEU C 21 -9.29 39.05 30.45
C LEU C 21 -9.30 39.95 29.23
N GLN C 22 -10.36 39.90 28.44
CA GLN C 22 -10.45 40.75 27.26
C GLN C 22 -10.42 42.21 27.65
N ALA C 23 -11.08 42.55 28.75
CA ALA C 23 -11.10 43.92 29.22
C ALA C 23 -9.74 44.35 29.73
N ALA C 24 -9.05 43.45 30.41
CA ALA C 24 -7.69 43.75 30.84
C ALA C 24 -6.78 44.00 29.63
N ALA C 25 -6.97 43.20 28.58
CA ALA C 25 -6.12 43.31 27.40
C ALA C 25 -6.40 44.59 26.64
N ALA C 26 -7.67 44.96 26.53
CA ALA C 26 -8.02 46.19 25.84
C ALA C 26 -7.40 47.39 26.53
N ALA C 27 -7.13 47.27 27.82
CA ALA C 27 -6.51 48.33 28.60
C ALA C 27 -5.02 48.38 28.41
N ALA C 28 -4.49 47.60 27.47
CA ALA C 28 -3.07 47.55 27.26
C ALA C 28 -2.64 48.67 26.33
N ALA C 29 -1.35 48.70 26.05
CA ALA C 29 -0.76 49.76 25.26
C ALA C 29 -1.07 49.56 23.77
N ASP C 30 -0.72 50.56 22.99
CA ASP C 30 -0.86 50.53 21.55
C ASP C 30 0.46 50.94 20.93
N PHE C 31 0.83 50.25 19.88
CA PHE C 31 2.12 50.48 19.23
C PHE C 31 1.89 50.45 17.73
N ARG C 32 2.20 51.56 17.08
CA ARG C 32 2.09 51.67 15.63
C ARG C 32 3.44 51.37 15.03
N ILE C 33 3.46 50.46 14.07
CA ILE C 33 4.70 49.93 13.53
C ILE C 33 5.19 50.77 12.36
N LEU C 34 4.26 51.27 11.56
CA LEU C 34 4.58 52.12 10.41
C LEU C 34 3.60 53.28 10.44
N PRO C 35 3.70 54.13 11.45
CA PRO C 35 2.73 55.22 11.58
C PRO C 35 2.87 56.25 10.49
N ASP C 36 4.03 56.35 9.87
CA ASP C 36 4.27 57.31 8.82
C ASP C 36 3.94 56.78 7.45
N ALA C 37 3.42 55.57 7.38
CA ALA C 37 3.19 54.90 6.11
C ALA C 37 1.76 55.04 5.66
N THR C 38 1.58 54.98 4.35
CA THR C 38 0.29 55.11 3.73
C THR C 38 0.05 53.90 2.85
N VAL C 39 -1.14 53.35 2.92
CA VAL C 39 -1.51 52.16 2.17
C VAL C 39 -2.50 52.56 1.09
N ILE C 40 -2.27 52.07 -0.12
CA ILE C 40 -3.16 52.30 -1.22
C ILE C 40 -3.41 50.98 -1.92
N LYS C 41 -4.58 50.85 -2.53
CA LYS C 41 -4.97 49.64 -3.23
C LYS C 41 -5.28 49.99 -4.66
N ILE C 42 -4.53 49.40 -5.57
CA ILE C 42 -4.75 49.60 -7.00
C ILE C 42 -5.71 48.53 -7.49
N GLY C 43 -6.92 48.95 -7.83
CA GLY C 43 -7.88 48.00 -8.35
C GLY C 43 -7.35 47.29 -9.58
N GLY C 44 -7.71 46.03 -9.70
CA GLY C 44 -7.31 45.27 -10.87
C GLY C 44 -8.30 45.41 -11.99
N GLN C 45 -9.57 45.17 -11.68
CA GLN C 45 -10.61 45.28 -12.67
C GLN C 45 -10.87 46.71 -13.08
N SER C 46 -10.56 47.65 -12.21
CA SER C 46 -10.87 49.04 -12.44
C SER C 46 -9.72 49.80 -13.07
N VAL C 47 -8.50 49.33 -12.90
CA VAL C 47 -7.33 50.09 -13.29
C VAL C 47 -6.39 49.26 -14.15
N ILE C 48 -5.80 48.25 -13.52
CA ILE C 48 -4.75 47.48 -14.18
C ILE C 48 -5.29 46.80 -15.42
N ASP C 49 -6.51 46.29 -15.35
CA ASP C 49 -7.11 45.64 -16.48
C ASP C 49 -7.43 46.61 -17.61
N ARG C 50 -7.22 47.90 -17.39
CA ARG C 50 -7.31 48.88 -18.46
C ARG C 50 -6.01 49.01 -19.22
N GLY C 51 -4.90 48.68 -18.59
CA GLY C 51 -3.65 48.61 -19.29
C GLY C 51 -2.82 49.88 -19.16
N ARG C 52 -2.21 50.25 -20.28
CA ARG C 52 -1.23 51.33 -20.30
C ARG C 52 -1.82 52.63 -19.81
N ALA C 53 -2.91 53.06 -20.43
CA ALA C 53 -3.48 54.37 -20.19
C ALA C 53 -3.71 54.66 -18.73
N ALA C 54 -4.04 53.64 -17.95
CA ALA C 54 -4.36 53.81 -16.55
C ALA C 54 -3.20 53.49 -15.62
N VAL C 55 -2.17 52.82 -16.13
CA VAL C 55 -1.10 52.36 -15.26
C VAL C 55 0.11 53.25 -15.34
N TYR C 56 0.49 53.67 -16.55
CA TYR C 56 1.66 54.53 -16.68
C TYR C 56 1.50 55.83 -15.89
N PRO C 57 0.39 56.54 -16.00
CA PRO C 57 0.20 57.74 -15.19
C PRO C 57 0.33 57.48 -13.70
N LEU C 58 -0.23 56.38 -13.25
CA LEU C 58 -0.16 56.06 -11.82
C LEU C 58 1.27 55.74 -11.41
N VAL C 59 2.01 55.09 -12.29
CA VAL C 59 3.42 54.83 -12.00
C VAL C 59 4.15 56.14 -11.82
N ASP C 60 3.84 57.12 -12.68
CA ASP C 60 4.43 58.43 -12.55
C ASP C 60 4.06 59.06 -11.22
N GLU C 61 2.78 59.05 -10.90
CA GLU C 61 2.31 59.64 -9.65
C GLU C 61 3.01 59.01 -8.46
N ILE C 62 3.28 57.72 -8.56
CA ILE C 62 3.84 56.98 -7.43
C ILE C 62 5.30 57.31 -7.25
N VAL C 63 6.06 57.28 -8.35
CA VAL C 63 7.46 57.64 -8.26
C VAL C 63 7.64 59.08 -7.84
N ALA C 64 6.62 59.90 -8.06
CA ALA C 64 6.62 61.27 -7.59
C ALA C 64 6.34 61.36 -6.11
N ALA C 65 5.32 60.63 -5.66
CA ALA C 65 4.84 60.76 -4.30
C ALA C 65 5.76 60.10 -3.30
N ARG C 66 6.43 59.03 -3.69
CA ARG C 66 7.32 58.35 -2.77
C ARG C 66 8.40 59.26 -2.20
N LYS C 67 8.59 60.42 -2.79
CA LYS C 67 9.57 61.37 -2.29
C LYS C 67 9.07 62.12 -1.07
N ASN C 68 7.78 62.03 -0.77
CA ASN C 68 7.21 62.70 0.37
C ASN C 68 6.38 61.79 1.27
N HIS C 69 6.03 60.59 0.80
CA HIS C 69 5.27 59.66 1.62
C HIS C 69 5.84 58.26 1.48
N LYS C 70 5.65 57.47 2.53
CA LYS C 70 5.88 56.05 2.47
C LYS C 70 4.64 55.38 1.88
N LEU C 71 4.85 54.45 0.96
CA LEU C 71 3.77 53.86 0.21
C LEU C 71 3.83 52.35 0.24
N LEU C 72 2.70 51.74 0.58
CA LEU C 72 2.49 50.31 0.51
C LEU C 72 1.38 50.10 -0.50
N ILE C 73 1.75 49.64 -1.68
CA ILE C 73 0.86 49.55 -2.81
C ILE C 73 0.41 48.12 -2.96
N GLY C 74 -0.84 47.86 -2.60
CA GLY C 74 -1.41 46.55 -2.76
C GLY C 74 -2.16 46.46 -4.08
N THR C 75 -2.03 45.32 -4.73
CA THR C 75 -2.73 45.12 -5.98
C THR C 75 -4.01 44.33 -5.80
N GLY C 76 -4.94 44.61 -6.68
CA GLY C 76 -6.14 43.83 -6.80
C GLY C 76 -6.01 42.75 -7.83
N ALA C 77 -7.01 41.87 -7.84
CA ALA C 77 -6.95 40.70 -8.70
C ALA C 77 -7.46 41.01 -10.11
N GLY C 78 -8.74 41.29 -10.23
CA GLY C 78 -9.31 41.62 -11.50
C GLY C 78 -10.32 40.64 -12.04
N THR C 79 -10.39 40.55 -13.35
CA THR C 79 -11.42 39.75 -13.99
C THR C 79 -10.98 38.32 -14.22
N ARG C 80 -9.68 38.08 -14.29
CA ARG C 80 -9.20 36.72 -14.31
C ARG C 80 -9.68 35.97 -13.10
N ALA C 81 -9.72 36.64 -11.96
CA ALA C 81 -10.22 36.05 -10.74
C ALA C 81 -11.69 35.75 -10.84
N ARG C 82 -12.43 36.61 -11.54
CA ARG C 82 -13.85 36.38 -11.67
C ARG C 82 -14.12 35.21 -12.58
N HIS C 83 -13.31 35.05 -13.61
CA HIS C 83 -13.35 33.86 -14.44
C HIS C 83 -13.11 32.61 -13.61
N LEU C 84 -12.04 32.63 -12.81
CA LEU C 84 -11.73 31.49 -11.97
C LEU C 84 -12.86 31.19 -11.01
N TYR C 85 -13.42 32.22 -10.39
CA TYR C 85 -14.51 32.02 -9.47
C TYR C 85 -15.70 31.39 -10.16
N SER C 86 -16.00 31.84 -11.37
CA SER C 86 -17.08 31.25 -12.13
C SER C 86 -16.84 29.77 -12.35
N ILE C 87 -15.65 29.44 -12.82
CA ILE C 87 -15.31 28.04 -13.07
C ILE C 87 -15.51 27.23 -11.80
N ALA C 88 -14.87 27.67 -10.72
CA ALA C 88 -14.83 26.88 -9.51
C ALA C 88 -16.18 26.77 -8.85
N ALA C 89 -17.02 27.78 -9.01
CA ALA C 89 -18.37 27.71 -8.48
C ALA C 89 -19.23 26.76 -9.30
N GLY C 90 -19.06 26.79 -10.62
CA GLY C 90 -19.75 25.82 -11.45
C GLY C 90 -19.45 24.40 -11.06
N LEU C 91 -18.28 24.23 -10.48
CA LEU C 91 -17.78 22.92 -10.02
C LEU C 91 -18.20 22.71 -8.58
N GLY C 92 -18.67 23.75 -7.91
CA GLY C 92 -19.12 23.57 -6.53
C GLY C 92 -17.98 23.59 -5.54
N LEU C 93 -16.76 23.96 -5.96
CA LEU C 93 -15.63 24.03 -5.01
C LEU C 93 -15.91 25.22 -4.10
N PRO C 94 -15.55 25.26 -2.65
CA PRO C 94 -15.76 26.19 -1.55
C PRO C 94 -14.90 27.42 -1.65
N ALA C 95 -15.17 28.35 -0.74
CA ALA C 95 -14.55 29.66 -0.78
C ALA C 95 -13.05 29.60 -0.62
N GLY C 96 -12.55 28.69 0.20
CA GLY C 96 -11.12 28.60 0.41
C GLY C 96 -10.36 28.40 -0.88
N VAL C 97 -10.85 27.50 -1.72
CA VAL C 97 -10.17 27.25 -2.97
C VAL C 97 -10.15 28.51 -3.82
N LEU C 98 -11.31 29.15 -3.97
CA LEU C 98 -11.40 30.36 -4.74
C LEU C 98 -10.42 31.40 -4.25
N ALA C 99 -10.20 31.45 -2.94
CA ALA C 99 -9.25 32.38 -2.39
C ALA C 99 -7.84 32.02 -2.81
N GLN C 100 -7.49 30.75 -2.70
CA GLN C 100 -6.20 30.29 -3.20
C GLN C 100 -5.99 30.75 -4.63
N LEU C 101 -7.06 30.78 -5.40
CA LEU C 101 -6.95 31.10 -6.80
C LEU C 101 -6.75 32.59 -7.03
N GLY C 102 -7.54 33.41 -6.35
CA GLY C 102 -7.44 34.84 -6.54
C GLY C 102 -6.16 35.43 -6.02
N SER C 103 -5.61 34.83 -4.97
CA SER C 103 -4.31 35.27 -4.48
C SER C 103 -3.33 35.37 -5.61
N SER C 104 -3.41 34.43 -6.53
CA SER C 104 -2.45 34.33 -7.61
C SER C 104 -2.62 35.45 -8.61
N VAL C 105 -3.85 35.80 -8.93
CA VAL C 105 -4.09 36.88 -9.85
C VAL C 105 -3.54 38.17 -9.29
N ALA C 106 -3.77 38.38 -8.00
CA ALA C 106 -3.20 39.56 -7.37
C ALA C 106 -1.69 39.54 -7.44
N ASP C 107 -1.05 38.45 -7.39
CA ASP C 107 0.39 38.35 -7.42
C ASP C 107 0.92 38.63 -8.82
N GLN C 108 0.16 38.26 -9.84
CA GLN C 108 0.55 38.52 -11.22
C GLN C 108 0.55 40.00 -11.52
N ASN C 109 -0.59 40.59 -10.98
CA ASN C 109 -0.67 42.02 -11.21
C ASN C 109 0.44 42.75 -10.49
N ALA C 110 0.77 42.30 -9.29
CA ALA C 110 1.87 42.88 -8.55
C ALA C 110 3.17 42.70 -9.29
N ALA C 111 3.39 41.52 -9.85
CA ALA C 111 4.61 41.27 -10.60
C ALA C 111 4.74 42.24 -11.77
N MET C 112 3.64 42.44 -12.50
CA MET C 112 3.66 43.38 -13.60
C MET C 112 4.04 44.77 -13.13
N LEU C 113 3.36 45.23 -12.09
CA LEU C 113 3.62 46.57 -11.58
C LEU C 113 5.05 46.71 -11.12
N GLY C 114 5.59 45.68 -10.49
CA GLY C 114 6.96 45.73 -10.03
C GLY C 114 7.96 45.75 -11.16
N GLN C 115 7.64 45.05 -12.24
CA GLN C 115 8.49 45.15 -13.41
C GLN C 115 8.46 46.55 -13.98
N LEU C 116 7.34 47.23 -13.84
CA LEU C 116 7.27 48.61 -14.29
C LEU C 116 8.07 49.53 -13.39
N LEU C 117 8.11 49.25 -12.10
CA LEU C 117 8.67 50.17 -11.13
C LEU C 117 10.10 49.85 -10.72
N ALA C 118 10.66 48.74 -11.18
CA ALA C 118 11.97 48.35 -10.69
C ALA C 118 13.03 49.38 -11.02
N LYS C 119 12.96 49.98 -12.20
CA LYS C 119 13.93 50.99 -12.55
C LYS C 119 13.89 52.18 -11.61
N HIS C 120 12.81 52.32 -10.84
CA HIS C 120 12.67 53.39 -9.88
C HIS C 120 12.99 52.94 -8.48
N GLY C 121 13.42 51.70 -8.31
CA GLY C 121 13.85 51.23 -7.01
C GLY C 121 12.74 50.76 -6.12
N ILE C 122 11.58 50.43 -6.68
CA ILE C 122 10.42 50.01 -5.90
C ILE C 122 10.24 48.52 -6.11
N PRO C 123 10.39 47.71 -5.07
CA PRO C 123 10.34 46.27 -5.23
C PRO C 123 8.98 45.68 -4.92
N VAL C 124 8.87 44.40 -5.24
CA VAL C 124 7.73 43.59 -4.85
C VAL C 124 8.15 42.75 -3.66
N VAL C 125 7.34 42.75 -2.61
CA VAL C 125 7.79 42.06 -1.41
C VAL C 125 6.65 41.16 -0.97
N GLY C 126 6.93 39.93 -0.59
CA GLY C 126 5.92 39.14 0.12
C GLY C 126 5.78 39.77 1.49
N GLY C 127 6.88 39.82 2.25
CA GLY C 127 6.93 40.36 3.62
C GLY C 127 6.87 41.86 3.59
N ALA C 128 5.66 42.39 3.40
CA ALA C 128 5.35 43.81 3.17
C ALA C 128 5.51 44.74 4.36
N GLY C 129 4.88 44.41 5.48
CA GLY C 129 4.90 45.10 6.78
C GLY C 129 6.28 45.21 7.35
N LEU C 130 7.07 44.16 7.33
CA LEU C 130 8.41 44.23 7.93
C LEU C 130 9.45 44.38 6.84
N SER C 131 9.06 44.63 5.59
CA SER C 131 10.05 45.03 4.59
C SER C 131 10.51 46.35 5.16
N ALA C 132 11.39 46.36 6.14
CA ALA C 132 11.65 47.68 6.73
C ALA C 132 12.56 48.53 5.86
N VAL C 133 13.58 47.93 5.27
CA VAL C 133 14.62 48.71 4.59
C VAL C 133 14.03 49.63 3.54
N PRO C 134 13.32 49.15 2.53
CA PRO C 134 12.89 50.03 1.45
C PRO C 134 12.13 51.23 1.94
N LEU C 135 11.51 51.11 3.10
CA LEU C 135 10.73 52.19 3.65
C LEU C 135 11.57 53.15 4.46
N SER C 136 12.63 52.66 5.09
CA SER C 136 13.54 53.56 5.79
C SER C 136 14.28 54.47 4.85
N LEU C 137 14.28 54.16 3.56
CA LEU C 137 15.04 54.92 2.59
C LEU C 137 14.14 55.92 1.88
N ALA C 138 14.73 57.03 1.47
CA ALA C 138 13.99 58.05 0.76
C ALA C 138 14.04 57.86 -0.75
N GLU C 139 14.99 57.08 -1.23
CA GLU C 139 15.12 56.80 -2.64
C GLU C 139 14.34 55.58 -3.07
N VAL C 140 13.67 54.92 -2.12
CA VAL C 140 12.77 53.82 -2.42
C VAL C 140 11.42 54.17 -1.84
N ASN C 141 11.35 54.17 -0.52
CA ASN C 141 10.23 54.69 0.23
C ASN C 141 8.90 54.12 -0.25
N ALA C 142 8.90 52.92 -0.82
CA ALA C 142 7.67 52.33 -1.31
C ALA C 142 7.87 50.87 -1.64
N VAL C 143 6.77 50.12 -1.61
CA VAL C 143 6.76 48.71 -1.97
C VAL C 143 5.42 48.33 -2.56
N VAL C 144 5.42 47.19 -3.26
CA VAL C 144 4.20 46.62 -3.88
C VAL C 144 3.97 45.29 -3.17
N PHE C 145 2.80 45.07 -2.58
CA PHE C 145 2.53 43.89 -1.77
C PHE C 145 1.24 43.49 -2.42
N SER C 146 1.24 42.34 -3.13
CA SER C 146 -0.01 41.95 -3.76
C SER C 146 -1.10 41.99 -2.69
N GLY C 147 -2.30 42.37 -2.92
CA GLY C 147 -3.40 42.54 -1.95
C GLY C 147 -4.11 41.36 -1.34
N MET C 148 -4.40 40.28 -2.05
CA MET C 148 -5.18 39.13 -1.50
C MET C 148 -4.59 38.66 -0.19
N PRO C 149 -5.36 38.37 1.10
CA PRO C 149 -4.89 37.94 2.38
C PRO C 149 -4.54 36.47 2.39
N PRO C 150 -3.93 36.02 3.45
CA PRO C 150 -3.38 34.68 3.52
C PRO C 150 -4.36 33.63 3.99
N TYR C 151 -5.63 33.96 4.08
CA TYR C 151 -6.59 33.01 4.70
C TYR C 151 -6.90 31.84 3.78
N LYS C 152 -5.96 31.47 2.94
CA LYS C 152 -6.16 30.76 1.67
C LYS C 152 -7.24 29.71 1.83
N LEU C 153 -7.01 28.59 2.48
CA LEU C 153 -8.09 27.59 2.58
C LEU C 153 -8.86 27.76 3.88
N TRP C 154 -8.50 28.70 4.76
CA TRP C 154 -9.19 28.89 6.05
C TRP C 154 -10.14 30.07 6.01
N MET C 155 -10.51 30.58 4.87
CA MET C 155 -11.35 31.75 4.72
C MET C 155 -12.67 31.54 5.44
N ARG C 156 -13.15 32.59 6.05
CA ARG C 156 -14.47 32.58 6.60
C ARG C 156 -15.48 32.67 5.47
N PRO C 157 -16.26 31.65 5.21
CA PRO C 157 -17.23 31.71 4.14
C PRO C 157 -18.34 32.69 4.46
N ALA C 158 -19.00 33.14 3.41
CA ALA C 158 -20.12 34.03 3.58
C ALA C 158 -21.34 33.26 4.03
N ALA C 159 -22.36 34.01 4.45
CA ALA C 159 -23.60 33.39 4.87
C ALA C 159 -24.22 32.61 3.74
N GLU C 160 -24.09 33.10 2.51
CA GLU C 160 -24.70 32.46 1.36
C GLU C 160 -23.74 32.57 0.19
N GLY C 161 -23.33 31.42 -0.32
CA GLY C 161 -22.46 31.36 -1.48
C GLY C 161 -21.07 30.88 -1.14
N VAL C 162 -20.28 30.80 -2.21
CA VAL C 162 -18.89 30.40 -2.12
C VAL C 162 -17.93 31.52 -2.47
N ILE C 163 -18.45 32.71 -2.76
CA ILE C 163 -17.57 33.82 -3.09
C ILE C 163 -16.83 34.26 -1.83
N PRO C 164 -15.51 34.36 -1.85
CA PRO C 164 -14.80 34.82 -0.69
C PRO C 164 -15.12 36.27 -0.42
N PRO C 165 -15.53 36.59 0.80
CA PRO C 165 -15.89 37.97 1.12
C PRO C 165 -14.70 38.83 1.47
N TYR C 166 -13.63 38.24 1.96
CA TYR C 166 -12.45 38.98 2.39
C TYR C 166 -11.42 38.88 1.29
N ARG C 167 -11.54 39.76 0.32
CA ARG C 167 -10.62 39.85 -0.79
C ARG C 167 -9.72 41.07 -0.64
N THR C 168 -9.08 41.43 -1.75
CA THR C 168 -7.99 42.41 -1.75
C THR C 168 -8.27 43.63 -0.90
N ASP C 169 -9.47 44.19 -1.00
CA ASP C 169 -9.79 45.37 -0.20
C ASP C 169 -9.49 45.11 1.26
N ALA C 170 -9.97 43.99 1.77
CA ALA C 170 -9.75 43.63 3.16
C ALA C 170 -8.29 43.40 3.46
N GLY C 171 -7.57 42.77 2.53
CA GLY C 171 -6.16 42.56 2.74
C GLY C 171 -5.41 43.85 2.98
N CYS C 172 -5.61 44.81 2.08
CA CYS C 172 -4.94 46.09 2.22
C CYS C 172 -5.37 46.79 3.50
N PHE C 173 -6.66 46.82 3.77
CA PHE C 173 -7.13 47.55 4.95
C PHE C 173 -6.58 46.95 6.22
N LEU C 174 -6.54 45.63 6.31
CA LEU C 174 -6.05 44.99 7.52
C LEU C 174 -4.58 45.18 7.67
N LEU C 175 -3.85 45.17 6.56
CA LEU C 175 -2.43 45.46 6.63
C LEU C 175 -2.20 46.86 7.16
N ALA C 176 -3.07 47.79 6.80
CA ALA C 176 -2.96 49.13 7.34
C ALA C 176 -3.24 49.15 8.82
N GLU C 177 -4.38 48.61 9.22
CA GLU C 177 -4.78 48.65 10.62
C GLU C 177 -3.74 48.01 11.51
N GLN C 178 -3.14 46.91 11.06
CA GLN C 178 -2.14 46.22 11.85
C GLN C 178 -0.92 47.09 12.06
N PHE C 179 -0.34 47.57 10.98
CA PHE C 179 0.87 48.36 11.05
C PHE C 179 0.60 49.81 11.38
N GLY C 180 -0.59 50.12 11.88
CA GLY C 180 -0.86 51.42 12.42
C GLY C 180 -0.67 52.55 11.45
N CYS C 181 -0.84 52.28 10.17
CA CYS C 181 -0.63 53.30 9.17
C CYS C 181 -1.60 54.44 9.36
N LYS C 182 -1.24 55.57 8.77
CA LYS C 182 -1.93 56.83 8.98
C LYS C 182 -3.06 57.08 7.98
N GLN C 183 -3.03 56.38 6.85
CA GLN C 183 -3.94 56.71 5.77
C GLN C 183 -4.16 55.46 4.93
N MET C 184 -5.39 55.29 4.49
CA MET C 184 -5.76 54.14 3.68
C MET C 184 -6.62 54.61 2.52
N ILE C 185 -6.17 54.28 1.32
CA ILE C 185 -6.73 54.81 0.09
C ILE C 185 -7.03 53.67 -0.86
N PHE C 186 -8.12 53.82 -1.58
CA PHE C 186 -8.56 52.86 -2.57
C PHE C 186 -8.65 53.57 -3.90
N VAL C 187 -7.77 53.20 -4.81
CA VAL C 187 -7.72 53.79 -6.14
C VAL C 187 -8.57 52.94 -7.07
N LYS C 188 -9.60 53.55 -7.65
CA LYS C 188 -10.48 52.81 -8.53
C LYS C 188 -10.91 53.63 -9.72
N ASP C 189 -11.93 53.17 -10.43
CA ASP C 189 -12.33 53.74 -11.70
C ASP C 189 -13.49 54.71 -11.56
N GLU C 190 -13.77 55.16 -10.35
CA GLU C 190 -14.88 56.06 -10.11
C GLU C 190 -14.47 57.14 -9.14
N ASP C 191 -15.16 58.28 -9.23
CA ASP C 191 -14.84 59.41 -8.38
C ASP C 191 -15.04 59.08 -6.92
N GLY C 192 -15.80 58.04 -6.62
CA GLY C 192 -16.03 57.63 -5.26
C GLY C 192 -17.24 56.73 -5.17
N LEU C 193 -17.86 56.73 -4.01
CA LEU C 193 -19.04 55.93 -3.76
C LEU C 193 -20.29 56.68 -4.19
N TYR C 194 -21.16 56.00 -4.91
CA TYR C 194 -22.46 56.53 -5.27
C TYR C 194 -23.55 55.75 -4.53
N THR C 195 -24.79 56.05 -4.90
CA THR C 195 -25.93 55.32 -4.38
C THR C 195 -26.13 54.01 -5.09
N ALA C 196 -25.51 53.84 -6.25
CA ALA C 196 -25.68 52.63 -7.03
C ALA C 196 -24.57 52.58 -8.06
N ASN C 197 -24.40 51.42 -8.66
CA ASN C 197 -23.35 51.27 -9.64
C ASN C 197 -23.62 52.17 -10.83
N PRO C 198 -22.84 53.23 -11.00
CA PRO C 198 -23.10 54.15 -12.11
C PRO C 198 -22.92 53.51 -13.46
N LYS C 199 -22.08 52.49 -13.58
CA LYS C 199 -21.92 51.82 -14.86
C LYS C 199 -23.19 51.13 -15.29
N THR C 200 -24.11 50.90 -14.35
CA THR C 200 -25.38 50.27 -14.67
C THR C 200 -26.57 51.19 -14.47
N SER C 201 -26.45 52.20 -13.61
CA SER C 201 -27.54 53.11 -13.28
C SER C 201 -27.00 54.51 -13.31
N LYS C 202 -27.33 55.27 -14.35
CA LYS C 202 -26.80 56.61 -14.54
C LYS C 202 -27.53 57.66 -13.73
N ASP C 203 -28.52 57.25 -12.95
CA ASP C 203 -29.20 58.12 -12.00
C ASP C 203 -28.54 58.10 -10.63
N ALA C 204 -27.47 57.33 -10.47
CA ALA C 204 -26.85 57.18 -9.17
C ALA C 204 -26.22 58.49 -8.72
N THR C 205 -26.28 58.73 -7.42
CA THR C 205 -25.89 60.00 -6.84
C THR C 205 -24.57 59.86 -6.10
N PHE C 206 -23.72 60.88 -6.22
CA PHE C 206 -22.41 60.84 -5.60
C PHE C 206 -22.54 60.95 -4.09
N ILE C 207 -21.51 60.49 -3.40
CA ILE C 207 -21.45 60.54 -1.94
C ILE C 207 -20.05 60.95 -1.51
N PRO C 208 -19.86 62.16 -1.01
CA PRO C 208 -18.52 62.62 -0.68
C PRO C 208 -18.03 62.08 0.64
N ARG C 209 -18.95 61.83 1.55
CA ARG C 209 -18.60 61.43 2.90
C ARG C 209 -19.78 60.69 3.51
N ILE C 210 -19.46 59.71 4.35
CA ILE C 210 -20.49 58.90 4.98
C ILE C 210 -19.83 58.03 6.03
N SER C 211 -20.62 57.53 6.96
CA SER C 211 -20.17 56.58 7.95
C SER C 211 -20.64 55.19 7.60
N VAL C 212 -20.14 54.21 8.35
CA VAL C 212 -20.47 52.82 8.10
C VAL C 212 -21.94 52.57 8.41
N ASP C 213 -22.42 53.10 9.54
CA ASP C 213 -23.81 52.89 9.92
C ASP C 213 -24.75 53.44 8.85
N GLU C 214 -24.52 54.67 8.43
CA GLU C 214 -25.32 55.26 7.37
C GLU C 214 -25.20 54.44 6.09
N MET C 215 -24.02 53.91 5.84
CA MET C 215 -23.80 53.12 4.63
C MET C 215 -24.63 51.86 4.63
N LYS C 216 -24.79 51.24 5.80
CA LYS C 216 -25.64 50.06 5.88
C LYS C 216 -27.10 50.44 5.80
N ALA C 217 -27.51 51.48 6.53
CA ALA C 217 -28.89 51.91 6.50
C ALA C 217 -29.37 52.15 5.07
N LYS C 218 -28.50 52.63 4.21
CA LYS C 218 -28.88 52.87 2.82
C LYS C 218 -29.22 51.58 2.10
N GLY C 219 -28.87 50.44 2.68
CA GLY C 219 -29.22 49.16 2.08
C GLY C 219 -28.73 49.04 0.66
N LEU C 220 -27.45 49.30 0.46
CA LEU C 220 -26.87 49.24 -0.88
C LEU C 220 -26.82 47.81 -1.36
N HIS C 221 -27.34 47.59 -2.57
CA HIS C 221 -27.25 46.29 -3.20
C HIS C 221 -25.84 45.99 -3.64
N ASP C 222 -25.15 47.00 -4.17
CA ASP C 222 -23.78 46.88 -4.60
C ASP C 222 -23.01 48.07 -4.07
N SER C 223 -21.75 47.84 -3.75
CA SER C 223 -20.89 48.88 -3.24
C SER C 223 -19.55 48.84 -3.95
N ILE C 224 -18.79 49.91 -3.75
CA ILE C 224 -17.46 49.99 -4.32
C ILE C 224 -16.45 49.31 -3.44
N LEU C 225 -16.84 48.92 -2.25
CA LEU C 225 -15.99 48.16 -1.35
C LEU C 225 -16.71 46.91 -0.89
N GLU C 226 -15.93 45.96 -0.43
CA GLU C 226 -16.47 44.78 0.21
C GLU C 226 -17.05 45.18 1.56
N PHE C 227 -18.30 44.81 1.77
CA PHE C 227 -19.03 45.22 2.95
C PHE C 227 -18.35 44.76 4.23
N PRO C 228 -17.82 43.54 4.27
CA PRO C 228 -17.09 43.11 5.46
C PRO C 228 -16.02 44.07 5.88
N VAL C 229 -15.42 44.78 4.93
CA VAL C 229 -14.45 45.81 5.26
C VAL C 229 -15.08 46.84 6.16
N LEU C 230 -16.38 47.05 6.04
CA LEU C 230 -17.05 48.01 6.89
C LEU C 230 -17.09 47.53 8.33
N ASP C 231 -17.48 46.27 8.53
CA ASP C 231 -17.50 45.72 9.88
C ASP C 231 -16.11 45.73 10.47
N LEU C 232 -15.09 45.55 9.63
CA LEU C 232 -13.72 45.62 10.11
C LEU C 232 -13.36 47.04 10.52
N LEU C 233 -13.78 48.00 9.71
CA LEU C 233 -13.47 49.40 9.97
C LEU C 233 -14.15 49.89 11.24
N GLN C 234 -15.37 49.42 11.47
CA GLN C 234 -16.09 49.77 12.68
C GLN C 234 -15.42 49.21 13.91
N SER C 235 -14.54 48.23 13.72
CA SER C 235 -13.91 47.51 14.80
C SER C 235 -12.42 47.81 14.93
N ALA C 236 -11.89 48.64 14.05
CA ALA C 236 -10.48 48.94 14.08
C ALA C 236 -10.15 49.93 15.19
N GLN C 237 -8.88 50.14 15.38
CA GLN C 237 -8.38 50.97 16.45
C GLN C 237 -7.44 52.06 15.98
N HIS C 238 -6.64 51.79 14.95
CA HIS C 238 -5.68 52.76 14.43
C HIS C 238 -6.30 53.59 13.33
N VAL C 239 -6.68 52.94 12.24
CA VAL C 239 -7.22 53.62 11.09
C VAL C 239 -8.74 53.59 11.20
N ARG C 240 -9.35 54.77 11.25
CA ARG C 240 -10.77 54.91 11.47
C ARG C 240 -11.49 55.46 10.27
N GLU C 241 -10.79 55.71 9.17
CA GLU C 241 -11.43 56.20 7.96
C GLU C 241 -10.59 55.81 6.77
N VAL C 242 -11.25 55.69 5.62
CA VAL C 242 -10.60 55.39 4.37
C VAL C 242 -11.11 56.36 3.31
N GLN C 243 -10.33 56.51 2.26
CA GLN C 243 -10.71 57.37 1.16
C GLN C 243 -10.64 56.62 -0.15
N VAL C 244 -11.69 56.74 -0.94
CA VAL C 244 -11.76 56.15 -2.26
C VAL C 244 -11.64 57.26 -3.27
N VAL C 245 -10.84 57.04 -4.30
CA VAL C 245 -10.58 58.05 -5.30
C VAL C 245 -10.50 57.40 -6.67
N ASN C 246 -10.45 58.25 -7.68
CA ASN C 246 -10.33 57.82 -9.07
C ASN C 246 -8.89 57.98 -9.49
N GLY C 247 -8.26 56.88 -9.90
CA GLY C 247 -6.90 56.91 -10.37
C GLY C 247 -6.76 57.30 -11.82
N LEU C 248 -7.87 57.34 -12.55
CA LEU C 248 -7.83 57.80 -13.92
C LEU C 248 -7.70 59.30 -14.00
N VAL C 249 -8.24 60.01 -13.03
CA VAL C 249 -8.05 61.45 -12.92
C VAL C 249 -6.64 61.72 -12.43
N PRO C 250 -5.84 62.49 -13.16
CA PRO C 250 -4.48 62.76 -12.70
C PRO C 250 -4.49 63.70 -11.50
N GLY C 251 -3.60 63.42 -10.56
CA GLY C 251 -3.42 64.24 -9.39
C GLY C 251 -4.22 63.81 -8.19
N ASN C 252 -5.37 63.19 -8.41
CA ASN C 252 -6.25 62.84 -7.31
C ASN C 252 -5.52 62.07 -6.23
N LEU C 253 -4.70 61.11 -6.63
CA LEU C 253 -3.97 60.32 -5.67
C LEU C 253 -2.98 61.16 -4.87
N THR C 254 -2.25 62.02 -5.56
CA THR C 254 -1.30 62.89 -4.88
C THR C 254 -2.01 63.81 -3.90
N ARG C 255 -3.13 64.38 -4.31
CA ARG C 255 -3.87 65.26 -3.43
C ARG C 255 -4.36 64.50 -2.20
N ALA C 256 -4.80 63.27 -2.39
CA ALA C 256 -5.29 62.47 -1.28
C ALA C 256 -4.17 62.16 -0.31
N LEU C 257 -3.02 61.77 -0.81
CA LEU C 257 -1.89 61.49 0.06
C LEU C 257 -1.57 62.67 0.94
N ALA C 258 -1.84 63.87 0.47
CA ALA C 258 -1.68 65.08 1.24
C ALA C 258 -2.83 65.32 2.20
N GLY C 259 -3.73 64.36 2.34
CA GLY C 259 -4.85 64.50 3.23
C GLY C 259 -6.06 65.17 2.62
N GLU C 260 -5.93 65.71 1.41
CA GLU C 260 -7.03 66.42 0.79
C GLU C 260 -8.19 65.47 0.54
N HIS C 261 -9.40 66.05 0.54
CA HIS C 261 -10.62 65.31 0.30
C HIS C 261 -11.03 65.53 -1.14
N VAL C 262 -10.73 64.55 -1.99
CA VAL C 262 -11.02 64.65 -3.41
C VAL C 262 -12.07 63.64 -3.84
N GLY C 263 -12.16 62.50 -3.18
CA GLY C 263 -13.14 61.51 -3.54
C GLY C 263 -14.15 61.30 -2.44
N THR C 264 -14.34 60.06 -2.04
CA THR C 264 -15.29 59.71 -1.01
C THR C 264 -14.54 59.30 0.24
N ILE C 265 -15.05 59.69 1.40
CA ILE C 265 -14.45 59.35 2.67
C ILE C 265 -15.45 58.55 3.48
N ILE C 266 -14.98 57.43 4.00
CA ILE C 266 -15.81 56.53 4.78
C ILE C 266 -15.24 56.45 6.17
N THR C 267 -16.06 56.76 7.15
CA THR C 267 -15.66 56.86 8.54
C THR C 267 -16.37 55.80 9.36
N ALA C 268 -15.64 55.20 10.29
CA ALA C 268 -16.25 54.20 11.16
C ALA C 268 -17.35 54.83 12.00
N SER C 269 -17.13 56.05 12.46
CA SER C 269 -18.06 56.71 13.35
C SER C 269 -18.47 58.06 12.80
N THR D 4 -11.23 53.83 -25.21
CA THR D 4 -9.85 54.27 -25.15
C THR D 4 -9.11 53.60 -24.02
N ASN D 5 -9.58 53.84 -22.80
CA ASN D 5 -9.05 53.21 -21.60
C ASN D 5 -10.03 52.19 -21.05
N SER D 6 -10.88 51.68 -21.92
CA SER D 6 -11.88 50.72 -21.47
C SER D 6 -11.21 49.49 -20.89
N ILE D 7 -11.99 48.76 -20.10
CA ILE D 7 -11.46 47.59 -19.42
C ILE D 7 -11.41 46.41 -20.38
N LYS D 8 -10.32 45.67 -20.30
CA LYS D 8 -10.18 44.42 -21.03
C LYS D 8 -10.75 43.30 -20.16
N HIS D 9 -11.93 42.84 -20.51
CA HIS D 9 -12.63 41.84 -19.73
C HIS D 9 -12.38 40.44 -20.28
N VAL D 10 -12.39 39.48 -19.38
CA VAL D 10 -12.47 38.07 -19.72
C VAL D 10 -13.91 37.65 -19.63
N ILE D 11 -14.44 37.10 -20.71
CA ILE D 11 -15.85 36.75 -20.76
C ILE D 11 -16.11 35.68 -19.71
N SER D 12 -17.09 35.94 -18.85
CA SER D 12 -17.46 35.01 -17.80
C SER D 12 -18.75 35.47 -17.17
N PRO D 13 -19.45 34.60 -16.46
CA PRO D 13 -20.69 35.01 -15.80
C PRO D 13 -20.50 36.11 -14.79
N LEU D 14 -19.33 36.16 -14.17
CA LEU D 14 -19.05 37.12 -13.12
C LEU D 14 -18.30 38.33 -13.63
N ALA D 15 -18.24 38.50 -14.94
CA ALA D 15 -17.57 39.65 -15.51
C ALA D 15 -18.38 40.91 -15.27
N ARG D 16 -17.65 42.02 -15.11
CA ARG D 16 -18.23 43.33 -14.89
C ARG D 16 -18.97 43.41 -13.57
N GLN D 17 -18.64 42.51 -12.65
CA GLN D 17 -19.23 42.47 -11.34
C GLN D 17 -18.21 42.84 -10.28
N THR D 18 -18.73 43.27 -9.14
CA THR D 18 -17.94 43.56 -7.97
C THR D 18 -17.95 42.44 -6.96
N LEU D 19 -18.83 41.46 -7.16
CA LEU D 19 -19.00 40.34 -6.25
C LEU D 19 -19.61 40.76 -4.93
N GLN D 20 -20.15 41.96 -4.86
CA GLN D 20 -20.84 42.46 -3.68
C GLN D 20 -22.35 42.36 -3.81
N ASP D 21 -22.87 42.38 -5.02
CA ASP D 21 -24.31 42.24 -5.24
C ASP D 21 -24.67 40.78 -5.28
N ARG D 22 -25.36 40.31 -4.24
CA ARG D 22 -25.67 38.90 -4.13
C ARG D 22 -26.64 38.45 -5.22
N ASP D 23 -27.48 39.36 -5.69
CA ASP D 23 -28.45 39.00 -6.71
C ASP D 23 -27.80 38.60 -8.02
N LEU D 24 -26.54 38.96 -8.21
CA LEU D 24 -25.84 38.66 -9.44
C LEU D 24 -24.91 37.48 -9.32
N THR D 25 -24.46 37.19 -8.10
CA THR D 25 -23.60 36.05 -7.87
C THR D 25 -24.36 34.78 -7.53
N ARG D 26 -25.54 34.93 -6.94
CA ARG D 26 -26.32 33.77 -6.56
C ARG D 26 -26.56 32.82 -7.72
N PRO D 27 -26.86 33.29 -8.93
CA PRO D 27 -27.05 32.36 -10.05
C PRO D 27 -25.84 31.53 -10.37
N VAL D 28 -24.69 31.90 -9.83
CA VAL D 28 -23.44 31.24 -10.14
C VAL D 28 -22.81 30.61 -8.91
N ALA D 29 -22.84 31.33 -7.80
CA ALA D 29 -22.15 30.90 -6.59
C ALA D 29 -23.09 30.68 -5.42
N GLY D 30 -24.39 30.73 -5.65
CA GLY D 30 -25.33 30.62 -4.56
C GLY D 30 -25.69 29.22 -4.16
N LYS D 31 -25.03 28.23 -4.72
CA LYS D 31 -25.37 26.84 -4.45
C LYS D 31 -24.42 26.25 -3.42
N ARG D 32 -24.85 25.16 -2.83
CA ARG D 32 -24.10 24.54 -1.76
C ARG D 32 -22.92 23.76 -2.34
N PRO D 33 -21.75 23.90 -1.78
CA PRO D 33 -20.58 23.24 -2.34
C PRO D 33 -20.52 21.76 -2.08
N ILE D 34 -19.39 21.18 -2.45
CA ILE D 34 -19.19 19.77 -2.37
C ILE D 34 -18.17 19.47 -1.27
N ARG D 35 -17.99 18.20 -1.00
CA ARG D 35 -16.99 17.73 -0.06
C ARG D 35 -15.80 17.19 -0.82
N LEU D 36 -14.62 17.71 -0.50
CA LEU D 36 -13.41 17.25 -1.13
C LEU D 36 -12.90 15.96 -0.49
N LEU D 37 -12.88 15.93 0.83
CA LEU D 37 -12.39 14.79 1.59
C LEU D 37 -13.48 14.37 2.56
N PRO D 38 -14.59 13.85 2.04
CA PRO D 38 -15.69 13.44 2.91
C PRO D 38 -15.35 12.29 3.80
N TRP D 39 -14.23 11.63 3.56
CA TRP D 39 -13.82 10.48 4.34
C TRP D 39 -12.82 10.84 5.41
N LEU D 40 -12.73 12.11 5.74
CA LEU D 40 -11.74 12.60 6.66
C LEU D 40 -12.33 12.86 8.03
N GLN D 41 -11.54 12.56 9.05
CA GLN D 41 -11.90 12.82 10.42
C GLN D 41 -10.86 13.76 11.01
N VAL D 42 -11.33 14.82 11.64
CA VAL D 42 -10.47 15.85 12.16
C VAL D 42 -10.54 15.84 13.67
N VAL D 43 -9.38 15.97 14.30
CA VAL D 43 -9.25 15.91 15.74
C VAL D 43 -8.37 17.05 16.18
N LYS D 44 -8.92 17.95 16.96
CA LYS D 44 -8.19 19.08 17.48
C LYS D 44 -7.84 18.81 18.93
N ILE D 45 -6.55 18.64 19.20
CA ILE D 45 -6.04 18.48 20.54
C ILE D 45 -5.79 19.87 21.12
N GLY D 46 -6.27 20.09 22.32
CA GLY D 46 -6.00 21.34 22.98
C GLY D 46 -4.59 21.38 23.54
N GLY D 47 -4.07 22.59 23.63
CA GLY D 47 -2.74 22.77 24.18
C GLY D 47 -2.67 22.58 25.66
N ARG D 48 -3.77 22.83 26.37
CA ARG D 48 -3.79 22.57 27.79
C ARG D 48 -3.60 21.09 28.08
N VAL D 49 -3.89 20.26 27.10
CA VAL D 49 -3.63 18.83 27.22
C VAL D 49 -2.16 18.54 27.07
N MET D 50 -1.57 19.00 25.98
CA MET D 50 -0.18 18.73 25.70
C MET D 50 0.73 19.34 26.76
N ASP D 51 0.28 20.43 27.37
CA ASP D 51 1.06 21.06 28.42
C ASP D 51 1.17 20.19 29.66
N ARG D 52 0.27 19.23 29.81
CA ARG D 52 0.34 18.30 30.92
C ARG D 52 1.51 17.35 30.79
N GLY D 53 1.97 17.12 29.58
CA GLY D 53 3.12 16.30 29.35
C GLY D 53 2.77 14.84 29.13
N ALA D 54 3.75 14.02 29.46
CA ALA D 54 3.62 12.58 29.25
C ALA D 54 2.36 12.05 29.89
N ASP D 55 2.07 12.50 31.11
CA ASP D 55 0.95 11.98 31.88
C ASP D 55 -0.33 11.95 31.06
N ALA D 56 -0.45 12.90 30.13
CA ALA D 56 -1.62 13.00 29.29
C ALA D 56 -1.38 12.61 27.84
N ILE D 57 -0.13 12.66 27.41
CA ILE D 57 0.18 12.44 26.01
C ILE D 57 0.35 10.97 25.71
N LEU D 58 1.06 10.25 26.57
CA LEU D 58 1.32 8.84 26.29
C LEU D 58 0.04 8.05 26.15
N PRO D 59 -0.93 8.18 27.05
CA PRO D 59 -2.20 7.49 26.85
C PRO D 59 -2.89 7.89 25.58
N LEU D 60 -2.92 9.19 25.34
CA LEU D 60 -3.48 9.72 24.11
C LEU D 60 -2.78 9.15 22.90
N VAL D 61 -1.46 9.04 22.98
CA VAL D 61 -0.70 8.50 21.87
C VAL D 61 -1.06 7.05 21.61
N GLU D 62 -1.26 6.27 22.66
CA GLU D 62 -1.63 4.88 22.46
C GLU D 62 -3.03 4.79 21.85
N GLU D 63 -3.94 5.62 22.32
CA GLU D 63 -5.27 5.65 21.74
C GLU D 63 -5.20 5.94 20.25
N LEU D 64 -4.47 6.98 19.88
CA LEU D 64 -4.33 7.31 18.47
C LEU D 64 -3.70 6.16 17.71
N ARG D 65 -2.66 5.57 18.27
CA ARG D 65 -2.02 4.43 17.65
C ARG D 65 -3.04 3.35 17.32
N LYS D 66 -4.03 3.19 18.19
CA LYS D 66 -5.08 2.22 17.95
C LYS D 66 -6.17 2.73 17.03
N LEU D 67 -6.19 4.02 16.75
CA LEU D 67 -7.21 4.58 15.87
C LEU D 67 -6.81 4.62 14.41
N LEU D 68 -5.53 4.69 14.13
CA LEU D 68 -5.08 4.88 12.76
C LEU D 68 -5.70 3.89 11.79
N PRO D 69 -5.69 2.59 12.05
CA PRO D 69 -6.26 1.64 11.10
C PRO D 69 -7.74 1.73 10.94
N GLU D 70 -8.40 2.54 11.76
CA GLU D 70 -9.83 2.69 11.74
C GLU D 70 -10.28 3.91 10.97
N HIS D 71 -9.48 4.96 10.99
CA HIS D 71 -9.84 6.22 10.37
C HIS D 71 -8.66 6.79 9.61
N ARG D 72 -8.97 7.77 8.78
CA ARG D 72 -7.98 8.62 8.15
C ARG D 72 -8.04 9.95 8.88
N LEU D 73 -6.97 10.28 9.58
CA LEU D 73 -7.00 11.30 10.61
C LEU D 73 -6.15 12.50 10.27
N LEU D 74 -6.72 13.67 10.52
CA LEU D 74 -5.98 14.91 10.56
C LEU D 74 -6.01 15.40 11.99
N ILE D 75 -4.87 15.33 12.64
CA ILE D 75 -4.74 15.70 14.05
C ILE D 75 -4.10 17.07 14.14
N LEU D 76 -4.91 18.05 14.47
CA LEU D 76 -4.46 19.41 14.62
C LEU D 76 -4.23 19.69 16.09
N THR D 77 -3.26 20.52 16.39
CA THR D 77 -2.93 20.83 17.76
C THR D 77 -3.17 22.29 18.07
N GLY D 78 -3.26 22.57 19.36
CA GLY D 78 -3.39 23.92 19.85
C GLY D 78 -2.15 24.38 20.58
N ALA D 79 -2.21 25.63 21.01
CA ALA D 79 -1.04 26.30 21.54
C ALA D 79 -0.85 26.02 23.02
N GLY D 80 -1.79 26.46 23.84
CA GLY D 80 -1.69 26.29 25.26
C GLY D 80 -1.21 27.52 25.98
N VAL D 81 -0.33 27.32 26.94
CA VAL D 81 0.06 28.37 27.85
C VAL D 81 1.19 29.24 27.31
N ARG D 82 2.10 28.66 26.54
CA ARG D 82 3.15 29.46 25.94
C ARG D 82 2.60 30.61 25.15
N ALA D 83 1.46 30.39 24.49
CA ALA D 83 0.80 31.47 23.80
C ALA D 83 0.32 32.52 24.76
N ARG D 84 -0.10 32.12 25.95
CA ARG D 84 -0.50 33.09 26.95
C ARG D 84 0.67 33.94 27.37
N HIS D 85 1.84 33.32 27.48
CA HIS D 85 3.03 34.06 27.85
C HIS D 85 3.40 35.06 26.77
N VAL D 86 3.40 34.61 25.53
CA VAL D 86 3.78 35.50 24.45
C VAL D 86 2.76 36.62 24.32
N PHE D 87 1.51 36.35 24.65
CA PHE D 87 0.52 37.41 24.69
C PHE D 87 0.84 38.42 25.78
N SER D 88 1.16 37.92 26.97
CA SER D 88 1.49 38.82 28.07
C SER D 88 2.61 39.77 27.65
N VAL D 89 3.63 39.22 27.03
CA VAL D 89 4.77 40.01 26.61
C VAL D 89 4.35 41.02 25.53
N GLY D 90 3.76 40.52 24.44
CA GLY D 90 3.39 41.40 23.35
C GLY D 90 2.45 42.50 23.77
N LEU D 91 1.66 42.25 24.80
CA LEU D 91 0.77 43.28 25.31
C LEU D 91 1.52 44.26 26.19
N ASP D 92 2.49 43.78 26.96
CA ASP D 92 3.35 44.71 27.67
C ASP D 92 4.04 45.65 26.69
N LEU D 93 4.41 45.12 25.53
CA LEU D 93 5.02 45.91 24.48
C LEU D 93 4.00 46.67 23.65
N GLY D 94 2.72 46.37 23.80
CA GLY D 94 1.71 47.08 23.07
C GLY D 94 1.50 46.61 21.66
N LEU D 95 1.91 45.39 21.37
CA LEU D 95 1.79 44.90 20.02
C LEU D 95 0.33 44.60 19.69
N PRO D 96 -0.04 44.72 18.43
CA PRO D 96 -1.42 44.44 18.03
C PRO D 96 -1.64 42.97 17.77
N VAL D 97 -2.92 42.63 17.70
CA VAL D 97 -3.33 41.23 17.70
C VAL D 97 -2.72 40.51 16.52
N GLY D 98 -2.60 41.20 15.39
CA GLY D 98 -1.99 40.62 14.22
C GLY D 98 -0.54 40.28 14.40
N SER D 99 0.10 40.87 15.39
CA SER D 99 1.49 40.56 15.67
C SER D 99 1.61 39.37 16.58
N LEU D 100 0.57 39.09 17.33
CA LEU D 100 0.58 38.00 18.28
C LEU D 100 0.09 36.70 17.68
N ALA D 101 -0.82 36.78 16.72
CA ALA D 101 -1.37 35.57 16.13
C ALA D 101 -0.30 34.56 15.71
N PRO D 102 0.66 34.91 14.87
CA PRO D 102 1.66 33.94 14.47
C PRO D 102 2.49 33.42 15.61
N LEU D 103 2.75 34.27 16.59
CA LEU D 103 3.57 33.86 17.73
C LEU D 103 2.91 32.73 18.48
N ALA D 104 1.60 32.63 18.41
CA ALA D 104 0.88 31.54 19.04
C ALA D 104 0.72 30.36 18.11
N ALA D 105 0.44 30.63 16.84
CA ALA D 105 0.40 29.57 15.86
C ALA D 105 1.64 28.71 15.95
N SER D 106 2.74 29.33 16.31
CA SER D 106 4.01 28.63 16.38
CA SER D 106 4.01 28.64 16.38
C SER D 106 4.04 27.64 17.53
N GLU D 107 3.53 28.04 18.68
CA GLU D 107 3.47 27.12 19.80
C GLU D 107 2.59 25.94 19.46
N ALA D 108 1.51 26.20 18.73
CA ALA D 108 0.71 25.11 18.23
C ALA D 108 1.52 24.16 17.37
N GLY D 109 2.28 24.71 16.44
CA GLY D 109 3.07 23.88 15.56
C GLY D 109 4.10 23.07 16.29
N GLN D 110 4.63 23.62 17.38
CA GLN D 110 5.63 22.89 18.14
C GLN D 110 5.00 21.73 18.88
N ASN D 111 3.84 21.95 19.46
CA ASN D 111 3.10 20.85 20.05
C ASN D 111 2.86 19.75 19.03
N GLY D 112 2.52 20.16 17.81
CA GLY D 112 2.31 19.19 16.76
C GLY D 112 3.55 18.41 16.41
N HIS D 113 4.69 19.09 16.33
CA HIS D 113 5.94 18.41 16.05
C HIS D 113 6.23 17.39 17.13
N ILE D 114 5.95 17.74 18.37
CA ILE D 114 6.14 16.82 19.48
C ILE D 114 5.32 15.56 19.26
N LEU D 115 4.02 15.75 19.09
CA LEU D 115 3.12 14.62 18.92
C LEU D 115 3.55 13.74 17.77
N ALA D 116 3.93 14.36 16.65
CA ALA D 116 4.34 13.59 15.50
C ALA D 116 5.62 12.83 15.77
N ALA D 117 6.51 13.39 16.59
CA ALA D 117 7.69 12.66 16.97
C ALA D 117 7.31 11.42 17.77
N MET D 118 6.31 11.56 18.62
CA MET D 118 5.90 10.42 19.43
C MET D 118 5.23 9.36 18.58
N LEU D 119 4.64 9.75 17.47
CA LEU D 119 3.90 8.83 16.62
C LEU D 119 4.63 8.40 15.37
N ALA D 120 5.84 8.89 15.15
CA ALA D 120 6.54 8.61 13.91
C ALA D 120 6.66 7.12 13.64
N SER D 121 6.91 6.34 14.68
CA SER D 121 7.06 4.90 14.50
C SER D 121 5.89 4.29 13.74
N GLU D 122 4.76 4.98 13.69
CA GLU D 122 3.56 4.47 13.06
C GLU D 122 3.30 5.08 11.69
N GLY D 123 4.20 5.93 11.22
CA GLY D 123 4.04 6.55 9.93
C GLY D 123 3.42 7.91 9.95
N VAL D 124 3.46 8.58 11.06
CA VAL D 124 2.83 9.87 11.22
C VAL D 124 3.88 10.95 11.19
N SER D 125 3.50 12.10 10.66
CA SER D 125 4.41 13.21 10.55
C SER D 125 3.63 14.51 10.48
N TYR D 126 4.36 15.60 10.61
CA TYR D 126 3.80 16.93 10.66
C TYR D 126 3.86 17.61 9.31
N VAL D 127 2.68 17.98 8.91
CA VAL D 127 2.63 18.58 7.57
C VAL D 127 2.47 20.03 7.83
N GLU D 128 3.10 20.88 7.03
CA GLU D 128 2.82 22.29 7.32
C GLU D 128 1.43 22.54 6.68
N HIS D 129 1.10 23.78 7.00
CA HIS D 129 -0.13 24.50 6.62
C HIS D 129 -0.31 24.42 5.14
N PRO D 130 0.68 24.81 4.08
CA PRO D 130 0.59 24.74 2.64
C PRO D 130 0.28 23.34 2.11
N THR D 131 0.87 22.33 2.72
CA THR D 131 0.72 20.93 2.35
C THR D 131 -0.65 20.43 2.72
N VAL D 132 -1.15 20.87 3.87
CA VAL D 132 -2.52 20.56 4.26
C VAL D 132 -3.49 21.07 3.23
N ALA D 133 -3.30 22.31 2.80
CA ALA D 133 -4.25 22.92 1.89
C ALA D 133 -4.27 22.21 0.55
N ASP D 134 -3.11 21.77 0.06
CA ASP D 134 -2.99 21.29 -1.29
C ASP D 134 -2.65 19.81 -1.41
N GLN D 135 -1.59 19.35 -0.74
CA GLN D 135 -1.08 18.01 -0.93
C GLN D 135 -1.49 17.07 0.18
N LEU D 136 -2.72 17.22 0.67
CA LEU D 136 -3.16 16.41 1.81
C LEU D 136 -3.62 15.04 1.39
N ALA D 137 -4.45 14.96 0.36
CA ALA D 137 -5.02 13.69 -0.03
C ALA D 137 -3.92 12.67 -0.27
N ILE D 138 -2.81 13.11 -0.83
CA ILE D 138 -1.71 12.20 -1.10
C ILE D 138 -0.97 11.86 0.16
N HIS D 139 -0.74 12.83 1.03
CA HIS D 139 -0.07 12.57 2.29
C HIS D 139 -0.89 11.62 3.14
N LEU D 140 -2.17 11.47 2.83
CA LEU D 140 -3.03 10.53 3.52
C LEU D 140 -3.26 9.25 2.76
N SER D 141 -2.99 9.23 1.46
CA SER D 141 -2.94 7.98 0.74
C SER D 141 -1.68 7.22 1.06
N ALA D 142 -0.62 7.93 1.44
CA ALA D 142 0.61 7.27 1.84
C ALA D 142 0.45 6.63 3.20
N THR D 143 0.12 7.43 4.19
CA THR D 143 -0.05 6.98 5.55
C THR D 143 -1.48 7.20 5.98
N ARG D 144 -1.72 7.01 7.26
CA ARG D 144 -3.05 7.02 7.81
CA ARG D 144 -3.04 7.00 7.86
C ARG D 144 -3.41 8.31 8.51
N ALA D 145 -2.50 8.90 9.27
CA ALA D 145 -2.76 10.12 9.98
C ALA D 145 -1.65 11.10 9.70
N VAL D 146 -2.00 12.38 9.77
CA VAL D 146 -1.00 13.43 9.72
C VAL D 146 -1.34 14.44 10.78
N VAL D 147 -0.33 15.06 11.31
CA VAL D 147 -0.48 16.07 12.33
C VAL D 147 -0.27 17.43 11.72
N GLY D 148 -0.87 18.43 12.34
CA GLY D 148 -0.81 19.77 11.84
C GLY D 148 -1.12 20.77 12.93
N SER D 149 -1.00 22.03 12.56
CA SER D 149 -1.37 23.11 13.44
C SER D 149 -2.80 23.49 13.18
N ALA D 150 -3.49 23.85 14.26
CA ALA D 150 -4.86 24.27 14.15
C ALA D 150 -5.01 25.75 13.96
N PHE D 151 -4.06 26.56 14.39
CA PHE D 151 -4.26 27.98 14.20
C PHE D 151 -4.25 28.30 12.72
N PRO D 152 -5.20 29.09 12.26
CA PRO D 152 -5.25 29.43 10.89
C PRO D 152 -4.26 30.53 10.56
N PRO D 153 -3.86 30.61 9.34
CA PRO D 153 -2.89 31.62 8.95
C PRO D 153 -3.52 32.97 8.74
N TYR D 154 -4.16 33.51 9.76
CA TYR D 154 -4.55 34.91 9.75
C TYR D 154 -3.47 35.76 10.38
N HIS D 155 -2.26 35.35 10.24
CA HIS D 155 -1.21 35.89 11.10
C HIS D 155 -1.09 37.42 11.20
N HIS D 156 -0.65 38.18 10.22
CA HIS D 156 -0.64 39.65 10.42
C HIS D 156 -1.97 40.22 9.94
N HIS D 157 -2.83 39.42 9.36
CA HIS D 157 -4.13 39.85 8.84
C HIS D 157 -5.22 39.43 9.79
N GLU D 158 -5.00 39.29 11.10
CA GLU D 158 -6.09 38.91 11.96
C GLU D 158 -7.10 40.04 12.12
N PHE D 159 -8.32 39.67 12.46
CA PHE D 159 -9.37 40.65 12.59
C PHE D 159 -9.16 41.50 13.83
N PRO D 160 -9.45 42.78 13.77
CA PRO D 160 -9.30 43.65 14.91
C PRO D 160 -10.55 43.64 15.79
N GLY D 161 -10.51 44.49 16.81
CA GLY D 161 -11.60 44.60 17.75
C GLY D 161 -11.16 44.18 19.13
N SER D 162 -10.34 43.15 19.16
CA SER D 162 -9.80 42.62 20.39
C SER D 162 -8.28 42.56 20.30
N ARG D 163 -7.63 42.77 21.43
CA ARG D 163 -6.20 42.59 21.49
C ARG D 163 -5.80 41.13 21.54
N ILE D 164 -6.78 40.24 21.55
CA ILE D 164 -6.54 38.80 21.57
C ILE D 164 -7.02 38.22 20.26
N PRO D 165 -6.16 37.44 19.40
CA PRO D 165 -6.29 36.65 17.92
C PRO D 165 -7.66 35.99 18.15
N PRO D 166 -8.79 36.50 17.63
CA PRO D 166 -10.07 35.86 17.86
C PRO D 166 -10.16 34.47 17.22
N HIS D 167 -9.42 34.26 16.14
CA HIS D 167 -9.35 33.07 15.32
C HIS D 167 -8.19 32.22 15.80
N ARG D 168 -8.52 31.26 16.66
CA ARG D 168 -7.48 30.37 17.24
C ARG D 168 -7.64 28.96 16.69
N ALA D 169 -7.16 27.96 17.39
CA ALA D 169 -7.10 26.59 16.94
C ALA D 169 -8.46 26.02 16.59
N ASP D 170 -9.40 26.11 17.51
CA ASP D 170 -10.73 25.54 17.28
C ASP D 170 -11.31 26.06 15.97
N THR D 171 -11.22 27.36 15.78
CA THR D 171 -11.77 27.99 14.59
C THR D 171 -11.12 27.46 13.34
N GLY D 172 -9.80 27.34 13.34
CA GLY D 172 -9.11 26.87 12.15
C GLY D 172 -9.44 25.44 11.83
N ALA D 173 -9.51 24.61 12.86
CA ALA D 173 -9.89 23.23 12.66
C ALA D 173 -11.26 23.13 12.04
N PHE D 174 -12.21 23.89 12.55
CA PHE D 174 -13.55 23.83 12.00
C PHE D 174 -13.57 24.33 10.57
N LEU D 175 -12.86 25.41 10.28
CA LEU D 175 -12.88 25.95 8.95
C LEU D 175 -12.31 24.95 7.95
N LEU D 176 -11.21 24.32 8.30
CA LEU D 176 -10.68 23.26 7.47
C LEU D 176 -11.72 22.19 7.23
N ALA D 177 -12.22 21.60 8.32
CA ALA D 177 -13.14 20.49 8.20
C ALA D 177 -14.33 20.83 7.34
N ASP D 178 -14.91 22.01 7.53
CA ASP D 178 -16.07 22.38 6.75
C ASP D 178 -15.72 22.66 5.30
N ALA D 179 -14.50 23.10 5.04
CA ALA D 179 -14.07 23.26 3.67
C ALA D 179 -13.88 21.93 2.98
N PHE D 180 -13.10 21.05 3.59
CA PHE D 180 -12.92 19.71 3.08
C PHE D 180 -14.19 18.90 3.10
N GLY D 181 -15.23 19.35 3.77
CA GLY D 181 -16.44 18.57 3.86
C GLY D 181 -16.22 17.31 4.65
N ALA D 182 -15.38 17.40 5.67
CA ALA D 182 -14.97 16.21 6.38
C ALA D 182 -16.14 15.54 7.06
N ALA D 183 -15.89 14.33 7.52
CA ALA D 183 -16.93 13.52 8.10
C ALA D 183 -17.28 13.98 9.50
N GLY D 184 -16.29 14.48 10.23
CA GLY D 184 -16.52 14.87 11.58
C GLY D 184 -15.35 15.66 12.12
N LEU D 185 -15.67 16.53 13.06
CA LEU D 185 -14.70 17.28 13.82
C LEU D 185 -14.89 16.95 15.28
N THR D 186 -13.78 16.69 15.97
CA THR D 186 -13.80 16.30 17.36
C THR D 186 -12.78 17.13 18.10
N ILE D 187 -13.16 17.67 19.24
CA ILE D 187 -12.32 18.57 20.00
C ILE D 187 -12.00 17.94 21.33
N VAL D 188 -10.72 17.73 21.58
CA VAL D 188 -10.22 17.15 22.81
C VAL D 188 -9.79 18.27 23.74
N GLU D 189 -10.30 18.24 24.94
CA GLU D 189 -9.99 19.21 25.96
C GLU D 189 -9.58 18.49 27.24
N ASN D 190 -9.32 19.29 28.26
CA ASN D 190 -8.96 18.81 29.58
C ASN D 190 -10.15 18.74 30.52
N VAL D 191 -11.36 18.87 29.99
CA VAL D 191 -12.57 18.82 30.79
C VAL D 191 -13.60 17.97 30.06
N ASP D 192 -14.56 17.46 30.82
CA ASP D 192 -15.53 16.54 30.27
C ASP D 192 -16.27 17.13 29.09
N GLY D 193 -16.36 18.45 29.03
CA GLY D 193 -17.04 19.11 27.96
C GLY D 193 -17.26 20.57 28.25
N ILE D 194 -18.43 21.06 27.90
CA ILE D 194 -18.81 22.44 28.13
C ILE D 194 -19.73 22.51 29.33
N TYR D 195 -19.58 23.57 30.11
CA TYR D 195 -20.42 23.82 31.26
C TYR D 195 -21.06 25.19 31.14
N THR D 196 -21.79 25.55 32.19
CA THR D 196 -22.35 26.89 32.30
C THR D 196 -21.32 27.88 32.78
N ALA D 197 -20.18 27.40 33.28
CA ALA D 197 -19.17 28.27 33.83
C ALA D 197 -17.90 27.47 34.01
N ASP D 198 -16.80 28.17 34.13
CA ASP D 198 -15.51 27.53 34.28
C ASP D 198 -15.48 26.71 35.56
N PRO D 199 -15.45 25.38 35.45
CA PRO D 199 -15.37 24.55 36.65
C PRO D 199 -14.03 24.63 37.34
N ASN D 200 -13.00 25.09 36.66
CA ASN D 200 -11.71 25.34 37.27
C ASN D 200 -11.58 26.78 37.72
N GLY D 201 -12.69 27.48 37.88
CA GLY D 201 -12.69 28.87 38.23
C GLY D 201 -13.39 29.17 39.53
N PRO D 202 -13.75 30.44 39.72
CA PRO D 202 -14.44 30.82 40.95
C PRO D 202 -15.79 30.16 41.11
N ASP D 203 -16.63 30.24 40.08
CA ASP D 203 -17.96 29.64 40.12
C ASP D 203 -17.91 28.19 39.68
N ARG D 204 -17.02 27.43 40.29
CA ARG D 204 -16.90 26.02 40.00
C ARG D 204 -18.06 25.23 40.56
N GLY D 205 -18.76 25.75 41.55
CA GLY D 205 -19.87 25.03 42.13
C GLY D 205 -21.15 25.17 41.36
N GLN D 206 -21.34 26.29 40.68
CA GLN D 206 -22.53 26.53 39.89
C GLN D 206 -22.41 25.98 38.48
N ALA D 207 -21.24 25.47 38.12
CA ALA D 207 -21.02 24.96 36.77
C ALA D 207 -21.77 23.65 36.58
N ARG D 208 -22.58 23.60 35.55
N ARG D 208 -22.62 23.61 35.58
CA ARG D 208 -23.38 22.43 35.23
CA ARG D 208 -23.37 22.41 35.23
C ARG D 208 -23.04 21.96 33.82
C ARG D 208 -22.99 21.96 33.83
N PHE D 209 -22.83 20.66 33.68
CA PHE D 209 -22.47 20.10 32.39
C PHE D 209 -23.60 20.27 31.39
N LEU D 210 -23.22 20.59 30.16
CA LEU D 210 -24.16 20.69 29.06
C LEU D 210 -23.91 19.56 28.08
N PRO D 211 -24.71 18.50 28.09
CA PRO D 211 -24.43 17.38 27.21
C PRO D 211 -24.63 17.72 25.76
N GLU D 212 -25.47 18.69 25.48
CA GLU D 212 -25.82 19.03 24.12
C GLU D 212 -26.32 20.46 24.08
N THR D 213 -26.06 21.12 22.97
CA THR D 213 -26.50 22.49 22.80
C THR D 213 -26.25 22.90 21.36
N SER D 214 -26.59 24.14 21.08
CA SER D 214 -26.41 24.72 19.77
C SER D 214 -25.41 25.86 19.83
N ALA D 215 -24.87 26.19 18.67
CA ALA D 215 -23.94 27.29 18.59
C ALA D 215 -24.58 28.61 18.98
N THR D 216 -25.87 28.75 18.71
CA THR D 216 -26.57 29.99 19.01
C THR D 216 -26.73 30.19 20.51
N ASP D 217 -27.26 29.18 21.19
CA ASP D 217 -27.48 29.29 22.62
C ASP D 217 -26.21 29.73 23.33
N LEU D 218 -25.06 29.36 22.78
CA LEU D 218 -23.80 29.76 23.38
C LEU D 218 -23.40 31.16 22.94
N ALA D 219 -23.52 31.43 21.64
CA ALA D 219 -23.06 32.71 21.11
C ALA D 219 -23.86 33.86 21.71
N LYS D 220 -25.07 33.59 22.16
CA LYS D 220 -25.86 34.59 22.84
C LYS D 220 -25.49 34.71 24.30
N SER D 221 -24.84 33.71 24.85
CA SER D 221 -24.33 33.79 26.20
C SER D 221 -23.19 34.80 26.26
N GLU D 222 -22.64 34.97 27.44
CA GLU D 222 -21.57 35.93 27.66
C GLU D 222 -20.40 35.37 28.44
N GLY D 223 -20.60 34.29 29.17
CA GLY D 223 -19.55 33.72 29.96
C GLY D 223 -18.46 33.12 29.11
N PRO D 224 -17.47 32.55 29.78
CA PRO D 224 -16.34 31.96 29.07
C PRO D 224 -16.71 30.64 28.44
N LEU D 225 -15.73 30.09 27.72
CA LEU D 225 -15.89 28.82 27.05
C LEU D 225 -14.53 28.20 26.83
N PRO D 226 -14.48 26.88 26.69
CA PRO D 226 -13.24 26.21 26.29
C PRO D 226 -12.94 26.33 24.82
N VAL D 227 -13.83 26.98 24.08
CA VAL D 227 -13.68 27.14 22.64
C VAL D 227 -13.93 28.59 22.29
N ASP D 228 -13.36 28.98 21.16
CA ASP D 228 -13.48 30.33 20.69
C ASP D 228 -14.94 30.65 20.38
N ARG D 229 -15.24 31.95 20.35
CA ARG D 229 -16.55 32.41 19.94
C ARG D 229 -16.65 32.60 18.44
N ALA D 230 -15.54 32.96 17.81
CA ALA D 230 -15.46 32.96 16.37
C ALA D 230 -15.83 31.60 15.81
N LEU D 231 -15.57 30.54 16.57
CA LEU D 231 -16.01 29.22 16.17
C LEU D 231 -17.50 29.17 16.00
N LEU D 232 -18.23 29.80 16.92
CA LEU D 232 -19.67 29.83 16.84
C LEU D 232 -20.12 30.68 15.67
N ASP D 233 -19.46 31.82 15.48
CA ASP D 233 -19.79 32.68 14.38
C ASP D 233 -19.64 31.97 13.04
N VAL D 234 -18.62 31.13 12.91
CA VAL D 234 -18.45 30.40 11.66
C VAL D 234 -19.37 29.20 11.56
N MET D 235 -19.62 28.50 12.67
CA MET D 235 -20.66 27.50 12.69
C MET D 235 -21.95 28.01 12.09
N ALA D 236 -22.32 29.23 12.45
CA ALA D 236 -23.54 29.80 11.91
C ALA D 236 -23.54 29.78 10.38
N THR D 237 -22.36 29.77 9.77
CA THR D 237 -22.24 29.83 8.32
C THR D 237 -21.66 28.55 7.75
N ALA D 238 -21.80 27.45 8.47
CA ALA D 238 -21.27 26.20 8.01
C ALA D 238 -22.10 25.65 6.86
N ARG D 239 -21.52 24.67 6.18
CA ARG D 239 -22.12 24.08 5.00
C ARG D 239 -22.30 22.58 5.10
N HIS D 240 -21.38 21.90 5.76
CA HIS D 240 -21.38 20.44 5.83
C HIS D 240 -21.46 19.92 7.25
N ILE D 241 -20.64 20.44 8.15
CA ILE D 241 -20.57 19.90 9.49
C ILE D 241 -21.84 20.24 10.25
N GLU D 242 -22.47 19.22 10.80
CA GLU D 242 -23.73 19.38 11.50
C GLU D 242 -23.55 19.39 13.01
N ARG D 243 -22.55 18.69 13.51
CA ARG D 243 -22.34 18.62 14.95
C ARG D 243 -20.86 18.47 15.24
N VAL D 244 -20.47 18.97 16.40
CA VAL D 244 -19.11 18.91 16.89
C VAL D 244 -19.15 18.40 18.31
N GLN D 245 -18.31 17.43 18.61
CA GLN D 245 -18.26 16.86 19.95
C GLN D 245 -16.99 17.28 20.66
N VAL D 246 -17.18 17.80 21.86
CA VAL D 246 -16.11 18.16 22.77
C VAL D 246 -16.00 17.07 23.81
N VAL D 247 -14.81 16.51 23.95
CA VAL D 247 -14.59 15.41 24.86
C VAL D 247 -13.36 15.69 25.69
N ASN D 248 -13.15 14.84 26.69
CA ASN D 248 -11.98 14.89 27.53
C ASN D 248 -10.99 13.83 27.08
N GLY D 249 -9.77 14.25 26.81
CA GLY D 249 -8.72 13.33 26.42
C GLY D 249 -7.93 12.74 27.55
N LEU D 250 -8.07 13.31 28.74
CA LEU D 250 -7.48 12.70 29.93
C LEU D 250 -8.17 11.41 30.29
N VAL D 251 -9.37 11.19 29.79
CA VAL D 251 -10.14 9.99 30.06
C VAL D 251 -10.00 9.06 28.86
N PRO D 252 -9.48 7.85 29.02
CA PRO D 252 -9.28 6.98 27.87
C PRO D 252 -10.59 6.46 27.31
N GLY D 253 -10.60 6.28 25.99
CA GLY D 253 -11.71 5.68 25.32
C GLY D 253 -12.74 6.65 24.81
N ARG D 254 -12.75 7.87 25.32
CA ARG D 254 -13.77 8.83 24.93
C ARG D 254 -13.52 9.35 23.54
N LEU D 255 -12.27 9.57 23.19
CA LEU D 255 -11.93 9.99 21.84
C LEU D 255 -12.30 8.92 20.84
N THR D 256 -11.87 7.69 21.11
CA THR D 256 -12.18 6.57 20.25
C THR D 256 -13.67 6.48 20.00
N ALA D 257 -14.46 6.64 21.06
CA ALA D 257 -15.91 6.57 20.93
C ALA D 257 -16.44 7.72 20.11
N ALA D 258 -15.95 8.92 20.38
CA ALA D 258 -16.45 10.10 19.68
C ALA D 258 -16.24 9.97 18.19
N LEU D 259 -15.11 9.41 17.79
CA LEU D 259 -14.88 9.19 16.38
C LEU D 259 -15.89 8.22 15.79
N ARG D 260 -16.52 7.43 16.63
CA ARG D 260 -17.57 6.52 16.22
C ARG D 260 -18.94 7.09 16.42
N GLY D 261 -19.04 8.34 16.84
CA GLY D 261 -20.30 9.02 16.95
C GLY D 261 -20.99 8.90 18.28
N GLU D 262 -20.33 8.36 19.28
CA GLU D 262 -20.95 8.22 20.58
C GLU D 262 -20.96 9.55 21.31
N HIS D 263 -21.95 9.70 22.18
CA HIS D 263 -22.17 10.93 22.93
C HIS D 263 -21.49 10.77 24.28
N VAL D 264 -20.20 11.10 24.32
CA VAL D 264 -19.41 10.99 25.53
C VAL D 264 -19.08 12.33 26.13
N GLY D 265 -19.31 13.42 25.41
CA GLY D 265 -19.10 14.73 25.94
C GLY D 265 -20.19 15.68 25.57
N THR D 266 -19.82 16.82 25.03
CA THR D 266 -20.76 17.85 24.68
C THR D 266 -20.95 17.88 23.17
N LEU D 267 -22.19 17.97 22.75
CA LEU D 267 -22.54 18.03 21.34
C LEU D 267 -23.02 19.42 21.00
N ILE D 268 -22.44 20.00 19.96
CA ILE D 268 -22.78 21.32 19.50
C ILE D 268 -23.33 21.20 18.11
N ARG D 269 -24.60 21.53 17.94
CA ARG D 269 -25.23 21.52 16.64
C ARG D 269 -24.98 22.84 15.95
N THR D 270 -24.66 22.78 14.68
CA THR D 270 -24.40 23.96 13.89
C THR D 270 -25.70 24.42 13.23
N GLY D 271 -25.59 25.42 12.38
CA GLY D 271 -26.73 25.93 11.67
C GLY D 271 -27.13 25.11 10.47
N VAL D 272 -26.47 23.97 10.28
CA VAL D 272 -26.76 23.14 9.12
C VAL D 272 -28.05 22.38 9.34
N ARG D 273 -28.84 22.30 8.31
CA ARG D 273 -30.04 21.49 8.33
C ARG D 273 -29.77 20.19 7.59
N PRO D 274 -29.97 19.05 8.22
CA PRO D 274 -29.74 17.77 7.52
C PRO D 274 -30.72 17.60 6.38
N ALA D 275 -30.60 16.45 5.72
CA ALA D 275 -31.49 16.10 4.62
C ALA D 275 -32.82 15.58 5.12
N SER E 3 -4.71 50.13 -32.19
CA SER E 3 -4.82 48.90 -32.97
C SER E 3 -4.79 47.68 -32.07
N THR E 4 -5.00 47.90 -30.76
CA THR E 4 -4.97 46.80 -29.82
C THR E 4 -6.28 46.03 -29.79
N ALA E 5 -7.34 46.58 -30.39
CA ALA E 5 -8.61 45.86 -30.43
C ALA E 5 -8.48 44.57 -31.22
N GLU E 6 -7.86 44.62 -32.39
CA GLU E 6 -7.64 43.43 -33.18
C GLU E 6 -6.75 42.46 -32.42
N LEU E 7 -5.74 42.98 -31.75
CA LEU E 7 -4.86 42.14 -30.95
C LEU E 7 -5.64 41.36 -29.91
N GLU E 8 -6.49 42.05 -29.16
CA GLU E 8 -7.27 41.38 -28.12
C GLU E 8 -8.23 40.37 -28.72
N GLU E 9 -8.90 40.76 -29.81
CA GLU E 9 -9.81 39.85 -30.47
C GLU E 9 -9.11 38.57 -30.85
N LEU E 10 -7.95 38.68 -31.47
CA LEU E 10 -7.21 37.51 -31.88
C LEU E 10 -6.75 36.70 -30.68
N LEU E 11 -6.24 37.38 -29.67
CA LEU E 11 -5.76 36.68 -28.48
C LEU E 11 -6.84 35.82 -27.88
N MET E 12 -8.07 36.34 -27.87
CA MET E 12 -9.16 35.60 -27.26
C MET E 12 -9.70 34.52 -28.17
N GLN E 13 -9.55 34.69 -29.49
CA GLN E 13 -10.11 33.74 -30.44
CA GLN E 13 -10.10 33.75 -30.44
C GLN E 13 -9.06 32.77 -30.99
N ARG E 14 -8.04 33.30 -31.64
CA ARG E 14 -7.12 32.44 -32.35
C ARG E 14 -6.18 31.75 -31.39
N SER E 15 -5.36 30.87 -31.95
CA SER E 15 -4.29 30.24 -31.21
C SER E 15 -3.02 31.05 -31.35
N LEU E 16 -2.18 30.96 -30.33
CA LEU E 16 -0.96 31.73 -30.29
C LEU E 16 -0.01 31.37 -31.41
N THR E 17 -0.28 30.29 -32.12
CA THR E 17 0.44 29.96 -33.34
C THR E 17 -0.09 30.70 -34.54
N ASP E 18 -1.18 31.42 -34.38
CA ASP E 18 -1.73 32.16 -35.48
C ASP E 18 -0.76 33.27 -35.87
N PRO E 19 -0.29 33.29 -37.11
CA PRO E 19 0.70 34.30 -37.49
CA PRO E 19 0.70 34.30 -37.49
C PRO E 19 0.15 35.71 -37.46
N GLN E 20 -1.11 35.91 -37.83
CA GLN E 20 -1.69 37.23 -37.72
C GLN E 20 -1.50 37.75 -36.31
N LEU E 21 -1.64 36.87 -35.34
CA LEU E 21 -1.49 37.22 -33.93
C LEU E 21 -0.05 37.55 -33.60
N GLN E 22 0.89 36.74 -34.07
CA GLN E 22 2.29 36.99 -33.80
C GLN E 22 2.72 38.32 -34.39
N ALA E 23 2.21 38.64 -35.57
CA ALA E 23 2.54 39.89 -36.22
C ALA E 23 1.94 41.06 -35.47
N ALA E 24 0.72 40.91 -34.98
CA ALA E 24 0.12 41.94 -34.16
C ALA E 24 0.92 42.17 -32.90
N ALA E 25 1.40 41.09 -32.29
CA ALA E 25 2.14 41.21 -31.05
C ALA E 25 3.49 41.86 -31.27
N ALA E 26 4.17 41.51 -32.35
CA ALA E 26 5.45 42.13 -32.66
C ALA E 26 5.30 43.63 -32.82
N ALA E 27 4.12 44.08 -33.22
CA ALA E 27 3.86 45.49 -33.40
C ALA E 27 3.59 46.21 -32.09
N ALA E 28 3.78 45.53 -30.98
CA ALA E 28 3.51 46.11 -29.69
C ALA E 28 4.73 46.89 -29.21
N ALA E 29 4.59 47.45 -28.01
CA ALA E 29 5.64 48.29 -27.46
C ALA E 29 6.76 47.42 -26.89
N ASP E 30 7.83 48.10 -26.49
CA ASP E 30 8.95 47.45 -25.84
C ASP E 30 9.33 48.26 -24.62
N PHE E 31 9.44 47.57 -23.48
CA PHE E 31 9.70 48.23 -22.22
C PHE E 31 10.99 47.67 -21.66
N ARG E 32 11.93 48.55 -21.36
CA ARG E 32 13.20 48.16 -20.79
C ARG E 32 13.14 48.34 -19.29
N ILE E 33 13.47 47.28 -18.56
CA ILE E 33 13.27 47.25 -17.12
C ILE E 33 14.49 47.75 -16.39
N LEU E 34 15.67 47.46 -16.90
CA LEU E 34 16.93 47.91 -16.32
C LEU E 34 17.80 48.38 -17.46
N PRO E 35 17.38 49.45 -18.14
CA PRO E 35 18.13 49.91 -19.30
C PRO E 35 19.50 50.44 -18.95
N ASP E 36 19.70 50.86 -17.71
CA ASP E 36 20.97 51.41 -17.28
C ASP E 36 21.89 50.35 -16.71
N ALA E 37 21.47 49.10 -16.72
CA ALA E 37 22.22 48.04 -16.09
C ALA E 37 23.11 47.32 -17.08
N THR E 38 24.18 46.76 -16.54
CA THR E 38 25.16 46.04 -17.32
C THR E 38 25.32 44.65 -16.73
N VAL E 39 25.31 43.65 -17.60
CA VAL E 39 25.42 42.26 -17.19
C VAL E 39 26.79 41.75 -17.57
N ILE E 40 27.43 41.07 -16.66
CA ILE E 40 28.73 40.46 -16.90
C ILE E 40 28.69 39.03 -16.37
N LYS E 41 29.48 38.17 -16.98
CA LYS E 41 29.55 36.77 -16.61
C LYS E 41 30.97 36.42 -16.24
N ILE E 42 31.16 36.00 -15.01
CA ILE E 42 32.47 35.58 -14.53
C ILE E 42 32.61 34.09 -14.74
N GLY E 43 33.47 33.71 -15.67
CA GLY E 43 33.71 32.32 -15.92
C GLY E 43 34.18 31.58 -14.70
N GLY E 44 33.75 30.33 -14.57
CA GLY E 44 34.18 29.51 -13.48
C GLY E 44 35.46 28.78 -13.78
N GLN E 45 35.45 28.04 -14.88
CA GLN E 45 36.64 27.33 -15.30
C GLN E 45 37.72 28.27 -15.79
N SER E 46 37.35 29.50 -16.11
CA SER E 46 38.26 30.46 -16.69
C SER E 46 38.92 31.32 -15.64
N VAL E 47 38.20 31.59 -14.55
CA VAL E 47 38.58 32.62 -13.62
C VAL E 47 38.54 32.12 -12.19
N ILE E 48 37.34 31.81 -11.73
CA ILE E 48 37.15 31.47 -10.32
C ILE E 48 37.96 30.24 -9.97
N ASP E 49 38.00 29.27 -10.87
CA ASP E 49 38.78 28.07 -10.62
C ASP E 49 40.27 28.34 -10.59
N ARG E 50 40.70 29.56 -10.88
CA ARG E 50 42.08 29.96 -10.70
C ARG E 50 42.34 30.44 -9.29
N GLY E 51 41.32 30.94 -8.62
CA GLY E 51 41.44 31.26 -7.22
C GLY E 51 41.75 32.73 -6.98
N ARG E 52 42.63 32.95 -6.02
CA ARG E 52 42.91 34.29 -5.51
C ARG E 52 43.37 35.23 -6.61
N ALA E 53 44.43 34.83 -7.31
CA ALA E 53 45.09 35.69 -8.27
C ALA E 53 44.15 36.29 -9.28
N ALA E 54 43.08 35.58 -9.62
CA ALA E 54 42.16 36.03 -10.63
C ALA E 54 40.89 36.64 -10.05
N VAL E 55 40.61 36.42 -8.78
CA VAL E 55 39.36 36.84 -8.21
C VAL E 55 39.51 38.13 -7.41
N TYR E 56 40.57 38.25 -6.62
CA TYR E 56 40.75 39.47 -5.85
C TYR E 56 40.85 40.69 -6.75
N PRO E 57 41.64 40.69 -7.81
CA PRO E 57 41.67 41.85 -8.71
C PRO E 57 40.31 42.18 -9.29
N LEU E 58 39.54 41.18 -9.69
CA LEU E 58 38.23 41.43 -10.25
C LEU E 58 37.29 41.99 -9.19
N VAL E 59 37.44 41.53 -7.95
CA VAL E 59 36.64 42.09 -6.88
C VAL E 59 36.94 43.57 -6.74
N ASP E 60 38.22 43.91 -6.80
CA ASP E 60 38.61 45.32 -6.76
C ASP E 60 37.97 46.09 -7.90
N GLU E 61 38.10 45.57 -9.11
CA GLU E 61 37.56 46.24 -10.28
C GLU E 61 36.08 46.47 -10.15
N ILE E 62 35.39 45.49 -9.56
CA ILE E 62 33.94 45.56 -9.45
C ILE E 62 33.54 46.60 -8.42
N VAL E 63 34.20 46.56 -7.27
CA VAL E 63 33.91 47.55 -6.24
C VAL E 63 34.19 48.94 -6.74
N ALA E 64 35.13 49.05 -7.67
CA ALA E 64 35.43 50.34 -8.27
C ALA E 64 34.35 50.76 -9.26
N ALA E 65 33.93 49.82 -10.10
CA ALA E 65 33.06 50.15 -11.21
C ALA E 65 31.62 50.39 -10.76
N ARG E 66 31.19 49.72 -9.70
CA ARG E 66 29.82 49.90 -9.24
C ARG E 66 29.51 51.34 -8.90
N LYS E 67 30.52 52.20 -8.80
CA LYS E 67 30.30 53.60 -8.52
C LYS E 67 29.85 54.37 -9.74
N ASN E 68 29.96 53.77 -10.91
CA ASN E 68 29.55 54.42 -12.14
C ASN E 68 28.60 53.59 -13.00
N HIS E 69 28.46 52.30 -12.72
CA HIS E 69 27.56 51.44 -13.49
C HIS E 69 26.77 50.55 -12.55
N LYS E 70 25.60 50.14 -13.01
CA LYS E 70 24.85 49.07 -12.36
C LYS E 70 25.35 47.75 -12.90
N LEU E 71 25.59 46.81 -12.01
CA LEU E 71 26.22 45.55 -12.37
C LEU E 71 25.41 44.36 -11.90
N LEU E 72 25.17 43.45 -12.84
CA LEU E 72 24.56 42.16 -12.58
C LEU E 72 25.62 41.12 -12.91
N ILE E 73 26.21 40.54 -11.88
CA ILE E 73 27.36 39.67 -12.01
C ILE E 73 26.86 38.25 -11.91
N GLY E 74 26.86 37.55 -13.04
CA GLY E 74 26.48 36.16 -13.06
C GLY E 74 27.71 35.29 -12.98
N THR E 75 27.58 34.22 -12.22
CA THR E 75 28.69 33.28 -12.10
C THR E 75 28.54 32.10 -13.03
N GLY E 76 29.68 31.57 -13.43
CA GLY E 76 29.75 30.32 -14.12
C GLY E 76 29.93 29.16 -13.17
N ALA E 77 29.95 27.97 -13.75
CA ALA E 77 29.98 26.75 -12.95
C ALA E 77 31.41 26.25 -12.77
N GLY E 78 32.04 25.86 -13.86
CA GLY E 78 33.41 25.43 -13.80
C GLY E 78 33.64 23.96 -14.06
N THR E 79 34.67 23.44 -13.41
CA THR E 79 35.12 22.08 -13.69
C THR E 79 34.43 21.06 -12.81
N ARG E 80 33.95 21.46 -11.64
CA ARG E 80 33.12 20.58 -10.86
C ARG E 80 31.92 20.14 -11.65
N ALA E 81 31.36 21.05 -12.43
CA ALA E 81 30.23 20.72 -13.27
C ALA E 81 30.62 19.74 -14.35
N ARG E 82 31.84 19.84 -14.86
CA ARG E 82 32.27 18.94 -15.90
C ARG E 82 32.49 17.55 -15.31
N HIS E 83 32.97 17.48 -14.09
CA HIS E 83 33.05 16.22 -13.38
C HIS E 83 31.67 15.60 -13.24
N LEU E 84 30.71 16.39 -12.78
CA LEU E 84 29.35 15.90 -12.61
C LEU E 84 28.77 15.42 -13.92
N TYR E 85 28.97 16.18 -14.98
CA TYR E 85 28.47 15.80 -16.28
C TYR E 85 29.08 14.49 -16.73
N SER E 86 30.37 14.31 -16.49
CA SER E 86 31.02 13.05 -16.83
C SER E 86 30.36 11.91 -16.10
N ILE E 87 30.19 12.06 -14.79
CA ILE E 87 29.57 11.01 -14.00
C ILE E 87 28.20 10.67 -14.55
N ALA E 88 27.36 11.69 -14.69
CA ALA E 88 25.97 11.47 -15.04
C ALA E 88 25.81 10.95 -16.46
N ALA E 89 26.71 11.31 -17.35
CA ALA E 89 26.66 10.77 -18.69
C ALA E 89 27.12 9.32 -18.73
N GLY E 90 28.12 8.98 -17.94
CA GLY E 90 28.51 7.60 -17.82
C GLY E 90 27.37 6.71 -17.37
N LEU E 91 26.44 7.34 -16.69
CA LEU E 91 25.25 6.66 -16.13
C LEU E 91 24.11 6.77 -17.13
N GLY E 92 24.26 7.61 -18.13
CA GLY E 92 23.20 7.73 -19.14
C GLY E 92 22.06 8.61 -18.68
N LEU E 93 22.23 9.37 -17.59
CA LEU E 93 21.17 10.29 -17.14
C LEU E 93 21.12 11.40 -18.17
N PRO E 94 19.87 12.08 -18.61
CA PRO E 94 19.53 13.09 -19.60
C PRO E 94 19.99 14.48 -19.20
N ALA E 95 19.82 15.40 -20.14
CA ALA E 95 20.34 16.75 -19.99
C ALA E 95 19.71 17.47 -18.81
N GLY E 96 18.43 17.24 -18.56
CA GLY E 96 17.77 17.93 -17.47
C GLY E 96 18.47 17.70 -16.14
N VAL E 97 18.83 16.47 -15.87
CA VAL E 97 19.50 16.17 -14.61
C VAL E 97 20.82 16.93 -14.54
N LEU E 98 21.61 16.84 -15.60
CA LEU E 98 22.89 17.53 -15.64
C LEU E 98 22.71 19.01 -15.36
N ALA E 99 21.63 19.58 -15.86
CA ALA E 99 21.35 20.98 -15.61
C ALA E 99 21.07 21.24 -14.15
N GLN E 100 20.22 20.40 -13.55
CA GLN E 100 19.98 20.50 -12.12
C GLN E 100 21.30 20.50 -11.37
N LEU E 101 22.27 19.76 -11.87
CA LEU E 101 23.53 19.60 -11.17
C LEU E 101 24.41 20.83 -11.32
N GLY E 102 24.52 21.34 -12.54
CA GLY E 102 25.37 22.49 -12.78
C GLY E 102 24.86 23.75 -12.15
N SER E 103 23.54 23.88 -12.05
CA SER E 103 22.96 25.03 -11.36
C SER E 103 23.62 25.20 -10.02
N SER E 104 23.90 24.09 -9.36
CA SER E 104 24.41 24.13 -8.01
C SER E 104 25.83 24.62 -7.96
N VAL E 105 26.66 24.20 -8.90
CA VAL E 105 28.03 24.65 -8.95
C VAL E 105 28.06 26.15 -9.15
N ALA E 106 27.22 26.64 -10.05
CA ALA E 106 27.15 28.08 -10.24
C ALA E 106 26.71 28.78 -8.97
N ASP E 107 25.93 28.09 -8.14
CA ASP E 107 25.44 28.70 -6.91
C ASP E 107 26.53 28.72 -5.84
N GLN E 108 27.33 27.78 -5.89
CA GLN E 108 28.45 27.73 -4.94
C GLN E 108 29.45 28.83 -5.21
N ASN E 109 29.73 28.99 -6.57
CA ASN E 109 30.69 30.03 -6.92
C ASN E 109 30.13 31.40 -6.59
N ALA E 110 28.83 31.58 -6.81
CA ALA E 110 28.20 32.84 -6.43
C ALA E 110 28.29 33.07 -4.94
N ALA E 111 28.06 32.03 -4.15
CA ALA E 111 28.16 32.17 -2.71
C ALA E 111 29.55 32.63 -2.31
N MET E 112 30.58 32.03 -2.89
CA MET E 112 31.94 32.43 -2.58
C MET E 112 32.16 33.89 -2.90
N LEU E 113 31.79 34.28 -4.12
CA LEU E 113 31.99 35.66 -4.53
C LEU E 113 31.25 36.62 -3.64
N GLY E 114 30.05 36.25 -3.21
CA GLY E 114 29.28 37.11 -2.35
C GLY E 114 29.87 37.24 -0.97
N GLN E 115 30.48 36.17 -0.49
CA GLN E 115 31.19 36.27 0.77
C GLN E 115 32.39 37.19 0.64
N LEU E 116 32.96 37.24 -0.55
CA LEU E 116 34.06 38.18 -0.77
C LEU E 116 33.56 39.62 -0.83
N LEU E 117 32.38 39.83 -1.37
CA LEU E 117 31.91 41.17 -1.65
C LEU E 117 30.98 41.74 -0.60
N ALA E 118 30.59 40.96 0.39
CA ALA E 118 29.60 41.42 1.35
C ALA E 118 30.06 42.67 2.07
N LYS E 119 31.34 42.73 2.44
CA LYS E 119 31.83 43.91 3.13
C LYS E 119 31.69 45.17 2.28
N HIS E 120 31.50 45.01 0.98
CA HIS E 120 31.31 46.12 0.08
C HIS E 120 29.85 46.37 -0.24
N GLY E 121 28.95 45.65 0.41
CA GLY E 121 27.54 45.90 0.25
C GLY E 121 26.93 45.26 -0.96
N ILE E 122 27.59 44.28 -1.56
CA ILE E 122 27.12 43.64 -2.77
C ILE E 122 26.57 42.26 -2.40
N PRO E 123 25.29 42.03 -2.57
CA PRO E 123 24.69 40.78 -2.12
C PRO E 123 24.56 39.74 -3.21
N VAL E 124 24.17 38.56 -2.78
CA VAL E 124 23.80 37.49 -3.67
C VAL E 124 22.29 37.38 -3.70
N VAL E 125 21.71 37.26 -4.86
CA VAL E 125 20.25 37.34 -4.92
C VAL E 125 19.76 36.23 -5.82
N GLY E 126 18.71 35.51 -5.44
CA GLY E 126 18.03 34.65 -6.40
C GLY E 126 17.36 35.55 -7.40
N GLY E 127 16.49 36.46 -6.95
CA GLY E 127 15.73 37.32 -7.87
C GLY E 127 16.58 38.44 -8.41
N ALA E 128 17.49 38.15 -9.33
CA ALA E 128 18.45 39.12 -9.92
C ALA E 128 17.75 40.32 -10.53
N GLY E 129 16.84 40.08 -11.48
CA GLY E 129 16.11 41.03 -12.32
C GLY E 129 15.27 41.99 -11.50
N LEU E 130 14.59 41.51 -10.48
CA LEU E 130 13.70 42.40 -9.70
C LEU E 130 14.25 42.65 -8.31
N SER E 131 15.58 42.72 -8.17
CA SER E 131 16.23 43.22 -6.94
C SER E 131 16.34 44.73 -7.15
N ALA E 132 15.22 45.44 -7.08
CA ALA E 132 15.10 46.86 -7.37
C ALA E 132 15.86 47.65 -6.33
N VAL E 133 15.81 47.21 -5.09
CA VAL E 133 16.43 48.02 -4.02
C VAL E 133 17.92 48.23 -4.27
N PRO E 134 19.01 47.16 -4.39
CA PRO E 134 20.46 47.33 -4.50
C PRO E 134 20.89 48.07 -5.73
N LEU E 135 20.10 47.95 -6.79
CA LEU E 135 20.42 48.61 -8.03
C LEU E 135 19.97 50.04 -8.07
N SER E 136 19.06 50.42 -7.17
CA SER E 136 18.68 51.82 -7.08
C SER E 136 19.62 52.62 -6.21
N LEU E 137 20.54 51.96 -5.51
CA LEU E 137 21.44 52.63 -4.59
C LEU E 137 22.84 52.71 -5.18
N ALA E 138 23.49 53.85 -4.97
CA ALA E 138 24.87 53.99 -5.39
C ALA E 138 25.82 53.35 -4.41
N GLU E 139 25.38 53.13 -3.17
CA GLU E 139 26.20 52.45 -2.19
C GLU E 139 26.39 50.99 -2.53
N VAL E 140 25.47 50.44 -3.31
CA VAL E 140 25.49 49.03 -3.68
C VAL E 140 25.64 48.87 -5.18
N ASN E 141 24.62 49.22 -5.93
CA ASN E 141 24.69 49.35 -7.36
C ASN E 141 25.17 48.07 -8.04
N ALA E 142 25.00 46.93 -7.40
CA ALA E 142 25.47 45.69 -7.99
C ALA E 142 24.92 44.50 -7.25
N VAL E 143 24.84 43.36 -7.94
CA VAL E 143 24.41 42.10 -7.37
C VAL E 143 25.09 40.95 -8.06
N VAL E 144 24.97 39.77 -7.45
CA VAL E 144 25.54 38.53 -7.93
C VAL E 144 24.43 37.50 -8.09
N PHE E 145 24.45 36.66 -9.08
CA PHE E 145 23.49 35.55 -9.22
C PHE E 145 24.20 34.43 -9.96
N SER E 146 23.59 33.13 -9.80
CA SER E 146 24.21 32.07 -10.62
C SER E 146 23.73 32.19 -12.04
N GLY E 147 24.63 31.98 -12.98
CA GLY E 147 24.28 32.15 -14.39
C GLY E 147 23.45 31.00 -14.93
N MET E 148 23.62 29.80 -14.39
CA MET E 148 22.89 28.63 -14.89
C MET E 148 21.41 28.94 -14.77
N PRO E 149 20.43 28.87 -15.90
CA PRO E 149 19.04 29.16 -16.03
C PRO E 149 18.17 28.14 -15.33
N PRO E 150 16.91 28.42 -15.23
CA PRO E 150 15.99 27.61 -14.44
C PRO E 150 15.38 26.46 -15.19
N TYR E 151 15.85 26.15 -16.40
CA TYR E 151 15.16 25.11 -17.19
C TYR E 151 15.43 23.73 -16.62
N LYS E 152 15.57 23.62 -15.31
CA LYS E 152 16.38 22.57 -14.68
C LYS E 152 16.07 21.23 -15.32
N LEU E 153 14.87 20.72 -15.28
CA LEU E 153 14.61 19.44 -15.94
C LEU E 153 13.94 19.64 -17.29
N TRP E 154 13.46 20.83 -17.63
CA TRP E 154 12.79 21.03 -18.89
C TRP E 154 13.73 21.55 -19.94
N MET E 155 15.03 21.31 -19.77
CA MET E 155 16.00 21.80 -20.72
C MET E 155 15.74 21.23 -22.09
N ARG E 156 15.91 22.06 -23.09
CA ARG E 156 15.88 21.60 -24.45
C ARG E 156 17.15 20.82 -24.73
N PRO E 157 17.06 19.52 -24.97
CA PRO E 157 18.26 18.76 -25.23
C PRO E 157 18.85 19.10 -26.57
N ALA E 158 20.13 18.79 -26.72
CA ALA E 158 20.80 19.03 -27.97
C ALA E 158 20.45 17.96 -28.98
N ALA E 159 20.79 18.22 -30.23
CA ALA E 159 20.54 17.27 -31.29
C ALA E 159 21.24 15.95 -31.01
N GLU E 160 22.42 16.01 -30.42
CA GLU E 160 23.21 14.82 -30.16
C GLU E 160 23.88 14.97 -28.82
N GLY E 161 23.58 14.05 -27.91
CA GLY E 161 24.20 14.03 -26.61
C GLY E 161 23.26 14.43 -25.50
N VAL E 162 23.82 14.43 -24.30
CA VAL E 162 23.11 14.81 -23.10
C VAL E 162 23.65 16.07 -22.47
N ILE E 163 24.67 16.67 -23.06
CA ILE E 163 25.23 17.89 -22.49
C ILE E 163 24.22 19.02 -22.66
N PRO E 164 23.87 19.73 -21.59
CA PRO E 164 22.96 20.82 -21.71
C PRO E 164 23.58 21.93 -22.56
N PRO E 165 22.90 22.35 -23.61
CA PRO E 165 23.47 23.38 -24.47
C PRO E 165 23.30 24.77 -23.90
N TYR E 166 22.25 24.99 -23.15
CA TYR E 166 21.97 26.29 -22.56
C TYR E 166 22.49 26.29 -21.15
N ARG E 167 23.61 26.96 -20.94
CA ARG E 167 24.21 27.09 -19.63
C ARG E 167 24.51 28.54 -19.30
N THR E 168 25.38 28.73 -18.32
CA THR E 168 25.66 30.02 -17.73
C THR E 168 25.70 31.18 -18.72
N ASP E 169 26.40 30.98 -19.82
CA ASP E 169 26.45 32.01 -20.85
C ASP E 169 25.05 32.42 -21.24
N ALA E 170 24.23 31.45 -21.56
CA ALA E 170 22.87 31.71 -21.98
C ALA E 170 22.04 32.33 -20.87
N GLY E 171 22.23 31.86 -19.64
CA GLY E 171 21.51 32.44 -18.53
C GLY E 171 21.76 33.92 -18.41
N CYS E 172 23.02 34.31 -18.38
CA CYS E 172 23.36 35.72 -18.28
C CYS E 172 22.83 36.50 -19.47
N PHE E 173 23.02 35.99 -20.68
CA PHE E 173 22.60 36.73 -21.84
C PHE E 173 21.10 36.94 -21.86
N LEU E 174 20.34 35.92 -21.49
CA LEU E 174 18.90 36.04 -21.50
C LEU E 174 18.41 36.96 -20.41
N LEU E 175 19.07 36.94 -19.27
CA LEU E 175 18.76 37.90 -18.24
C LEU E 175 18.94 39.31 -18.76
N ALA E 176 19.99 39.54 -19.54
CA ALA E 176 20.21 40.84 -20.12
C ALA E 176 19.10 41.21 -21.10
N GLU E 177 18.85 40.33 -22.06
CA GLU E 177 17.87 40.63 -23.10
C GLU E 177 16.50 40.88 -22.52
N GLN E 178 16.15 40.16 -21.46
CA GLN E 178 14.84 40.34 -20.85
C GLN E 178 14.72 41.71 -20.22
N PHE E 179 15.65 42.02 -19.32
CA PHE E 179 15.62 43.28 -18.59
C PHE E 179 16.20 44.43 -19.37
N GLY E 180 16.33 44.26 -20.69
CA GLY E 180 16.65 45.38 -21.56
C GLY E 180 17.95 46.07 -21.22
N CYS E 181 18.89 45.34 -20.65
CA CYS E 181 20.15 45.93 -20.27
C CYS E 181 20.89 46.44 -21.50
N LYS E 182 21.83 47.33 -21.23
CA LYS E 182 22.52 48.08 -22.28
C LYS E 182 23.79 47.41 -22.75
N GLN E 183 24.33 46.48 -21.99
CA GLN E 183 25.64 45.96 -22.26
C GLN E 183 25.74 44.57 -21.67
N MET E 184 26.38 43.67 -22.42
CA MET E 184 26.56 42.29 -21.99
C MET E 184 27.99 41.89 -22.25
N ILE E 185 28.65 41.44 -21.18
CA ILE E 185 30.07 41.20 -21.18
C ILE E 185 30.35 39.81 -20.64
N PHE E 186 31.33 39.16 -21.21
CA PHE E 186 31.77 37.85 -20.80
C PHE E 186 33.23 37.95 -20.41
N VAL E 187 33.49 37.77 -19.12
CA VAL E 187 34.84 37.84 -18.57
C VAL E 187 35.40 36.43 -18.56
N LYS E 188 36.49 36.22 -19.29
CA LYS E 188 37.10 34.91 -19.36
C LYS E 188 38.61 35.00 -19.34
N ASP E 189 39.27 33.90 -19.68
CA ASP E 189 40.70 33.77 -19.54
C ASP E 189 41.45 33.99 -20.84
N GLU E 190 40.80 34.62 -21.81
CA GLU E 190 41.42 34.88 -23.10
C GLU E 190 41.06 36.27 -23.56
N ASP E 191 41.95 36.82 -24.39
CA ASP E 191 41.75 38.17 -24.88
C ASP E 191 40.48 38.32 -25.68
N GLY E 192 39.93 37.21 -26.13
CA GLY E 192 38.69 37.24 -26.90
C GLY E 192 38.52 35.95 -27.67
N LEU E 193 37.84 36.07 -28.79
CA LEU E 193 37.60 34.94 -29.65
C LEU E 193 38.72 34.77 -30.65
N TYR E 194 39.07 33.52 -30.93
CA TYR E 194 40.08 33.18 -31.89
C TYR E 194 39.47 32.29 -32.97
N THR E 195 40.35 31.79 -33.84
CA THR E 195 39.93 30.82 -34.84
C THR E 195 39.87 29.41 -34.27
N ALA E 196 40.52 29.20 -33.13
CA ALA E 196 40.57 27.89 -32.52
C ALA E 196 41.03 28.05 -31.09
N ASN E 197 40.86 27.01 -30.32
CA ASN E 197 41.24 27.08 -28.92
C ASN E 197 42.73 27.33 -28.81
N PRO E 198 43.12 28.54 -28.40
CA PRO E 198 44.55 28.85 -28.32
C PRO E 198 45.29 28.00 -27.32
N LYS E 199 44.60 27.40 -26.37
CA LYS E 199 45.25 26.54 -25.41
C LYS E 199 45.75 25.26 -26.05
N THR E 200 45.01 24.76 -27.05
CA THR E 200 45.38 23.56 -27.76
C THR E 200 46.16 23.84 -29.04
N SER E 201 45.78 24.90 -29.76
CA SER E 201 46.37 25.25 -31.03
C SER E 201 46.93 26.66 -30.92
N LYS E 202 48.25 26.78 -30.87
CA LYS E 202 48.91 28.07 -30.71
C LYS E 202 49.04 28.81 -32.02
N ASP E 203 48.52 28.25 -33.10
CA ASP E 203 48.45 28.93 -34.38
C ASP E 203 47.16 29.70 -34.55
N ALA E 204 46.28 29.65 -33.56
CA ALA E 204 44.97 30.27 -33.69
C ALA E 204 45.09 31.78 -33.78
N THR E 205 44.20 32.38 -34.55
CA THR E 205 44.25 33.78 -34.89
C THR E 205 43.17 34.54 -34.14
N PHE E 206 43.52 35.73 -33.66
CA PHE E 206 42.57 36.53 -32.89
C PHE E 206 41.48 37.09 -33.78
N ILE E 207 40.37 37.45 -33.15
CA ILE E 207 39.23 38.01 -33.84
C ILE E 207 38.66 39.15 -33.03
N PRO E 208 38.76 40.38 -33.48
CA PRO E 208 38.32 41.51 -32.67
C PRO E 208 36.83 41.78 -32.78
N ARG E 209 36.26 41.42 -33.92
CA ARG E 209 34.86 41.72 -34.19
C ARG E 209 34.35 40.77 -35.25
N ILE E 210 33.08 40.40 -35.13
CA ILE E 210 32.46 39.44 -36.03
C ILE E 210 30.98 39.38 -35.75
N SER E 211 30.23 38.87 -36.70
CA SER E 211 28.81 38.60 -36.54
C SER E 211 28.56 37.10 -36.43
N VAL E 212 27.35 36.75 -36.02
CA VAL E 212 27.02 35.35 -35.82
C VAL E 212 27.03 34.61 -37.14
N ASP E 213 26.59 35.26 -38.21
CA ASP E 213 26.59 34.62 -39.52
C ASP E 213 28.00 34.24 -39.93
N GLU E 214 28.92 35.21 -39.85
CA GLU E 214 30.31 34.94 -40.16
C GLU E 214 30.89 33.93 -39.18
N MET E 215 30.40 33.95 -37.95
CA MET E 215 30.91 33.04 -36.93
C MET E 215 30.55 31.60 -37.26
N LYS E 216 29.36 31.40 -37.82
CA LYS E 216 28.96 30.06 -38.23
C LYS E 216 29.66 29.66 -39.51
N ALA E 217 29.71 30.55 -40.50
CA ALA E 217 30.39 30.26 -41.73
C ALA E 217 31.80 29.77 -41.50
N LYS E 218 32.45 30.26 -40.45
CA LYS E 218 33.80 29.80 -40.13
C LYS E 218 33.82 28.36 -39.68
N GLY E 219 32.66 27.79 -39.37
CA GLY E 219 32.58 26.40 -38.99
C GLY E 219 33.49 26.06 -37.84
N LEU E 220 33.39 26.83 -36.77
CA LEU E 220 34.25 26.62 -35.61
C LEU E 220 33.90 25.32 -34.91
N HIS E 221 34.92 24.51 -34.66
CA HIS E 221 34.71 23.28 -33.90
C HIS E 221 34.48 23.59 -32.43
N ASP E 222 35.23 24.54 -31.90
CA ASP E 222 35.09 24.97 -30.52
C ASP E 222 35.03 26.48 -30.49
N SER E 223 34.27 27.01 -29.56
CA SER E 223 34.11 28.44 -29.41
C SER E 223 34.26 28.82 -27.96
N ILE E 224 34.39 30.12 -27.74
CA ILE E 224 34.49 30.65 -26.39
C ILE E 224 33.11 30.87 -25.80
N LEU E 225 32.07 30.77 -26.62
CA LEU E 225 30.71 30.85 -26.16
C LEU E 225 29.93 29.65 -26.64
N GLU E 226 28.83 29.40 -25.94
CA GLU E 226 27.88 28.40 -26.37
C GLU E 226 27.19 28.87 -27.64
N PHE E 227 27.20 28.04 -28.66
CA PHE E 227 26.69 28.41 -29.96
C PHE E 227 25.21 28.78 -29.91
N PRO E 228 24.40 28.07 -29.14
CA PRO E 228 23.00 28.47 -29.01
C PRO E 228 22.83 29.92 -28.63
N VAL E 229 23.77 30.47 -27.88
CA VAL E 229 23.72 31.87 -27.53
C VAL E 229 23.74 32.72 -28.79
N LEU E 230 24.37 32.22 -29.84
CA LEU E 230 24.40 32.97 -31.09
C LEU E 230 23.01 33.07 -31.70
N ASP E 231 22.31 31.96 -31.78
CA ASP E 231 20.96 31.98 -32.31
C ASP E 231 20.06 32.83 -31.44
N LEU E 232 20.28 32.81 -30.13
CA LEU E 232 19.53 33.67 -29.25
C LEU E 232 19.81 35.13 -29.53
N LEU E 233 21.06 35.45 -29.81
CA LEU E 233 21.46 36.82 -30.08
C LEU E 233 20.91 37.32 -31.39
N GLN E 234 20.86 36.44 -32.38
CA GLN E 234 20.31 36.78 -33.68
C GLN E 234 18.82 37.05 -33.59
N SER E 235 18.19 36.59 -32.52
CA SER E 235 16.75 36.67 -32.33
C SER E 235 16.35 37.67 -31.27
N ALA E 236 17.31 38.33 -30.64
CA ALA E 236 17.01 39.24 -29.57
C ALA E 236 16.49 40.57 -30.11
N GLN E 237 15.98 41.38 -29.19
CA GLN E 237 15.37 42.66 -29.51
C GLN E 237 16.16 43.83 -28.92
N HIS E 238 16.57 43.71 -27.66
CA HIS E 238 17.22 44.80 -26.95
C HIS E 238 18.72 44.79 -27.16
N VAL E 239 19.36 43.73 -26.69
CA VAL E 239 20.80 43.61 -26.76
C VAL E 239 21.16 42.91 -28.05
N ARG E 240 21.92 43.59 -28.89
CA ARG E 240 22.28 43.10 -30.21
C ARG E 240 23.75 42.79 -30.35
N GLU E 241 24.53 42.98 -29.30
CA GLU E 241 25.94 42.67 -29.35
C GLU E 241 26.43 42.34 -27.95
N VAL E 242 27.50 41.56 -27.90
CA VAL E 242 28.15 41.22 -26.65
C VAL E 242 29.65 41.39 -26.82
N GLN E 243 30.32 41.55 -25.69
CA GLN E 243 31.76 41.70 -25.71
C GLN E 243 32.40 40.70 -24.77
N VAL E 244 33.43 40.03 -25.27
CA VAL E 244 34.21 39.07 -24.51
C VAL E 244 35.56 39.67 -24.22
N VAL E 245 36.00 39.57 -22.98
CA VAL E 245 37.25 40.18 -22.56
C VAL E 245 37.98 39.23 -21.63
N ASN E 246 39.21 39.60 -21.32
CA ASN E 246 40.07 38.85 -20.41
C ASN E 246 40.04 39.55 -19.06
N GLY E 247 39.63 38.82 -18.03
CA GLY E 247 39.60 39.35 -16.69
C GLY E 247 40.91 39.26 -15.96
N LEU E 248 41.86 38.52 -16.50
CA LEU E 248 43.18 38.46 -15.91
C LEU E 248 43.96 39.72 -16.18
N VAL E 249 43.72 40.34 -17.33
CA VAL E 249 44.31 41.63 -17.65
C VAL E 249 43.60 42.69 -16.81
N PRO E 250 44.33 43.46 -16.01
CA PRO E 250 43.68 44.49 -15.21
C PRO E 250 43.21 45.65 -16.07
N GLY E 251 42.03 46.17 -15.76
CA GLY E 251 41.46 47.30 -16.44
C GLY E 251 40.54 46.95 -17.56
N ASN E 252 40.75 45.82 -18.22
CA ASN E 252 39.96 45.48 -19.40
C ASN E 252 38.48 45.57 -19.10
N LEU E 253 38.06 45.06 -17.95
CA LEU E 253 36.66 45.10 -17.59
C LEU E 253 36.15 46.52 -17.43
N THR E 254 36.91 47.35 -16.71
CA THR E 254 36.52 48.74 -16.53
C THR E 254 36.41 49.46 -17.87
N ARG E 255 37.38 49.23 -18.75
CA ARG E 255 37.36 49.87 -20.05
C ARG E 255 36.14 49.43 -20.84
N ALA E 256 35.81 48.14 -20.76
CA ALA E 256 34.67 47.63 -21.49
C ALA E 256 33.37 48.26 -20.99
N LEU E 257 33.22 48.33 -19.67
CA LEU E 257 32.03 48.95 -19.11
C LEU E 257 31.85 50.36 -19.63
N ALA E 258 32.94 51.04 -19.90
CA ALA E 258 32.88 52.38 -20.48
C ALA E 258 32.54 52.36 -21.96
N GLY E 259 32.41 51.17 -22.55
CA GLY E 259 32.07 51.05 -23.95
C GLY E 259 33.23 50.78 -24.87
N GLU E 260 34.45 50.76 -24.35
CA GLU E 260 35.61 50.55 -25.20
C GLU E 260 35.53 49.19 -25.87
N HIS E 261 36.43 48.98 -26.82
CA HIS E 261 36.56 47.74 -27.56
C HIS E 261 37.94 47.20 -27.24
N VAL E 262 38.03 46.44 -26.15
CA VAL E 262 39.30 45.89 -25.71
C VAL E 262 39.44 44.43 -26.06
N GLY E 263 38.34 43.70 -26.18
CA GLY E 263 38.39 42.29 -26.52
C GLY E 263 37.73 42.01 -27.83
N THR E 264 36.82 41.06 -27.84
CA THR E 264 36.10 40.66 -29.04
C THR E 264 34.66 41.10 -28.93
N ILE E 265 34.10 41.54 -30.04
CA ILE E 265 32.72 41.99 -30.09
C ILE E 265 31.97 41.14 -31.08
N ILE E 266 30.80 40.67 -30.68
CA ILE E 266 29.98 39.80 -31.48
C ILE E 266 28.63 40.47 -31.67
N THR E 267 28.26 40.65 -32.92
CA THR E 267 27.02 41.33 -33.29
C THR E 267 26.06 40.35 -33.93
N ALA E 268 24.78 40.54 -33.66
CA ALA E 268 23.77 39.75 -34.34
C ALA E 268 23.76 40.04 -35.83
N SER E 269 24.18 41.23 -36.22
CA SER E 269 24.10 41.66 -37.60
C SER E 269 25.34 42.44 -37.99
N THR F 4 51.23 29.84 -12.04
CA THR F 4 51.01 30.85 -11.01
C THR F 4 49.53 31.03 -10.75
N ASN F 5 48.81 31.45 -11.78
CA ASN F 5 47.36 31.62 -11.73
C ASN F 5 46.68 30.52 -12.53
N SER F 6 47.37 29.40 -12.71
CA SER F 6 46.82 28.33 -13.51
C SER F 6 45.54 27.81 -12.89
N ILE F 7 44.78 27.09 -13.70
CA ILE F 7 43.48 26.60 -13.26
C ILE F 7 43.64 25.37 -12.42
N LYS F 8 42.86 25.31 -11.35
CA LYS F 8 42.75 24.11 -10.52
C LYS F 8 41.66 23.24 -11.11
N HIS F 9 42.06 22.14 -11.72
CA HIS F 9 41.14 21.26 -12.41
C HIS F 9 40.78 20.07 -11.53
N VAL F 10 39.58 19.57 -11.73
CA VAL F 10 39.15 18.28 -11.21
C VAL F 10 39.29 17.28 -12.33
N ILE F 11 40.05 16.22 -12.07
CA ILE F 11 40.33 15.24 -13.09
C ILE F 11 39.03 14.59 -13.54
N SER F 12 38.79 14.62 -14.84
CA SER F 12 37.57 14.04 -15.40
C SER F 12 37.71 14.01 -16.90
N PRO F 13 36.91 13.18 -17.58
CA PRO F 13 36.99 13.12 -19.03
C PRO F 13 36.68 14.44 -19.70
N LEU F 14 35.87 15.27 -19.06
CA LEU F 14 35.43 16.53 -19.63
C LEU F 14 36.23 17.70 -19.09
N ALA F 15 37.36 17.43 -18.46
CA ALA F 15 38.19 18.50 -17.94
C ALA F 15 38.90 19.23 -19.07
N ARG F 16 39.09 20.53 -18.88
CA ARG F 16 39.77 21.39 -19.83
C ARG F 16 38.97 21.54 -21.11
N GLN F 17 37.69 21.23 -21.06
CA GLN F 17 36.80 21.35 -22.20
C GLN F 17 35.81 22.48 -21.99
N THR F 18 35.31 22.98 -23.09
CA THR F 18 34.27 23.99 -23.12
C THR F 18 32.89 23.39 -23.29
N LEU F 19 32.82 22.13 -23.67
CA LEU F 19 31.57 21.43 -23.94
C LEU F 19 30.91 21.92 -25.22
N GLN F 20 31.64 22.68 -26.02
CA GLN F 20 31.16 23.12 -27.32
C GLN F 20 31.68 22.26 -28.45
N ASP F 21 32.84 21.65 -28.27
CA ASP F 21 33.40 20.77 -29.29
C ASP F 21 32.79 19.38 -29.15
N ARG F 22 31.94 19.00 -30.10
CA ARG F 22 31.20 17.76 -29.99
C ARG F 22 32.11 16.56 -30.15
N ASP F 23 33.21 16.72 -30.87
CA ASP F 23 34.14 15.62 -31.07
C ASP F 23 34.79 15.17 -29.78
N LEU F 24 34.75 16.02 -28.75
CA LEU F 24 35.38 15.70 -27.48
C LEU F 24 34.38 15.25 -26.44
N THR F 25 33.11 15.63 -26.59
CA THR F 25 32.07 15.22 -25.68
C THR F 25 31.40 13.94 -26.11
N ARG F 26 31.37 13.66 -27.41
CA ARG F 26 30.71 12.47 -27.90
C ARG F 26 31.22 11.20 -27.24
N PRO F 27 32.52 11.03 -27.00
CA PRO F 27 33.01 9.82 -26.35
C PRO F 27 32.47 9.64 -24.96
N VAL F 28 31.87 10.66 -24.38
CA VAL F 28 31.40 10.63 -23.01
C VAL F 28 29.90 10.82 -22.94
N ALA F 29 29.38 11.76 -23.72
CA ALA F 29 27.99 12.15 -23.64
C ALA F 29 27.24 11.93 -24.94
N GLY F 30 27.83 11.26 -25.90
CA GLY F 30 27.20 11.08 -27.18
C GLY F 30 26.27 9.89 -27.27
N LYS F 31 26.06 9.19 -26.17
CA LYS F 31 25.24 7.99 -26.18
C LYS F 31 23.83 8.31 -25.73
N ARG F 32 22.93 7.44 -26.10
CA ARG F 32 21.52 7.66 -25.81
C ARG F 32 21.26 7.44 -24.32
N PRO F 33 20.45 8.26 -23.73
CA PRO F 33 20.18 8.13 -22.30
C PRO F 33 19.20 7.04 -21.96
N ILE F 34 18.82 7.00 -20.70
CA ILE F 34 17.97 5.98 -20.18
C ILE F 34 16.62 6.58 -19.82
N ARG F 35 15.69 5.72 -19.44
CA ARG F 35 14.39 6.13 -18.96
C ARG F 35 14.35 6.03 -17.45
N LEU F 36 14.00 7.12 -16.80
CA LEU F 36 13.90 7.12 -15.35
C LEU F 36 12.57 6.54 -14.90
N LEU F 37 11.48 6.98 -15.51
CA LEU F 37 10.14 6.54 -15.17
C LEU F 37 9.48 5.98 -16.43
N PRO F 38 9.98 4.86 -16.92
CA PRO F 38 9.43 4.28 -18.14
C PRO F 38 8.01 3.80 -17.98
N TRP F 39 7.51 3.73 -16.75
CA TRP F 39 6.18 3.25 -16.49
C TRP F 39 5.20 4.37 -16.30
N LEU F 40 5.55 5.56 -16.75
CA LEU F 40 4.75 6.75 -16.53
C LEU F 40 3.97 7.10 -17.77
N GLN F 41 2.76 7.60 -17.55
CA GLN F 41 1.90 8.08 -18.61
C GLN F 41 1.58 9.54 -18.32
N VAL F 42 1.79 10.37 -19.32
CA VAL F 42 1.63 11.81 -19.17
C VAL F 42 0.43 12.25 -19.98
N VAL F 43 -0.38 13.11 -19.38
CA VAL F 43 -1.60 13.59 -19.99
C VAL F 43 -1.63 15.08 -19.82
N LYS F 44 -1.63 15.80 -20.92
CA LYS F 44 -1.69 17.24 -20.91
C LYS F 44 -3.10 17.69 -21.27
N ILE F 45 -3.80 18.24 -20.28
CA ILE F 45 -5.11 18.81 -20.49
C ILE F 45 -4.93 20.25 -20.96
N GLY F 46 -5.66 20.61 -21.99
CA GLY F 46 -5.62 21.97 -22.46
C GLY F 46 -6.48 22.88 -21.62
N GLY F 47 -6.10 24.15 -21.61
CA GLY F 47 -6.84 25.14 -20.85
C GLY F 47 -8.16 25.50 -21.47
N ARG F 48 -8.27 25.40 -22.78
CA ARG F 48 -9.55 25.66 -23.44
C ARG F 48 -10.59 24.65 -22.98
N VAL F 49 -10.14 23.50 -22.53
CA VAL F 49 -11.04 22.51 -21.97
C VAL F 49 -11.52 22.94 -20.60
N MET F 50 -10.58 23.23 -19.72
CA MET F 50 -10.93 23.60 -18.36
C MET F 50 -11.73 24.89 -18.31
N ASP F 51 -11.56 25.75 -19.30
CA ASP F 51 -12.28 27.00 -19.35
C ASP F 51 -13.76 26.80 -19.62
N ARG F 52 -14.15 25.65 -20.13
CA ARG F 52 -15.55 25.34 -20.34
C ARG F 52 -16.26 25.01 -19.04
N GLY F 53 -15.51 24.64 -18.03
CA GLY F 53 -16.08 24.44 -16.73
C GLY F 53 -16.59 23.03 -16.51
N ALA F 54 -17.59 22.96 -15.64
CA ALA F 54 -18.14 21.67 -15.24
C ALA F 54 -18.51 20.82 -16.43
N ASP F 55 -19.19 21.43 -17.41
CA ASP F 55 -19.70 20.71 -18.56
C ASP F 55 -18.66 19.80 -19.17
N ALA F 56 -17.40 20.20 -19.12
CA ALA F 56 -16.31 19.44 -19.70
C ALA F 56 -15.44 18.76 -18.67
N ILE F 57 -15.43 19.26 -17.44
CA ILE F 57 -14.51 18.75 -16.45
C ILE F 57 -15.09 17.54 -15.74
N LEU F 58 -16.36 17.59 -15.38
CA LEU F 58 -16.94 16.50 -14.62
C LEU F 58 -16.84 15.18 -15.37
N PRO F 59 -17.20 15.11 -16.65
CA PRO F 59 -17.00 13.87 -17.39
C PRO F 59 -15.56 13.45 -17.44
N LEU F 60 -14.69 14.42 -17.69
CA LEU F 60 -13.25 14.18 -17.69
C LEU F 60 -12.80 13.65 -16.35
N VAL F 61 -13.32 14.22 -15.28
CA VAL F 61 -12.95 13.79 -13.94
C VAL F 61 -13.37 12.35 -13.70
N GLU F 62 -14.54 11.97 -14.18
CA GLU F 62 -14.98 10.59 -14.00
C GLU F 62 -14.12 9.64 -14.79
N GLU F 63 -13.79 10.03 -16.02
CA GLU F 63 -12.88 9.22 -16.82
C GLU F 63 -11.56 9.00 -16.10
N LEU F 64 -10.96 10.07 -15.61
CA LEU F 64 -9.71 9.95 -14.88
C LEU F 64 -9.88 9.07 -13.66
N ARG F 65 -10.96 9.27 -12.92
CA ARG F 65 -11.25 8.44 -11.76
C ARG F 65 -11.22 6.97 -12.13
N LYS F 66 -11.68 6.67 -13.33
CA LYS F 66 -11.68 5.29 -13.80
C LYS F 66 -10.34 4.87 -14.40
N LEU F 67 -9.43 5.80 -14.61
CA LEU F 67 -8.14 5.48 -15.17
C LEU F 67 -7.06 5.22 -14.12
N LEU F 68 -7.20 5.80 -12.95
CA LEU F 68 -6.15 5.72 -11.94
C LEU F 68 -5.69 4.30 -11.69
N PRO F 69 -6.57 3.34 -11.43
CA PRO F 69 -6.12 1.98 -11.15
C PRO F 69 -5.49 1.29 -12.32
N GLU F 70 -5.53 1.90 -13.49
CA GLU F 70 -4.99 1.32 -14.71
C GLU F 70 -3.61 1.83 -15.04
N HIS F 71 -3.33 3.08 -14.71
CA HIS F 71 -2.07 3.71 -15.04
C HIS F 71 -1.54 4.48 -13.85
N ARG F 72 -0.27 4.85 -13.97
CA ARG F 72 0.35 5.83 -13.09
C ARG F 72 0.46 7.11 -13.88
N LEU F 73 -0.25 8.14 -13.45
CA LEU F 73 -0.55 9.29 -14.29
C LEU F 73 0.07 10.56 -13.76
N LEU F 74 0.63 11.33 -14.68
CA LEU F 74 1.01 12.70 -14.44
C LEU F 74 0.14 13.56 -15.34
N ILE F 75 -0.76 14.31 -14.72
CA ILE F 75 -1.74 15.12 -15.41
C ILE F 75 -1.31 16.57 -15.34
N LEU F 76 -0.88 17.10 -16.45
CA LEU F 76 -0.39 18.45 -16.55
C LEU F 76 -1.41 19.32 -17.24
N THR F 77 -1.71 20.45 -16.63
CA THR F 77 -2.73 21.34 -17.16
C THR F 77 -2.11 22.49 -17.92
N GLY F 78 -2.94 23.09 -18.77
CA GLY F 78 -2.57 24.28 -19.49
C GLY F 78 -3.33 25.49 -19.00
N ALA F 79 -3.02 26.62 -19.63
CA ALA F 79 -3.48 27.91 -19.14
C ALA F 79 -4.86 28.26 -19.66
N GLY F 80 -4.97 28.46 -20.96
CA GLY F 80 -6.23 28.84 -21.54
C GLY F 80 -6.33 30.31 -21.87
N VAL F 81 -7.47 30.90 -21.54
CA VAL F 81 -7.79 32.25 -21.96
C VAL F 81 -7.28 33.32 -21.01
N ARG F 82 -7.23 33.03 -19.71
CA ARG F 82 -6.68 34.00 -18.77
C ARG F 82 -5.27 34.39 -19.17
N ALA F 83 -4.52 33.45 -19.70
CA ALA F 83 -3.19 33.77 -20.20
C ALA F 83 -3.28 34.71 -21.39
N ARG F 84 -4.31 34.57 -22.21
CA ARG F 84 -4.48 35.49 -23.32
C ARG F 84 -4.74 36.88 -22.80
N HIS F 85 -5.53 36.99 -21.74
CA HIS F 85 -5.80 38.28 -21.16
C HIS F 85 -4.54 38.92 -20.60
N VAL F 86 -3.77 38.15 -19.85
CA VAL F 86 -2.58 38.69 -19.26
C VAL F 86 -1.58 39.07 -20.34
N PHE F 87 -1.59 38.36 -21.45
CA PHE F 87 -0.78 38.75 -22.58
C PHE F 87 -1.24 40.07 -23.16
N SER F 88 -2.55 40.23 -23.35
CA SER F 88 -3.06 41.47 -23.88
C SER F 88 -2.60 42.64 -23.03
N VAL F 89 -2.71 42.49 -21.72
CA VAL F 89 -2.31 43.54 -20.81
C VAL F 89 -0.81 43.80 -20.90
N GLY F 90 -0.01 42.75 -20.68
CA GLY F 90 1.43 42.93 -20.69
C GLY F 90 1.96 43.49 -21.98
N LEU F 91 1.24 43.26 -23.07
CA LEU F 91 1.64 43.82 -24.35
C LEU F 91 1.21 45.27 -24.46
N ASP F 92 0.04 45.61 -23.93
CA ASP F 92 -0.31 47.02 -23.85
C ASP F 92 0.74 47.78 -23.06
N LEU F 93 1.28 47.14 -22.03
CA LEU F 93 2.34 47.74 -21.24
C LEU F 93 3.71 47.59 -21.87
N GLY F 94 3.85 46.77 -22.90
CA GLY F 94 5.11 46.62 -23.56
C GLY F 94 6.05 45.66 -22.89
N LEU F 95 5.54 44.78 -22.06
CA LEU F 95 6.40 43.87 -21.35
C LEU F 95 6.96 42.82 -22.29
N PRO F 96 8.15 42.32 -21.99
CA PRO F 96 8.75 41.30 -22.83
C PRO F 96 8.28 39.91 -22.47
N VAL F 97 8.53 39.00 -23.40
CA VAL F 97 7.95 37.66 -23.32
C VAL F 97 8.35 36.98 -22.02
N GLY F 98 9.58 37.23 -21.58
CA GLY F 98 10.05 36.64 -20.36
C GLY F 98 9.29 37.10 -19.13
N SER F 99 8.55 38.18 -19.27
CA SER F 99 7.76 38.66 -18.15
C SER F 99 6.35 38.11 -18.19
N LEU F 100 5.92 37.69 -19.36
CA LEU F 100 4.60 37.13 -19.52
C LEU F 100 4.57 35.65 -19.23
N ALA F 101 5.66 34.96 -19.50
CA ALA F 101 5.67 33.51 -19.31
C ALA F 101 5.18 33.08 -17.95
N PRO F 102 5.76 33.53 -16.84
CA PRO F 102 5.27 33.10 -15.53
C PRO F 102 3.84 33.46 -15.28
N LEU F 103 3.39 34.60 -15.81
CA LEU F 103 2.03 35.03 -15.59
C LEU F 103 1.04 34.05 -16.19
N ALA F 104 1.46 33.31 -17.20
CA ALA F 104 0.62 32.30 -17.79
C ALA F 104 0.80 30.94 -17.12
N ALA F 105 2.04 30.61 -16.77
CA ALA F 105 2.29 29.42 -16.00
C ALA F 105 1.39 29.37 -14.79
N SER F 106 1.09 30.52 -14.25
CA SER F 106 0.27 30.58 -13.04
CA SER F 106 0.27 30.59 -13.05
C SER F 106 -1.17 30.18 -13.32
N GLU F 107 -1.71 30.62 -14.44
CA GLU F 107 -3.06 30.21 -14.79
C GLU F 107 -3.12 28.71 -15.00
N ALA F 108 -2.06 28.16 -15.58
CA ALA F 108 -1.97 26.72 -15.69
C ALA F 108 -2.02 26.07 -14.31
N GLY F 109 -1.23 26.58 -13.39
CA GLY F 109 -1.21 26.01 -12.06
C GLY F 109 -2.53 26.09 -11.36
N GLN F 110 -3.29 27.13 -11.62
CA GLN F 110 -4.58 27.28 -10.97
C GLN F 110 -5.58 26.29 -11.54
N ASN F 111 -5.56 26.09 -12.85
CA ASN F 111 -6.36 25.04 -13.43
C ASN F 111 -6.02 23.69 -12.82
N GLY F 112 -4.75 23.46 -12.60
CA GLY F 112 -4.33 22.21 -11.97
C GLY F 112 -4.83 22.06 -10.55
N HIS F 113 -4.78 23.14 -9.79
CA HIS F 113 -5.29 23.10 -8.43
C HIS F 113 -6.77 22.77 -8.42
N ILE F 114 -7.49 23.33 -9.39
CA ILE F 114 -8.91 23.04 -9.52
C ILE F 114 -9.13 21.55 -9.73
N LEU F 115 -8.49 21.02 -10.76
CA LEU F 115 -8.64 19.62 -11.09
C LEU F 115 -8.30 18.72 -9.90
N ALA F 116 -7.22 19.04 -9.21
CA ALA F 116 -6.82 18.25 -8.07
C ALA F 116 -7.84 18.34 -6.96
N ALA F 117 -8.47 19.48 -6.79
CA ALA F 117 -9.52 19.59 -5.81
C ALA F 117 -10.67 18.67 -6.17
N MET F 118 -10.97 18.58 -7.45
CA MET F 118 -12.07 17.73 -7.87
C MET F 118 -11.73 16.26 -7.72
N LEU F 119 -10.45 15.93 -7.73
CA LEU F 119 -10.01 14.54 -7.67
C LEU F 119 -9.45 14.13 -6.32
N ALA F 120 -9.41 15.03 -5.36
CA ALA F 120 -8.78 14.74 -4.08
C ALA F 120 -9.37 13.51 -3.42
N SER F 121 -10.69 13.34 -3.51
CA SER F 121 -11.32 12.19 -2.90
C SER F 121 -10.68 10.88 -3.30
N GLU F 122 -9.93 10.87 -4.40
CA GLU F 122 -9.30 9.67 -4.91
C GLU F 122 -7.82 9.59 -4.60
N GLY F 123 -7.30 10.56 -3.87
CA GLY F 123 -5.90 10.55 -3.52
C GLY F 123 -5.01 11.34 -4.43
N VAL F 124 -5.56 12.29 -5.14
CA VAL F 124 -4.83 13.08 -6.11
C VAL F 124 -4.56 14.46 -5.55
N SER F 125 -3.43 15.03 -5.94
CA SER F 125 -3.06 16.33 -5.45
C SER F 125 -2.10 16.98 -6.42
N TYR F 126 -1.87 18.26 -6.20
CA TYR F 126 -1.07 19.08 -7.07
C TYR F 126 0.35 19.23 -6.54
N VAL F 127 1.31 19.20 -7.44
CA VAL F 127 2.72 19.18 -7.00
C VAL F 127 3.41 20.33 -7.71
N GLU F 128 3.89 20.83 -6.47
CA GLU F 128 4.51 21.79 -7.40
C GLU F 128 5.79 21.13 -7.93
N HIS F 129 6.14 21.75 -9.11
CA HIS F 129 7.16 21.45 -10.16
C HIS F 129 8.45 21.10 -9.55
N PRO F 130 9.36 21.83 -8.59
CA PRO F 130 10.43 21.20 -7.86
C PRO F 130 10.16 19.75 -7.47
N THR F 131 8.96 19.42 -7.02
CA THR F 131 8.60 18.11 -6.56
C THR F 131 8.47 17.15 -7.72
N VAL F 132 7.93 17.64 -8.83
CA VAL F 132 7.88 16.85 -10.05
C VAL F 132 9.27 16.46 -10.48
N ALA F 133 10.18 17.42 -10.49
CA ALA F 133 11.52 17.15 -10.98
C ALA F 133 12.24 16.12 -10.12
N ASP F 134 12.03 16.17 -8.82
CA ASP F 134 12.85 15.38 -7.90
C ASP F 134 12.08 14.31 -7.14
N GLN F 135 11.01 14.64 -6.66
CA GLN F 135 10.31 13.73 -5.75
C GLN F 135 9.07 13.12 -6.39
N LEU F 136 9.12 12.89 -7.70
CA LEU F 136 7.95 12.40 -8.48
C LEU F 136 7.70 10.92 -8.21
N ALA F 137 8.74 10.10 -8.14
CA ALA F 137 8.60 8.65 -8.02
C ALA F 137 7.91 8.28 -6.73
N ILE F 138 8.26 8.98 -5.66
CA ILE F 138 7.69 8.69 -4.36
C ILE F 138 6.26 9.21 -4.26
N HIS F 139 6.02 10.40 -4.77
CA HIS F 139 4.66 10.94 -4.76
C HIS F 139 3.74 10.06 -5.59
N LEU F 140 4.29 9.21 -6.44
CA LEU F 140 3.52 8.28 -7.24
C LEU F 140 3.53 6.86 -6.69
N SER F 141 4.47 6.55 -5.83
CA SER F 141 4.39 5.31 -5.08
C SER F 141 3.35 5.41 -3.99
N ALA F 142 3.08 6.62 -3.51
CA ALA F 142 2.04 6.81 -2.52
C ALA F 142 0.68 6.67 -3.14
N THR F 143 0.40 7.47 -4.14
CA THR F 143 -0.87 7.49 -4.82
C THR F 143 -0.65 7.11 -6.28
N ARG F 144 -1.71 7.26 -7.05
CA ARG F 144 -1.71 6.81 -8.42
CA ARG F 144 -1.77 6.81 -8.43
C ARG F 144 -1.49 7.92 -9.43
N ALA F 145 -2.10 9.07 -9.23
CA ALA F 145 -1.95 10.18 -10.15
C ALA F 145 -1.57 11.42 -9.39
N VAL F 146 -0.88 12.30 -10.08
CA VAL F 146 -0.61 13.63 -9.54
C VAL F 146 -0.84 14.63 -10.64
N VAL F 147 -1.23 15.81 -10.25
CA VAL F 147 -1.48 16.90 -11.17
C VAL F 147 -0.35 17.89 -11.08
N GLY F 148 -0.14 18.61 -12.15
CA GLY F 148 0.92 19.58 -12.24
C GLY F 148 0.64 20.59 -13.31
N SER F 149 1.56 21.52 -13.43
CA SER F 149 1.50 22.52 -14.47
C SER F 149 2.35 22.08 -15.63
N ALA F 150 1.87 22.38 -16.82
CA ALA F 150 2.58 22.03 -18.02
C ALA F 150 3.54 23.10 -18.49
N PHE F 151 3.30 24.36 -18.16
CA PHE F 151 4.22 25.37 -18.62
C PHE F 151 5.57 25.16 -17.94
N PRO F 152 6.65 25.18 -18.70
CA PRO F 152 7.92 24.96 -18.14
C PRO F 152 8.46 26.21 -17.49
N PRO F 153 9.37 26.07 -16.59
CA PRO F 153 9.91 27.22 -15.89
C PRO F 153 10.97 27.93 -16.68
N TYR F 154 10.62 28.56 -17.78
CA TYR F 154 11.54 29.36 -18.58
C TYR F 154 11.07 30.78 -18.30
N HIS F 155 10.68 31.10 -17.08
CA HIS F 155 9.86 32.31 -16.89
C HIS F 155 10.55 33.59 -17.30
N HIS F 156 11.68 33.98 -16.75
CA HIS F 156 12.35 35.20 -17.24
C HIS F 156 13.45 34.81 -18.20
N HIS F 157 13.70 33.53 -18.39
CA HIS F 157 14.75 33.01 -19.28
C HIS F 157 14.09 32.51 -20.57
N GLU F 158 12.84 32.85 -20.85
CA GLU F 158 12.13 32.53 -22.10
C GLU F 158 12.93 32.98 -23.32
N PHE F 159 12.92 32.22 -24.41
CA PHE F 159 13.64 32.56 -25.61
C PHE F 159 13.02 33.77 -26.28
N PRO F 160 13.82 34.65 -26.83
CA PRO F 160 13.31 35.82 -27.52
C PRO F 160 12.99 35.50 -28.98
N GLY F 161 12.60 36.54 -29.70
CA GLY F 161 12.24 36.41 -31.09
C GLY F 161 10.79 36.73 -31.30
N SER F 162 9.98 36.30 -30.34
CA SER F 162 8.55 36.53 -30.35
C SER F 162 8.13 37.18 -29.05
N ARG F 163 7.13 38.05 -29.15
CA ARG F 163 6.53 38.63 -27.96
C ARG F 163 5.62 37.66 -27.26
N ILE F 164 5.46 36.46 -27.80
CA ILE F 164 4.61 35.43 -27.22
C ILE F 164 5.52 34.28 -26.78
N PRO F 165 5.64 33.87 -25.41
CA PRO F 165 6.57 32.76 -24.58
C PRO F 165 6.24 31.66 -25.58
N PRO F 166 7.12 31.05 -26.64
CA PRO F 166 6.99 29.88 -27.49
C PRO F 166 6.94 28.59 -26.72
N HIS F 167 7.54 28.56 -25.54
CA HIS F 167 7.59 27.35 -24.73
C HIS F 167 6.40 27.38 -23.79
N ARG F 168 5.33 26.71 -24.21
CA ARG F 168 4.09 26.68 -23.42
C ARG F 168 3.85 25.28 -22.85
N ALA F 169 2.61 24.91 -22.61
CA ALA F 169 2.26 23.69 -21.93
C ALA F 169 2.67 22.44 -22.69
N ASP F 170 2.26 22.36 -23.95
CA ASP F 170 2.57 21.19 -24.75
C ASP F 170 4.07 20.91 -24.71
N THR F 171 4.86 21.95 -24.89
CA THR F 171 6.30 21.82 -24.92
C THR F 171 6.83 21.28 -23.60
N GLY F 172 6.36 21.82 -22.49
CA GLY F 172 6.86 21.39 -21.21
C GLY F 172 6.48 19.97 -20.91
N ALA F 173 5.25 19.60 -21.24
CA ALA F 173 4.82 18.23 -21.05
C ALA F 173 5.69 17.28 -21.83
N PHE F 174 5.97 17.61 -23.09
CA PHE F 174 6.80 16.73 -23.88
C PHE F 174 8.20 16.65 -23.33
N LEU F 175 8.77 17.77 -22.92
CA LEU F 175 10.13 17.76 -22.42
C LEU F 175 10.24 16.90 -21.18
N LEU F 176 9.28 17.04 -20.27
CA LEU F 176 9.24 16.16 -19.13
C LEU F 176 9.20 14.71 -19.55
N ALA F 177 8.19 14.36 -20.33
CA ALA F 177 7.99 12.97 -20.70
C ALA F 177 9.22 12.38 -21.35
N ASP F 178 9.85 13.10 -22.25
CA ASP F 178 11.03 12.61 -22.92
C ASP F 178 12.23 12.53 -22.00
N ALA F 179 12.27 13.37 -20.98
CA ALA F 179 13.34 13.26 -19.99
C ALA F 179 13.13 12.04 -19.12
N PHE F 180 11.96 11.92 -18.53
CA PHE F 180 11.62 10.75 -17.74
C PHE F 180 11.60 9.48 -18.55
N GLY F 181 11.61 9.57 -19.87
CA GLY F 181 11.52 8.38 -20.68
C GLY F 181 10.18 7.73 -20.54
N ALA F 182 9.14 8.53 -20.40
CA ALA F 182 7.83 8.00 -20.08
C ALA F 182 7.31 7.12 -21.19
N ALA F 183 6.26 6.39 -20.85
CA ALA F 183 5.69 5.43 -21.77
C ALA F 183 4.94 6.13 -22.89
N GLY F 184 4.28 7.23 -22.58
CA GLY F 184 3.48 7.89 -23.57
C GLY F 184 3.08 9.26 -23.09
N LEU F 185 2.89 10.13 -24.07
CA LEU F 185 2.37 11.46 -23.86
C LEU F 185 1.08 11.58 -24.66
N THR F 186 0.06 12.13 -24.03
CA THR F 186 -1.26 12.23 -24.63
C THR F 186 -1.78 13.63 -24.38
N ILE F 187 -2.19 14.29 -25.44
CA ILE F 187 -2.68 15.65 -25.37
C ILE F 187 -4.18 15.66 -25.54
N VAL F 188 -4.85 16.48 -24.73
CA VAL F 188 -6.29 16.56 -24.72
C VAL F 188 -6.67 17.98 -25.10
N GLU F 189 -7.39 18.11 -26.19
CA GLU F 189 -7.84 19.37 -26.70
C GLU F 189 -9.35 19.38 -26.80
N ASN F 190 -9.87 20.51 -27.28
CA ASN F 190 -11.29 20.71 -27.50
C ASN F 190 -11.70 20.39 -28.92
N VAL F 191 -10.84 19.72 -29.68
CA VAL F 191 -11.13 19.36 -31.05
C VAL F 191 -10.66 17.94 -31.29
N ASP F 192 -11.23 17.32 -32.32
CA ASP F 192 -10.95 15.91 -32.58
C ASP F 192 -9.47 15.66 -32.76
N GLY F 193 -8.74 16.66 -33.19
CA GLY F 193 -7.32 16.51 -33.41
C GLY F 193 -6.74 17.68 -34.15
N ILE F 194 -5.84 17.39 -35.08
CA ILE F 194 -5.19 18.41 -35.89
C ILE F 194 -5.83 18.41 -37.27
N TYR F 195 -5.98 19.59 -37.83
CA TYR F 195 -6.52 19.79 -39.15
C TYR F 195 -5.53 20.56 -40.00
N THR F 196 -5.93 20.81 -41.24
CA THR F 196 -5.16 21.67 -42.12
C THR F 196 -5.36 23.13 -41.81
N ALA F 197 -6.34 23.44 -40.97
CA ALA F 197 -6.67 24.82 -40.67
C ALA F 197 -7.61 24.84 -39.48
N ASP F 198 -7.72 26.00 -38.87
CA ASP F 198 -8.54 26.15 -37.70
C ASP F 198 -10.00 25.91 -38.04
N PRO F 199 -10.60 24.82 -37.53
CA PRO F 199 -12.02 24.58 -37.78
C PRO F 199 -12.95 25.45 -36.98
N ASN F 200 -12.40 26.40 -36.22
CA ASN F 200 -13.20 27.41 -35.58
C ASN F 200 -13.01 28.77 -36.22
N GLY F 201 -12.22 28.84 -37.28
CA GLY F 201 -11.89 30.10 -37.90
C GLY F 201 -12.60 30.31 -39.21
N PRO F 202 -12.10 31.26 -40.00
CA PRO F 202 -12.72 31.56 -41.29
C PRO F 202 -12.47 30.50 -42.34
N ASP F 203 -11.37 29.76 -42.25
CA ASP F 203 -11.08 28.68 -43.18
C ASP F 203 -11.65 27.36 -42.71
N ARG F 204 -12.70 27.42 -41.90
CA ARG F 204 -13.30 26.22 -41.34
C ARG F 204 -13.68 25.21 -42.40
N GLY F 205 -14.13 25.68 -43.55
CA GLY F 205 -14.63 24.77 -44.57
C GLY F 205 -13.55 23.95 -45.25
N GLN F 206 -12.34 24.47 -45.32
CA GLN F 206 -11.25 23.81 -46.00
C GLN F 206 -10.40 22.98 -45.04
N ALA F 207 -10.88 22.75 -43.84
CA ALA F 207 -10.13 22.03 -42.82
C ALA F 207 -10.29 20.54 -43.03
N ARG F 208 -9.18 19.84 -43.22
CA ARG F 208 -9.19 18.40 -43.36
C ARG F 208 -8.51 17.79 -42.16
N PHE F 209 -9.19 16.85 -41.53
CA PHE F 209 -8.61 16.16 -40.39
C PHE F 209 -7.40 15.38 -40.80
N LEU F 210 -6.37 15.43 -39.97
CA LEU F 210 -5.14 14.68 -40.18
C LEU F 210 -5.05 13.57 -39.17
N PRO F 211 -5.36 12.33 -39.54
CA PRO F 211 -5.32 11.26 -38.55
C PRO F 211 -3.93 10.95 -38.09
N GLU F 212 -2.94 11.26 -38.90
CA GLU F 212 -1.57 10.92 -38.61
C GLU F 212 -0.65 11.81 -39.41
N THR F 213 0.50 12.12 -38.83
CA THR F 213 1.47 12.95 -39.49
C THR F 213 2.76 12.94 -38.69
N SER F 214 3.72 13.68 -39.17
CA SER F 214 5.01 13.80 -38.53
C SER F 214 5.24 15.24 -38.11
N ALA F 215 6.16 15.40 -37.17
CA ALA F 215 6.51 16.73 -36.70
C ALA F 215 7.09 17.57 -37.81
N THR F 216 7.79 16.94 -38.75
CA THR F 216 8.43 17.69 -39.82
C THR F 216 7.41 18.27 -40.78
N ASP F 217 6.45 17.46 -41.20
CA ASP F 217 5.44 17.95 -42.13
C ASP F 217 4.74 19.17 -41.58
N LEU F 218 4.58 19.24 -40.26
CA LEU F 218 3.93 20.37 -39.65
C LEU F 218 4.88 21.54 -39.49
N ALA F 219 6.10 21.28 -39.04
CA ALA F 219 7.02 22.36 -38.77
C ALA F 219 7.40 23.08 -40.05
N LYS F 220 7.54 22.35 -41.15
CA LYS F 220 7.77 22.97 -42.43
C LYS F 220 6.56 23.73 -42.90
N SER F 221 5.38 23.34 -42.46
CA SER F 221 4.15 24.00 -42.86
C SER F 221 4.09 25.39 -42.25
N GLU F 222 3.01 26.09 -42.58
CA GLU F 222 2.71 27.38 -42.00
C GLU F 222 1.22 27.42 -41.73
N GLY F 223 0.86 28.10 -40.67
CA GLY F 223 -0.50 28.14 -40.24
C GLY F 223 -0.62 27.79 -38.78
N PRO F 224 -1.83 27.94 -38.26
CA PRO F 224 -2.05 27.71 -36.84
C PRO F 224 -2.04 26.24 -36.50
N LEU F 225 -1.97 25.99 -35.20
CA LEU F 225 -2.02 24.64 -34.67
C LEU F 225 -2.57 24.69 -33.26
N PRO F 226 -3.17 23.59 -32.81
CA PRO F 226 -3.58 23.49 -31.41
C PRO F 226 -2.42 23.24 -30.48
N VAL F 227 -1.22 23.11 -31.01
CA VAL F 227 -0.03 22.84 -30.24
C VAL F 227 1.06 23.81 -30.67
N ASP F 228 2.01 24.01 -29.76
CA ASP F 228 3.11 24.90 -30.01
C ASP F 228 3.98 24.38 -31.14
N ARG F 229 4.73 25.28 -31.74
CA ARG F 229 5.71 24.90 -32.75
C ARG F 229 7.04 24.52 -32.13
N ALA F 230 7.37 25.13 -31.00
CA ALA F 230 8.53 24.69 -30.24
C ALA F 230 8.42 23.22 -29.89
N LEU F 231 7.20 22.72 -29.75
CA LEU F 231 7.01 21.29 -29.57
C LEU F 231 7.54 20.52 -30.75
N LEU F 232 7.24 21.00 -31.95
CA LEU F 232 7.72 20.33 -33.14
C LEU F 232 9.22 20.43 -33.24
N ASP F 233 9.80 21.50 -32.69
CA ASP F 233 11.25 21.64 -32.73
C ASP F 233 11.92 20.68 -31.77
N VAL F 234 11.38 20.54 -30.56
CA VAL F 234 11.99 19.63 -29.60
C VAL F 234 11.75 18.18 -29.97
N MET F 235 10.62 17.86 -30.58
CA MET F 235 10.37 16.52 -31.05
C MET F 235 11.53 16.00 -31.88
N ALA F 236 12.08 16.84 -32.73
CA ALA F 236 13.17 16.41 -33.59
C ALA F 236 14.37 15.96 -32.78
N THR F 237 14.52 16.50 -31.57
CA THR F 237 15.65 16.18 -30.72
C THR F 237 15.24 15.19 -29.63
N ALA F 238 14.11 14.54 -29.82
CA ALA F 238 13.63 13.59 -28.83
C ALA F 238 14.51 12.36 -28.79
N ARG F 239 14.36 11.61 -27.73
CA ARG F 239 15.20 10.45 -27.46
C ARG F 239 14.39 9.18 -27.24
N HIS F 240 13.23 9.30 -26.60
CA HIS F 240 12.43 8.15 -26.22
C HIS F 240 11.04 8.15 -26.84
N ILE F 241 10.35 9.28 -26.81
CA ILE F 241 8.97 9.33 -27.26
C ILE F 241 8.94 9.23 -28.78
N GLU F 242 8.16 8.29 -29.28
CA GLU F 242 8.06 8.04 -30.70
C GLU F 242 6.80 8.61 -31.32
N ARG F 243 5.73 8.73 -30.54
CA ARG F 243 4.48 9.24 -31.06
C ARG F 243 3.71 9.92 -29.96
N VAL F 244 2.91 10.90 -30.37
CA VAL F 244 2.06 11.67 -29.48
C VAL F 244 0.67 11.71 -30.08
N GLN F 245 -0.33 11.44 -29.27
CA GLN F 245 -1.70 11.44 -29.74
C GLN F 245 -2.45 12.63 -29.16
N VAL F 246 -3.08 13.37 -30.05
CA VAL F 246 -3.95 14.48 -29.73
C VAL F 246 -5.37 13.97 -29.83
N VAL F 247 -6.16 14.19 -28.80
CA VAL F 247 -7.52 13.68 -28.75
C VAL F 247 -8.43 14.72 -28.15
N ASN F 248 -9.71 14.59 -28.46
CA ASN F 248 -10.74 15.44 -27.90
C ASN F 248 -11.20 14.88 -26.57
N GLY F 249 -11.12 15.69 -25.53
CA GLY F 249 -11.58 15.30 -24.22
C GLY F 249 -13.03 15.58 -23.95
N LEU F 250 -13.66 16.39 -24.79
CA LEU F 250 -15.09 16.59 -24.71
C LEU F 250 -15.85 15.34 -25.09
N VAL F 251 -15.19 14.39 -25.74
CA VAL F 251 -15.81 13.15 -26.16
C VAL F 251 -15.37 12.04 -25.20
N PRO F 252 -16.30 11.40 -24.52
CA PRO F 252 -15.88 10.39 -23.53
C PRO F 252 -15.28 9.17 -24.19
N GLY F 253 -14.32 8.58 -23.48
CA GLY F 253 -13.74 7.32 -23.87
C GLY F 253 -12.54 7.45 -24.77
N ARG F 254 -12.30 8.61 -25.36
CA ARG F 254 -11.19 8.75 -26.27
C ARG F 254 -9.88 8.84 -25.53
N LEU F 255 -9.88 9.50 -24.39
CA LEU F 255 -8.69 9.56 -23.56
C LEU F 255 -8.32 8.18 -23.05
N THR F 256 -9.30 7.48 -22.49
CA THR F 256 -9.07 6.13 -22.00
C THR F 256 -8.47 5.25 -23.07
N ALA F 257 -8.98 5.37 -24.30
CA ALA F 257 -8.46 4.58 -25.39
C ALA F 257 -7.05 4.98 -25.74
N ALA F 258 -6.80 6.27 -25.82
CA ALA F 258 -5.49 6.75 -26.21
C ALA F 258 -4.42 6.25 -25.26
N LEU F 259 -4.74 6.21 -23.98
CA LEU F 259 -3.79 5.68 -23.02
C LEU F 259 -3.51 4.22 -23.27
N ARG F 260 -4.40 3.54 -23.96
CA ARG F 260 -4.21 2.16 -24.35
C ARG F 260 -3.64 2.01 -25.74
N GLY F 261 -3.32 3.12 -26.38
CA GLY F 261 -2.65 3.10 -27.67
C GLY F 261 -3.56 3.10 -28.86
N GLU F 262 -4.85 3.32 -28.67
CA GLU F 262 -5.75 3.34 -29.79
C GLU F 262 -5.65 4.66 -30.54
N HIS F 263 -5.99 4.60 -31.82
CA HIS F 263 -5.91 5.74 -32.72
C HIS F 263 -7.29 6.36 -32.80
N VAL F 264 -7.55 7.28 -31.88
CA VAL F 264 -8.82 7.98 -31.80
C VAL F 264 -8.70 9.43 -32.20
N GLY F 265 -7.50 9.95 -32.31
CA GLY F 265 -7.32 11.30 -32.77
C GLY F 265 -6.18 11.41 -33.76
N THR F 266 -5.29 12.34 -33.51
CA THR F 266 -4.19 12.61 -34.41
C THR F 266 -2.90 12.05 -33.82
N LEU F 267 -2.14 11.37 -34.65
CA LEU F 267 -0.88 10.79 -34.26
C LEU F 267 0.26 11.58 -34.87
N ILE F 268 1.21 11.97 -34.05
CA ILE F 268 2.36 12.72 -34.48
C ILE F 268 3.59 11.89 -34.18
N ARG F 269 4.28 11.49 -35.24
CA ARG F 269 5.52 10.75 -35.10
C ARG F 269 6.67 11.71 -34.93
N THR F 270 7.55 11.41 -33.99
CA THR F 270 8.72 12.22 -33.74
C THR F 270 9.87 11.74 -34.62
N GLY F 271 11.04 12.32 -34.40
CA GLY F 271 12.22 11.93 -35.13
C GLY F 271 12.88 10.70 -34.62
N VAL F 272 12.27 10.04 -33.64
CA VAL F 272 12.86 8.87 -33.03
C VAL F 272 12.73 7.69 -33.98
N ARG F 273 13.75 6.89 -34.03
CA ARG F 273 13.72 5.66 -34.79
C ARG F 273 13.54 4.48 -33.84
N PRO F 274 12.55 3.63 -34.04
CA PRO F 274 12.38 2.49 -33.14
C PRO F 274 13.50 1.47 -33.30
N ALA F 275 13.36 0.34 -32.63
CA ALA F 275 14.35 -0.73 -32.72
C ALA F 275 14.11 -1.60 -33.95
N SER G 3 -53.17 -27.40 2.48
CA SER G 3 -52.91 -26.28 3.36
C SER G 3 -51.58 -25.63 3.05
N THR G 4 -50.80 -26.28 2.17
CA THR G 4 -49.48 -25.76 1.85
C THR G 4 -49.58 -24.40 1.16
N ALA G 5 -50.73 -24.08 0.57
CA ALA G 5 -50.88 -22.81 -0.09
C ALA G 5 -50.75 -21.65 0.89
N GLU G 6 -51.35 -21.80 2.07
CA GLU G 6 -51.19 -20.78 3.10
C GLU G 6 -49.73 -20.64 3.51
N LEU G 7 -49.06 -21.76 3.70
CA LEU G 7 -47.65 -21.74 4.06
C LEU G 7 -46.84 -21.00 3.01
N GLU G 8 -47.12 -21.26 1.74
CA GLU G 8 -46.33 -20.65 0.68
C GLU G 8 -46.61 -19.18 0.56
N GLU G 9 -47.88 -18.78 0.65
CA GLU G 9 -48.20 -17.37 0.55
C GLU G 9 -47.73 -16.61 1.77
N LEU G 10 -47.44 -17.32 2.86
CA LEU G 10 -46.85 -16.65 4.02
C LEU G 10 -45.36 -16.51 3.87
N LEU G 11 -44.69 -17.58 3.43
CA LEU G 11 -43.25 -17.57 3.34
C LEU G 11 -42.74 -16.44 2.47
N MET G 12 -43.48 -16.10 1.43
CA MET G 12 -43.04 -15.09 0.49
C MET G 12 -43.40 -13.69 0.92
N GLN G 13 -44.24 -13.55 1.95
CA GLN G 13 -44.71 -12.26 2.40
CA GLN G 13 -44.72 -12.27 2.40
C GLN G 13 -44.20 -11.92 3.79
N ARG G 14 -44.49 -12.76 4.77
CA ARG G 14 -44.17 -12.43 6.14
C ARG G 14 -42.70 -12.67 6.41
N SER G 15 -42.28 -12.24 7.59
CA SER G 15 -40.96 -12.56 8.06
C SER G 15 -40.99 -13.87 8.82
N LEU G 16 -39.87 -14.57 8.78
CA LEU G 16 -39.77 -15.87 9.41
C LEU G 16 -39.98 -15.81 10.91
N THR G 17 -40.02 -14.61 11.46
CA THR G 17 -40.43 -14.40 12.84
C THR G 17 -41.92 -14.35 13.00
N ASP G 18 -42.66 -14.35 11.91
CA ASP G 18 -44.09 -14.31 11.99
C ASP G 18 -44.58 -15.60 12.63
N PRO G 19 -45.29 -15.53 13.74
CA PRO G 19 -45.71 -16.78 14.41
CA PRO G 19 -45.71 -16.78 14.41
C PRO G 19 -46.69 -17.60 13.60
N GLN G 20 -47.60 -16.94 12.89
CA GLN G 20 -48.49 -17.69 12.02
C GLN G 20 -47.69 -18.60 11.11
N LEU G 21 -46.56 -18.10 10.63
CA LEU G 21 -45.68 -18.87 9.76
C LEU G 21 -45.02 -20.01 10.50
N GLN G 22 -44.52 -19.76 11.70
CA GLN G 22 -43.88 -20.83 12.46
C GLN G 22 -44.87 -21.94 12.78
N ALA G 23 -46.11 -21.57 13.07
CA ALA G 23 -47.14 -22.54 13.37
C ALA G 23 -47.50 -23.34 12.13
N ALA G 24 -47.55 -22.67 10.98
CA ALA G 24 -47.78 -23.39 9.74
C ALA G 24 -46.67 -24.37 9.46
N ALA G 25 -45.43 -23.97 9.72
CA ALA G 25 -44.29 -24.82 9.44
C ALA G 25 -44.23 -26.01 10.37
N ALA G 26 -44.52 -25.80 11.64
CA ALA G 26 -44.56 -26.91 12.58
C ALA G 26 -45.57 -27.96 12.18
N ALA G 27 -46.58 -27.59 11.40
CA ALA G 27 -47.59 -28.51 10.94
C ALA G 27 -47.16 -29.26 9.70
N ALA G 28 -45.88 -29.19 9.37
CA ALA G 28 -45.37 -29.84 8.18
C ALA G 28 -44.93 -31.25 8.49
N ALA G 29 -44.48 -31.95 7.45
CA ALA G 29 -44.10 -33.34 7.59
C ALA G 29 -42.80 -33.47 8.37
N ASP G 30 -42.46 -34.72 8.65
CA ASP G 30 -41.26 -35.06 9.39
C ASP G 30 -40.59 -36.22 8.68
N PHE G 31 -39.39 -36.00 8.20
CA PHE G 31 -38.66 -36.98 7.42
C PHE G 31 -37.42 -37.39 8.19
N ARG G 32 -37.23 -38.68 8.34
CA ARG G 32 -36.07 -39.24 9.03
C ARG G 32 -35.11 -39.78 8.00
N ILE G 33 -33.87 -39.31 8.07
CA ILE G 33 -32.89 -39.59 7.04
C ILE G 33 -32.15 -40.87 7.31
N LEU G 34 -31.84 -41.14 8.58
CA LEU G 34 -31.17 -42.36 8.98
C LEU G 34 -31.91 -42.90 10.19
N PRO G 35 -33.15 -43.31 10.00
CA PRO G 35 -33.98 -43.73 11.13
C PRO G 35 -33.48 -44.98 11.79
N ASP G 36 -32.74 -45.82 11.06
CA ASP G 36 -32.25 -47.07 11.59
C ASP G 36 -30.82 -46.96 12.08
N ALA G 37 -30.33 -45.75 12.24
CA ALA G 37 -28.98 -45.53 12.70
C ALA G 37 -28.94 -45.13 14.15
N THR G 38 -27.80 -45.39 14.76
CA THR G 38 -27.57 -45.13 16.17
C THR G 38 -26.31 -44.30 16.28
N VAL G 39 -26.35 -43.28 17.13
CA VAL G 39 -25.21 -42.39 17.31
C VAL G 39 -24.61 -42.66 18.67
N ILE G 40 -23.30 -42.71 18.72
CA ILE G 40 -22.59 -42.88 19.97
C ILE G 40 -21.44 -41.89 20.01
N LYS G 41 -21.13 -41.43 21.20
CA LYS G 41 -20.08 -40.46 21.41
C LYS G 41 -19.03 -41.04 22.35
N ILE G 42 -17.83 -41.22 21.83
CA ILE G 42 -16.72 -41.75 22.59
C ILE G 42 -16.01 -40.59 23.26
N GLY G 43 -16.05 -40.55 24.58
CA GLY G 43 -15.36 -39.49 25.29
C GLY G 43 -13.87 -39.53 25.03
N GLY G 44 -13.27 -38.36 25.01
CA GLY G 44 -11.85 -38.25 24.83
C GLY G 44 -11.12 -38.30 26.15
N GLN G 45 -11.49 -37.40 27.05
CA GLN G 45 -10.90 -37.37 28.37
C GLN G 45 -11.30 -38.57 29.20
N SER G 46 -12.40 -39.22 28.83
CA SER G 46 -12.95 -40.31 29.59
C SER G 46 -12.39 -41.64 29.15
N VAL G 47 -12.07 -41.76 27.87
CA VAL G 47 -11.79 -43.06 27.27
C VAL G 47 -10.50 -43.03 26.48
N ILE G 48 -10.50 -42.27 25.39
CA ILE G 48 -9.38 -42.28 24.47
C ILE G 48 -8.11 -41.85 25.17
N ASP G 49 -8.21 -40.89 26.07
CA ASP G 49 -7.05 -40.43 26.80
C ASP G 49 -6.54 -41.47 27.79
N ARG G 50 -7.22 -42.59 27.91
CA ARG G 50 -6.74 -43.71 28.69
C ARG G 50 -5.87 -44.64 27.87
N GLY G 51 -6.08 -44.68 26.58
CA GLY G 51 -5.21 -45.41 25.69
C GLY G 51 -5.69 -46.78 25.32
N ARG G 52 -4.76 -47.74 25.37
CA ARG G 52 -5.01 -49.07 24.86
C ARG G 52 -6.14 -49.75 25.62
N ALA G 53 -6.03 -49.79 26.94
CA ALA G 53 -6.92 -50.59 27.76
C ALA G 53 -8.38 -50.26 27.51
N ALA G 54 -8.66 -49.02 27.18
CA ALA G 54 -10.03 -48.57 27.00
C ALA G 54 -10.45 -48.52 25.55
N VAL G 55 -9.51 -48.51 24.63
CA VAL G 55 -9.85 -48.30 23.23
C VAL G 55 -9.94 -49.62 22.50
N TYR G 56 -9.00 -50.53 22.73
CA TYR G 56 -9.03 -51.81 22.04
C TYR G 56 -10.32 -52.57 22.30
N PRO G 57 -10.76 -52.72 23.55
CA PRO G 57 -12.05 -53.38 23.80
C PRO G 57 -13.20 -52.74 23.07
N LEU G 58 -13.23 -51.41 23.04
CA LEU G 58 -14.32 -50.73 22.35
C LEU G 58 -14.26 -50.97 20.86
N VAL G 59 -13.05 -51.02 20.31
CA VAL G 59 -12.91 -51.36 18.90
C VAL G 59 -13.51 -52.73 18.64
N ASP G 60 -13.23 -53.67 19.52
CA ASP G 60 -13.82 -55.00 19.40
C ASP G 60 -15.34 -54.93 19.44
N GLU G 61 -15.88 -54.24 20.44
CA GLU G 61 -17.32 -54.14 20.58
C GLU G 61 -17.94 -53.54 19.34
N ILE G 62 -17.24 -52.59 18.72
CA ILE G 62 -17.79 -51.88 17.58
C ILE G 62 -17.79 -52.75 16.35
N VAL G 63 -16.68 -53.41 16.08
CA VAL G 63 -16.64 -54.31 14.94
C VAL G 63 -17.62 -55.44 15.12
N ALA G 64 -17.98 -55.73 16.37
CA ALA G 64 -18.97 -56.74 16.63
C ALA G 64 -20.37 -56.23 16.38
N ALA G 65 -20.64 -55.00 16.82
CA ALA G 65 -21.99 -54.46 16.80
C ALA G 65 -22.39 -53.95 15.43
N ARG G 66 -21.44 -53.52 14.61
CA ARG G 66 -21.78 -53.03 13.29
C ARG G 66 -22.47 -54.08 12.45
N LYS G 67 -22.44 -55.33 12.87
CA LYS G 67 -23.08 -56.40 12.12
C LYS G 67 -24.57 -56.38 12.29
N ASN G 68 -25.06 -55.86 13.42
CA ASN G 68 -26.48 -55.80 13.69
C ASN G 68 -27.00 -54.38 13.81
N HIS G 69 -26.12 -53.39 13.89
CA HIS G 69 -26.52 -52.01 14.06
C HIS G 69 -25.78 -51.11 13.09
N LYS G 70 -26.35 -49.94 12.88
CA LYS G 70 -25.77 -48.90 12.04
C LYS G 70 -25.22 -47.83 12.96
N LEU G 71 -23.91 -47.58 12.87
CA LEU G 71 -23.22 -46.80 13.88
C LEU G 71 -22.56 -45.55 13.32
N LEU G 72 -22.79 -44.45 14.01
CA LEU G 72 -22.10 -43.19 13.78
C LEU G 72 -21.35 -42.85 15.04
N ILE G 73 -20.04 -42.96 14.99
CA ILE G 73 -19.19 -42.85 16.15
C ILE G 73 -18.52 -41.49 16.14
N GLY G 74 -18.94 -40.63 17.05
CA GLY G 74 -18.35 -39.33 17.18
C GLY G 74 -17.32 -39.33 18.28
N THR G 75 -16.21 -38.65 18.02
CA THR G 75 -15.15 -38.57 19.00
C THR G 75 -15.21 -37.29 19.81
N GLY G 76 -14.74 -37.41 21.02
CA GLY G 76 -14.54 -36.26 21.87
C GLY G 76 -13.13 -35.73 21.79
N ALA G 77 -12.94 -34.58 22.39
CA ALA G 77 -11.66 -33.89 22.28
C ALA G 77 -10.66 -34.39 23.31
N GLY G 78 -10.93 -34.11 24.57
CA GLY G 78 -10.08 -34.56 25.64
C GLY G 78 -9.41 -33.44 26.37
N THR G 79 -8.23 -33.75 26.89
CA THR G 79 -7.52 -32.84 27.75
C THR G 79 -6.59 -31.90 27.00
N ARG G 80 -6.14 -32.29 25.81
CA ARG G 80 -5.43 -31.34 24.98
C ARG G 80 -6.27 -30.11 24.73
N ALA G 81 -7.56 -30.31 24.56
CA ALA G 81 -8.48 -29.20 24.36
C ALA G 81 -8.54 -28.34 25.60
N ARG G 82 -8.47 -28.96 26.76
CA ARG G 82 -8.52 -28.19 27.99
C ARG G 82 -7.26 -27.38 28.17
N HIS G 83 -6.13 -27.94 27.79
CA HIS G 83 -4.90 -27.19 27.76
C HIS G 83 -5.02 -25.98 26.85
N LEU G 84 -5.51 -26.20 25.64
CA LEU G 84 -5.69 -25.11 24.69
C LEU G 84 -6.63 -24.05 25.23
N TYR G 85 -7.74 -24.47 25.82
CA TYR G 85 -8.68 -23.53 26.36
C TYR G 85 -8.06 -22.70 27.47
N SER G 86 -7.29 -23.33 28.33
CA SER G 86 -6.62 -22.60 29.39
C SER G 86 -5.68 -21.57 28.82
N ILE G 87 -4.88 -21.97 27.84
CA ILE G 87 -3.96 -21.05 27.20
C ILE G 87 -4.70 -19.86 26.65
N ALA G 88 -5.70 -20.13 25.81
CA ALA G 88 -6.38 -19.08 25.08
C ALA G 88 -7.16 -18.16 26.00
N ALA G 89 -7.73 -18.71 27.06
CA ALA G 89 -8.40 -17.89 28.04
C ALA G 89 -7.43 -17.00 28.78
N GLY G 90 -6.24 -17.52 29.07
CA GLY G 90 -5.21 -16.69 29.68
C GLY G 90 -4.87 -15.49 28.84
N LEU G 91 -5.20 -15.53 27.56
CA LEU G 91 -4.95 -14.43 26.65
C LEU G 91 -6.19 -13.60 26.42
N GLY G 92 -7.34 -14.04 26.88
CA GLY G 92 -8.56 -13.30 26.70
C GLY G 92 -9.21 -13.53 25.36
N LEU G 93 -9.06 -14.69 24.83
CA LEU G 93 -9.62 -14.98 23.54
C LEU G 93 -11.05 -15.46 23.66
N PRO G 94 -11.87 -15.19 22.66
CA PRO G 94 -13.28 -15.52 22.74
C PRO G 94 -13.56 -16.97 22.43
N ALA G 95 -14.83 -17.33 22.63
CA ALA G 95 -15.25 -18.72 22.54
C ALA G 95 -15.06 -19.29 21.15
N GLY G 96 -15.27 -18.49 20.12
CA GLY G 96 -15.14 -18.99 18.77
C GLY G 96 -13.76 -19.55 18.49
N VAL G 97 -12.74 -18.85 18.94
CA VAL G 97 -11.40 -19.33 18.72
C VAL G 97 -11.20 -20.66 19.41
N LEU G 98 -11.56 -20.74 20.68
CA LEU G 98 -11.45 -21.98 21.43
C LEU G 98 -12.16 -23.11 20.72
N ALA G 99 -13.28 -22.82 20.09
CA ALA G 99 -14.00 -23.84 19.35
C ALA G 99 -13.20 -24.32 18.16
N GLN G 100 -12.65 -23.38 17.40
CA GLN G 100 -11.76 -23.76 16.31
C GLN G 100 -10.67 -24.68 16.80
N LEU G 101 -10.20 -24.44 18.01
CA LEU G 101 -9.08 -25.21 18.53
C LEU G 101 -9.49 -26.61 18.92
N GLY G 102 -10.59 -26.74 19.65
CA GLY G 102 -11.03 -28.04 20.09
C GLY G 102 -11.53 -28.93 18.98
N SER G 103 -12.08 -28.27 17.98
CA SER G 103 -12.52 -29.04 16.81
C SER G 103 -11.27 -29.71 16.29
N SER G 104 -10.16 -29.00 16.32
CA SER G 104 -8.90 -29.61 15.86
C SER G 104 -8.55 -30.79 16.76
N VAL G 105 -8.72 -30.67 18.06
CA VAL G 105 -8.40 -31.81 18.96
C VAL G 105 -9.33 -32.98 18.69
N ALA G 106 -10.60 -32.73 18.45
CA ALA G 106 -11.51 -33.86 18.19
C ALA G 106 -11.12 -34.55 16.88
N ASP G 107 -10.69 -33.81 15.87
CA ASP G 107 -10.35 -34.40 14.55
C ASP G 107 -9.18 -35.34 14.67
N GLN G 108 -8.41 -35.23 15.71
CA GLN G 108 -7.19 -36.02 15.80
C GLN G 108 -7.58 -37.34 16.43
N ASN G 109 -8.36 -37.26 17.48
CA ASN G 109 -8.79 -38.50 18.10
C ASN G 109 -9.54 -39.37 17.10
N ALA G 110 -10.33 -38.74 16.24
CA ALA G 110 -11.02 -39.49 15.21
C ALA G 110 -10.06 -40.23 14.33
N ALA G 111 -8.95 -39.60 13.99
CA ALA G 111 -7.97 -40.24 13.12
C ALA G 111 -7.29 -41.40 13.82
N MET G 112 -6.87 -41.19 15.06
CA MET G 112 -6.28 -42.28 15.81
C MET G 112 -7.24 -43.45 15.89
N LEU G 113 -8.53 -43.17 15.97
CA LEU G 113 -9.50 -44.23 16.09
C LEU G 113 -9.77 -44.91 14.77
N GLY G 114 -9.78 -44.14 13.69
CA GLY G 114 -10.03 -44.68 12.37
C GLY G 114 -8.86 -45.43 11.78
N GLN G 115 -7.68 -45.21 12.34
CA GLN G 115 -6.55 -46.03 11.94
C GLN G 115 -6.64 -47.42 12.54
N LEU G 116 -7.35 -47.55 13.66
CA LEU G 116 -7.55 -48.85 14.26
C LEU G 116 -8.67 -49.63 13.62
N LEU G 117 -9.54 -48.95 12.89
CA LEU G 117 -10.73 -49.57 12.32
C LEU G 117 -10.68 -49.68 10.82
N ALA G 118 -9.58 -49.27 10.20
CA ALA G 118 -9.51 -49.29 8.76
C ALA G 118 -9.42 -50.71 8.23
N LYS G 119 -8.75 -51.58 8.97
CA LYS G 119 -8.71 -52.99 8.60
C LYS G 119 -10.08 -53.63 8.69
N HIS G 120 -11.00 -53.01 9.42
CA HIS G 120 -12.35 -53.51 9.58
C HIS G 120 -13.32 -52.82 8.64
N GLY G 121 -12.84 -51.92 7.80
CA GLY G 121 -13.69 -51.30 6.82
C GLY G 121 -14.47 -50.12 7.31
N ILE G 122 -14.07 -49.54 8.44
CA ILE G 122 -14.79 -48.42 9.04
C ILE G 122 -13.98 -47.16 8.79
N PRO G 123 -14.50 -46.21 8.03
CA PRO G 123 -13.73 -45.03 7.68
C PRO G 123 -14.00 -43.85 8.57
N VAL G 124 -13.18 -42.83 8.36
CA VAL G 124 -13.39 -41.53 8.96
C VAL G 124 -13.98 -40.62 7.91
N VAL G 125 -14.91 -39.80 8.32
CA VAL G 125 -15.63 -38.91 7.43
C VAL G 125 -15.85 -37.59 8.12
N GLY G 126 -15.84 -36.52 7.34
CA GLY G 126 -16.36 -35.23 7.78
C GLY G 126 -17.85 -35.31 7.52
N GLY G 127 -18.22 -35.95 6.42
CA GLY G 127 -19.59 -36.17 5.96
C GLY G 127 -20.29 -37.33 6.63
N ALA G 128 -20.56 -37.24 7.93
CA ALA G 128 -21.16 -38.33 8.73
C ALA G 128 -22.53 -38.77 8.24
N GLY G 129 -23.47 -37.90 7.93
CA GLY G 129 -24.80 -38.45 7.58
C GLY G 129 -25.11 -38.49 6.10
N LEU G 130 -24.37 -37.81 5.24
CA LEU G 130 -24.63 -38.05 3.80
C LEU G 130 -23.53 -38.93 3.26
N SER G 131 -22.84 -39.69 4.12
CA SER G 131 -22.01 -40.84 3.70
C SER G 131 -23.02 -41.98 3.61
N ALA G 132 -23.71 -42.08 2.49
CA ALA G 132 -24.74 -43.11 2.32
C ALA G 132 -24.09 -44.44 1.99
N VAL G 133 -23.09 -44.32 1.14
CA VAL G 133 -22.39 -45.51 0.63
C VAL G 133 -22.01 -46.41 1.77
N PRO G 134 -21.21 -46.07 2.99
CA PRO G 134 -20.73 -46.89 4.08
C PRO G 134 -21.81 -47.44 4.99
N LEU G 135 -22.77 -46.63 5.39
CA LEU G 135 -23.85 -46.97 6.29
C LEU G 135 -24.82 -47.93 5.67
N SER G 136 -24.70 -48.16 4.38
CA SER G 136 -25.57 -49.11 3.70
CA SER G 136 -25.56 -49.10 3.69
C SER G 136 -25.01 -50.52 3.65
N LEU G 137 -23.70 -50.66 3.66
CA LEU G 137 -23.10 -51.97 3.52
C LEU G 137 -22.98 -52.65 4.87
N ALA G 138 -23.50 -53.88 4.94
CA ALA G 138 -23.44 -54.63 6.18
C ALA G 138 -22.01 -54.95 6.58
N GLU G 139 -21.10 -54.93 5.63
CA GLU G 139 -19.70 -55.19 5.92
C GLU G 139 -18.97 -53.94 6.38
N VAL G 140 -19.62 -52.80 6.35
CA VAL G 140 -19.11 -51.58 6.93
C VAL G 140 -20.04 -51.07 8.02
N ASN G 141 -21.21 -50.60 7.63
CA ASN G 141 -22.30 -50.32 8.54
C ASN G 141 -21.88 -49.42 9.68
N ALA G 142 -20.86 -48.59 9.49
CA ALA G 142 -20.41 -47.71 10.54
C ALA G 142 -19.44 -46.68 10.01
N VAL G 143 -19.35 -45.56 10.73
CA VAL G 143 -18.40 -44.51 10.41
C VAL G 143 -17.96 -43.80 11.68
N VAL G 144 -16.95 -43.13 11.46
CA VAL G 144 -16.37 -42.34 12.53
C VAL G 144 -16.37 -40.88 12.12
N PHE G 145 -16.63 -39.98 13.01
CA PHE G 145 -16.58 -38.58 12.58
C PHE G 145 -16.12 -37.75 13.75
N SER G 146 -15.58 -36.56 13.49
CA SER G 146 -15.46 -35.82 14.73
C SER G 146 -16.84 -35.63 15.32
N GLY G 147 -16.65 -35.18 16.55
CA GLY G 147 -17.74 -34.73 17.40
C GLY G 147 -17.96 -33.22 17.50
N MET G 148 -16.96 -32.36 17.31
CA MET G 148 -17.19 -30.96 17.54
C MET G 148 -17.99 -30.37 16.40
N PRO G 149 -18.84 -29.40 16.67
CA PRO G 149 -19.69 -28.87 15.65
C PRO G 149 -19.02 -27.77 14.85
N PRO G 150 -19.65 -27.37 13.79
CA PRO G 150 -19.03 -26.47 12.83
C PRO G 150 -19.17 -25.00 13.15
N TYR G 151 -19.43 -24.70 14.38
CA TYR G 151 -19.58 -23.35 14.85
C TYR G 151 -18.29 -22.67 14.98
N LYS G 152 -17.31 -23.18 14.25
CA LYS G 152 -15.91 -22.94 14.53
C LYS G 152 -15.69 -21.58 15.16
N LEU G 153 -16.37 -20.55 14.67
CA LEU G 153 -16.22 -19.20 15.21
C LEU G 153 -17.52 -18.51 15.55
N TRP G 154 -18.61 -18.90 14.92
CA TRP G 154 -19.89 -18.28 15.19
C TRP G 154 -20.57 -18.88 16.38
N MET G 155 -19.78 -19.46 17.27
CA MET G 155 -20.33 -20.11 18.45
C MET G 155 -21.13 -19.12 19.27
N ARG G 156 -22.22 -19.59 19.82
CA ARG G 156 -22.96 -18.84 20.77
C ARG G 156 -22.22 -18.85 22.09
N PRO G 157 -21.70 -17.71 22.55
CA PRO G 157 -20.98 -17.71 23.81
C PRO G 157 -21.91 -17.93 24.98
N ALA G 158 -21.33 -18.36 26.08
CA ALA G 158 -22.09 -18.57 27.28
C ALA G 158 -22.41 -17.24 27.95
N ALA G 159 -23.25 -17.31 28.97
CA ALA G 159 -23.61 -16.11 29.70
C ALA G 159 -22.40 -15.44 30.32
N GLU G 160 -21.49 -16.24 30.88
CA GLU G 160 -20.29 -15.70 31.47
C GLU G 160 -19.15 -16.65 31.13
N GLY G 161 -18.09 -16.09 30.57
CA GLY G 161 -16.92 -16.86 30.24
C GLY G 161 -16.72 -16.99 28.75
N VAL G 162 -15.61 -17.64 28.41
CA VAL G 162 -15.24 -17.89 27.04
C VAL G 162 -15.23 -19.37 26.70
N ILE G 163 -15.61 -20.21 27.63
CA ILE G 163 -15.65 -21.65 27.35
C ILE G 163 -16.81 -21.94 26.42
N PRO G 164 -16.59 -22.58 25.28
CA PRO G 164 -17.67 -22.92 24.40
C PRO G 164 -18.62 -23.88 25.06
N PRO G 165 -19.87 -23.55 25.13
CA PRO G 165 -20.83 -24.40 25.82
C PRO G 165 -21.27 -25.57 24.96
N TYR G 166 -21.23 -25.38 23.66
CA TYR G 166 -21.64 -26.38 22.70
C TYR G 166 -20.40 -27.08 22.19
N ARG G 167 -20.24 -28.33 22.60
CA ARG G 167 -19.09 -29.11 22.19
C ARG G 167 -19.50 -30.52 21.79
N THR G 168 -18.52 -31.42 21.78
CA THR G 168 -18.70 -32.75 21.22
C THR G 168 -20.02 -33.38 21.57
N ASP G 169 -20.42 -33.31 22.83
CA ASP G 169 -21.71 -33.85 23.23
C ASP G 169 -22.82 -33.30 22.35
N ALA G 170 -22.85 -31.98 22.23
CA ALA G 170 -23.87 -31.32 21.43
C ALA G 170 -23.74 -31.67 19.96
N GLY G 171 -22.52 -31.73 19.45
CA GLY G 171 -22.34 -32.09 18.06
C GLY G 171 -22.96 -33.43 17.74
N CYS G 172 -22.63 -34.44 18.53
CA CYS G 172 -23.22 -35.75 18.32
C CYS G 172 -24.71 -35.74 18.47
N PHE G 173 -25.22 -35.12 19.53
CA PHE G 173 -26.67 -35.15 19.75
C PHE G 173 -27.42 -34.48 18.61
N LEU G 174 -26.91 -33.35 18.14
CA LEU G 174 -27.57 -32.64 17.06
C LEU G 174 -27.50 -33.40 15.77
N LEU G 175 -26.38 -34.05 15.51
CA LEU G 175 -26.29 -34.89 14.33
C LEU G 175 -27.32 -36.01 14.39
N ALA G 176 -27.59 -36.51 15.59
CA ALA G 176 -28.63 -37.52 15.72
C ALA G 176 -30.01 -36.94 15.46
N GLU G 177 -30.34 -35.85 16.13
CA GLU G 177 -31.67 -35.28 15.99
C GLU G 177 -31.95 -34.89 14.56
N GLN G 178 -30.95 -34.40 13.86
CA GLN G 178 -31.12 -33.99 12.47
C GLN G 178 -31.45 -35.19 11.59
N PHE G 179 -30.58 -36.19 11.62
CA PHE G 179 -30.75 -37.37 10.79
C PHE G 179 -31.74 -38.36 11.38
N GLY G 180 -32.53 -37.94 12.36
CA GLY G 180 -33.64 -38.73 12.83
C GLY G 180 -33.24 -40.09 13.34
N CYS G 181 -32.02 -40.20 13.85
CA CYS G 181 -31.53 -41.48 14.32
C CYS G 181 -32.39 -41.97 15.48
N LYS G 182 -32.26 -43.26 15.77
CA LYS G 182 -33.15 -43.92 16.70
C LYS G 182 -32.70 -43.77 18.14
N GLN G 183 -31.41 -43.78 18.39
CA GLN G 183 -30.94 -43.64 19.75
C GLN G 183 -29.57 -42.99 19.76
N MET G 184 -29.27 -42.39 20.91
CA MET G 184 -28.08 -41.59 21.12
C MET G 184 -27.46 -42.00 22.44
N ILE G 185 -26.18 -42.36 22.38
CA ILE G 185 -25.48 -42.97 23.49
C ILE G 185 -24.20 -42.20 23.74
N PHE G 186 -23.84 -42.05 24.99
CA PHE G 186 -22.64 -41.39 25.41
C PHE G 186 -21.81 -42.40 26.19
N VAL G 187 -20.67 -42.77 25.65
CA VAL G 187 -19.76 -43.72 26.27
C VAL G 187 -18.77 -42.92 27.08
N LYS G 188 -18.72 -43.16 28.38
CA LYS G 188 -17.81 -42.43 29.23
C LYS G 188 -17.22 -43.32 30.31
N ASP G 189 -16.58 -42.71 31.30
CA ASP G 189 -15.81 -43.43 32.28
C ASP G 189 -16.58 -43.64 33.58
N GLU G 190 -17.89 -43.57 33.53
CA GLU G 190 -18.71 -43.73 34.70
C GLU G 190 -19.97 -44.49 34.33
N ASP G 191 -20.52 -45.19 35.34
CA ASP G 191 -21.71 -46.00 35.12
C ASP G 191 -22.88 -45.16 34.65
N GLY G 192 -22.83 -43.86 34.87
CA GLY G 192 -23.89 -42.97 34.45
C GLY G 192 -23.81 -41.67 35.21
N LEU G 193 -24.95 -41.00 35.29
CA LEU G 193 -25.05 -39.73 35.99
C LEU G 193 -25.26 -39.96 37.47
N TYR G 194 -24.51 -39.23 38.28
CA TYR G 194 -24.70 -39.23 39.72
C TYR G 194 -25.21 -37.88 40.16
N THR G 195 -25.26 -37.71 41.48
CA THR G 195 -25.62 -36.43 42.06
C THR G 195 -24.45 -35.46 42.06
N ALA G 196 -23.24 -35.96 41.90
CA ALA G 196 -22.06 -35.12 41.92
C ALA G 196 -20.92 -35.91 41.32
N ASN G 197 -19.86 -35.20 41.01
CA ASN G 197 -18.71 -35.86 40.41
C ASN G 197 -18.15 -36.89 41.36
N PRO G 198 -18.31 -38.18 41.06
CA PRO G 198 -17.81 -39.21 41.96
C PRO G 198 -16.31 -39.18 42.11
N LYS G 199 -15.59 -38.69 41.12
CA LYS G 199 -14.14 -38.62 41.22
C LYS G 199 -13.72 -37.72 42.37
N THR G 200 -14.53 -36.70 42.66
CA THR G 200 -14.26 -35.77 43.74
C THR G 200 -15.00 -36.16 45.01
N SER G 201 -16.32 -36.30 44.91
CA SER G 201 -17.17 -36.62 46.04
C SER G 201 -17.59 -38.08 45.94
N LYS G 202 -17.14 -38.90 46.90
CA LYS G 202 -17.44 -40.31 46.90
C LYS G 202 -18.77 -40.63 47.58
N ASP G 203 -19.50 -39.61 47.99
CA ASP G 203 -20.84 -39.77 48.52
C ASP G 203 -21.90 -39.60 47.44
N ALA G 204 -21.49 -39.31 46.21
CA ALA G 204 -22.43 -39.06 45.13
C ALA G 204 -23.26 -40.30 44.86
N THR G 205 -24.53 -40.08 44.54
CA THR G 205 -25.50 -41.15 44.40
C THR G 205 -25.84 -41.36 42.93
N PHE G 206 -25.97 -42.62 42.56
CA PHE G 206 -26.27 -42.97 41.18
C PHE G 206 -27.67 -42.54 40.80
N ILE G 207 -27.89 -42.36 39.50
CA ILE G 207 -29.17 -41.94 38.94
C ILE G 207 -29.43 -42.79 37.70
N PRO G 208 -30.36 -43.70 37.73
CA PRO G 208 -30.59 -44.58 36.58
C PRO G 208 -31.41 -43.92 35.50
N ARG G 209 -32.29 -43.03 35.91
CA ARG G 209 -33.23 -42.40 35.00
C ARG G 209 -33.68 -41.08 35.56
N ILE G 210 -33.91 -40.11 34.67
CA ILE G 210 -34.31 -38.78 35.08
C ILE G 210 -34.72 -38.01 33.85
N SER G 211 -35.48 -36.95 34.05
CA SER G 211 -35.84 -36.03 32.99
C SER G 211 -35.01 -34.76 33.08
N VAL G 212 -35.13 -33.94 32.06
CA VAL G 212 -34.37 -32.70 31.99
C VAL G 212 -34.81 -31.75 33.08
N ASP G 213 -36.12 -31.62 33.27
CA ASP G 213 -36.63 -30.70 34.29
C ASP G 213 -36.16 -31.10 35.66
N GLU G 214 -36.29 -32.38 36.01
CA GLU G 214 -35.78 -32.86 37.29
C GLU G 214 -34.29 -32.65 37.39
N MET G 215 -33.58 -32.76 36.27
CA MET G 215 -32.14 -32.61 36.26
C MET G 215 -31.74 -31.19 36.59
N LYS G 216 -32.51 -30.22 36.11
CA LYS G 216 -32.24 -28.83 36.43
C LYS G 216 -32.63 -28.52 37.86
N ALA G 217 -33.79 -29.01 38.29
CA ALA G 217 -34.24 -28.76 39.65
C ALA G 217 -33.20 -29.21 40.67
N LYS G 218 -32.45 -30.26 40.36
CA LYS G 218 -31.42 -30.73 41.27
C LYS G 218 -30.28 -29.74 41.42
N GLY G 219 -30.23 -28.73 40.55
CA GLY G 219 -29.22 -27.70 40.66
C GLY G 219 -27.83 -28.27 40.70
N LEU G 220 -27.52 -29.10 39.71
CA LEU G 220 -26.21 -29.74 39.66
C LEU G 220 -25.13 -28.73 39.35
N HIS G 221 -24.07 -28.74 40.16
CA HIS G 221 -22.94 -27.88 39.90
C HIS G 221 -22.13 -28.39 38.72
N ASP G 222 -21.98 -29.71 38.63
CA ASP G 222 -21.28 -30.34 37.54
C ASP G 222 -22.11 -31.52 37.06
N SER G 223 -22.04 -31.77 35.76
CA SER G 223 -22.78 -32.86 35.15
C SER G 223 -21.87 -33.64 34.22
N ILE G 224 -22.37 -34.80 33.82
CA ILE G 224 -21.63 -35.64 32.90
C ILE G 224 -21.91 -35.23 31.47
N LEU G 225 -22.88 -34.36 31.27
CA LEU G 225 -23.17 -33.79 29.96
C LEU G 225 -23.14 -32.29 30.03
N GLU G 226 -22.97 -31.69 28.86
CA GLU G 226 -23.11 -30.25 28.74
C GLU G 226 -24.58 -29.87 28.90
N PHE G 227 -24.83 -28.95 29.84
CA PHE G 227 -26.21 -28.59 30.14
C PHE G 227 -26.97 -28.08 28.94
N PRO G 228 -26.39 -27.28 28.05
CA PRO G 228 -27.13 -26.87 26.84
C PRO G 228 -27.70 -28.03 26.08
N VAL G 229 -27.05 -29.19 26.12
CA VAL G 229 -27.61 -30.37 25.49
C VAL G 229 -28.98 -30.67 26.05
N LEU G 230 -29.22 -30.30 27.30
CA LEU G 230 -30.52 -30.55 27.90
C LEU G 230 -31.57 -29.66 27.26
N ASP G 231 -31.28 -28.37 27.14
CA ASP G 231 -32.22 -27.47 26.49
C ASP G 231 -32.46 -27.88 25.06
N LEU G 232 -31.46 -28.46 24.41
CA LEU G 232 -31.64 -28.97 23.06
C LEU G 232 -32.53 -30.19 23.05
N LEU G 233 -32.36 -31.06 24.03
CA LEU G 233 -33.13 -32.29 24.11
C LEU G 233 -34.58 -32.00 24.40
N GLN G 234 -34.83 -30.99 25.22
CA GLN G 234 -36.18 -30.58 25.55
C GLN G 234 -36.88 -29.99 24.34
N SER G 235 -36.11 -29.64 23.31
CA SER G 235 -36.61 -28.93 22.15
C SER G 235 -36.55 -29.78 20.89
N ALA G 236 -36.16 -31.03 21.00
CA ALA G 236 -36.01 -31.87 19.84
C ALA G 236 -37.33 -32.51 19.44
N GLN G 237 -37.32 -33.14 18.28
CA GLN G 237 -38.49 -33.78 17.70
C GLN G 237 -38.34 -35.29 17.63
N HIS G 238 -37.22 -35.76 17.11
CA HIS G 238 -36.98 -37.17 16.91
C HIS G 238 -36.43 -37.83 18.15
N VAL G 239 -35.28 -37.36 18.60
CA VAL G 239 -34.59 -37.94 19.75
C VAL G 239 -35.14 -37.30 21.01
N ARG G 240 -35.85 -38.08 21.80
CA ARG G 240 -36.45 -37.61 23.02
C ARG G 240 -35.79 -38.17 24.26
N GLU G 241 -34.74 -38.97 24.10
CA GLU G 241 -34.00 -39.50 25.23
C GLU G 241 -32.63 -39.93 24.78
N VAL G 242 -31.70 -39.90 25.72
CA VAL G 242 -30.34 -40.37 25.48
C VAL G 242 -29.94 -41.28 26.62
N GLN G 243 -28.91 -42.09 26.37
CA GLN G 243 -28.38 -42.97 27.39
C GLN G 243 -26.90 -42.74 27.56
N VAL G 244 -26.45 -42.80 28.80
CA VAL G 244 -25.05 -42.66 29.16
C VAL G 244 -24.61 -43.96 29.79
N VAL G 245 -23.45 -44.46 29.36
CA VAL G 245 -22.97 -45.75 29.81
C VAL G 245 -21.47 -45.67 30.03
N ASN G 246 -20.95 -46.74 30.62
CA ASN G 246 -19.53 -46.87 30.88
C ASN G 246 -18.92 -47.77 29.82
N GLY G 247 -17.97 -47.24 29.07
CA GLY G 247 -17.30 -48.02 28.05
C GLY G 247 -16.19 -48.89 28.57
N LEU G 248 -15.77 -48.66 29.81
CA LEU G 248 -14.77 -49.51 30.42
C LEU G 248 -15.34 -50.86 30.82
N VAL G 249 -16.63 -50.90 31.12
CA VAL G 249 -17.31 -52.17 31.38
C VAL G 249 -17.61 -52.84 30.05
N PRO G 250 -17.17 -54.08 29.85
CA PRO G 250 -17.46 -54.75 28.58
C PRO G 250 -18.92 -55.13 28.47
N GLY G 251 -19.43 -55.07 27.25
CA GLY G 251 -20.78 -55.47 26.95
C GLY G 251 -21.80 -54.36 27.05
N ASN G 252 -21.48 -53.28 27.74
CA ASN G 252 -22.47 -52.24 27.99
C ASN G 252 -22.97 -51.63 26.70
N LEU G 253 -22.09 -51.43 25.72
CA LEU G 253 -22.53 -50.96 24.41
C LEU G 253 -23.46 -51.97 23.76
N THR G 254 -23.00 -53.20 23.62
CA THR G 254 -23.78 -54.20 22.93
C THR G 254 -25.16 -54.32 23.53
N ARG G 255 -25.28 -54.05 24.83
CA ARG G 255 -26.56 -54.16 25.51
C ARG G 255 -27.39 -52.92 25.29
N ALA G 256 -26.77 -51.75 25.33
CA ALA G 256 -27.49 -50.51 25.13
C ALA G 256 -28.04 -50.42 23.72
N LEU G 257 -27.21 -50.69 22.73
CA LEU G 257 -27.66 -50.70 21.35
C LEU G 257 -28.86 -51.60 21.18
N ALA G 258 -28.92 -52.69 21.93
CA ALA G 258 -30.09 -53.56 21.94
C ALA G 258 -31.27 -52.94 22.66
N GLY G 259 -31.10 -51.75 23.23
CA GLY G 259 -32.16 -51.06 23.91
C GLY G 259 -32.18 -51.21 25.41
N GLU G 260 -31.30 -52.04 25.97
CA GLU G 260 -31.31 -52.28 27.39
C GLU G 260 -31.06 -50.99 28.15
N HIS G 261 -31.36 -51.02 29.44
CA HIS G 261 -31.10 -49.92 30.34
C HIS G 261 -29.87 -50.28 31.16
N VAL G 262 -28.71 -49.88 30.67
CA VAL G 262 -27.44 -50.24 31.26
C VAL G 262 -26.97 -49.19 32.25
N GLY G 263 -26.98 -47.94 31.82
CA GLY G 263 -26.51 -46.87 32.66
C GLY G 263 -27.62 -45.92 33.02
N THR G 264 -27.45 -44.66 32.63
CA THR G 264 -28.41 -43.62 32.96
C THR G 264 -29.18 -43.24 31.70
N ILE G 265 -30.45 -42.93 31.87
CA ILE G 265 -31.30 -42.52 30.77
C ILE G 265 -31.87 -41.15 31.09
N ILE G 266 -31.81 -40.27 30.12
CA ILE G 266 -32.25 -38.90 30.28
C ILE G 266 -33.32 -38.62 29.24
N THR G 267 -34.49 -38.24 29.71
CA THR G 267 -35.65 -38.00 28.88
C THR G 267 -35.97 -36.51 28.86
N ALA G 268 -36.40 -36.02 27.71
CA ALA G 268 -36.85 -34.65 27.61
C ALA G 268 -38.08 -34.44 28.48
N SER G 269 -39.01 -35.37 28.41
CA SER G 269 -40.29 -35.24 29.10
C SER G 269 -40.43 -36.31 30.16
N THR H 4 -3.74 -48.35 36.04
CA THR H 4 -3.75 -49.30 34.93
C THR H 4 -4.38 -48.66 33.70
N ASN H 5 -5.66 -48.32 33.80
CA ASN H 5 -6.37 -47.63 32.75
C ASN H 5 -6.55 -46.17 33.08
N SER H 6 -5.71 -45.65 33.97
CA SER H 6 -5.85 -44.27 34.40
C SER H 6 -5.70 -43.33 33.23
N ILE H 7 -6.22 -42.13 33.40
CA ILE H 7 -6.19 -41.14 32.34
C ILE H 7 -4.83 -40.48 32.27
N LYS H 8 -4.39 -40.21 31.05
CA LYS H 8 -3.16 -39.48 30.82
C LYS H 8 -3.52 -38.02 30.60
N HIS H 9 -3.26 -37.20 31.61
CA HIS H 9 -3.65 -35.81 31.58
C HIS H 9 -2.50 -34.93 31.13
N VAL H 10 -2.84 -33.86 30.45
CA VAL H 10 -1.93 -32.76 30.19
C VAL H 10 -2.13 -31.72 31.27
N ILE H 11 -1.04 -31.39 31.96
CA ILE H 11 -1.13 -30.48 33.09
C ILE H 11 -1.64 -29.13 32.61
N SER H 12 -2.70 -28.65 33.22
CA SER H 12 -3.27 -27.36 32.89
C SER H 12 -4.28 -27.00 33.97
N PRO H 13 -4.65 -25.72 34.05
CA PRO H 13 -5.65 -25.32 35.03
C PRO H 13 -6.98 -26.01 34.85
N LEU H 14 -7.30 -26.40 33.63
CA LEU H 14 -8.59 -26.99 33.32
C LEU H 14 -8.52 -28.51 33.23
N ALA H 15 -7.44 -29.09 33.70
CA ALA H 15 -7.31 -30.53 33.70
C ALA H 15 -8.23 -31.17 34.71
N ARG H 16 -8.73 -32.34 34.37
CA ARG H 16 -9.61 -33.11 35.23
C ARG H 16 -10.94 -32.43 35.42
N GLN H 17 -11.29 -31.52 34.51
CA GLN H 17 -12.54 -30.80 34.55
C GLN H 17 -13.43 -31.20 33.39
N THR H 18 -14.71 -31.01 33.59
CA THR H 18 -15.72 -31.23 32.57
C THR H 18 -16.09 -29.95 31.86
N LEU H 19 -15.67 -28.80 32.38
CA LEU H 19 -16.02 -27.49 31.85
C LEU H 19 -17.48 -27.16 32.04
N GLN H 20 -18.18 -27.92 32.87
CA GLN H 20 -19.56 -27.65 33.20
C GLN H 20 -19.69 -26.94 34.54
N ASP H 21 -18.74 -27.13 35.45
CA ASP H 21 -18.77 -26.46 36.74
C ASP H 21 -18.16 -25.07 36.58
N ARG H 22 -19.00 -24.05 36.67
CA ARG H 22 -18.55 -22.69 36.41
C ARG H 22 -17.63 -22.19 37.50
N ASP H 23 -17.74 -22.71 38.70
CA ASP H 23 -16.89 -22.27 39.79
C ASP H 23 -15.45 -22.70 39.61
N LEU H 24 -15.20 -23.64 38.71
CA LEU H 24 -13.85 -24.10 38.45
C LEU H 24 -13.24 -23.49 37.20
N THR H 25 -14.09 -23.04 36.28
CA THR H 25 -13.63 -22.39 35.07
C THR H 25 -13.51 -20.89 35.22
N ARG H 26 -14.33 -20.29 36.09
CA ARG H 26 -14.30 -18.85 36.26
C ARG H 26 -12.91 -18.32 36.59
N PRO H 27 -12.12 -18.99 37.42
CA PRO H 27 -10.77 -18.48 37.72
C PRO H 27 -9.89 -18.43 36.50
N VAL H 28 -10.29 -19.07 35.41
CA VAL H 28 -9.47 -19.16 34.22
C VAL H 28 -10.14 -18.50 33.03
N ALA H 29 -11.44 -18.75 32.87
CA ALA H 29 -12.17 -18.30 31.70
C ALA H 29 -13.34 -17.41 32.06
N GLY H 30 -13.36 -16.86 33.27
CA GLY H 30 -14.50 -16.11 33.73
C GLY H 30 -14.35 -14.62 33.52
N LYS H 31 -13.39 -14.23 32.72
CA LYS H 31 -13.09 -12.82 32.49
C LYS H 31 -13.52 -12.42 31.09
N ARG H 32 -13.54 -11.13 30.87
CA ARG H 32 -14.00 -10.60 29.62
C ARG H 32 -12.91 -10.70 28.56
N PRO H 33 -13.25 -11.06 27.35
CA PRO H 33 -12.24 -11.22 26.32
C PRO H 33 -11.79 -9.92 25.70
N ILE H 34 -11.00 -10.05 24.65
CA ILE H 34 -10.41 -8.92 23.99
C ILE H 34 -11.04 -8.76 22.61
N ARG H 35 -10.68 -7.69 21.94
CA ARG H 35 -11.12 -7.44 20.59
C ARG H 35 -9.98 -7.76 19.63
N LEU H 36 -10.25 -8.60 18.65
CA LEU H 36 -9.25 -8.94 17.66
C LEU H 36 -9.15 -7.89 16.58
N LEU H 37 -10.29 -7.45 16.08
CA LEU H 37 -10.36 -6.45 15.01
C LEU H 37 -11.24 -5.31 15.49
N PRO H 38 -10.78 -4.56 16.47
CA PRO H 38 -11.58 -3.45 17.00
C PRO H 38 -11.78 -2.34 16.02
N TRP H 39 -11.04 -2.36 14.91
CA TRP H 39 -11.13 -1.32 13.92
C TRP H 39 -12.03 -1.71 12.78
N LEU H 40 -12.87 -2.71 12.98
CA LEU H 40 -13.69 -3.25 11.93
C LEU H 40 -15.11 -2.76 12.04
N GLN H 41 -15.72 -2.53 10.90
CA GLN H 41 -17.12 -2.16 10.79
C GLN H 41 -17.84 -3.21 9.98
N VAL H 42 -18.94 -3.70 10.50
CA VAL H 42 -19.68 -4.77 9.90
C VAL H 42 -21.01 -4.24 9.41
N VAL H 43 -21.39 -4.64 8.21
CA VAL H 43 -22.60 -4.18 7.57
C VAL H 43 -23.32 -5.38 7.02
N LYS H 44 -24.50 -5.65 7.53
CA LYS H 44 -25.32 -6.74 7.07
C LYS H 44 -26.39 -6.20 6.14
N ILE H 45 -26.27 -6.57 4.87
CA ILE H 45 -27.26 -6.22 3.86
C ILE H 45 -28.32 -7.28 3.86
N GLY H 46 -29.58 -6.86 3.91
CA GLY H 46 -30.67 -7.80 3.85
C GLY H 46 -30.92 -8.28 2.43
N GLY H 47 -31.41 -9.50 2.34
CA GLY H 47 -31.70 -10.08 1.05
C GLY H 47 -32.92 -9.49 0.39
N ARG H 48 -33.87 -9.00 1.17
CA ARG H 48 -35.01 -8.31 0.59
C ARG H 48 -34.59 -7.08 -0.17
N VAL H 49 -33.42 -6.54 0.19
CA VAL H 49 -32.86 -5.42 -0.54
C VAL H 49 -32.31 -5.87 -1.87
N MET H 50 -31.46 -6.89 -1.84
CA MET H 50 -30.82 -7.37 -3.06
C MET H 50 -31.83 -7.97 -4.02
N ASP H 51 -32.96 -8.43 -3.51
CA ASP H 51 -33.98 -9.04 -4.33
C ASP H 51 -34.68 -8.03 -5.23
N ARG H 52 -34.58 -6.76 -4.92
CA ARG H 52 -35.16 -5.71 -5.73
C ARG H 52 -34.29 -5.35 -6.91
N GLY H 53 -33.03 -5.75 -6.88
CA GLY H 53 -32.19 -5.63 -8.04
C GLY H 53 -31.50 -4.28 -8.15
N ALA H 54 -31.23 -3.92 -9.39
CA ALA H 54 -30.49 -2.71 -9.67
C ALA H 54 -31.05 -1.51 -8.94
N ASP H 55 -32.37 -1.35 -8.97
CA ASP H 55 -33.02 -0.17 -8.42
C ASP H 55 -32.54 0.12 -7.01
N ALA H 56 -32.16 -0.90 -6.27
CA ALA H 56 -31.70 -0.76 -4.91
C ALA H 56 -30.22 -1.00 -4.73
N ILE H 57 -29.61 -1.75 -5.64
CA ILE H 57 -28.23 -2.13 -5.48
C ILE H 57 -27.30 -1.05 -5.99
N LEU H 58 -27.60 -0.50 -7.15
CA LEU H 58 -26.69 0.47 -7.75
C LEU H 58 -26.47 1.68 -6.83
N PRO H 59 -27.51 2.28 -6.27
CA PRO H 59 -27.29 3.35 -5.30
C PRO H 59 -26.47 2.89 -4.12
N LEU H 60 -26.83 1.72 -3.60
CA LEU H 60 -26.10 1.13 -2.50
C LEU H 60 -24.65 0.90 -2.87
N VAL H 61 -24.41 0.44 -4.08
CA VAL H 61 -23.06 0.20 -4.53
C VAL H 61 -22.27 1.48 -4.57
N GLU H 62 -22.89 2.57 -5.03
CA GLU H 62 -22.17 3.83 -5.07
C GLU H 62 -21.88 4.34 -3.67
N GLU H 63 -22.84 4.21 -2.76
CA GLU H 63 -22.60 4.58 -1.39
C GLU H 63 -21.41 3.82 -0.81
N LEU H 64 -21.40 2.50 -0.99
CA LEU H 64 -20.28 1.71 -0.50
C LEU H 64 -18.98 2.14 -1.15
N ARG H 65 -19.00 2.36 -2.46
CA ARG H 65 -17.83 2.84 -3.16
C ARG H 65 -17.29 4.09 -2.52
N LYS H 66 -18.16 4.93 -1.98
CA LYS H 66 -17.75 6.13 -1.29
C LYS H 66 -17.40 5.90 0.16
N LEU H 67 -17.69 4.73 0.69
CA LEU H 67 -17.36 4.43 2.08
C LEU H 67 -16.03 3.75 2.28
N LEU H 68 -15.53 3.07 1.27
CA LEU H 68 -14.33 2.27 1.43
C LEU H 68 -13.17 3.06 2.00
N PRO H 69 -12.83 4.23 1.48
CA PRO H 69 -11.68 4.97 2.00
C PRO H 69 -11.89 5.48 3.40
N GLU H 70 -13.09 5.38 3.93
CA GLU H 70 -13.42 5.87 5.24
C GLU H 70 -13.39 4.80 6.30
N HIS H 71 -13.69 3.57 5.93
CA HIS H 71 -13.78 2.46 6.85
C HIS H 71 -13.11 1.22 6.30
N ARG H 72 -12.91 0.27 7.19
CA ARG H 72 -12.52 -1.09 6.83
C ARG H 72 -13.76 -1.95 7.04
N LEU H 73 -14.31 -2.46 5.95
CA LEU H 73 -15.66 -2.98 5.96
C LEU H 73 -15.73 -4.48 5.71
N LEU H 74 -16.59 -5.12 6.48
CA LEU H 74 -17.01 -6.48 6.21
C LEU H 74 -18.50 -6.43 5.90
N ILE H 75 -18.82 -6.68 4.65
CA ILE H 75 -20.19 -6.59 4.16
C ILE H 75 -20.75 -7.99 4.02
N LEU H 76 -21.69 -8.33 4.86
CA LEU H 76 -22.28 -9.65 4.91
C LEU H 76 -23.69 -9.57 4.36
N THR H 77 -23.98 -10.43 3.41
CA THR H 77 -25.27 -10.42 2.75
C THR H 77 -26.20 -11.45 3.38
N GLY H 78 -27.49 -11.22 3.15
CA GLY H 78 -28.51 -12.15 3.53
C GLY H 78 -29.11 -12.87 2.33
N ALA H 79 -30.10 -13.70 2.64
CA ALA H 79 -30.63 -14.62 1.65
C ALA H 79 -31.78 -14.00 0.88
N GLY H 80 -32.86 -13.68 1.56
CA GLY H 80 -34.01 -13.10 0.92
C GLY H 80 -35.09 -14.11 0.63
N VAL H 81 -35.64 -14.03 -0.57
CA VAL H 81 -36.83 -14.78 -0.91
C VAL H 81 -36.54 -16.19 -1.41
N ARG H 82 -35.45 -16.37 -2.14
CA ARG H 82 -35.11 -17.71 -2.61
C ARG H 82 -35.05 -18.69 -1.46
N ALA H 83 -34.53 -18.25 -0.32
CA ALA H 83 -34.54 -19.08 0.86
C ALA H 83 -35.96 -19.46 1.25
N ARG H 84 -36.90 -18.56 1.05
CA ARG H 84 -38.28 -18.89 1.35
C ARG H 84 -38.79 -20.00 0.44
N HIS H 85 -38.39 -19.96 -0.81
CA HIS H 85 -38.79 -20.99 -1.75
C HIS H 85 -38.22 -22.33 -1.35
N VAL H 86 -36.92 -22.37 -1.05
CA VAL H 86 -36.31 -23.62 -0.68
C VAL H 86 -36.88 -24.14 0.62
N PHE H 87 -37.30 -23.23 1.50
CA PHE H 87 -38.00 -23.67 2.70
C PHE H 87 -39.33 -24.30 2.35
N SER H 88 -40.10 -23.66 1.48
CA SER H 88 -41.39 -24.21 1.10
C SER H 88 -41.22 -25.61 0.57
N VAL H 89 -40.22 -25.80 -0.29
CA VAL H 89 -39.99 -27.11 -0.87
C VAL H 89 -39.57 -28.11 0.19
N GLY H 90 -38.52 -27.80 0.95
CA GLY H 90 -38.04 -28.72 1.96
C GLY H 90 -39.10 -29.10 2.96
N LEU H 91 -40.00 -28.18 3.28
CA LEU H 91 -41.08 -28.49 4.19
C LEU H 91 -42.13 -29.36 3.52
N ASP H 92 -42.40 -29.14 2.25
CA ASP H 92 -43.26 -30.08 1.53
C ASP H 92 -42.67 -31.47 1.60
N LEU H 93 -41.35 -31.57 1.49
CA LEU H 93 -40.67 -32.85 1.58
C LEU H 93 -40.49 -33.30 3.01
N GLY H 94 -40.70 -32.44 3.98
CA GLY H 94 -40.58 -32.82 5.36
C GLY H 94 -39.18 -32.76 5.89
N LEU H 95 -38.29 -32.05 5.22
CA LEU H 95 -36.92 -31.99 5.66
C LEU H 95 -36.81 -31.22 6.96
N PRO H 96 -35.83 -31.56 7.79
CA PRO H 96 -35.64 -30.84 9.03
C PRO H 96 -34.80 -29.60 8.85
N VAL H 97 -34.85 -28.76 9.88
CA VAL H 97 -34.30 -27.42 9.80
C VAL H 97 -32.82 -27.46 9.46
N GLY H 98 -32.11 -28.47 9.98
CA GLY H 98 -30.71 -28.61 9.67
C GLY H 98 -30.44 -28.91 8.23
N SER H 99 -31.45 -29.37 7.50
CA SER H 99 -31.29 -29.62 6.09
C SER H 99 -31.54 -28.38 5.28
N LEU H 100 -32.28 -27.43 5.84
CA LEU H 100 -32.63 -26.22 5.15
C LEU H 100 -31.62 -25.12 5.36
N ALA H 101 -31.00 -25.08 6.52
CA ALA H 101 -30.06 -24.00 6.82
C ALA H 101 -29.04 -23.78 5.72
N PRO H 102 -28.26 -24.78 5.32
CA PRO H 102 -27.27 -24.54 4.27
C PRO H 102 -27.87 -24.10 2.96
N LEU H 103 -29.04 -24.62 2.64
CA LEU H 103 -29.68 -24.26 1.39
C LEU H 103 -29.96 -22.78 1.31
N ALA H 104 -30.19 -22.16 2.45
CA ALA H 104 -30.41 -20.72 2.50
C ALA H 104 -29.11 -19.95 2.60
N ALA H 105 -28.17 -20.45 3.39
CA ALA H 105 -26.85 -19.87 3.44
C ALA H 105 -26.30 -19.68 2.05
N SER H 106 -26.66 -20.57 1.16
CA SER H 106 -26.17 -20.51 -0.20
CA SER H 106 -26.17 -20.51 -0.20
C SER H 106 -26.75 -19.34 -0.96
N GLU H 107 -28.02 -19.06 -0.79
CA GLU H 107 -28.61 -17.90 -1.44
C GLU H 107 -27.96 -16.64 -0.93
N ALA H 108 -27.64 -16.61 0.35
CA ALA H 108 -26.89 -15.49 0.89
C ALA H 108 -25.56 -15.35 0.19
N GLY H 109 -24.85 -16.45 0.03
CA GLY H 109 -23.56 -16.39 -0.62
C GLY H 109 -23.63 -15.92 -2.05
N GLN H 110 -24.71 -16.27 -2.73
CA GLN H 110 -24.85 -15.85 -4.10
C GLN H 110 -25.13 -14.36 -4.19
N ASN H 111 -25.98 -13.85 -3.31
CA ASN H 111 -26.15 -12.42 -3.22
C ASN H 111 -24.83 -11.72 -2.98
N GLY H 112 -24.00 -12.29 -2.13
CA GLY H 112 -22.69 -11.71 -1.88
C GLY H 112 -21.79 -11.71 -3.10
N HIS H 113 -21.80 -12.78 -3.85
CA HIS H 113 -20.99 -12.87 -5.05
C HIS H 113 -21.35 -11.79 -6.03
N ILE H 114 -22.73 -11.60 -6.14
CA ILE H 114 -23.24 -10.53 -6.98
C ILE H 114 -22.67 -9.20 -6.53
N LEU H 115 -22.96 -8.83 -5.29
CA LEU H 115 -22.54 -7.55 -4.78
C LEU H 115 -21.06 -7.32 -4.97
N ALA H 116 -20.26 -8.36 -4.84
CA ALA H 116 -18.84 -8.22 -5.03
C ALA H 116 -18.49 -8.00 -6.48
N ALA H 117 -19.17 -8.68 -7.38
CA ALA H 117 -18.96 -8.44 -8.80
C ALA H 117 -19.24 -6.99 -9.13
N MET H 118 -20.22 -6.42 -8.46
CA MET H 118 -20.61 -5.00 -8.64
C MET H 118 -19.51 -4.07 -8.14
N LEU H 119 -18.57 -4.57 -7.33
CA LEU H 119 -17.60 -3.75 -6.64
C LEU H 119 -16.17 -4.18 -6.93
N ALA H 120 -15.98 -5.16 -7.79
CA ALA H 120 -14.65 -5.68 -8.04
C ALA H 120 -13.72 -4.59 -8.53
N SER H 121 -14.24 -3.67 -9.32
CA SER H 121 -13.43 -2.57 -9.83
C SER H 121 -12.75 -1.79 -8.73
N GLU H 122 -13.22 -1.91 -7.50
CA GLU H 122 -12.70 -1.16 -6.37
C GLU H 122 -11.83 -1.99 -5.46
N GLY H 123 -11.59 -3.25 -5.79
CA GLY H 123 -10.77 -4.10 -4.97
C GLY H 123 -11.53 -4.94 -3.99
N VAL H 124 -12.79 -5.19 -4.24
CA VAL H 124 -13.64 -5.92 -3.34
C VAL H 124 -13.89 -7.30 -3.90
N SER H 125 -13.99 -8.27 -3.01
CA SER H 125 -14.23 -9.64 -3.43
C SER H 125 -14.90 -10.40 -2.30
N TYR H 126 -15.51 -11.49 -2.69
CA TYR H 126 -16.26 -12.30 -1.75
C TYR H 126 -15.31 -13.26 -1.09
N VAL H 127 -15.04 -13.13 0.20
CA VAL H 127 -14.17 -14.11 0.89
C VAL H 127 -15.10 -15.17 1.45
N GLU H 128 -14.66 -16.42 1.63
CA GLU H 128 -15.72 -17.35 2.00
C GLU H 128 -15.66 -17.54 3.50
N HIS H 129 -16.61 -18.20 4.16
CA HIS H 129 -16.60 -18.42 5.66
C HIS H 129 -15.29 -18.82 6.33
N PRO H 130 -14.49 -19.77 5.85
CA PRO H 130 -13.22 -20.09 6.51
C PRO H 130 -12.19 -18.97 6.51
N THR H 131 -12.06 -18.24 5.42
CA THR H 131 -11.15 -17.14 5.23
C THR H 131 -11.52 -15.97 6.13
N VAL H 132 -12.82 -15.76 6.32
CA VAL H 132 -13.28 -14.76 7.26
C VAL H 132 -12.79 -15.09 8.65
N ALA H 133 -12.95 -16.35 9.04
CA ALA H 133 -12.60 -16.74 10.39
C ALA H 133 -11.11 -16.56 10.65
N ASP H 134 -10.28 -16.87 9.68
CA ASP H 134 -8.85 -16.96 9.91
C ASP H 134 -8.02 -15.92 9.18
N GLN H 135 -8.20 -15.78 7.86
CA GLN H 135 -7.32 -14.95 7.04
C GLN H 135 -7.98 -13.62 6.70
N LEU H 136 -8.70 -13.03 7.64
CA LEU H 136 -9.42 -11.81 7.35
C LEU H 136 -8.55 -10.57 7.47
N ALA H 137 -7.77 -10.47 8.53
CA ALA H 137 -6.96 -9.28 8.74
C ALA H 137 -6.08 -8.99 7.55
N ILE H 138 -5.58 -10.04 6.92
CA ILE H 138 -4.73 -9.87 5.76
C ILE H 138 -5.54 -9.47 4.54
N HIS H 139 -6.71 -10.00 4.43
CA HIS H 139 -7.55 -9.64 3.31
C HIS H 139 -8.05 -8.21 3.43
N LEU H 140 -7.98 -7.65 4.62
CA LEU H 140 -8.34 -6.26 4.85
C LEU H 140 -7.14 -5.33 4.90
N SER H 141 -5.94 -5.95 5.03
CA SER H 141 -4.75 -5.16 4.85
C SER H 141 -4.44 -4.95 3.39
N ALA H 142 -4.88 -5.88 2.55
CA ALA H 142 -4.71 -5.73 1.12
C ALA H 142 -5.66 -4.68 0.58
N THR H 143 -6.93 -4.94 0.72
CA THR H 143 -7.97 -4.06 0.25
C THR H 143 -8.72 -3.47 1.43
N ARG H 144 -9.80 -2.79 1.10
CA ARG H 144 -10.55 -2.04 2.10
CA ARG H 144 -10.59 -2.00 2.06
C ARG H 144 -11.81 -2.74 2.58
N ALA H 145 -12.54 -3.39 1.69
CA ALA H 145 -13.76 -4.06 2.06
C ALA H 145 -13.74 -5.47 1.50
N VAL H 146 -14.42 -6.36 2.21
CA VAL H 146 -14.65 -7.70 1.70
C VAL H 146 -16.10 -8.05 1.95
N VAL H 147 -16.62 -8.85 1.07
CA VAL H 147 -17.98 -9.31 1.14
C VAL H 147 -17.99 -10.75 1.61
N GLY H 148 -19.07 -11.13 2.25
CA GLY H 148 -19.22 -12.45 2.80
C GLY H 148 -20.68 -12.78 3.00
N SER H 149 -20.91 -13.99 3.46
CA SER H 149 -22.23 -14.45 3.80
C SER H 149 -22.46 -14.24 5.28
N ALA H 150 -23.64 -13.71 5.55
CA ALA H 150 -24.07 -13.37 6.91
C ALA H 150 -24.50 -14.64 7.61
N PHE H 151 -25.03 -15.61 6.90
CA PHE H 151 -25.51 -16.82 7.58
C PHE H 151 -24.36 -17.50 8.30
N PRO H 152 -24.51 -17.85 9.59
CA PRO H 152 -23.44 -18.52 10.31
C PRO H 152 -23.57 -19.99 9.94
N PRO H 153 -22.45 -20.97 9.85
CA PRO H 153 -22.38 -22.37 9.48
C PRO H 153 -22.90 -23.29 10.55
N TYR H 154 -24.19 -23.28 10.74
CA TYR H 154 -24.83 -24.18 11.68
C TYR H 154 -25.60 -25.15 10.82
N HIS H 155 -25.11 -25.52 9.63
CA HIS H 155 -26.03 -26.11 8.65
C HIS H 155 -26.69 -27.40 9.09
N HIS H 156 -26.03 -28.47 9.49
CA HIS H 156 -26.83 -29.62 9.98
C HIS H 156 -26.86 -29.64 11.47
N HIS H 157 -26.11 -28.79 12.12
CA HIS H 157 -26.14 -28.79 13.58
C HIS H 157 -27.12 -27.69 13.99
N GLU H 158 -27.88 -27.04 13.12
CA GLU H 158 -28.90 -26.04 13.49
C GLU H 158 -29.73 -26.46 14.70
N PHE H 159 -30.04 -25.56 15.62
CA PHE H 159 -30.80 -25.87 16.80
C PHE H 159 -32.21 -26.29 16.43
N PRO H 160 -32.76 -27.28 17.11
CA PRO H 160 -34.12 -27.71 16.84
C PRO H 160 -35.13 -26.89 17.61
N GLY H 161 -36.39 -27.28 17.49
CA GLY H 161 -37.48 -26.61 18.13
C GLY H 161 -38.41 -26.00 17.12
N SER H 162 -37.82 -25.47 16.05
CA SER H 162 -38.56 -24.88 14.96
C SER H 162 -38.15 -25.52 13.66
N ARG H 163 -39.10 -25.62 12.74
CA ARG H 163 -38.80 -26.08 11.41
C ARG H 163 -38.12 -25.02 10.58
N ILE H 164 -37.94 -23.83 11.14
CA ILE H 164 -37.28 -22.73 10.46
C ILE H 164 -35.96 -22.45 11.16
N PRO H 165 -34.86 -22.35 10.43
CA PRO H 165 -33.59 -22.07 11.06
C PRO H 165 -33.63 -20.77 11.83
N PRO H 166 -33.42 -20.82 13.13
CA PRO H 166 -33.44 -19.58 13.91
C PRO H 166 -32.20 -18.75 13.74
N HIS H 167 -31.08 -19.39 13.46
CA HIS H 167 -29.81 -18.68 13.31
C HIS H 167 -29.64 -18.32 11.85
N ARG H 168 -30.03 -17.10 11.52
CA ARG H 168 -29.95 -16.62 10.12
C ARG H 168 -28.87 -15.55 10.00
N ALA H 169 -28.96 -14.68 9.01
CA ALA H 169 -27.93 -13.71 8.68
C ALA H 169 -27.64 -12.76 9.83
N ASP H 170 -28.67 -12.11 10.34
CA ASP H 170 -28.47 -11.13 11.41
C ASP H 170 -27.67 -11.73 12.55
N THR H 171 -28.04 -12.93 12.95
CA THR H 171 -27.40 -13.60 14.06
C THR H 171 -25.93 -13.82 13.78
N GLY H 172 -25.60 -14.30 12.58
CA GLY H 172 -24.22 -14.58 12.27
C GLY H 172 -23.38 -13.34 12.19
N ALA H 173 -23.94 -12.29 11.61
CA ALA H 173 -23.25 -11.02 11.57
C ALA H 173 -22.93 -10.54 12.96
N PHE H 174 -23.90 -10.60 13.85
CA PHE H 174 -23.65 -10.15 15.21
C PHE H 174 -22.62 -11.02 15.89
N LEU H 175 -22.67 -12.32 15.67
CA LEU H 175 -21.72 -13.21 16.33
C LEU H 175 -20.30 -12.93 15.90
N LEU H 176 -20.07 -12.73 14.60
CA LEU H 176 -18.77 -12.27 14.17
C LEU H 176 -18.39 -10.99 14.86
N ALA H 177 -19.21 -9.96 14.68
CA ALA H 177 -18.84 -8.65 15.18
C ALA H 177 -18.47 -8.69 16.64
N ASP H 178 -19.24 -9.42 17.45
CA ASP H 178 -18.94 -9.50 18.87
C ASP H 178 -17.72 -10.35 19.14
N ALA H 179 -17.44 -11.34 18.30
CA ALA H 179 -16.24 -12.12 18.47
C ALA H 179 -15.00 -11.31 18.12
N PHE H 180 -15.00 -10.73 16.94
CA PHE H 180 -13.92 -9.86 16.52
C PHE H 180 -13.81 -8.62 17.38
N GLY H 181 -14.82 -8.32 18.18
CA GLY H 181 -14.80 -7.10 18.95
C GLY H 181 -14.90 -5.89 18.07
N ALA H 182 -15.67 -6.00 17.00
CA ALA H 182 -15.68 -4.97 16.01
C ALA H 182 -16.21 -3.67 16.58
N ALA H 183 -16.00 -2.61 15.81
CA ALA H 183 -16.37 -1.28 16.26
C ALA H 183 -17.86 -1.07 16.22
N GLY H 184 -18.53 -1.68 15.26
CA GLY H 184 -19.93 -1.47 15.10
C GLY H 184 -20.51 -2.46 14.14
N LEU H 185 -21.77 -2.78 14.38
CA LEU H 185 -22.58 -3.59 13.49
C LEU H 185 -23.74 -2.74 13.03
N THR H 186 -24.01 -2.79 11.73
CA THR H 186 -25.05 -1.98 11.12
C THR H 186 -25.86 -2.87 10.20
N ILE H 187 -27.17 -2.82 10.34
CA ILE H 187 -28.08 -3.65 9.58
C ILE H 187 -28.85 -2.79 8.60
N VAL H 188 -28.89 -3.23 7.37
CA VAL H 188 -29.56 -2.52 6.29
C VAL H 188 -30.80 -3.31 5.92
N GLU H 189 -31.94 -2.67 5.99
CA GLU H 189 -33.20 -3.29 5.66
C GLU H 189 -33.92 -2.48 4.60
N ASN H 190 -35.08 -2.98 4.21
CA ASN H 190 -35.96 -2.32 3.27
C ASN H 190 -36.99 -1.45 3.96
N VAL H 191 -36.83 -1.19 5.24
CA VAL H 191 -37.74 -0.36 5.99
C VAL H 191 -36.92 0.57 6.89
N ASP H 192 -37.56 1.66 7.30
CA ASP H 192 -36.85 2.68 8.05
C ASP H 192 -36.27 2.16 9.34
N GLY H 193 -36.78 1.04 9.82
CA GLY H 193 -36.30 0.46 11.05
C GLY H 193 -37.24 -0.57 11.60
N ILE H 194 -37.39 -0.57 12.91
CA ILE H 194 -38.28 -1.50 13.60
C ILE H 194 -39.52 -0.76 14.01
N TYR H 195 -40.65 -1.45 13.93
CA TYR H 195 -41.94 -0.94 14.34
C TYR H 195 -42.56 -1.86 15.37
N THR H 196 -43.76 -1.50 15.78
CA THR H 196 -44.54 -2.37 16.65
C THR H 196 -45.21 -3.49 15.88
N ALA H 197 -45.23 -3.40 14.56
CA ALA H 197 -45.88 -4.38 13.73
C ALA H 197 -45.41 -4.22 12.30
N ASP H 198 -45.65 -5.24 11.52
CA ASP H 198 -45.22 -5.23 10.13
C ASP H 198 -45.96 -4.14 9.37
N PRO H 199 -45.26 -3.07 8.96
CA PRO H 199 -45.92 -2.02 8.18
C PRO H 199 -46.27 -2.43 6.78
N ASN H 200 -45.73 -3.55 6.32
CA ASN H 200 -46.12 -4.12 5.03
C ASN H 200 -47.18 -5.19 5.20
N GLY H 201 -47.78 -5.28 6.38
CA GLY H 201 -48.71 -6.32 6.69
C GLY H 201 -50.13 -5.83 6.88
N PRO H 202 -50.95 -6.65 7.51
CA PRO H 202 -52.34 -6.28 7.73
C PRO H 202 -52.49 -5.09 8.66
N ASP H 203 -51.88 -5.19 9.83
CA ASP H 203 -51.96 -4.16 10.86
C ASP H 203 -50.88 -3.11 10.66
N ARG H 204 -50.81 -2.59 9.44
CA ARG H 204 -49.79 -1.60 9.11
C ARG H 204 -50.21 -0.20 9.53
N GLY H 205 -51.49 0.01 9.82
CA GLY H 205 -51.93 1.31 10.30
C GLY H 205 -51.59 1.54 11.75
N GLN H 206 -51.54 0.48 12.55
CA GLN H 206 -51.19 0.58 13.94
C GLN H 206 -49.70 0.47 14.19
N ALA H 207 -48.92 0.20 13.15
CA ALA H 207 -47.48 0.08 13.29
C ALA H 207 -46.89 1.45 13.61
N ARG H 208 -46.12 1.50 14.69
CA ARG H 208 -45.50 2.72 15.13
C ARG H 208 -43.99 2.52 15.17
N PHE H 209 -43.27 3.52 14.70
CA PHE H 209 -41.83 3.42 14.61
C PHE H 209 -41.19 3.45 16.00
N LEU H 210 -40.12 2.69 16.14
CA LEU H 210 -39.36 2.64 17.37
C LEU H 210 -37.95 3.16 17.13
N PRO H 211 -37.65 4.39 17.51
CA PRO H 211 -36.33 4.92 17.20
C PRO H 211 -35.24 4.27 18.02
N GLU H 212 -35.58 3.74 19.18
CA GLU H 212 -34.61 3.16 20.07
C GLU H 212 -35.30 2.17 20.98
N THR H 213 -34.57 1.14 21.36
CA THR H 213 -35.12 0.14 22.25
C THR H 213 -33.99 -0.78 22.67
N SER H 214 -34.35 -1.75 23.48
CA SER H 214 -33.42 -2.74 23.98
C SER H 214 -33.79 -4.11 23.47
N ALA H 215 -32.82 -5.01 23.52
CA ALA H 215 -33.05 -6.38 23.07
C ALA H 215 -34.07 -7.08 23.96
N THR H 216 -34.10 -6.73 25.23
CA THR H 216 -35.02 -7.38 26.15
C THR H 216 -36.46 -7.02 25.84
N ASP H 217 -36.73 -5.73 25.64
CA ASP H 217 -38.09 -5.30 25.37
C ASP H 217 -38.66 -6.03 24.17
N LEU H 218 -37.84 -6.26 23.15
CA LEU H 218 -38.29 -6.99 21.98
C LEU H 218 -38.42 -8.47 22.25
N ALA H 219 -37.45 -9.05 22.95
CA ALA H 219 -37.44 -10.48 23.16
C ALA H 219 -38.58 -10.90 24.08
N LYS H 220 -38.93 -10.06 25.04
CA LYS H 220 -40.07 -10.32 25.91
C LYS H 220 -41.37 -9.96 25.22
N SER H 221 -41.30 -9.41 24.03
CA SER H 221 -42.47 -9.11 23.24
C SER H 221 -42.82 -10.31 22.37
N GLU H 222 -43.92 -10.17 21.65
CA GLU H 222 -44.32 -11.16 20.67
C GLU H 222 -44.74 -10.42 19.41
N GLY H 223 -44.54 -11.08 18.29
CA GLY H 223 -44.81 -10.49 17.02
C GLY H 223 -43.62 -10.55 16.10
N PRO H 224 -43.83 -10.18 14.85
CA PRO H 224 -42.77 -10.28 13.88
C PRO H 224 -41.70 -9.23 14.09
N LEU H 225 -40.60 -9.42 13.37
CA LEU H 225 -39.48 -8.50 13.40
C LEU H 225 -38.72 -8.62 12.10
N PRO H 226 -38.03 -7.56 11.69
CA PRO H 226 -37.15 -7.64 10.54
C PRO H 226 -35.84 -8.34 10.85
N VAL H 227 -35.66 -8.76 12.10
CA VAL H 227 -34.45 -9.42 12.54
C VAL H 227 -34.82 -10.67 13.30
N ASP H 228 -33.88 -11.60 13.31
CA ASP H 228 -34.10 -12.87 13.98
C ASP H 228 -34.33 -12.65 15.46
N ARG H 229 -35.02 -13.61 16.07
CA ARG H 229 -35.21 -13.56 17.51
C ARG H 229 -34.05 -14.17 18.27
N ALA H 230 -33.26 -15.00 17.61
CA ALA H 230 -32.04 -15.50 18.22
C ALA H 230 -31.00 -14.41 18.36
N LEU H 231 -31.09 -13.39 17.53
CA LEU H 231 -30.22 -12.24 17.68
C LEU H 231 -30.42 -11.59 19.03
N LEU H 232 -31.65 -11.54 19.49
CA LEU H 232 -31.96 -10.94 20.76
C LEU H 232 -31.46 -11.78 21.92
N ASP H 233 -31.28 -13.07 21.70
CA ASP H 233 -30.78 -13.94 22.74
C ASP H 233 -29.26 -13.90 22.81
N VAL H 234 -28.61 -13.83 21.65
CA VAL H 234 -27.15 -13.71 21.66
C VAL H 234 -26.71 -12.32 22.09
N MET H 235 -27.60 -11.33 21.97
CA MET H 235 -27.28 -9.94 22.32
C MET H 235 -27.19 -9.83 23.83
N ALA H 236 -27.92 -10.66 24.57
CA ALA H 236 -27.83 -10.67 26.02
C ALA H 236 -26.50 -11.21 26.49
N THR H 237 -25.90 -12.11 25.73
CA THR H 237 -24.62 -12.71 26.08
C THR H 237 -23.47 -12.02 25.37
N ALA H 238 -23.71 -10.82 24.86
CA ALA H 238 -22.69 -10.09 24.16
C ALA H 238 -21.61 -9.59 25.11
N ARG H 239 -20.49 -9.23 24.55
CA ARG H 239 -19.31 -8.85 25.30
C ARG H 239 -18.80 -7.47 24.95
N HIS H 240 -18.88 -7.10 23.69
CA HIS H 240 -18.33 -5.85 23.20
C HIS H 240 -19.35 -4.92 22.59
N ILE H 241 -20.22 -5.44 21.72
CA ILE H 241 -21.15 -4.60 21.00
C ILE H 241 -22.20 -4.07 21.94
N GLU H 242 -22.34 -2.76 22.00
CA GLU H 242 -23.29 -2.11 22.89
C GLU H 242 -24.57 -1.73 22.19
N ARG H 243 -24.52 -1.40 20.92
CA ARG H 243 -25.70 -0.98 20.19
C ARG H 243 -25.59 -1.41 18.75
N VAL H 244 -26.76 -1.62 18.15
CA VAL H 244 -26.89 -2.01 16.76
C VAL H 244 -27.92 -1.10 16.12
N GLN H 245 -27.60 -0.59 14.94
CA GLN H 245 -28.52 0.29 14.23
C GLN H 245 -29.08 -0.40 13.02
N VAL H 246 -30.40 -0.32 12.89
CA VAL H 246 -31.15 -0.83 11.76
C VAL H 246 -31.54 0.36 10.92
N VAL H 247 -31.25 0.31 9.63
CA VAL H 247 -31.49 1.44 8.75
C VAL H 247 -32.08 0.94 7.44
N ASN H 248 -32.59 1.89 6.68
CA ASN H 248 -33.09 1.62 5.34
C ASN H 248 -32.01 1.95 4.33
N GLY H 249 -31.70 0.98 3.47
CA GLY H 249 -30.74 1.18 2.42
C GLY H 249 -31.32 1.68 1.13
N LEU H 250 -32.64 1.65 1.02
CA LEU H 250 -33.30 2.27 -0.11
C LEU H 250 -33.21 3.79 -0.05
N VAL H 251 -32.88 4.33 1.10
CA VAL H 251 -32.74 5.77 1.29
C VAL H 251 -31.25 6.10 1.30
N PRO H 252 -30.77 6.93 0.41
CA PRO H 252 -29.33 7.21 0.37
C PRO H 252 -28.88 8.04 1.54
N GLY H 253 -27.65 7.76 1.98
CA GLY H 253 -27.01 8.53 3.01
C GLY H 253 -27.20 8.00 4.40
N ARG H 254 -28.18 7.14 4.61
CA ARG H 254 -28.47 6.67 5.94
C ARG H 254 -27.43 5.67 6.40
N LEU H 255 -26.97 4.84 5.49
CA LEU H 255 -25.91 3.90 5.82
C LEU H 255 -24.62 4.64 6.14
N THR H 256 -24.23 5.57 5.28
CA THR H 256 -23.05 6.37 5.50
C THR H 256 -23.09 7.03 6.86
N ALA H 257 -24.26 7.55 7.24
CA ALA H 257 -24.38 8.21 8.52
C ALA H 257 -24.31 7.23 9.66
N ALA H 258 -24.94 6.08 9.51
CA ALA H 258 -24.95 5.09 10.58
C ALA H 258 -23.54 4.63 10.89
N LEU H 259 -22.73 4.45 9.87
CA LEU H 259 -21.35 4.09 10.10
C LEU H 259 -20.60 5.17 10.87
N ARG H 260 -21.15 6.36 10.93
CA ARG H 260 -20.58 7.45 11.70
C ARG H 260 -21.29 7.66 13.03
N GLY H 261 -22.24 6.80 13.37
CA GLY H 261 -22.88 6.85 14.65
C GLY H 261 -24.16 7.64 14.70
N GLU H 262 -24.60 8.19 13.58
CA GLU H 262 -25.81 8.98 13.58
C GLU H 262 -27.03 8.09 13.76
N HIS H 263 -28.04 8.66 14.38
CA HIS H 263 -29.28 7.96 14.68
C HIS H 263 -30.26 8.23 13.56
N VAL H 264 -30.20 7.39 12.53
CA VAL H 264 -31.05 7.53 11.37
C VAL H 264 -32.11 6.45 11.30
N GLY H 265 -31.99 5.41 12.10
CA GLY H 265 -32.99 4.38 12.13
C GLY H 265 -33.29 3.95 13.54
N THR H 266 -33.26 2.65 13.76
CA THR H 266 -33.59 2.07 15.05
C THR H 266 -32.32 1.67 15.76
N LEU H 267 -32.25 1.99 17.04
CA LEU H 267 -31.11 1.64 17.87
C LEU H 267 -31.51 0.58 18.87
N ILE H 268 -30.74 -0.49 18.92
CA ILE H 268 -30.98 -1.61 19.80
C ILE H 268 -29.81 -1.68 20.75
N ARG H 269 -30.07 -1.48 22.03
CA ARG H 269 -29.05 -1.61 23.05
C ARG H 269 -28.97 -3.05 23.50
N THR H 270 -27.76 -3.54 23.64
CA THR H 270 -27.53 -4.89 24.10
C THR H 270 -27.42 -4.93 25.61
N GLY H 271 -27.12 -6.10 26.13
CA GLY H 271 -26.93 -6.28 27.55
C GLY H 271 -25.60 -5.83 28.07
N VAL H 272 -24.81 -5.21 27.21
CA VAL H 272 -23.47 -4.78 27.60
C VAL H 272 -23.57 -3.55 28.48
N ARG H 273 -22.74 -3.51 29.51
CA ARG H 273 -22.65 -2.34 30.36
C ARG H 273 -21.33 -1.65 30.08
N PRO H 274 -21.31 -0.46 29.49
CA PRO H 274 -20.05 0.23 29.24
C PRO H 274 -19.43 0.72 30.53
N ALA H 275 -18.29 1.38 30.38
CA ALA H 275 -17.54 1.91 31.52
C ALA H 275 -17.95 3.35 31.84
N SER I 3 5.24 -50.41 31.79
CA SER I 3 6.42 -49.55 31.81
C SER I 3 6.15 -48.25 31.07
N THR I 4 4.88 -48.00 30.77
CA THR I 4 4.53 -46.79 30.04
C THR I 4 4.59 -45.55 30.92
N ALA I 5 4.68 -45.72 32.23
CA ALA I 5 4.77 -44.58 33.12
C ALA I 5 6.07 -43.82 32.91
N GLU I 6 7.18 -44.54 32.76
CA GLU I 6 8.45 -43.89 32.49
C GLU I 6 8.39 -43.16 31.16
N LEU I 7 7.79 -43.79 30.16
CA LEU I 7 7.65 -43.14 28.87
C LEU I 7 6.85 -41.86 28.98
N GLU I 8 5.76 -41.90 29.75
CA GLU I 8 4.89 -40.73 29.86
C GLU I 8 5.55 -39.62 30.64
N GLU I 9 6.31 -39.96 31.67
CA GLU I 9 6.98 -38.94 32.45
C GLU I 9 8.22 -38.42 31.75
N LEU I 10 8.70 -39.14 30.74
CA LEU I 10 9.79 -38.62 29.94
C LEU I 10 9.28 -37.71 28.84
N LEU I 11 8.19 -38.11 28.19
CA LEU I 11 7.67 -37.35 27.07
C LEU I 11 7.35 -35.92 27.46
N MET I 12 6.91 -35.71 28.69
CA MET I 12 6.51 -34.40 29.14
C MET I 12 7.66 -33.56 29.64
N GLN I 13 8.78 -34.20 29.96
CA GLN I 13 9.93 -33.50 30.51
CA GLN I 13 9.94 -33.52 30.52
C GLN I 13 11.07 -33.37 29.52
N ARG I 14 11.57 -34.48 29.00
CA ARG I 14 12.75 -34.43 28.16
C ARG I 14 12.39 -33.95 26.76
N SER I 15 13.43 -33.76 25.98
CA SER I 15 13.25 -33.47 24.57
C SER I 15 13.26 -34.77 23.78
N LEU I 16 12.54 -34.75 22.67
CA LEU I 16 12.40 -35.93 21.85
C LEU I 16 13.72 -36.42 21.31
N THR I 17 14.78 -35.62 21.45
CA THR I 17 16.13 -36.06 21.16
C THR I 17 16.74 -36.82 22.30
N ASP I 18 16.08 -36.87 23.44
CA ASP I 18 16.61 -37.61 24.56
C ASP I 18 16.66 -39.08 24.20
N PRO I 19 17.83 -39.71 24.24
CA PRO I 19 17.92 -41.11 23.83
CA PRO I 19 17.92 -41.11 23.83
C PRO I 19 17.16 -42.05 24.73
N GLN I 20 17.16 -41.81 26.03
CA GLN I 20 16.38 -42.64 26.92
C GLN I 20 14.94 -42.70 26.45
N LEU I 21 14.45 -41.57 25.96
CA LEU I 21 13.09 -41.47 25.43
C LEU I 21 12.93 -42.29 24.16
N GLN I 22 13.88 -42.17 23.24
CA GLN I 22 13.79 -42.92 21.99
C GLN I 22 13.81 -44.41 22.26
N ALA I 23 14.61 -44.83 23.23
CA ALA I 23 14.72 -46.23 23.58
C ALA I 23 13.43 -46.71 24.23
N ALA I 24 12.82 -45.87 25.04
CA ALA I 24 11.52 -46.22 25.62
C ALA I 24 10.46 -46.35 24.54
N ALA I 25 10.51 -45.47 23.54
CA ALA I 25 9.52 -45.49 22.48
C ALA I 25 9.68 -46.70 21.59
N ALA I 26 10.92 -47.06 21.26
CA ALA I 26 11.16 -48.24 20.45
C ALA I 26 10.64 -49.49 21.13
N ALA I 27 10.50 -49.47 22.45
CA ALA I 27 9.98 -50.60 23.19
C ALA I 27 8.47 -50.63 23.19
N ALA I 28 7.84 -49.81 22.38
CA ALA I 28 6.39 -49.73 22.34
C ALA I 28 5.83 -50.75 21.37
N ALA I 29 4.51 -50.81 21.33
CA ALA I 29 3.82 -51.77 20.51
C ALA I 29 3.92 -51.42 19.04
N ASP I 30 3.52 -52.37 18.21
CA ASP I 30 3.45 -52.20 16.78
C ASP I 30 2.06 -52.56 16.32
N PHE I 31 1.54 -51.77 15.38
CA PHE I 31 0.18 -51.95 14.89
C PHE I 31 0.22 -51.81 13.39
N ARG I 32 -0.17 -52.86 12.69
CA ARG I 32 -0.26 -52.85 11.25
C ARG I 32 -1.68 -52.49 10.85
N ILE I 33 -1.82 -51.49 10.01
CA ILE I 33 -3.12 -50.92 9.70
C ILE I 33 -3.76 -51.67 8.54
N LEU I 34 -2.96 -52.10 7.58
CA LEU I 34 -3.43 -52.85 6.44
C LEU I 34 -2.46 -54.01 6.22
N PRO I 35 -2.44 -54.94 7.15
CA PRO I 35 -1.47 -56.04 7.05
C PRO I 35 -1.74 -56.96 5.90
N ASP I 36 -2.97 -57.00 5.41
CA ASP I 36 -3.33 -57.88 4.32
C ASP I 36 -3.16 -57.22 2.97
N ALA I 37 -2.73 -55.97 2.95
CA ALA I 37 -2.67 -55.22 1.72
C ALA I 37 -1.32 -55.33 1.06
N THR I 38 -1.32 -55.15 -0.24
CA THR I 38 -0.13 -55.23 -1.05
C THR I 38 0.00 -53.95 -1.85
N VAL I 39 1.20 -53.37 -1.84
CA VAL I 39 1.47 -52.13 -2.53
C VAL I 39 2.30 -52.43 -3.77
N ILE I 40 1.91 -51.85 -4.89
CA ILE I 40 2.65 -51.98 -6.12
C ILE I 40 2.81 -50.60 -6.72
N LYS I 41 3.85 -50.44 -7.52
CA LYS I 41 4.18 -49.18 -8.14
C LYS I 41 4.31 -49.38 -9.64
N ILE I 42 3.45 -48.72 -10.38
CA ILE I 42 3.48 -48.79 -11.84
C ILE I 42 4.35 -47.67 -12.35
N GLY I 43 5.50 -48.03 -12.91
CA GLY I 43 6.39 -47.02 -13.45
C GLY I 43 5.72 -46.22 -14.54
N GLY I 44 6.08 -44.96 -14.63
CA GLY I 44 5.56 -44.11 -15.66
C GLY I 44 6.39 -44.17 -16.91
N GLN I 45 7.68 -43.89 -16.75
CA GLN I 45 8.60 -43.95 -17.87
C GLN I 45 8.81 -45.38 -18.33
N SER I 46 8.47 -46.34 -17.49
CA SER I 46 8.74 -47.73 -17.78
C SER I 46 7.56 -48.39 -18.46
N VAL I 47 6.36 -47.96 -18.12
CA VAL I 47 5.15 -48.69 -18.46
C VAL I 47 4.12 -47.78 -19.10
N ILE I 48 3.62 -46.84 -18.30
CA ILE I 48 2.51 -46.02 -18.75
C ILE I 48 2.89 -45.24 -19.98
N ASP I 49 4.12 -44.77 -20.04
CA ASP I 49 4.58 -44.01 -21.18
C ASP I 49 4.73 -44.87 -22.41
N ARG I 50 4.53 -46.18 -22.29
CA ARG I 50 4.47 -47.07 -23.44
C ARG I 50 3.07 -47.15 -24.02
N GLY I 51 2.06 -46.85 -23.21
CA GLY I 51 0.71 -46.75 -23.70
C GLY I 51 -0.10 -48.01 -23.59
N ARG I 52 -0.81 -48.32 -24.68
CA ARG I 52 -1.80 -49.38 -24.65
C ARG I 52 -1.17 -50.73 -24.37
N ALA I 53 -0.16 -51.09 -25.16
CA ALA I 53 0.41 -52.42 -25.13
C ALA I 53 0.85 -52.85 -23.75
N ALA I 54 1.23 -51.89 -22.91
CA ALA I 54 1.72 -52.19 -21.58
C ALA I 54 0.69 -51.96 -20.49
N VAL I 55 -0.33 -51.17 -20.77
CA VAL I 55 -1.28 -50.80 -19.72
C VAL I 55 -2.49 -51.71 -19.73
N TYR I 56 -3.01 -52.03 -20.91
CA TYR I 56 -4.19 -52.88 -20.97
C TYR I 56 -3.94 -54.24 -20.34
N PRO I 57 -2.86 -54.94 -20.67
CA PRO I 57 -2.58 -56.22 -20.01
C PRO I 57 -2.49 -56.09 -18.50
N LEU I 58 -1.87 -55.01 -18.02
CA LEU I 58 -1.73 -54.82 -16.59
C LEU I 58 -3.07 -54.55 -15.95
N VAL I 59 -3.93 -53.81 -16.63
CA VAL I 59 -5.28 -53.60 -16.14
C VAL I 59 -5.98 -54.93 -15.99
N ASP I 60 -5.82 -55.81 -16.97
CA ASP I 60 -6.40 -57.13 -16.87
C ASP I 60 -5.86 -57.89 -15.66
N GLU I 61 -4.53 -57.90 -15.51
CA GLU I 61 -3.92 -58.61 -14.40
C GLU I 61 -4.42 -58.09 -13.07
N ILE I 62 -4.65 -56.79 -12.99
CA ILE I 62 -5.06 -56.17 -11.74
C ILE I 62 -6.49 -56.53 -11.42
N VAL I 63 -7.37 -56.43 -12.42
CA VAL I 63 -8.76 -56.78 -12.21
C VAL I 63 -8.86 -58.24 -11.85
N ALA I 64 -7.92 -59.04 -12.30
CA ALA I 64 -7.91 -60.46 -11.95
C ALA I 64 -7.42 -60.67 -10.53
N ALA I 65 -6.38 -59.93 -10.14
CA ALA I 65 -5.72 -60.18 -8.88
C ALA I 65 -6.51 -59.64 -7.70
N ARG I 66 -7.25 -58.56 -7.90
CA ARG I 66 -8.01 -58.01 -6.80
C ARG I 66 -9.02 -59.01 -6.25
N LYS I 67 -9.29 -60.09 -6.99
CA LYS I 67 -10.16 -61.14 -6.49
C LYS I 67 -9.55 -61.85 -5.30
N ASN I 68 -8.24 -61.80 -5.14
CA ASN I 68 -7.55 -62.54 -4.11
C ASN I 68 -6.62 -61.69 -3.26
N HIS I 69 -6.31 -60.47 -3.67
CA HIS I 69 -5.42 -59.61 -2.92
C HIS I 69 -5.98 -58.21 -2.80
N LYS I 70 -5.59 -57.53 -1.73
CA LYS I 70 -5.81 -56.11 -1.61
C LYS I 70 -4.67 -55.37 -2.28
N LEU I 71 -5.00 -54.38 -3.08
CA LEU I 71 -4.02 -53.71 -3.93
C LEU I 71 -4.06 -52.21 -3.75
N LEU I 72 -2.90 -51.64 -3.49
CA LEU I 72 -2.68 -50.20 -3.47
C LEU I 72 -1.73 -49.90 -4.60
N ILE I 73 -2.25 -49.29 -5.65
CA ILE I 73 -1.52 -49.10 -6.89
C ILE I 73 -1.06 -47.67 -6.96
N GLY I 74 0.24 -47.49 -6.93
CA GLY I 74 0.84 -46.19 -7.10
C GLY I 74 1.40 -46.04 -8.49
N THR I 75 1.36 -44.81 -8.97
CA THR I 75 1.83 -44.49 -10.30
C THR I 75 3.10 -43.69 -10.23
N GLY I 76 3.91 -43.87 -11.24
CA GLY I 76 5.06 -43.04 -11.44
C GLY I 76 4.73 -41.84 -12.28
N ALA I 77 5.70 -40.95 -12.34
CA ALA I 77 5.51 -39.71 -13.09
C ALA I 77 5.79 -39.91 -14.56
N GLY I 78 7.04 -40.18 -14.88
CA GLY I 78 7.43 -40.43 -16.24
C GLY I 78 8.37 -39.38 -16.78
N THR I 79 8.29 -39.20 -18.09
CA THR I 79 9.19 -38.33 -18.81
C THR I 79 8.72 -36.89 -18.85
N ARG I 80 7.43 -36.65 -18.72
CA ARG I 80 6.98 -35.28 -18.54
C ARG I 80 7.63 -34.65 -17.34
N ALA I 81 7.80 -35.43 -16.28
CA ALA I 81 8.46 -34.94 -15.09
C ALA I 81 9.91 -34.63 -15.36
N ARG I 82 10.55 -35.42 -16.21
CA ARG I 82 11.94 -35.18 -16.52
C ARG I 82 12.10 -33.93 -17.35
N HIS I 83 11.15 -33.69 -18.24
CA HIS I 83 11.10 -32.44 -18.98
C HIS I 83 10.97 -31.26 -18.03
N LEU I 84 10.03 -31.35 -17.10
CA LEU I 84 9.85 -30.28 -16.12
C LEU I 84 11.09 -30.06 -15.29
N TYR I 85 11.70 -31.14 -14.83
CA TYR I 85 12.91 -31.02 -14.03
C TYR I 85 14.01 -30.35 -14.81
N SER I 86 14.17 -30.71 -16.08
CA SER I 86 15.18 -30.07 -16.91
C SER I 86 14.92 -28.59 -17.02
N ILE I 87 13.67 -28.23 -17.31
CA ILE I 87 13.31 -26.82 -17.44
C ILE I 87 13.66 -26.08 -16.17
N ALA I 88 13.18 -26.57 -15.05
CA ALA I 88 13.29 -25.85 -13.79
C ALA I 88 14.72 -25.78 -13.31
N ALA I 89 15.50 -26.83 -13.54
CA ALA I 89 16.91 -26.78 -13.22
C ALA I 89 17.65 -25.78 -14.08
N GLY I 90 17.27 -25.68 -15.35
CA GLY I 90 17.85 -24.65 -16.19
C GLY I 90 17.63 -23.26 -15.65
N LEU I 91 16.66 -23.10 -14.78
CA LEU I 91 16.37 -21.83 -14.15
C LEU I 91 16.97 -21.72 -12.77
N GLY I 92 17.50 -22.80 -12.23
CA GLY I 92 18.09 -22.77 -10.91
C GLY I 92 17.08 -22.90 -9.81
N LEU I 93 16.04 -23.62 -10.04
CA LEU I 93 15.01 -23.77 -9.03
C LEU I 93 15.33 -24.92 -8.10
N PRO I 94 14.90 -24.84 -6.87
CA PRO I 94 15.24 -25.87 -5.89
C PRO I 94 14.37 -27.10 -6.00
N ALA I 95 14.74 -28.09 -5.21
CA ALA I 95 14.12 -29.40 -5.29
C ALA I 95 12.65 -29.37 -4.93
N GLY I 96 12.27 -28.52 -3.98
CA GLY I 96 10.87 -28.46 -3.57
C GLY I 96 9.95 -28.15 -4.73
N VAL I 97 10.34 -27.20 -5.55
CA VAL I 97 9.52 -26.84 -6.68
C VAL I 97 9.38 -28.02 -7.62
N LEU I 98 10.50 -28.64 -7.96
CA LEU I 98 10.48 -29.79 -8.84
C LEU I 98 9.56 -30.88 -8.31
N ALA I 99 9.52 -31.03 -7.00
CA ALA I 99 8.64 -32.02 -6.40
C ALA I 99 7.18 -31.63 -6.59
N GLN I 100 6.86 -30.38 -6.32
CA GLN I 100 5.52 -29.89 -6.64
C GLN I 100 5.14 -30.25 -8.06
N LEU I 101 6.10 -30.17 -8.96
CA LEU I 101 5.79 -30.36 -10.37
C LEU I 101 5.58 -31.83 -10.70
N GLY I 102 6.44 -32.70 -10.16
CA GLY I 102 6.33 -34.10 -10.47
C GLY I 102 5.12 -34.77 -9.84
N SER I 103 4.72 -34.30 -8.66
CA SER I 103 3.53 -34.83 -8.04
C SER I 103 2.37 -34.80 -9.01
N SER I 104 2.34 -33.79 -9.85
CA SER I 104 1.23 -33.58 -10.75
C SER I 104 1.25 -34.56 -11.91
N VAL I 105 2.44 -34.87 -12.41
CA VAL I 105 2.55 -35.87 -13.46
C VAL I 105 2.08 -37.21 -12.94
N ALA I 106 2.47 -37.53 -11.72
CA ALA I 106 2.00 -38.76 -11.12
C ALA I 106 0.49 -38.75 -10.99
N ASP I 107 -0.07 -37.62 -10.58
CA ASP I 107 -1.51 -37.53 -10.43
C ASP I 107 -2.22 -37.67 -11.78
N GLN I 108 -1.62 -37.14 -12.85
CA GLN I 108 -2.13 -37.33 -14.20
C GLN I 108 -2.22 -38.80 -14.55
N ASN I 109 -1.10 -39.48 -14.41
CA ASN I 109 -1.04 -40.89 -14.77
C ASN I 109 -2.06 -41.68 -13.97
N ALA I 110 -2.21 -41.34 -12.70
CA ALA I 110 -3.21 -41.99 -11.88
C ALA I 110 -4.59 -41.78 -12.44
N ALA I 111 -4.88 -40.57 -12.90
CA ALA I 111 -6.19 -40.30 -13.47
C ALA I 111 -6.43 -41.14 -14.71
N MET I 112 -5.45 -41.18 -15.62
CA MET I 112 -5.60 -41.98 -16.81
C MET I 112 -5.83 -43.43 -16.46
N LEU I 113 -5.14 -43.91 -15.45
CA LEU I 113 -5.25 -45.31 -15.09
C LEU I 113 -6.58 -45.60 -14.42
N GLY I 114 -7.09 -44.68 -13.63
CA GLY I 114 -8.36 -44.86 -12.97
C GLY I 114 -9.54 -44.69 -13.88
N GLN I 115 -9.35 -44.04 -15.01
CA GLN I 115 -10.42 -44.00 -15.99
C GLN I 115 -10.57 -45.33 -16.69
N LEU I 116 -9.52 -46.14 -16.69
CA LEU I 116 -9.60 -47.47 -17.27
C LEU I 116 -10.18 -48.49 -16.32
N LEU I 117 -10.14 -48.21 -15.02
CA LEU I 117 -10.53 -49.16 -14.01
C LEU I 117 -11.85 -48.81 -13.35
N ALA I 118 -12.48 -47.73 -13.77
CA ALA I 118 -13.70 -47.30 -13.11
C ALA I 118 -14.84 -48.26 -13.37
N LYS I 119 -14.88 -48.84 -14.57
CA LYS I 119 -15.88 -49.84 -14.87
C LYS I 119 -15.69 -51.09 -14.03
N HIS I 120 -14.49 -51.28 -13.50
CA HIS I 120 -14.18 -52.42 -12.66
C HIS I 120 -14.31 -52.10 -11.19
N GLY I 121 -14.72 -50.89 -10.85
CA GLY I 121 -14.97 -50.54 -9.48
C GLY I 121 -13.75 -50.15 -8.70
N ILE I 122 -12.69 -49.74 -9.38
CA ILE I 122 -11.43 -49.38 -8.74
C ILE I 122 -11.26 -47.87 -8.84
N PRO I 123 -11.26 -47.16 -7.73
CA PRO I 123 -11.22 -45.71 -7.77
C PRO I 123 -9.83 -45.14 -7.61
N VAL I 124 -9.76 -43.84 -7.82
CA VAL I 124 -8.58 -43.06 -7.53
C VAL I 124 -8.81 -42.31 -6.24
N VAL I 125 -7.86 -42.35 -5.34
CA VAL I 125 -8.14 -41.79 -4.02
C VAL I 125 -6.95 -40.95 -3.62
N GLY I 126 -7.17 -39.84 -2.92
CA GLY I 126 -6.07 -39.00 -2.44
C GLY I 126 -5.42 -39.72 -1.29
N GLY I 127 -6.19 -39.97 -0.24
CA GLY I 127 -5.72 -40.66 0.97
C GLY I 127 -5.87 -42.15 0.81
N ALA I 128 -4.90 -42.80 0.19
CA ALA I 128 -4.88 -44.25 -0.09
C ALA I 128 -5.08 -45.06 1.16
N GLY I 129 -4.32 -44.73 2.21
CA GLY I 129 -4.16 -45.51 3.44
C GLY I 129 -5.46 -45.70 4.18
N LEU I 130 -6.26 -44.66 4.33
CA LEU I 130 -7.51 -44.80 5.09
C LEU I 130 -8.70 -44.89 4.15
N SER I 131 -8.48 -45.03 2.85
CA SER I 131 -9.62 -45.35 1.97
C SER I 131 -9.99 -46.73 2.48
N ALA I 132 -10.77 -46.81 3.54
CA ALA I 132 -10.97 -48.16 4.07
C ALA I 132 -11.97 -48.97 3.27
N VAL I 133 -13.07 -48.36 2.85
CA VAL I 133 -14.20 -49.07 2.27
C VAL I 133 -13.74 -49.91 1.09
N PRO I 134 -13.18 -49.30 0.05
CA PRO I 134 -12.88 -50.06 -1.16
C PRO I 134 -12.04 -51.27 -0.90
N LEU I 135 -11.29 -51.27 0.19
CA LEU I 135 -10.44 -52.38 0.53
C LEU I 135 -11.17 -53.43 1.35
N SER I 136 -12.11 -53.01 2.17
CA SER I 136 -12.91 -53.97 2.90
C SER I 136 -13.77 -54.82 1.99
N LEU I 137 -14.03 -54.35 0.78
CA LEU I 137 -14.89 -55.06 -0.14
C LEU I 137 -14.08 -55.98 -1.03
N ALA I 138 -14.75 -57.01 -1.53
CA ALA I 138 -14.12 -57.97 -2.42
C ALA I 138 -14.37 -57.64 -3.88
N GLU I 139 -15.42 -56.88 -4.17
CA GLU I 139 -15.74 -56.47 -5.52
C GLU I 139 -14.98 -55.22 -5.91
N VAL I 140 -14.21 -54.65 -5.00
CA VAL I 140 -13.32 -53.55 -5.29
C VAL I 140 -11.90 -53.91 -4.92
N ASN I 141 -11.62 -53.99 -3.63
CA ASN I 141 -10.40 -54.57 -3.11
C ASN I 141 -9.15 -53.95 -3.72
N ALA I 142 -9.23 -52.71 -4.17
CA ALA I 142 -8.07 -52.08 -4.78
C ALA I 142 -8.30 -50.59 -4.96
N VAL I 143 -7.20 -49.85 -5.02
CA VAL I 143 -7.24 -48.41 -5.25
C VAL I 143 -5.98 -47.95 -5.97
N VAL I 144 -6.10 -46.78 -6.60
CA VAL I 144 -5.03 -46.13 -7.37
C VAL I 144 -4.86 -44.75 -6.76
N PHE I 145 -3.67 -44.51 -6.61
CA PHE I 145 -3.39 -43.13 -6.13
C PHE I 145 -2.18 -42.60 -6.90
N SER I 146 -1.56 -41.49 -6.53
CA SER I 146 -0.21 -41.11 -6.96
C SER I 146 0.78 -42.04 -6.31
N GLY I 147 2.03 -41.59 -6.76
CA GLY I 147 3.16 -42.24 -6.15
C GLY I 147 3.91 -41.18 -5.47
N MET I 148 3.62 -39.91 -5.73
CA MET I 148 4.60 -38.97 -5.22
C MET I 148 4.23 -38.55 -3.81
N PRO I 149 5.22 -38.30 -2.97
CA PRO I 149 4.96 -37.98 -1.61
C PRO I 149 4.62 -36.50 -1.43
N PRO I 150 4.17 -36.15 -0.26
CA PRO I 150 3.66 -34.82 0.00
C PRO I 150 4.71 -33.82 0.42
N TYR I 151 5.95 -34.12 0.13
CA TYR I 151 7.07 -33.29 0.55
C TYR I 151 7.20 -32.07 -0.30
N LYS I 152 6.09 -31.62 -0.88
CA LYS I 152 6.11 -30.77 -2.05
C LYS I 152 7.31 -29.83 -2.02
N LEU I 153 7.41 -29.02 -0.98
CA LEU I 153 8.44 -28.02 -0.90
C LEU I 153 9.39 -28.22 0.25
N TRP I 154 9.00 -28.97 1.26
CA TRP I 154 9.86 -29.31 2.36
C TRP I 154 10.71 -30.51 2.07
N MET I 155 10.92 -30.81 0.80
CA MET I 155 11.71 -31.96 0.42
C MET I 155 13.13 -31.82 0.94
N ARG I 156 13.66 -32.91 1.42
CA ARG I 156 15.05 -32.96 1.77
C ARG I 156 15.88 -32.95 0.50
N PRO I 157 16.66 -31.92 0.25
CA PRO I 157 17.45 -31.89 -0.97
C PRO I 157 18.61 -32.86 -0.88
N ALA I 158 19.11 -33.23 -2.05
CA ALA I 158 20.24 -34.11 -2.11
C ALA I 158 21.52 -33.37 -1.79
N ALA I 159 22.58 -34.14 -1.56
CA ALA I 159 23.87 -33.55 -1.29
C ALA I 159 24.32 -32.66 -2.44
N GLU I 160 24.03 -33.08 -3.66
CA GLU I 160 24.42 -32.34 -4.84
C GLU I 160 23.25 -32.28 -5.80
N GLY I 161 22.90 -31.09 -6.20
CA GLY I 161 21.89 -30.89 -7.21
C GLY I 161 20.55 -30.50 -6.64
N VAL I 162 19.60 -30.38 -7.55
CA VAL I 162 18.24 -30.01 -7.23
C VAL I 162 17.25 -31.11 -7.54
N ILE I 163 17.70 -32.24 -8.03
CA ILE I 163 16.79 -33.34 -8.33
C ILE I 163 16.24 -33.90 -7.02
N PRO I 164 14.93 -33.99 -6.86
CA PRO I 164 14.38 -34.57 -5.66
C PRO I 164 14.76 -36.03 -5.55
N PRO I 165 15.33 -36.42 -4.45
CA PRO I 165 15.78 -37.81 -4.32
C PRO I 165 14.65 -38.73 -3.92
N TYR I 166 13.68 -38.18 -3.22
CA TYR I 166 12.54 -38.93 -2.74
C TYR I 166 11.40 -38.72 -3.72
N ARG I 167 11.13 -39.73 -4.53
CA ARG I 167 10.06 -39.68 -5.49
C ARG I 167 9.19 -40.92 -5.43
N THR I 168 8.43 -41.15 -6.50
CA THR I 168 7.38 -42.15 -6.50
C THR I 168 7.77 -43.45 -5.86
N ASP I 169 8.99 -43.93 -6.11
CA ASP I 169 9.43 -45.15 -5.47
C ASP I 169 9.29 -45.05 -3.96
N ALA I 170 9.83 -43.98 -3.40
CA ALA I 170 9.73 -43.75 -1.97
C ALA I 170 8.30 -43.49 -1.54
N GLY I 171 7.56 -42.73 -2.34
CA GLY I 171 6.19 -42.43 -1.99
C GLY I 171 5.35 -43.68 -1.83
N CYS I 172 5.68 -44.72 -2.57
CA CYS I 172 4.97 -45.98 -2.42
C CYS I 172 5.54 -46.82 -1.29
N PHE I 173 6.86 -46.91 -1.20
CA PHE I 173 7.46 -47.75 -0.17
C PHE I 173 7.08 -47.28 1.23
N LEU I 174 7.10 -45.97 1.44
CA LEU I 174 6.79 -45.44 2.75
C LEU I 174 5.35 -45.67 3.12
N LEU I 175 4.47 -45.56 2.15
CA LEU I 175 3.07 -45.87 2.37
C LEU I 175 2.90 -47.32 2.78
N ALA I 176 3.68 -48.21 2.17
CA ALA I 176 3.65 -49.60 2.59
C ALA I 176 4.12 -49.76 4.01
N GLU I 177 5.27 -49.19 4.33
CA GLU I 177 5.85 -49.38 5.65
C GLU I 177 4.96 -48.81 6.74
N GLN I 178 4.32 -47.69 6.47
CA GLN I 178 3.43 -47.07 7.44
C GLN I 178 2.26 -47.97 7.75
N PHE I 179 1.51 -48.34 6.72
CA PHE I 179 0.33 -49.15 6.87
C PHE I 179 0.64 -50.62 7.04
N GLY I 180 1.89 -50.96 7.32
CA GLY I 180 2.25 -52.30 7.72
C GLY I 180 1.89 -53.35 6.69
N CYS I 181 1.89 -52.96 5.43
CA CYS I 181 1.54 -53.89 4.39
C CYS I 181 2.52 -55.04 4.32
N LYS I 182 2.08 -56.13 3.70
CA LYS I 182 2.79 -57.39 3.71
C LYS I 182 3.76 -57.52 2.56
N GLN I 183 3.60 -56.73 1.50
CA GLN I 183 4.35 -56.95 0.28
C GLN I 183 4.46 -55.64 -0.46
N MET I 184 5.62 -55.43 -1.06
CA MET I 184 5.89 -54.23 -1.82
C MET I 184 6.57 -54.60 -3.12
N ILE I 185 5.98 -54.16 -4.22
CA ILE I 185 6.36 -54.58 -5.55
C ILE I 185 6.55 -53.36 -6.44
N PHE I 186 7.54 -53.42 -7.29
CA PHE I 186 7.85 -52.39 -8.25
C PHE I 186 7.75 -52.99 -9.64
N VAL I 187 6.75 -52.54 -10.38
CA VAL I 187 6.51 -53.01 -11.74
C VAL I 187 7.23 -52.08 -12.69
N LYS I 188 8.18 -52.61 -13.45
CA LYS I 188 8.95 -51.80 -14.37
C LYS I 188 9.18 -52.51 -15.68
N ASP I 189 10.10 -51.97 -16.48
CA ASP I 189 10.32 -52.43 -17.84
C ASP I 189 11.47 -53.41 -17.96
N GLU I 190 11.90 -53.98 -16.84
CA GLU I 190 13.02 -54.88 -16.83
C GLU I 190 12.73 -56.04 -15.90
N ASP I 191 13.43 -57.15 -16.16
CA ASP I 191 13.23 -58.36 -15.38
C ASP I 191 13.63 -58.17 -13.94
N GLY I 192 14.39 -57.14 -13.65
CA GLY I 192 14.82 -56.87 -12.29
C GLY I 192 16.03 -55.96 -12.30
N LEU I 193 16.82 -56.09 -11.26
CA LEU I 193 18.03 -55.29 -11.10
C LEU I 193 19.21 -55.99 -11.76
N TYR I 194 19.98 -55.23 -12.53
CA TYR I 194 21.22 -55.72 -13.10
C TYR I 194 22.40 -55.02 -12.46
N THR I 195 23.57 -55.28 -13.02
CA THR I 195 24.78 -54.59 -12.60
C THR I 195 24.90 -53.21 -13.22
N ALA I 196 24.14 -52.95 -14.27
CA ALA I 196 24.20 -51.68 -14.96
C ALA I 196 22.97 -51.56 -15.83
N ASN I 197 22.73 -50.35 -16.29
CA ASN I 197 21.55 -50.12 -17.09
C ASN I 197 21.65 -50.92 -18.38
N PRO I 198 20.83 -51.96 -18.53
CA PRO I 198 20.91 -52.77 -19.74
C PRO I 198 20.54 -52.03 -21.00
N LYS I 199 19.73 -50.99 -20.90
CA LYS I 199 19.38 -50.22 -22.08
C LYS I 199 20.58 -49.50 -22.65
N THR I 200 21.61 -49.28 -21.82
CA THR I 200 22.83 -48.64 -22.25
C THR I 200 23.98 -49.62 -22.40
N SER I 201 24.11 -50.56 -21.47
CA SER I 201 25.20 -51.52 -21.45
C SER I 201 24.60 -52.91 -21.50
N LYS I 202 24.74 -53.57 -22.65
CA LYS I 202 24.17 -54.89 -22.86
C LYS I 202 25.05 -55.99 -22.30
N ASP I 203 26.10 -55.63 -21.59
CA ASP I 203 26.94 -56.59 -20.88
C ASP I 203 26.52 -56.73 -19.42
N ALA I 204 25.45 -56.05 -19.02
CA ALA I 204 25.06 -56.03 -17.62
C ALA I 204 24.49 -57.38 -17.21
N THR I 205 24.72 -57.72 -15.95
CA THR I 205 24.40 -59.03 -15.41
C THR I 205 23.18 -58.95 -14.51
N PHE I 206 22.33 -59.96 -14.58
CA PHE I 206 21.11 -59.98 -13.79
C PHE I 206 21.42 -60.25 -12.33
N ILE I 207 20.50 -59.83 -11.47
CA ILE I 207 20.64 -60.01 -10.03
C ILE I 207 19.31 -60.46 -9.46
N PRO I 208 19.19 -61.70 -9.03
CA PRO I 208 17.89 -62.20 -8.57
C PRO I 208 17.58 -61.79 -7.15
N ARG I 209 18.63 -61.62 -6.35
CA ARG I 209 18.46 -61.34 -4.94
C ARG I 209 19.72 -60.66 -4.42
N ILE I 210 19.52 -59.73 -3.48
CA ILE I 210 20.64 -58.98 -2.92
C ILE I 210 20.12 -58.20 -1.74
N SER I 211 21.03 -57.79 -0.87
CA SER I 211 20.72 -56.93 0.24
C SER I 211 21.16 -55.50 -0.05
N VAL I 212 20.77 -54.60 0.85
CA VAL I 212 21.08 -53.20 0.67
C VAL I 212 22.57 -52.96 0.81
N ASP I 213 23.19 -53.58 1.80
CA ASP I 213 24.62 -53.40 2.01
C ASP I 213 25.41 -53.86 0.78
N GLU I 214 25.10 -55.05 0.28
CA GLU I 214 25.74 -55.53 -0.92
C GLU I 214 25.45 -54.63 -2.10
N MET I 215 24.24 -54.07 -2.15
CA MET I 215 23.86 -53.21 -3.25
C MET I 215 24.68 -51.93 -3.25
N LYS I 216 25.06 -51.45 -2.07
CA LYS I 216 25.92 -50.28 -2.00
C LYS I 216 27.36 -50.63 -2.30
N ALA I 217 27.84 -51.72 -1.73
CA ALA I 217 29.21 -52.14 -1.98
C ALA I 217 29.50 -52.25 -3.47
N LYS I 218 28.50 -52.64 -4.26
CA LYS I 218 28.71 -52.74 -5.69
C LYS I 218 28.95 -51.39 -6.34
N GLY I 219 28.69 -50.31 -5.62
CA GLY I 219 28.97 -48.98 -6.13
C GLY I 219 28.28 -48.73 -7.45
N LEU I 220 26.99 -49.00 -7.51
CA LEU I 220 26.25 -48.81 -8.74
C LEU I 220 26.13 -47.35 -9.08
N HIS I 221 26.45 -47.01 -10.32
CA HIS I 221 26.27 -45.65 -10.80
C HIS I 221 24.81 -45.34 -11.02
N ASP I 222 24.06 -46.32 -11.51
CA ASP I 222 22.64 -46.20 -11.75
C ASP I 222 21.96 -47.45 -11.23
N SER I 223 20.75 -47.28 -10.71
CA SER I 223 19.97 -48.38 -10.22
C SER I 223 18.55 -48.26 -10.71
N ILE I 224 17.80 -49.34 -10.53
CA ILE I 224 16.42 -49.37 -10.94
C ILE I 224 15.53 -48.75 -9.89
N LEU I 225 16.06 -48.52 -8.70
CA LEU I 225 15.36 -47.83 -7.65
C LEU I 225 16.15 -46.61 -7.22
N GLU I 226 15.46 -45.71 -6.54
CA GLU I 226 16.10 -44.59 -5.90
C GLU I 226 16.88 -45.06 -4.68
N PHE I 227 18.16 -44.68 -4.63
CA PHE I 227 19.01 -45.17 -3.57
C PHE I 227 18.51 -44.81 -2.17
N PRO I 228 17.98 -43.61 -1.93
CA PRO I 228 17.42 -43.31 -0.62
C PRO I 228 16.42 -44.33 -0.15
N VAL I 229 15.70 -44.96 -1.07
CA VAL I 229 14.77 -46.00 -0.70
C VAL I 229 15.51 -47.12 0.00
N LEU I 230 16.78 -47.31 -0.31
CA LEU I 230 17.55 -48.35 0.35
C LEU I 230 17.76 -48.02 1.80
N ASP I 231 18.20 -46.80 2.08
CA ASP I 231 18.39 -46.39 3.46
C ASP I 231 17.07 -46.42 4.22
N LEU I 232 15.98 -46.13 3.54
CA LEU I 232 14.67 -46.23 4.16
C LEU I 232 14.33 -47.67 4.49
N LEU I 233 14.67 -48.58 3.59
CA LEU I 233 14.37 -49.99 3.77
C LEU I 233 15.21 -50.58 4.89
N GLN I 234 16.45 -50.15 5.00
CA GLN I 234 17.33 -50.61 6.05
C GLN I 234 16.84 -50.15 7.42
N SER I 235 16.00 -49.13 7.44
CA SER I 235 15.52 -48.52 8.66
C SER I 235 14.07 -48.83 8.96
N ALA I 236 13.43 -49.62 8.10
CA ALA I 236 12.03 -49.91 8.28
C ALA I 236 11.81 -50.96 9.36
N GLN I 237 10.55 -51.17 9.69
CA GLN I 237 10.13 -52.04 10.79
C GLN I 237 9.28 -53.19 10.29
N HIS I 238 8.34 -52.91 9.41
CA HIS I 238 7.44 -53.91 8.87
C HIS I 238 7.98 -54.51 7.58
N VAL I 239 8.16 -53.67 6.58
CA VAL I 239 8.60 -54.11 5.27
C VAL I 239 10.11 -54.23 5.27
N ARG I 240 10.60 -55.47 5.17
CA ARG I 240 12.01 -55.75 5.18
C ARG I 240 12.53 -56.19 3.83
N GLU I 241 11.66 -56.25 2.82
CA GLU I 241 12.10 -56.62 1.49
C GLU I 241 11.10 -56.10 0.48
N VAL I 242 11.59 -55.90 -0.74
CA VAL I 242 10.76 -55.51 -1.86
C VAL I 242 11.13 -56.37 -3.06
N GLN I 243 10.21 -56.44 -4.01
CA GLN I 243 10.45 -57.20 -5.22
C GLN I 243 10.21 -56.32 -6.43
N VAL I 244 11.11 -56.42 -7.40
CA VAL I 244 11.03 -55.70 -8.65
C VAL I 244 10.78 -56.70 -9.76
N VAL I 245 9.84 -56.40 -10.63
CA VAL I 245 9.43 -57.32 -11.66
C VAL I 245 9.17 -56.55 -12.94
N ASN I 246 8.98 -57.30 -14.02
CA ASN I 246 8.68 -56.76 -15.34
C ASN I 246 7.19 -56.89 -15.58
N GLY I 247 6.53 -55.76 -15.81
CA GLY I 247 5.11 -55.76 -16.08
C GLY I 247 4.77 -56.04 -17.52
N LEU I 248 5.77 -56.01 -18.40
CA LEU I 248 5.54 -56.34 -19.80
C LEU I 248 5.37 -57.84 -19.98
N VAL I 249 6.05 -58.62 -19.16
CA VAL I 249 5.87 -60.07 -19.13
C VAL I 249 4.53 -60.38 -18.50
N PRO I 250 3.65 -61.09 -19.18
CA PRO I 250 2.35 -61.42 -18.58
C PRO I 250 2.51 -62.46 -17.46
N GLY I 251 1.75 -62.25 -16.39
CA GLY I 251 1.74 -63.17 -15.28
C GLY I 251 2.71 -62.85 -14.18
N ASN I 252 3.82 -62.18 -14.49
CA ASN I 252 4.85 -61.94 -13.50
C ASN I 252 4.27 -61.27 -12.26
N LEU I 253 3.41 -60.28 -12.47
CA LEU I 253 2.81 -59.59 -11.34
C LEU I 253 1.95 -60.50 -10.51
N THR I 254 1.12 -61.32 -11.17
CA THR I 254 0.28 -62.26 -10.44
C THR I 254 1.11 -63.26 -9.66
N ARG I 255 2.16 -63.79 -10.26
CA ARG I 255 3.01 -64.72 -9.56
C ARG I 255 3.66 -64.06 -8.36
N ALA I 256 4.05 -62.81 -8.50
CA ALA I 256 4.69 -62.10 -7.40
C ALA I 256 3.74 -61.88 -6.25
N LEU I 257 2.52 -61.44 -6.57
CA LEU I 257 1.53 -61.24 -5.52
C LEU I 257 1.33 -62.48 -4.68
N ALA I 258 1.53 -63.64 -5.29
CA ALA I 258 1.45 -64.90 -4.60
C ALA I 258 2.72 -65.23 -3.83
N GLY I 259 3.66 -64.29 -3.76
CA GLY I 259 4.90 -64.50 -3.06
C GLY I 259 5.99 -65.12 -3.88
N GLU I 260 5.69 -65.59 -5.08
CA GLU I 260 6.68 -66.25 -5.90
C GLU I 260 7.82 -65.29 -6.23
N HIS I 261 9.02 -65.84 -6.36
CA HIS I 261 10.19 -65.07 -6.73
C HIS I 261 10.27 -65.01 -8.24
N VAL I 262 9.96 -63.85 -8.80
CA VAL I 262 9.84 -63.67 -10.23
C VAL I 262 10.99 -62.84 -10.78
N GLY I 263 11.29 -61.73 -10.15
CA GLY I 263 12.33 -60.87 -10.61
C GLY I 263 13.43 -60.74 -9.60
N THR I 264 13.66 -59.53 -9.12
CA THR I 264 14.71 -59.27 -8.17
C THR I 264 14.11 -59.00 -6.81
N ILE I 265 14.79 -59.46 -5.77
CA ILE I 265 14.36 -59.25 -4.40
C ILE I 265 15.44 -58.53 -3.65
N ILE I 266 15.07 -57.43 -3.02
CA ILE I 266 16.00 -56.60 -2.29
C ILE I 266 15.61 -56.64 -0.82
N THR I 267 16.54 -57.06 0.00
CA THR I 267 16.31 -57.27 1.42
C THR I 267 17.15 -56.30 2.23
N ALA I 268 16.55 -55.78 3.30
CA ALA I 268 17.29 -54.87 4.16
C ALA I 268 18.48 -55.56 4.80
N SER I 269 18.36 -56.85 5.06
CA SER I 269 19.39 -57.58 5.77
C SER I 269 19.75 -58.87 5.05
N THR J 4 7.56 -51.40 -31.03
CA THR J 4 6.17 -51.81 -30.90
C THR J 4 5.55 -51.23 -29.64
N ASN J 5 6.12 -51.61 -28.50
CA ASN J 5 5.69 -51.09 -27.21
C ASN J 5 6.73 -50.13 -26.66
N SER J 6 7.53 -49.56 -27.53
CA SER J 6 8.59 -48.69 -27.09
C SER J 6 8.02 -47.49 -26.37
N ILE J 7 8.89 -46.81 -25.65
CA ILE J 7 8.47 -45.69 -24.82
C ILE J 7 8.29 -44.45 -25.67
N LYS J 8 7.23 -43.71 -25.37
CA LYS J 8 7.02 -42.39 -25.97
C LYS J 8 7.70 -41.36 -25.10
N HIS J 9 8.82 -40.84 -25.57
CA HIS J 9 9.61 -39.91 -24.80
C HIS J 9 9.30 -38.47 -25.19
N VAL J 10 9.43 -37.60 -24.22
CA VAL J 10 9.47 -36.16 -24.45
C VAL J 10 10.91 -35.74 -24.48
N ILE J 11 11.30 -35.10 -25.58
CA ILE J 11 12.69 -34.72 -25.78
C ILE J 11 13.10 -33.75 -24.68
N SER J 12 14.19 -34.07 -24.00
CA SER J 12 14.70 -33.22 -22.94
C SER J 12 16.07 -33.74 -22.54
N PRO J 13 16.86 -32.92 -21.85
CA PRO J 13 18.18 -33.38 -21.41
C PRO J 13 18.13 -34.56 -20.48
N LEU J 14 17.03 -34.70 -19.74
CA LEU J 14 16.89 -35.76 -18.75
C LEU J 14 16.06 -36.91 -19.27
N ALA J 15 15.85 -36.98 -20.57
CA ALA J 15 15.09 -38.07 -21.14
C ALA J 15 15.91 -39.34 -21.11
N ARG J 16 15.21 -40.46 -20.93
CA ARG J 16 15.81 -41.78 -20.92
C ARG J 16 16.72 -41.97 -19.71
N GLN J 17 16.51 -41.16 -18.69
CA GLN J 17 17.29 -41.22 -17.46
C GLN J 17 16.42 -41.67 -16.31
N THR J 18 17.07 -42.23 -15.31
CA THR J 18 16.44 -42.62 -14.07
C THR J 18 16.59 -41.58 -13.00
N LEU J 19 17.47 -40.60 -13.20
CA LEU J 19 17.76 -39.56 -12.23
C LEU J 19 18.53 -40.09 -11.03
N GLN J 20 19.05 -41.31 -11.14
CA GLN J 20 19.90 -41.89 -10.10
C GLN J 20 21.38 -41.76 -10.42
N ASP J 21 21.73 -41.65 -11.69
CA ASP J 21 23.13 -41.49 -12.08
C ASP J 21 23.49 -40.02 -12.05
N ARG J 22 24.34 -39.64 -11.09
CA ARG J 22 24.67 -38.25 -10.91
C ARG J 22 25.47 -37.70 -12.08
N ASP J 23 26.24 -38.56 -12.74
CA ASP J 23 27.06 -38.10 -13.85
C ASP J 23 26.24 -37.60 -15.01
N LEU J 24 24.96 -37.96 -15.06
CA LEU J 24 24.09 -37.56 -16.16
C LEU J 24 23.19 -36.40 -15.80
N THR J 25 22.93 -36.21 -14.51
CA THR J 25 22.10 -35.11 -14.05
C THR J 25 22.92 -33.88 -13.72
N ARG J 26 24.17 -34.05 -13.32
CA ARG J 26 25.00 -32.92 -12.94
C ARG J 26 25.09 -31.87 -14.03
N PRO J 27 25.21 -32.23 -15.31
CA PRO J 27 25.26 -31.22 -16.37
C PRO J 27 24.03 -30.37 -16.45
N VAL J 28 22.94 -30.79 -15.80
CA VAL J 28 21.67 -30.11 -15.89
C VAL J 28 21.21 -29.60 -14.53
N ALA J 29 21.38 -30.41 -13.50
CA ALA J 29 20.87 -30.10 -12.18
C ALA J 29 21.95 -30.00 -11.12
N GLY J 30 23.20 -29.98 -11.52
CA GLY J 30 24.27 -29.97 -10.56
C GLY J 30 24.68 -28.60 -10.07
N LYS J 31 23.99 -27.56 -10.51
CA LYS J 31 24.37 -26.21 -10.15
C LYS J 31 23.58 -25.72 -8.95
N ARG J 32 24.09 -24.68 -8.35
CA ARG J 32 23.50 -24.15 -7.14
C ARG J 32 22.26 -23.33 -7.48
N PRO J 33 21.18 -23.53 -6.77
CA PRO J 33 19.93 -22.85 -7.10
C PRO J 33 19.93 -21.39 -6.71
N ILE J 34 18.75 -20.79 -6.85
CA ILE J 34 18.57 -19.39 -6.62
C ILE J 34 17.71 -19.20 -5.38
N ARG J 35 17.58 -17.96 -4.97
CA ARG J 35 16.71 -17.58 -3.86
C ARG J 35 15.43 -16.98 -4.42
N LEU J 36 14.30 -17.53 -3.99
CA LEU J 36 13.02 -17.02 -4.42
C LEU J 36 12.62 -15.81 -3.61
N LEU J 37 12.76 -15.88 -2.30
CA LEU J 37 12.39 -14.82 -1.37
C LEU J 37 13.60 -14.47 -0.53
N PRO J 38 14.63 -13.91 -1.15
CA PRO J 38 15.85 -13.58 -0.41
C PRO J 38 15.64 -12.50 0.61
N TRP J 39 14.51 -11.82 0.57
CA TRP J 39 14.22 -10.75 1.48
C TRP J 39 13.38 -11.20 2.64
N LEU J 40 13.31 -12.49 2.88
CA LEU J 40 12.45 -13.05 3.89
C LEU J 40 13.24 -13.39 5.15
N GLN J 41 12.58 -13.23 6.28
CA GLN J 41 13.11 -13.58 7.58
C GLN J 41 12.17 -14.58 8.21
N VAL J 42 12.71 -15.69 8.65
CA VAL J 42 11.92 -16.77 9.20
C VAL J 42 12.19 -16.88 10.69
N VAL J 43 11.13 -17.06 11.46
CA VAL J 43 11.21 -17.13 12.90
C VAL J 43 10.40 -18.31 13.36
N LYS J 44 11.05 -19.27 13.98
CA LYS J 44 10.39 -20.45 14.50
C LYS J 44 10.23 -20.31 15.99
N ILE J 45 9.00 -20.17 16.43
CA ILE J 45 8.65 -20.13 17.85
C ILE J 45 8.46 -21.56 18.32
N GLY J 46 9.07 -21.87 19.44
CA GLY J 46 8.90 -23.18 20.02
C GLY J 46 7.59 -23.29 20.77
N GLY J 47 7.08 -24.51 20.83
CA GLY J 47 5.84 -24.75 21.53
C GLY J 47 5.97 -24.70 23.03
N ARG J 48 7.16 -25.01 23.55
CA ARG J 48 7.38 -24.88 24.97
C ARG J 48 7.23 -23.44 25.40
N VAL J 49 7.38 -22.51 24.47
CA VAL J 49 7.16 -21.10 24.76
C VAL J 49 5.67 -20.81 24.82
N MET J 50 4.95 -21.17 23.77
CA MET J 50 3.53 -20.88 23.70
C MET J 50 2.78 -21.59 24.80
N ASP J 51 3.31 -22.70 25.29
CA ASP J 51 2.66 -23.42 26.38
C ASP J 51 2.73 -22.67 27.68
N ARG J 52 3.65 -21.73 27.80
CA ARG J 52 3.73 -20.90 28.99
C ARG J 52 2.56 -19.95 29.09
N GLY J 53 1.92 -19.66 27.97
CA GLY J 53 0.76 -18.83 27.97
C GLY J 53 1.07 -17.37 27.84
N ALA J 54 0.15 -16.58 28.36
CA ALA J 54 0.25 -15.14 28.29
C ALA J 54 1.58 -14.62 28.79
N ASP J 55 2.04 -15.15 29.93
CA ASP J 55 3.26 -14.66 30.55
C ASP J 55 4.41 -14.57 29.58
N ALA J 56 4.43 -15.43 28.58
CA ALA J 56 5.48 -15.46 27.58
C ALA J 56 5.04 -14.95 26.23
N ILE J 57 3.75 -14.99 25.94
CA ILE J 57 3.28 -14.65 24.61
C ILE J 57 3.09 -13.15 24.48
N LEU J 58 2.51 -12.52 25.48
CA LEU J 58 2.20 -11.10 25.36
C LEU J 58 3.46 -10.28 25.13
N PRO J 59 4.53 -10.46 25.88
CA PRO J 59 5.77 -9.75 25.57
C PRO J 59 6.27 -10.06 24.19
N LEU J 60 6.25 -11.32 23.82
CA LEU J 60 6.63 -11.75 22.49
C LEU J 60 5.78 -11.09 21.43
N VAL J 61 4.48 -11.01 21.68
CA VAL J 61 3.57 -10.38 20.75
C VAL J 61 3.92 -8.92 20.56
N GLU J 62 4.27 -8.23 21.64
CA GLU J 62 4.64 -6.83 21.51
C GLU J 62 5.93 -6.67 20.73
N GLU J 63 6.90 -7.52 21.02
CA GLU J 63 8.14 -7.50 20.25
C GLU J 63 7.86 -7.66 18.76
N LEU J 64 7.08 -8.66 18.40
CA LEU J 64 6.73 -8.87 17.02
C LEU J 64 6.00 -7.68 16.44
N ARG J 65 5.05 -7.13 17.18
CA ARG J 65 4.35 -5.95 16.76
C ARG J 65 5.32 -4.85 16.40
N LYS J 66 6.43 -4.78 17.11
CA LYS J 66 7.45 -3.78 16.84
C LYS J 66 8.41 -4.19 15.74
N LEU J 67 8.38 -5.45 15.33
CA LEU J 67 9.27 -5.91 14.26
C LEU J 67 8.67 -5.81 12.89
N LEU J 68 7.36 -5.86 12.78
CA LEU J 68 6.73 -5.92 11.46
C LEU J 68 7.21 -4.84 10.51
N PRO J 69 7.24 -3.57 10.90
CA PRO J 69 7.69 -2.52 9.98
C PRO J 69 9.14 -2.61 9.61
N GLU J 70 9.89 -3.49 10.25
CA GLU J 70 11.32 -3.62 10.03
C GLU J 70 11.66 -4.77 9.12
N HIS J 71 10.85 -5.83 9.14
CA HIS J 71 11.11 -7.03 8.37
C HIS J 71 9.84 -7.53 7.72
N ARG J 72 10.04 -8.45 6.79
CA ARG J 72 8.97 -9.25 6.22
C ARG J 72 9.12 -10.64 6.82
N LEU J 73 8.15 -11.02 7.63
CA LEU J 73 8.32 -12.14 8.54
C LEU J 73 7.40 -13.32 8.22
N LEU J 74 7.99 -14.49 8.32
CA LEU J 74 7.25 -15.74 8.35
C LEU J 74 7.49 -16.37 9.71
N ILE J 75 6.44 -16.38 10.52
CA ILE J 75 6.50 -16.87 11.88
C ILE J 75 5.89 -18.25 11.93
N LEU J 76 6.71 -19.25 12.14
CA LEU J 76 6.29 -20.64 12.16
C LEU J 76 6.30 -21.14 13.59
N THR J 77 5.22 -21.73 14.01
CA THR J 77 5.09 -22.19 15.38
C THR J 77 5.38 -23.67 15.48
N GLY J 78 5.73 -24.09 16.69
CA GLY J 78 5.90 -25.47 17.01
C GLY J 78 4.78 -26.01 17.86
N ALA J 79 4.91 -27.29 18.19
CA ALA J 79 3.82 -28.02 18.81
C ALA J 79 3.83 -27.86 20.32
N GLY J 80 4.86 -28.37 20.96
CA GLY J 80 4.96 -28.30 22.39
C GLY J 80 4.58 -29.59 23.08
N VAL J 81 3.82 -29.46 24.16
CA VAL J 81 3.56 -30.60 25.03
C VAL J 81 2.38 -31.44 24.58
N ARG J 82 1.35 -30.83 24.00
CA ARG J 82 0.22 -31.60 23.52
C ARG J 82 0.66 -32.70 22.58
N ALA J 83 1.65 -32.39 21.75
CA ALA J 83 2.21 -33.41 20.89
C ALA J 83 2.80 -34.55 21.68
N ARG J 84 3.37 -34.25 22.85
CA ARG J 84 3.89 -35.31 23.69
C ARG J 84 2.77 -36.21 24.19
N HIS J 85 1.64 -35.62 24.49
CA HIS J 85 0.50 -36.40 24.95
C HIS J 85 -0.01 -37.31 23.85
N VAL J 86 -0.19 -36.75 22.65
CA VAL J 86 -0.68 -37.56 21.57
C VAL J 86 0.32 -38.64 21.20
N PHE J 87 1.60 -38.38 21.39
CA PHE J 87 2.59 -39.43 21.21
C PHE J 87 2.41 -40.52 22.24
N SER J 88 2.25 -40.14 23.51
CA SER J 88 2.06 -41.14 24.55
C SER J 88 0.91 -42.04 24.21
N VAL J 89 -0.20 -41.45 23.78
CA VAL J 89 -1.38 -42.23 23.44
C VAL J 89 -1.11 -43.12 22.25
N GLY J 90 -0.68 -42.54 21.14
CA GLY J 90 -0.46 -43.32 19.94
C GLY J 90 0.52 -44.45 20.15
N LEU J 91 1.48 -44.26 21.04
CA LEU J 91 2.42 -45.31 21.34
C LEU J 91 1.80 -46.38 22.22
N ASP J 92 0.93 -45.99 23.16
CA ASP J 92 0.17 -46.99 23.88
C ASP J 92 -0.63 -47.84 22.92
N LEU J 93 -1.19 -47.21 21.89
CA LEU J 93 -1.94 -47.92 20.87
C LEU J 93 -1.04 -48.59 19.85
N GLY J 94 0.24 -48.28 19.85
CA GLY J 94 1.16 -48.91 18.92
C GLY J 94 1.17 -48.30 17.55
N LEU J 95 0.71 -47.08 17.42
CA LEU J 95 0.66 -46.46 16.12
C LEU J 95 2.06 -46.13 15.63
N PRO J 96 2.26 -46.15 14.32
CA PRO J 96 3.56 -45.83 13.77
C PRO J 96 3.75 -44.33 13.61
N VAL J 97 5.01 -43.97 13.43
CA VAL J 97 5.42 -42.58 13.47
C VAL J 97 4.67 -41.76 12.43
N GLY J 98 4.37 -42.36 11.29
CA GLY J 98 3.62 -41.67 10.27
C GLY J 98 2.21 -41.38 10.66
N SER J 99 1.71 -42.04 11.69
CA SER J 99 0.38 -41.76 12.18
C SER J 99 0.39 -40.64 13.20
N LEU J 100 1.54 -40.42 13.81
CA LEU J 100 1.67 -39.42 14.84
C LEU J 100 2.06 -38.07 14.30
N ALA J 101 2.84 -38.05 13.23
CA ALA J 101 3.31 -36.79 12.67
C ALA J 101 2.20 -35.78 12.48
N PRO J 102 1.14 -36.06 11.73
CA PRO J 102 0.09 -35.06 11.54
C PRO J 102 -0.57 -34.64 12.83
N LEU J 103 -0.70 -35.56 13.77
CA LEU J 103 -1.34 -35.26 15.03
C LEU J 103 -0.59 -34.17 15.78
N ALA J 104 0.71 -34.11 15.58
CA ALA J 104 1.52 -33.08 16.21
C ALA J 104 1.55 -31.82 15.37
N ALA J 105 1.63 -31.97 14.06
CA ALA J 105 1.54 -30.83 13.16
C ALA J 105 0.33 -29.99 13.50
N SER J 106 -0.72 -30.65 13.93
CA SER J 106 -1.95 -29.96 14.24
CA SER J 106 -1.96 -29.96 14.25
C SER J 106 -1.83 -29.09 15.48
N GLU J 107 -1.16 -29.57 16.51
CA GLU J 107 -0.95 -28.76 17.68
C GLU J 107 -0.11 -27.54 17.33
N ALA J 108 0.85 -27.73 16.44
CA ALA J 108 1.59 -26.59 15.92
C ALA J 108 0.67 -25.58 15.26
N GLY J 109 -0.21 -26.06 14.40
CA GLY J 109 -1.12 -25.17 13.70
C GLY J 109 -2.03 -24.43 14.65
N GLN J 110 -2.42 -25.06 15.74
CA GLN J 110 -3.29 -24.39 16.69
C GLN J 110 -2.55 -23.32 17.45
N ASN J 111 -1.31 -23.59 17.86
CA ASN J 111 -0.50 -22.54 18.44
C ASN J 111 -0.38 -21.37 17.49
N GLY J 112 -0.23 -21.65 16.20
CA GLY J 112 -0.15 -20.58 15.24
C GLY J 112 -1.42 -19.78 15.10
N HIS J 113 -2.56 -20.46 15.09
CA HIS J 113 -3.83 -19.75 15.04
C HIS J 113 -3.98 -18.83 16.23
N ILE J 114 -3.56 -19.29 17.39
CA ILE J 114 -3.57 -18.46 18.57
C ILE J 114 -2.74 -17.21 18.34
N LEU J 115 -1.46 -17.41 18.07
CA LEU J 115 -0.54 -16.30 17.91
C LEU J 115 -1.05 -15.31 16.89
N ALA J 116 -1.69 -15.78 15.84
CA ALA J 116 -2.22 -14.88 14.84
C ALA J 116 -3.41 -14.11 15.35
N ALA J 117 -4.26 -14.77 16.13
CA ALA J 117 -5.38 -14.06 16.74
C ALA J 117 -4.87 -12.93 17.61
N MET J 118 -3.72 -13.13 18.23
CA MET J 118 -3.19 -12.07 19.09
C MET J 118 -2.57 -10.96 18.28
N LEU J 119 -2.42 -11.14 16.98
CA LEU J 119 -1.76 -10.19 16.11
C LEU J 119 -2.64 -9.72 14.97
N ALA J 120 -3.89 -10.15 14.93
CA ALA J 120 -4.75 -9.81 13.82
C ALA J 120 -4.93 -8.31 13.69
N SER J 121 -4.96 -7.61 14.81
CA SER J 121 -5.11 -6.17 14.80
C SER J 121 -4.03 -5.50 13.95
N GLU J 122 -2.92 -6.18 13.71
CA GLU J 122 -1.81 -5.62 12.96
C GLU J 122 -1.76 -6.09 11.53
N GLY J 123 -2.70 -6.91 11.11
CA GLY J 123 -2.72 -7.41 9.76
C GLY J 123 -2.10 -8.76 9.57
N VAL J 124 -2.00 -9.54 10.62
CA VAL J 124 -1.35 -10.83 10.59
C VAL J 124 -2.40 -11.92 10.61
N SER J 125 -2.10 -13.02 9.93
CA SER J 125 -3.03 -14.13 9.87
C SER J 125 -2.26 -15.40 9.60
N TYR J 126 -2.96 -16.49 9.80
CA TYR J 126 -2.36 -17.82 9.65
C TYR J 126 -2.65 -18.30 8.24
N VAL J 127 -1.71 -18.97 7.57
CA VAL J 127 -1.96 -19.42 6.18
C VAL J 127 -1.72 -20.93 6.13
N GLU J 128 -2.53 -21.76 5.43
CA GLU J 128 -2.10 -23.16 5.62
C GLU J 128 -0.94 -23.35 4.63
N HIS J 129 -0.15 -24.37 4.91
CA HIS J 129 1.01 -24.87 4.12
C HIS J 129 0.85 -24.68 2.63
N PRO J 130 -0.21 -25.13 1.96
CA PRO J 130 -0.35 -24.89 0.54
C PRO J 130 -0.12 -23.44 0.13
N THR J 131 -0.64 -22.50 0.90
CA THR J 131 -0.54 -21.09 0.61
C THR J 131 0.87 -20.58 0.85
N VAL J 132 1.53 -21.12 1.86
CA VAL J 132 2.94 -20.82 2.07
C VAL J 132 3.75 -21.25 0.87
N ALA J 133 3.51 -22.45 0.38
CA ALA J 133 4.28 -22.99 -0.76
C ALA J 133 4.03 -22.18 -2.04
N ASP J 134 2.83 -22.26 -2.62
CA ASP J 134 2.48 -21.60 -3.90
C ASP J 134 2.43 -20.06 -3.83
N GLN J 135 1.76 -19.51 -2.69
CA GLN J 135 1.49 -18.04 -2.72
C GLN J 135 2.01 -17.19 -1.56
N LEU J 136 3.21 -17.45 -1.03
CA LEU J 136 3.71 -16.65 0.12
C LEU J 136 4.02 -15.20 -0.27
N ALA J 137 4.37 -14.91 -1.53
CA ALA J 137 4.87 -13.60 -1.90
C ALA J 137 3.76 -12.58 -1.91
N ILE J 138 2.59 -12.98 -2.37
CA ILE J 138 1.46 -12.09 -2.43
C ILE J 138 0.89 -11.82 -1.05
N HIS J 139 0.87 -12.78 -0.18
CA HIS J 139 0.38 -12.60 1.17
C HIS J 139 1.32 -11.73 1.99
N LEU J 140 2.47 -11.66 1.50
CA LEU J 140 3.43 -10.79 2.14
C LEU J 140 3.56 -9.44 1.47
N SER J 141 3.10 -9.32 0.24
CA SER J 141 2.97 -8.00 -0.37
C SER J 141 1.78 -7.27 0.20
N ALA J 142 0.78 -8.01 0.64
CA ALA J 142 -0.37 -7.39 1.27
C ALA J 142 -0.03 -6.87 2.65
N THR J 143 0.37 -7.77 3.52
CA THR J 143 0.74 -7.45 4.88
C THR J 143 2.22 -7.70 5.09
N ARG J 144 2.63 -7.59 6.33
CA ARG J 144 4.03 -7.66 6.68
CA ARG J 144 4.02 -7.64 6.74
C ARG J 144 4.47 -9.02 7.22
N ALA J 145 3.65 -9.66 8.03
CA ALA J 145 4.01 -10.94 8.58
C ALA J 145 2.88 -11.91 8.39
N VAL J 146 3.23 -13.19 8.31
CA VAL J 146 2.24 -14.23 8.30
C VAL J 146 2.71 -15.33 9.22
N VAL J 147 1.77 -16.01 9.81
CA VAL J 147 2.04 -17.11 10.70
C VAL J 147 1.74 -18.41 10.00
N GLY J 148 2.42 -19.45 10.42
CA GLY J 148 2.27 -20.76 9.84
C GLY J 148 2.72 -21.82 10.79
N SER J 149 2.59 -23.05 10.33
CA SER J 149 3.06 -24.19 11.08
C SER J 149 4.44 -24.58 10.60
N ALA J 150 5.26 -24.98 11.55
CA ALA J 150 6.61 -25.39 11.25
C ALA J 150 6.73 -26.87 10.92
N PHE J 151 5.84 -27.72 11.43
CA PHE J 151 5.99 -29.11 11.10
C PHE J 151 5.74 -29.32 9.62
N PRO J 152 6.62 -30.03 8.95
CA PRO J 152 6.46 -30.24 7.55
C PRO J 152 5.46 -31.32 7.27
N PRO J 153 4.91 -31.31 6.09
CA PRO J 153 3.88 -32.28 5.76
C PRO J 153 4.44 -33.62 5.34
N TYR J 154 5.16 -34.28 6.23
CA TYR J 154 5.52 -35.66 6.01
C TYR J 154 4.53 -36.60 6.66
N HIS J 155 3.40 -36.21 6.80
CA HIS J 155 2.41 -36.78 7.68
C HIS J 155 2.33 -38.29 7.60
N HIS J 156 1.70 -38.75 6.62
CA HIS J 156 1.51 -40.18 6.51
C HIS J 156 2.60 -40.81 5.67
N HIS J 157 3.79 -40.27 5.56
CA HIS J 157 4.95 -40.63 4.76
C HIS J 157 6.24 -40.32 5.47
N GLU J 158 6.18 -40.14 6.78
CA GLU J 158 7.36 -39.80 7.54
C GLU J 158 8.38 -40.93 7.51
N PHE J 159 9.63 -40.56 7.72
CA PHE J 159 10.71 -41.53 7.64
C PHE J 159 10.64 -42.49 8.82
N PRO J 160 10.97 -43.75 8.61
CA PRO J 160 10.97 -44.72 9.68
C PRO J 160 12.33 -44.79 10.38
N GLY J 161 12.42 -45.71 11.33
CA GLY J 161 13.62 -45.89 12.09
C GLY J 161 13.39 -45.60 13.56
N SER J 162 12.57 -44.59 13.80
CA SER J 162 12.21 -44.18 15.14
C SER J 162 10.70 -44.12 15.25
N ARG J 163 10.20 -44.43 16.44
CA ARG J 163 8.79 -44.27 16.72
C ARG J 163 8.42 -42.83 16.95
N ILE J 164 9.39 -41.93 16.90
CA ILE J 164 9.17 -40.51 17.08
C ILE J 164 9.47 -39.80 15.77
N PRO J 165 8.58 -38.96 15.27
CA PRO J 165 8.83 -38.26 14.04
C PRO J 165 10.10 -37.45 14.11
N PRO J 166 11.08 -37.75 13.26
CA PRO J 166 12.32 -37.00 13.31
C PRO J 166 12.21 -35.64 12.68
N HIS J 167 11.31 -35.48 11.72
CA HIS J 167 11.15 -34.23 11.01
C HIS J 167 10.08 -33.42 11.72
N ARG J 168 10.53 -32.44 12.47
CA ARG J 168 9.64 -31.60 13.26
C ARG J 168 9.86 -30.13 12.93
N ALA J 169 9.36 -29.26 13.80
CA ALA J 169 9.24 -27.84 13.48
C ALA J 169 10.54 -27.24 13.00
N ASP J 170 11.61 -27.41 13.78
CA ASP J 170 12.89 -26.86 13.40
C ASP J 170 13.25 -27.25 11.99
N THR J 171 13.10 -28.53 11.68
CA THR J 171 13.46 -29.05 10.39
C THR J 171 12.65 -28.40 9.28
N GLY J 172 11.35 -28.29 9.46
CA GLY J 172 10.53 -27.72 8.42
C GLY J 172 10.80 -26.26 8.20
N ALA J 173 11.00 -25.53 9.28
CA ALA J 173 11.37 -24.14 9.16
C ALA J 173 12.64 -23.98 8.37
N PHE J 174 13.64 -24.79 8.68
CA PHE J 174 14.89 -24.68 7.94
C PHE J 174 14.72 -25.04 6.49
N LEU J 175 13.94 -26.08 6.21
CA LEU J 175 13.76 -26.50 4.84
C LEU J 175 13.10 -25.42 4.01
N LEU J 176 12.07 -24.79 4.55
CA LEU J 176 11.52 -23.62 3.88
C LEU J 176 12.58 -22.57 3.64
N ALA J 177 13.18 -22.08 4.72
CA ALA J 177 14.10 -20.98 4.60
C ALA J 177 15.18 -21.24 3.57
N ASP J 178 15.69 -22.46 3.52
CA ASP J 178 16.73 -22.79 2.57
C ASP J 178 16.17 -22.92 1.17
N ALA J 179 14.93 -23.35 1.04
CA ALA J 179 14.31 -23.40 -0.27
C ALA J 179 14.04 -22.00 -0.81
N PHE J 180 13.32 -21.21 -0.04
CA PHE J 180 13.09 -19.83 -0.40
C PHE J 180 14.35 -19.01 -0.49
N GLY J 181 15.47 -19.52 0.00
CA GLY J 181 16.69 -18.74 -0.02
C GLY J 181 16.58 -17.56 0.90
N ALA J 182 15.90 -17.74 2.02
CA ALA J 182 15.59 -16.62 2.88
C ALA J 182 16.85 -16.01 3.44
N ALA J 183 16.67 -14.82 4.00
CA ALA J 183 17.79 -14.05 4.51
C ALA J 183 18.32 -14.65 5.79
N GLY J 184 17.44 -15.20 6.62
CA GLY J 184 17.86 -15.71 7.89
C GLY J 184 16.76 -16.53 8.51
N LEU J 185 17.20 -17.51 9.30
CA LEU J 185 16.33 -18.31 10.12
C LEU J 185 16.72 -18.09 11.56
N THR J 186 15.72 -17.90 12.41
CA THR J 186 15.94 -17.62 13.81
C THR J 186 15.00 -18.48 14.63
N ILE J 187 15.56 -19.17 15.61
CA ILE J 187 14.81 -20.09 16.44
C ILE J 187 14.68 -19.52 17.83
N VAL J 188 13.46 -19.52 18.34
CA VAL J 188 13.14 -18.99 19.64
C VAL J 188 12.82 -20.15 20.56
N GLU J 189 13.55 -20.25 21.65
CA GLU J 189 13.37 -21.30 22.62
C GLU J 189 13.13 -20.70 24.00
N ASN J 190 12.95 -21.58 24.96
CA ASN J 190 12.77 -21.23 26.36
C ASN J 190 14.07 -21.24 27.13
N VAL J 191 15.20 -21.30 26.44
CA VAL J 191 16.50 -21.31 27.08
C VAL J 191 17.42 -20.40 26.29
N ASP J 192 18.49 -19.97 26.96
CA ASP J 192 19.39 -18.99 26.37
C ASP J 192 19.96 -19.49 25.05
N GLY J 193 20.01 -20.80 24.88
CA GLY J 193 20.54 -21.38 23.66
C GLY J 193 20.81 -22.85 23.81
N ILE J 194 21.91 -23.30 23.25
CA ILE J 194 22.30 -24.70 23.31
C ILE J 194 23.39 -24.87 24.34
N TYR J 195 23.33 -25.98 25.06
CA TYR J 195 24.31 -26.33 26.06
C TYR J 195 24.91 -27.68 25.74
N THR J 196 25.81 -28.12 26.62
CA THR J 196 26.35 -29.45 26.53
C THR J 196 25.39 -30.50 27.07
N ALA J 197 24.35 -30.07 27.77
CA ALA J 197 23.40 -30.98 28.38
C ALA J 197 22.18 -30.20 28.78
N ASP J 198 21.11 -30.93 29.01
CA ASP J 198 19.84 -30.31 29.38
C ASP J 198 19.97 -29.61 30.71
N PRO J 199 19.93 -28.28 30.73
CA PRO J 199 20.00 -27.55 32.01
C PRO J 199 18.75 -27.70 32.85
N ASN J 200 17.66 -28.13 32.25
CA ASN J 200 16.45 -28.44 33.00
C ASN J 200 16.39 -29.90 33.39
N GLY J 201 17.51 -30.60 33.29
CA GLY J 201 17.54 -32.02 33.54
C GLY J 201 18.41 -32.39 34.72
N PRO J 202 18.78 -33.67 34.79
CA PRO J 202 19.63 -34.12 35.89
C PRO J 202 21.01 -33.50 35.89
N ASP J 203 21.68 -33.52 34.74
CA ASP J 203 23.01 -32.95 34.61
C ASP J 203 22.96 -31.47 34.29
N ARG J 204 22.19 -30.73 35.08
CA ARG J 204 22.08 -29.30 34.86
C ARG J 204 23.32 -28.55 35.34
N GLY J 205 24.08 -29.13 36.25
CA GLY J 205 25.26 -28.46 36.76
C GLY J 205 26.44 -28.53 35.81
N GLN J 206 26.49 -29.56 35.00
CA GLN J 206 27.56 -29.72 34.03
C GLN J 206 27.26 -29.06 32.70
N ALA J 207 26.05 -28.54 32.53
CA ALA J 207 25.65 -27.92 31.29
C ALA J 207 26.36 -26.60 31.12
N ARG J 208 27.01 -26.43 29.97
N ARG J 208 27.06 -26.44 30.01
CA ARG J 208 27.75 -25.22 29.67
CA ARG J 208 27.75 -25.21 29.67
C ARG J 208 27.25 -24.64 28.35
C ARG J 208 27.20 -24.64 28.37
N PHE J 209 27.03 -23.33 28.35
CA PHE J 209 26.53 -22.66 27.17
C PHE J 209 27.51 -22.77 26.02
N LEU J 210 26.96 -22.97 24.83
CA LEU J 210 27.74 -22.99 23.60
C LEU J 210 27.36 -21.78 22.76
N PRO J 211 28.16 -20.71 22.79
CA PRO J 211 27.76 -19.51 22.05
C PRO J 211 27.78 -19.72 20.57
N GLU J 212 28.58 -20.66 20.09
CA GLU J 212 28.73 -20.87 18.67
C GLU J 212 29.21 -22.29 18.45
N THR J 213 28.79 -22.87 17.33
CA THR J 213 29.19 -24.21 17.00
C THR J 213 28.73 -24.52 15.59
N SER J 214 29.02 -25.72 15.15
CA SER J 214 28.65 -26.18 13.83
C SER J 214 27.68 -27.33 13.93
N ALA J 215 27.00 -27.58 12.82
CA ALA J 215 26.06 -28.68 12.77
C ALA J 215 26.75 -30.02 12.94
N THR J 216 27.99 -30.11 12.49
CA THR J 216 28.72 -31.37 12.58
C THR J 216 29.10 -31.69 14.02
N ASP J 217 29.68 -30.73 14.72
CA ASP J 217 30.09 -30.96 16.09
C ASP J 217 28.94 -31.46 16.94
N LEU J 218 27.72 -31.05 16.59
CA LEU J 218 26.55 -31.53 17.30
C LEU J 218 26.09 -32.88 16.79
N ALA J 219 26.03 -33.04 15.48
CA ALA J 219 25.51 -34.27 14.90
C ALA J 219 26.38 -35.47 15.27
N LYS J 220 27.60 -35.24 15.71
CA LYS J 220 28.47 -36.30 16.16
C LYS J 220 28.33 -36.58 17.65
N SER J 221 27.83 -35.61 18.41
CA SER J 221 27.53 -35.86 19.80
C SER J 221 26.35 -36.81 19.89
N GLU J 222 25.94 -37.11 21.12
CA GLU J 222 24.89 -38.07 21.36
C GLU J 222 23.85 -37.58 22.34
N GLY J 223 24.13 -36.53 23.10
CA GLY J 223 23.21 -36.04 24.06
C GLY J 223 22.00 -35.41 23.41
N PRO J 224 21.11 -34.90 24.25
CA PRO J 224 19.90 -34.26 23.75
C PRO J 224 20.18 -32.88 23.19
N LEU J 225 19.12 -32.29 22.66
CA LEU J 225 19.20 -30.97 22.07
C LEU J 225 17.84 -30.33 22.09
N PRO J 226 17.77 -29.00 22.06
CA PRO J 226 16.50 -28.31 21.90
C PRO J 226 16.00 -28.28 20.48
N VAL J 227 16.77 -28.85 19.55
CA VAL J 227 16.43 -28.86 18.15
C VAL J 227 16.55 -30.28 17.64
N ASP J 228 15.81 -30.55 16.56
CA ASP J 228 15.80 -31.87 15.99
C ASP J 228 17.18 -32.24 15.48
N ARG J 229 17.48 -33.54 15.49
CA ARG J 229 18.73 -34.02 14.96
C ARG J 229 18.70 -34.12 13.45
N ALA J 230 17.51 -34.21 12.86
CA ALA J 230 17.39 -34.16 11.42
C ALA J 230 17.70 -32.78 10.87
N LEU J 231 17.56 -31.76 11.69
CA LEU J 231 17.97 -30.42 11.28
C LEU J 231 19.45 -30.39 10.98
N LEU J 232 20.23 -31.11 11.77
CA LEU J 232 21.67 -31.14 11.58
C LEU J 232 22.04 -31.91 10.33
N ASP J 233 21.17 -32.79 9.87
CA ASP J 233 21.42 -33.54 8.65
C ASP J 233 21.04 -32.73 7.41
N VAL J 234 19.91 -32.02 7.48
CA VAL J 234 19.53 -31.18 6.36
C VAL J 234 20.42 -29.96 6.24
N MET J 235 20.98 -29.50 7.36
CA MET J 235 21.93 -28.41 7.31
C MET J 235 23.11 -28.72 6.42
N ALA J 236 23.64 -29.93 6.53
CA ALA J 236 24.79 -30.32 5.74
C ALA J 236 24.51 -30.21 4.26
N THR J 237 23.25 -30.40 3.85
CA THR J 237 22.85 -30.33 2.46
C THR J 237 22.26 -28.98 2.12
N ALA J 238 22.49 -27.98 2.96
CA ALA J 238 21.95 -26.66 2.72
C ALA J 238 22.64 -26.00 1.55
N ARG J 239 22.01 -24.95 1.05
CA ARG J 239 22.46 -24.26 -0.14
C ARG J 239 22.67 -22.77 0.08
N HIS J 240 21.85 -22.15 0.91
CA HIS J 240 21.87 -20.72 1.12
C HIS J 240 22.12 -20.32 2.55
N ILE J 241 21.45 -20.96 3.51
CA ILE J 241 21.55 -20.54 4.89
C ILE J 241 22.91 -20.94 5.44
N GLU J 242 23.61 -19.96 5.99
CA GLU J 242 24.94 -20.17 6.50
C GLU J 242 24.98 -20.29 8.01
N ARG J 243 24.05 -19.65 8.70
CA ARG J 243 24.04 -19.68 10.14
C ARG J 243 22.61 -19.58 10.65
N VAL J 244 22.39 -20.19 11.80
CA VAL J 244 21.11 -20.17 12.48
C VAL J 244 21.33 -19.79 13.91
N GLN J 245 20.53 -18.86 14.42
CA GLN J 245 20.66 -18.43 15.80
C GLN J 245 19.51 -18.92 16.62
N VAL J 246 19.85 -19.52 17.76
CA VAL J 246 18.91 -19.99 18.76
C VAL J 246 18.93 -18.99 19.89
N VAL J 247 17.76 -18.50 20.27
CA VAL J 247 17.66 -17.47 21.28
C VAL J 247 16.52 -17.78 22.22
N ASN J 248 16.53 -17.07 23.35
CA ASN J 248 15.47 -17.17 24.33
C ASN J 248 14.46 -16.07 24.10
N GLY J 249 13.21 -16.44 23.91
CA GLY J 249 12.14 -15.50 23.73
C GLY J 249 11.51 -15.01 25.01
N LEU J 250 11.77 -15.69 26.11
CA LEU J 250 11.36 -15.20 27.41
C LEU J 250 12.10 -13.94 27.80
N VAL J 251 13.22 -13.67 27.16
CA VAL J 251 14.02 -12.48 27.44
C VAL J 251 13.75 -11.46 26.36
N PRO J 252 13.26 -10.27 26.70
CA PRO J 252 12.90 -9.30 25.67
C PRO J 252 14.12 -8.74 24.98
N GLY J 253 13.96 -8.46 23.68
CA GLY J 253 14.97 -7.80 22.91
C GLY J 253 15.94 -8.71 22.22
N ARG J 254 16.00 -9.98 22.61
CA ARG J 254 16.96 -10.88 22.02
C ARG J 254 16.53 -11.29 20.62
N LEU J 255 15.24 -11.48 20.44
CA LEU J 255 14.73 -11.79 19.11
C LEU J 255 14.95 -10.63 18.16
N THR J 256 14.58 -9.43 18.60
CA THR J 256 14.78 -8.24 17.80
C THR J 256 16.22 -8.12 17.36
N ALA J 257 17.15 -8.37 18.28
CA ALA J 257 18.55 -8.27 17.96
C ALA J 257 18.98 -9.35 16.99
N ALA J 258 18.50 -10.57 17.20
CA ALA J 258 18.90 -11.68 16.36
C ALA J 258 18.49 -11.43 14.92
N LEU J 259 17.32 -10.85 14.72
CA LEU J 259 16.91 -10.49 13.38
C LEU J 259 17.82 -9.47 12.75
N ARG J 260 18.63 -8.81 13.55
CA ARG J 260 19.61 -7.86 13.07
C ARG J 260 21.02 -8.43 13.06
N GLY J 261 21.16 -9.71 13.33
CA GLY J 261 22.43 -10.39 13.23
C GLY J 261 23.26 -10.38 14.47
N GLU J 262 22.74 -9.87 15.58
CA GLU J 262 23.51 -9.84 16.81
C GLU J 262 23.59 -11.23 17.41
N HIS J 263 24.69 -11.46 18.12
CA HIS J 263 24.98 -12.75 18.74
C HIS J 263 24.50 -12.69 20.17
N VAL J 264 23.24 -13.07 20.36
CA VAL J 264 22.60 -13.06 21.67
C VAL J 264 22.35 -14.45 22.18
N GLY J 265 22.45 -15.45 21.32
CA GLY J 265 22.29 -16.81 21.75
C GLY J 265 23.34 -17.72 21.16
N THR J 266 22.88 -18.81 20.59
CA THR J 266 23.77 -19.81 20.03
C THR J 266 23.76 -19.71 18.52
N LEU J 267 24.94 -19.77 17.93
CA LEU J 267 25.10 -19.71 16.49
C LEU J 267 25.51 -21.06 15.97
N ILE J 268 24.80 -21.53 14.95
CA ILE J 268 25.06 -22.81 14.33
C ILE J 268 25.42 -22.55 12.89
N ARG J 269 26.65 -22.87 12.53
CA ARG J 269 27.10 -22.73 11.16
C ARG J 269 26.76 -23.99 10.39
N THR J 270 26.23 -23.81 9.19
CA THR J 270 25.89 -24.92 8.33
C THR J 270 27.09 -25.31 7.49
N GLY J 271 26.89 -26.26 6.60
CA GLY J 271 27.93 -26.70 5.70
C GLY J 271 28.14 -25.80 4.51
N VAL J 272 27.52 -24.63 4.53
CA VAL J 272 27.60 -23.71 3.40
C VAL J 272 28.92 -22.96 3.48
N ARG J 273 29.58 -22.87 2.37
CA ARG J 273 30.77 -22.05 2.27
C ARG J 273 30.40 -20.68 1.73
N PRO J 274 30.71 -19.60 2.44
CA PRO J 274 30.39 -18.27 1.92
C PRO J 274 31.19 -17.96 0.67
N ALA J 275 30.98 -16.75 0.17
CA ALA J 275 31.70 -16.29 -1.00
C ALA J 275 33.12 -15.85 -0.66
N SER K 3 -0.42 -47.15 -36.53
CA SER K 3 -0.19 -45.94 -37.31
C SER K 3 0.03 -44.75 -36.40
N THR K 4 0.58 -45.02 -35.22
CA THR K 4 0.83 -43.95 -34.25
C THR K 4 2.17 -43.27 -34.49
N ALA K 5 3.03 -43.84 -35.33
CA ALA K 5 4.34 -43.25 -35.56
C ALA K 5 4.20 -41.83 -36.09
N GLU K 6 3.32 -41.63 -37.06
CA GLU K 6 3.11 -40.29 -37.60
C GLU K 6 2.27 -39.45 -36.65
N LEU K 7 1.35 -40.06 -35.92
CA LEU K 7 0.55 -39.32 -34.97
C LEU K 7 1.44 -38.63 -33.95
N GLU K 8 2.41 -39.36 -33.40
CA GLU K 8 3.24 -38.80 -32.36
C GLU K 8 4.11 -37.67 -32.88
N GLU K 9 4.71 -37.84 -34.05
CA GLU K 9 5.56 -36.80 -34.59
C GLU K 9 4.75 -35.57 -34.97
N LEU K 10 3.52 -35.77 -35.44
CA LEU K 10 2.66 -34.64 -35.69
C LEU K 10 2.33 -33.92 -34.40
N LEU K 11 2.00 -34.67 -33.36
CA LEU K 11 1.67 -34.06 -32.08
C LEU K 11 2.83 -33.25 -31.55
N MET K 12 4.04 -33.74 -31.72
CA MET K 12 5.21 -33.05 -31.21
C MET K 12 5.68 -31.93 -32.09
N GLN K 13 5.24 -31.88 -33.34
CA GLN K 13 5.69 -30.87 -34.29
CA GLN K 13 5.68 -30.87 -34.29
C GLN K 13 4.61 -29.87 -34.65
N ARG K 14 3.49 -30.33 -35.17
CA ARG K 14 2.47 -29.42 -35.66
C ARG K 14 1.70 -28.83 -34.50
N SER K 15 0.83 -27.88 -34.85
CA SER K 15 -0.13 -27.35 -33.90
C SER K 15 -1.40 -28.16 -33.97
N LEU K 16 -2.11 -28.18 -32.84
CA LEU K 16 -3.32 -28.97 -32.74
C LEU K 16 -4.40 -28.52 -33.69
N THR K 17 -4.21 -27.40 -34.35
CA THR K 17 -5.09 -26.96 -35.41
C THR K 17 -4.72 -27.59 -36.74
N ASP K 18 -3.63 -28.32 -36.79
CA ASP K 18 -3.24 -28.95 -38.03
C ASP K 18 -4.27 -30.01 -38.38
N PRO K 19 -4.90 -29.92 -39.55
CA PRO K 19 -5.94 -30.90 -39.89
CA PRO K 19 -5.94 -30.90 -39.89
C PRO K 19 -5.43 -32.31 -40.03
N GLN K 20 -4.25 -32.48 -40.61
CA GLN K 20 -3.67 -33.81 -40.71
C GLN K 20 -3.64 -34.46 -39.34
N LEU K 21 -3.33 -33.66 -38.32
CA LEU K 21 -3.30 -34.13 -36.95
C LEU K 21 -4.68 -34.50 -36.44
N GLN K 22 -5.67 -33.65 -36.71
CA GLN K 22 -7.02 -33.95 -36.25
C GLN K 22 -7.54 -35.23 -36.90
N ALA K 23 -7.20 -35.44 -38.15
CA ALA K 23 -7.63 -36.63 -38.86
C ALA K 23 -6.93 -37.86 -38.33
N ALA K 24 -5.66 -37.72 -37.97
CA ALA K 24 -4.96 -38.82 -37.34
C ALA K 24 -5.56 -39.17 -36.00
N ALA K 25 -5.97 -38.15 -35.25
CA ALA K 25 -6.52 -38.37 -33.93
C ALA K 25 -7.90 -39.01 -34.00
N ALA K 26 -8.74 -38.54 -34.92
CA ALA K 26 -10.04 -39.15 -35.10
C ALA K 26 -9.91 -40.63 -35.42
N ALA K 27 -8.79 -41.01 -36.05
CA ALA K 27 -8.53 -42.40 -36.39
C ALA K 27 -7.85 -43.12 -35.25
N ALA K 28 -8.40 -42.96 -34.06
CA ALA K 28 -7.87 -43.56 -32.87
C ALA K 28 -8.97 -44.35 -32.17
N ALA K 29 -8.58 -44.99 -31.07
CA ALA K 29 -9.48 -45.87 -30.36
C ALA K 29 -10.56 -45.08 -29.66
N ASP K 30 -11.56 -45.79 -29.17
CA ASP K 30 -12.69 -45.20 -28.48
C ASP K 30 -12.99 -46.05 -27.26
N PHE K 31 -12.71 -45.50 -26.09
CA PHE K 31 -12.85 -46.22 -24.84
C PHE K 31 -14.07 -45.68 -24.10
N ARG K 32 -14.93 -46.58 -23.68
CA ARG K 32 -16.11 -46.23 -22.90
C ARG K 32 -15.85 -46.54 -21.45
N ILE K 33 -16.10 -45.56 -20.60
CA ILE K 33 -15.71 -45.65 -19.19
C ILE K 33 -16.82 -46.22 -18.36
N LEU K 34 -18.06 -45.89 -18.68
CA LEU K 34 -19.23 -46.41 -17.99
C LEU K 34 -20.27 -46.79 -19.02
N PRO K 35 -19.97 -47.80 -19.83
CA PRO K 35 -20.87 -48.16 -20.92
C PRO K 35 -22.18 -48.73 -20.44
N ASP K 36 -22.21 -49.27 -19.24
CA ASP K 36 -23.40 -49.87 -18.68
C ASP K 36 -24.25 -48.87 -17.92
N ALA K 37 -23.82 -47.62 -17.88
CA ALA K 37 -24.48 -46.63 -17.06
C ALA K 37 -25.49 -45.83 -17.84
N THR K 38 -26.44 -45.27 -17.12
CA THR K 38 -27.53 -44.51 -17.68
C THR K 38 -27.61 -43.18 -16.96
N VAL K 39 -27.70 -42.10 -17.73
CA VAL K 39 -27.74 -40.76 -17.19
C VAL K 39 -29.16 -40.23 -17.33
N ILE K 40 -29.67 -39.65 -16.26
CA ILE K 40 -30.97 -39.03 -16.27
C ILE K 40 -30.85 -37.66 -15.63
N LYS K 41 -31.76 -36.78 -16.00
CA LYS K 41 -31.76 -35.41 -15.53
C LYS K 41 -33.12 -35.08 -14.96
N ILE K 42 -33.15 -34.72 -13.68
CA ILE K 42 -34.38 -34.33 -13.03
C ILE K 42 -34.52 -32.82 -13.11
N GLY K 43 -35.48 -32.36 -13.88
CA GLY K 43 -35.72 -30.95 -13.98
C GLY K 43 -36.07 -30.32 -12.66
N GLY K 44 -35.59 -29.12 -12.44
CA GLY K 44 -35.90 -28.40 -11.23
C GLY K 44 -37.23 -27.69 -11.33
N GLN K 45 -37.35 -26.83 -12.35
CA GLN K 45 -38.58 -26.10 -12.55
C GLN K 45 -39.71 -27.01 -12.98
N SER K 46 -39.39 -28.22 -13.39
CA SER K 46 -40.36 -29.15 -13.94
C SER K 46 -40.86 -30.11 -12.88
N VAL K 47 -40.00 -30.46 -11.93
CA VAL K 47 -40.25 -31.59 -11.05
C VAL K 47 -40.01 -31.20 -9.60
N ILE K 48 -38.76 -30.91 -9.28
CA ILE K 48 -38.38 -30.68 -7.90
C ILE K 48 -39.12 -29.50 -7.32
N ASP K 49 -39.30 -28.46 -8.13
CA ASP K 49 -40.02 -27.29 -7.67
C ASP K 49 -41.49 -27.56 -7.46
N ARG K 50 -41.97 -28.75 -7.83
CA ARG K 50 -43.32 -29.18 -7.49
C ARG K 50 -43.40 -29.78 -6.12
N GLY K 51 -42.29 -30.30 -5.61
CA GLY K 51 -42.21 -30.74 -4.25
C GLY K 51 -42.46 -32.23 -4.07
N ARG K 52 -43.31 -32.54 -3.09
CA ARG K 52 -43.47 -33.91 -2.64
C ARG K 52 -44.11 -34.77 -3.71
N ALA K 53 -45.23 -34.32 -4.25
CA ALA K 53 -46.04 -35.12 -5.16
C ALA K 53 -45.24 -35.62 -6.34
N ALA K 54 -44.22 -34.89 -6.75
CA ALA K 54 -43.43 -35.26 -7.91
C ALA K 54 -42.12 -35.92 -7.56
N VAL K 55 -41.68 -35.79 -6.32
CA VAL K 55 -40.36 -36.27 -5.95
C VAL K 55 -40.43 -37.62 -5.27
N TYR K 56 -41.38 -37.79 -4.37
CA TYR K 56 -41.48 -39.06 -3.65
C TYR K 56 -41.72 -40.22 -4.60
N PRO K 57 -42.71 -40.19 -5.47
CA PRO K 57 -42.91 -41.31 -6.40
C PRO K 57 -41.69 -41.58 -7.23
N LEU K 58 -41.02 -40.52 -7.66
CA LEU K 58 -39.86 -40.66 -8.51
C LEU K 58 -38.68 -41.22 -7.75
N VAL K 59 -38.56 -40.85 -6.48
CA VAL K 59 -37.56 -41.48 -5.63
C VAL K 59 -37.82 -42.96 -5.53
N ASP K 60 -39.08 -43.34 -5.40
CA ASP K 60 -39.42 -44.76 -5.37
C ASP K 60 -39.01 -45.44 -6.67
N GLU K 61 -39.33 -44.82 -7.80
CA GLU K 61 -38.95 -45.39 -9.08
C GLU K 61 -37.45 -45.58 -9.18
N ILE K 62 -36.69 -44.62 -8.67
CA ILE K 62 -35.24 -44.69 -8.76
C ILE K 62 -34.71 -45.81 -7.90
N VAL K 63 -35.21 -45.91 -6.67
CA VAL K 63 -34.76 -46.96 -5.78
C VAL K 63 -35.10 -48.31 -6.35
N ALA K 64 -36.19 -48.39 -7.10
CA ALA K 64 -36.56 -49.64 -7.73
C ALA K 64 -35.64 -49.96 -8.89
N ALA K 65 -35.31 -48.95 -9.68
CA ALA K 65 -34.59 -49.16 -10.92
C ALA K 65 -33.11 -49.41 -10.70
N ARG K 66 -32.53 -48.87 -9.65
CA ARG K 66 -31.10 -49.06 -9.43
C ARG K 66 -30.73 -50.52 -9.28
N LYS K 67 -31.72 -51.39 -9.10
CA LYS K 67 -31.46 -52.81 -8.95
C LYS K 67 -31.20 -53.48 -10.29
N ASN K 68 -31.51 -52.82 -11.38
CA ASN K 68 -31.27 -53.36 -12.71
C ASN K 68 -30.47 -52.43 -13.60
N HIS K 69 -30.21 -51.20 -13.17
CA HIS K 69 -29.48 -50.24 -13.97
C HIS K 69 -28.53 -49.44 -13.10
N LYS K 70 -27.44 -49.00 -13.71
CA LYS K 70 -26.58 -48.00 -13.10
C LYS K 70 -27.14 -46.62 -13.44
N LEU K 71 -27.24 -45.76 -12.45
CA LEU K 71 -27.90 -44.48 -12.62
C LEU K 71 -27.03 -43.33 -12.17
N LEU K 72 -26.91 -42.34 -13.04
CA LEU K 72 -26.28 -41.07 -12.74
C LEU K 72 -27.37 -40.02 -12.85
N ILE K 73 -27.74 -39.47 -11.71
CA ILE K 73 -28.90 -38.60 -11.61
C ILE K 73 -28.42 -37.19 -11.46
N GLY K 74 -28.72 -36.38 -12.47
CA GLY K 74 -28.42 -34.97 -12.45
C GLY K 74 -29.66 -34.17 -12.15
N THR K 75 -29.44 -33.05 -11.47
CA THR K 75 -30.51 -32.17 -11.09
C THR K 75 -30.45 -30.87 -11.87
N GLY K 76 -31.61 -30.34 -12.11
CA GLY K 76 -31.73 -29.01 -12.63
C GLY K 76 -31.73 -27.99 -11.55
N ALA K 77 -31.67 -26.74 -11.97
CA ALA K 77 -31.62 -25.64 -11.02
C ALA K 77 -33.02 -25.23 -10.60
N GLY K 78 -33.79 -24.70 -11.52
CA GLY K 78 -35.15 -24.32 -11.25
C GLY K 78 -35.38 -22.84 -11.38
N THR K 79 -36.33 -22.36 -10.59
CA THR K 79 -36.77 -20.98 -10.68
C THR K 79 -35.97 -20.05 -9.80
N ARG K 80 -35.31 -20.56 -8.78
CA ARG K 80 -34.38 -19.73 -8.04
C ARG K 80 -33.28 -19.24 -8.95
N ALA K 81 -32.85 -20.09 -9.87
CA ALA K 81 -31.85 -19.70 -10.83
C ALA K 81 -32.37 -18.61 -11.75
N ARG K 82 -33.64 -18.69 -12.10
CA ARG K 82 -34.22 -17.69 -12.96
C ARG K 82 -34.34 -16.36 -12.24
N HIS K 83 -34.66 -16.40 -10.96
CA HIS K 83 -34.63 -15.21 -10.15
C HIS K 83 -33.24 -14.59 -10.14
N LEU K 84 -32.23 -15.39 -9.87
CA LEU K 84 -30.86 -14.91 -9.86
C LEU K 84 -30.46 -14.33 -11.21
N TYR K 85 -30.82 -15.01 -12.28
CA TYR K 85 -30.48 -14.53 -13.61
C TYR K 85 -31.13 -13.20 -13.88
N SER K 86 -32.40 -13.05 -13.50
CA SER K 86 -33.07 -11.79 -13.70
C SER K 86 -32.38 -10.68 -12.93
N ILE K 87 -32.04 -10.95 -11.68
CA ILE K 87 -31.36 -9.96 -10.86
C ILE K 87 -30.06 -9.53 -11.53
N ALA K 88 -29.22 -10.50 -11.83
CA ALA K 88 -27.89 -10.21 -12.34
C ALA K 88 -27.93 -9.54 -13.70
N ALA K 89 -28.85 -9.94 -14.55
CA ALA K 89 -29.01 -9.28 -15.83
C ALA K 89 -29.48 -7.85 -15.66
N GLY K 90 -30.33 -7.60 -14.68
CA GLY K 90 -30.71 -6.24 -14.38
C GLY K 90 -29.53 -5.37 -14.02
N LEU K 91 -28.43 -5.99 -13.63
CA LEU K 91 -27.21 -5.27 -13.30
C LEU K 91 -26.20 -5.27 -14.44
N GLY K 92 -26.46 -6.04 -15.49
CA GLY K 92 -25.54 -6.09 -16.60
C GLY K 92 -24.40 -7.02 -16.39
N LEU K 93 -24.60 -8.07 -15.66
CA LEU K 93 -23.53 -9.00 -15.40
C LEU K 93 -23.44 -10.04 -16.50
N PRO K 94 -22.25 -10.55 -16.75
CA PRO K 94 -22.05 -11.47 -17.86
C PRO K 94 -22.46 -12.89 -17.50
N ALA K 95 -22.44 -13.72 -18.55
CA ALA K 95 -22.93 -15.07 -18.44
C ALA K 95 -22.15 -15.90 -17.43
N GLY K 96 -20.85 -15.67 -17.34
CA GLY K 96 -20.05 -16.44 -16.42
C GLY K 96 -20.55 -16.34 -15.00
N VAL K 97 -20.90 -15.14 -14.57
CA VAL K 97 -21.39 -14.96 -13.22
C VAL K 97 -22.68 -15.73 -13.03
N LEU K 98 -23.61 -15.56 -13.96
CA LEU K 98 -24.88 -16.26 -13.89
C LEU K 98 -24.68 -17.76 -13.77
N ALA K 99 -23.67 -18.28 -14.44
CA ALA K 99 -23.37 -19.69 -14.35
C ALA K 99 -22.86 -20.05 -12.97
N GLN K 100 -21.92 -19.28 -12.45
CA GLN K 100 -21.47 -19.46 -11.08
C GLN K 100 -22.66 -19.54 -10.14
N LEU K 101 -23.70 -18.80 -10.45
CA LEU K 101 -24.85 -18.72 -9.56
C LEU K 101 -25.75 -19.93 -9.69
N GLY K 102 -26.12 -20.20 -10.93
CA GLY K 102 -27.08 -21.21 -11.38
C GLY K 102 -26.63 -22.52 -10.90
N SER K 103 -25.32 -22.71 -10.87
CA SER K 103 -24.76 -23.98 -10.39
C SER K 103 -25.20 -24.15 -8.94
N SER K 104 -25.08 -23.12 -8.13
CA SER K 104 -25.45 -23.17 -6.71
C SER K 104 -26.84 -23.73 -6.46
N VAL K 105 -27.79 -23.46 -7.34
CA VAL K 105 -29.16 -23.93 -7.22
C VAL K 105 -29.22 -25.40 -7.54
N ALA K 106 -28.49 -25.81 -8.56
CA ALA K 106 -28.42 -27.23 -8.86
C ALA K 106 -27.79 -28.00 -7.72
N ASP K 107 -26.71 -27.48 -7.15
CA ASP K 107 -26.05 -28.16 -6.06
C ASP K 107 -26.93 -28.20 -4.82
N GLN K 108 -27.92 -27.32 -4.74
CA GLN K 108 -28.92 -27.35 -3.66
C GLN K 108 -29.91 -28.47 -3.87
N ASN K 109 -30.53 -28.47 -5.04
CA ASN K 109 -31.52 -29.48 -5.34
C ASN K 109 -30.93 -30.87 -5.21
N ALA K 110 -29.68 -31.02 -5.61
CA ALA K 110 -29.01 -32.31 -5.45
C ALA K 110 -28.98 -32.72 -4.00
N ALA K 111 -28.75 -31.77 -3.10
CA ALA K 111 -28.67 -32.09 -1.69
C ALA K 111 -30.03 -32.49 -1.14
N MET K 112 -31.06 -31.71 -1.49
CA MET K 112 -32.40 -32.07 -1.06
C MET K 112 -32.76 -33.45 -1.55
N LEU K 113 -32.27 -33.82 -2.72
CA LEU K 113 -32.61 -35.12 -3.28
C LEU K 113 -31.80 -36.23 -2.65
N GLY K 114 -30.55 -35.96 -2.32
CA GLY K 114 -29.69 -36.95 -1.71
C GLY K 114 -29.97 -37.18 -0.26
N GLN K 115 -30.65 -36.25 0.38
CA GLN K 115 -31.12 -36.49 1.73
C GLN K 115 -32.30 -37.44 1.76
N LEU K 116 -33.01 -37.56 0.65
CA LEU K 116 -34.11 -38.50 0.57
C LEU K 116 -33.66 -39.90 0.20
N LEU K 117 -32.46 -40.02 -0.35
CA LEU K 117 -31.96 -41.28 -0.85
C LEU K 117 -30.84 -41.85 -0.01
N ALA K 118 -30.41 -41.04 0.94
CA ALA K 118 -29.29 -41.39 1.84
C ALA K 118 -29.65 -42.68 2.54
N LYS K 119 -30.92 -42.85 2.87
CA LYS K 119 -31.36 -44.12 3.50
C LYS K 119 -31.22 -45.26 2.48
N HIS K 120 -31.43 -45.00 1.21
CA HIS K 120 -31.32 -46.07 0.19
C HIS K 120 -29.90 -46.30 -0.28
N GLY K 121 -28.89 -45.69 0.34
CA GLY K 121 -27.52 -45.93 -0.03
C GLY K 121 -27.07 -45.20 -1.27
N ILE K 122 -27.78 -44.15 -1.65
CA ILE K 122 -27.48 -43.40 -2.86
C ILE K 122 -26.88 -42.06 -2.44
N PRO K 123 -25.63 -41.79 -2.76
CA PRO K 123 -24.97 -40.58 -2.28
C PRO K 123 -25.00 -39.44 -3.29
N VAL K 124 -24.71 -38.26 -2.81
CA VAL K 124 -24.57 -37.05 -3.65
C VAL K 124 -23.07 -36.95 -3.85
N VAL K 125 -22.55 -37.09 -5.04
CA VAL K 125 -21.10 -37.10 -5.24
C VAL K 125 -20.76 -35.89 -6.08
N GLY K 126 -19.77 -35.09 -5.71
CA GLY K 126 -19.36 -33.98 -6.58
C GLY K 126 -18.76 -34.58 -7.83
N GLY K 127 -17.94 -35.60 -7.63
CA GLY K 127 -17.28 -36.38 -8.68
C GLY K 127 -18.11 -37.54 -9.15
N ALA K 128 -19.20 -37.28 -9.87
CA ALA K 128 -20.18 -38.31 -10.33
C ALA K 128 -19.51 -39.33 -11.21
N GLY K 129 -18.69 -38.79 -12.07
CA GLY K 129 -17.91 -39.43 -13.10
C GLY K 129 -17.11 -40.66 -12.77
N LEU K 130 -16.06 -40.49 -11.96
CA LEU K 130 -15.23 -41.58 -11.43
C LEU K 130 -15.51 -41.80 -9.95
N SER K 131 -16.71 -41.77 -9.63
CA SER K 131 -17.23 -42.37 -8.38
C SER K 131 -17.48 -43.83 -8.75
N ALA K 132 -16.42 -44.62 -8.78
CA ALA K 132 -16.38 -45.99 -9.29
C ALA K 132 -16.97 -46.94 -8.29
N VAL K 133 -16.95 -46.62 -7.02
CA VAL K 133 -17.42 -47.61 -6.06
C VAL K 133 -18.93 -47.76 -6.10
N PRO K 134 -19.71 -46.71 -5.85
CA PRO K 134 -21.16 -46.89 -5.76
C PRO K 134 -21.75 -47.53 -7.00
N LEU K 135 -21.11 -47.30 -8.14
CA LEU K 135 -21.58 -47.85 -9.39
C LEU K 135 -21.14 -49.27 -9.60
N SER K 136 -20.13 -49.72 -8.87
CA SER K 136 -19.73 -51.11 -8.93
C SER K 136 -20.54 -52.00 -8.01
N LEU K 137 -21.39 -51.41 -7.18
CA LEU K 137 -22.16 -52.17 -6.21
C LEU K 137 -23.61 -52.25 -6.64
N ALA K 138 -24.24 -53.38 -6.36
CA ALA K 138 -25.63 -53.56 -6.72
C ALA K 138 -26.57 -53.00 -5.68
N GLU K 139 -26.09 -52.82 -4.46
CA GLU K 139 -26.90 -52.26 -3.38
C GLU K 139 -26.86 -50.75 -3.37
N VAL K 140 -26.07 -50.15 -4.24
CA VAL K 140 -26.05 -48.72 -4.45
C VAL K 140 -26.38 -48.39 -5.89
N ASN K 141 -25.47 -48.68 -6.79
CA ASN K 141 -25.73 -48.67 -8.22
C ASN K 141 -26.30 -47.36 -8.70
N ALA K 142 -26.03 -46.26 -8.00
CA ALA K 142 -26.58 -44.98 -8.41
C ALA K 142 -25.91 -43.86 -7.64
N VAL K 143 -25.94 -42.67 -8.25
CA VAL K 143 -25.42 -41.46 -7.63
C VAL K 143 -26.17 -40.24 -8.12
N VAL K 144 -26.19 -39.27 -7.23
CA VAL K 144 -26.82 -37.96 -7.48
C VAL K 144 -25.66 -36.99 -7.46
N PHE K 145 -25.66 -36.05 -8.37
CA PHE K 145 -24.61 -35.01 -8.44
C PHE K 145 -25.27 -33.71 -8.90
N SER K 146 -24.55 -32.59 -9.15
CA SER K 146 -25.35 -31.59 -9.86
C SER K 146 -25.51 -32.02 -11.31
N GLY K 147 -25.98 -30.88 -11.99
CA GLY K 147 -26.28 -30.94 -13.41
C GLY K 147 -25.53 -29.84 -14.05
N MET K 148 -25.12 -28.87 -13.26
CA MET K 148 -24.56 -27.76 -13.99
C MET K 148 -23.08 -28.02 -14.27
N PRO K 149 -22.58 -27.56 -15.40
CA PRO K 149 -21.23 -27.81 -15.76
C PRO K 149 -20.27 -26.85 -15.07
N PRO K 150 -18.98 -27.14 -15.17
CA PRO K 150 -17.96 -26.39 -14.46
C PRO K 150 -17.45 -25.15 -15.18
N TYR K 151 -18.08 -24.73 -16.25
CA TYR K 151 -17.47 -23.62 -17.00
C TYR K 151 -17.65 -22.28 -16.31
N LYS K 152 -17.76 -22.26 -14.99
CA LYS K 152 -18.48 -21.23 -14.24
C LYS K 152 -18.17 -19.87 -14.83
N LEU K 153 -16.95 -19.41 -14.85
CA LEU K 153 -16.73 -18.07 -15.42
C LEU K 153 -16.24 -18.16 -16.85
N TRP K 154 -15.82 -19.32 -17.36
CA TRP K 154 -15.33 -19.38 -18.71
C TRP K 154 -16.40 -19.81 -19.68
N MET K 155 -17.65 -19.61 -19.31
CA MET K 155 -18.75 -20.02 -20.16
C MET K 155 -18.67 -19.34 -21.51
N ARG K 156 -19.01 -20.07 -22.54
CA ARG K 156 -19.17 -19.49 -23.84
C ARG K 156 -20.45 -18.69 -23.88
N PRO K 157 -20.40 -17.38 -24.02
CA PRO K 157 -21.62 -16.61 -24.07
C PRO K 157 -22.39 -16.85 -25.34
N ALA K 158 -23.67 -16.56 -25.28
CA ALA K 158 -24.51 -16.69 -26.45
C ALA K 158 -24.28 -15.52 -27.39
N ALA K 159 -24.78 -15.68 -28.61
CA ALA K 159 -24.66 -14.63 -29.60
C ALA K 159 -25.31 -13.35 -29.11
N GLU K 160 -26.40 -13.46 -28.38
CA GLU K 160 -27.15 -12.31 -27.93
C GLU K 160 -27.64 -12.58 -26.52
N GLY K 161 -27.19 -11.75 -25.59
CA GLY K 161 -27.63 -11.83 -24.22
C GLY K 161 -26.56 -12.34 -23.28
N VAL K 162 -26.95 -12.42 -22.02
CA VAL K 162 -26.09 -12.91 -20.96
C VAL K 162 -26.58 -14.21 -20.37
N ILE K 163 -27.65 -14.78 -20.89
CA ILE K 163 -28.13 -16.05 -20.35
C ILE K 163 -27.16 -17.15 -20.75
N PRO K 164 -26.66 -17.93 -19.80
CA PRO K 164 -25.80 -19.03 -20.14
C PRO K 164 -26.53 -20.05 -20.98
N PRO K 165 -26.01 -20.37 -22.15
CA PRO K 165 -26.68 -21.33 -23.01
C PRO K 165 -26.44 -22.75 -22.62
N TYR K 166 -25.33 -23.03 -21.97
CA TYR K 166 -24.98 -24.39 -21.57
C TYR K 166 -25.30 -24.52 -20.10
N ARG K 167 -26.39 -25.23 -19.82
CA ARG K 167 -26.82 -25.46 -18.46
C ARG K 167 -27.08 -26.94 -18.21
N THR K 168 -27.81 -27.22 -17.14
CA THR K 168 -27.96 -28.57 -16.63
C THR K 168 -28.19 -29.60 -17.71
N ASP K 169 -29.01 -29.28 -18.69
CA ASP K 169 -29.22 -30.22 -19.80
C ASP K 169 -27.90 -30.64 -20.40
N ALA K 170 -27.08 -29.66 -20.75
CA ALA K 170 -25.77 -29.92 -21.30
C ALA K 170 -24.84 -30.56 -20.29
N GLY K 171 -24.92 -30.11 -19.04
CA GLY K 171 -24.05 -30.67 -18.02
C GLY K 171 -24.26 -32.16 -17.84
N CYS K 172 -25.48 -32.63 -18.10
CA CYS K 172 -25.74 -34.06 -18.03
C CYS K 172 -25.40 -34.76 -19.33
N PHE K 173 -25.78 -34.18 -20.47
CA PHE K 173 -25.53 -34.84 -21.72
C PHE K 173 -24.05 -35.04 -21.97
N LEU K 174 -23.23 -34.04 -21.62
CA LEU K 174 -21.81 -34.14 -21.85
C LEU K 174 -21.18 -35.17 -20.95
N LEU K 175 -21.66 -35.27 -19.72
CA LEU K 175 -21.21 -36.32 -18.84
C LEU K 175 -21.49 -37.68 -19.44
N ALA K 176 -22.66 -37.82 -20.03
CA ALA K 176 -22.98 -39.08 -20.70
C ALA K 176 -22.04 -39.36 -21.84
N GLU K 177 -21.88 -38.39 -22.74
CA GLU K 177 -21.07 -38.61 -23.93
C GLU K 177 -19.63 -38.91 -23.56
N GLN K 178 -19.13 -38.28 -22.51
CA GLN K 178 -17.75 -38.49 -22.09
C GLN K 178 -17.56 -39.90 -21.57
N PHE K 179 -18.36 -40.29 -20.59
CA PHE K 179 -18.26 -41.60 -19.98
C PHE K 179 -18.94 -42.68 -20.78
N GLY K 180 -19.25 -42.41 -22.05
CA GLY K 180 -19.69 -43.44 -22.96
C GLY K 180 -20.92 -44.16 -22.52
N CYS K 181 -21.78 -43.50 -21.77
CA CYS K 181 -22.97 -44.13 -21.27
C CYS K 181 -23.88 -44.55 -22.42
N LYS K 182 -24.78 -45.48 -22.11
CA LYS K 182 -25.59 -46.13 -23.11
C LYS K 182 -26.92 -45.44 -23.34
N GLN K 183 -27.33 -44.57 -22.43
CA GLN K 183 -28.68 -44.03 -22.49
C GLN K 183 -28.68 -42.69 -21.78
N MET K 184 -29.42 -41.74 -22.34
CA MET K 184 -29.54 -40.41 -21.78
C MET K 184 -30.99 -39.99 -21.80
N ILE K 185 -31.50 -39.62 -20.63
CA ILE K 185 -32.91 -39.40 -20.41
C ILE K 185 -33.09 -38.07 -19.72
N PHE K 186 -34.14 -37.36 -20.10
CA PHE K 186 -34.51 -36.10 -19.51
C PHE K 186 -35.91 -36.24 -18.94
N VAL K 187 -36.00 -36.15 -17.62
CA VAL K 187 -37.25 -36.29 -16.90
C VAL K 187 -37.81 -34.89 -16.70
N LYS K 188 -38.99 -34.64 -17.25
CA LYS K 188 -39.58 -33.32 -17.13
C LYS K 188 -41.08 -33.41 -16.92
N ASP K 189 -41.77 -32.28 -17.07
CA ASP K 189 -43.17 -32.17 -16.73
C ASP K 189 -44.08 -32.30 -17.93
N GLU K 190 -43.58 -32.86 -19.01
CA GLU K 190 -44.36 -33.01 -20.23
C GLU K 190 -44.07 -34.37 -20.85
N ASP K 191 -45.05 -34.85 -21.60
CA ASP K 191 -44.93 -36.15 -22.25
C ASP K 191 -43.76 -36.18 -23.22
N GLY K 192 -43.30 -35.03 -23.65
CA GLY K 192 -42.19 -34.95 -24.56
C GLY K 192 -42.16 -33.61 -25.27
N LEU K 193 -41.51 -33.60 -26.41
CA LEU K 193 -41.41 -32.40 -27.22
C LEU K 193 -42.66 -32.20 -28.05
N TYR K 194 -43.15 -30.96 -28.07
CA TYR K 194 -44.25 -30.58 -28.92
C TYR K 194 -43.76 -29.57 -29.95
N THR K 195 -44.71 -29.04 -30.70
CA THR K 195 -44.41 -27.98 -31.64
C THR K 195 -44.28 -26.63 -30.98
N ALA K 196 -44.76 -26.51 -29.74
CA ALA K 196 -44.71 -25.25 -29.03
C ALA K 196 -44.99 -25.53 -27.57
N ASN K 197 -44.71 -24.55 -26.74
CA ASN K 197 -44.92 -24.73 -25.33
C ASN K 197 -46.39 -24.98 -25.05
N PRO K 198 -46.77 -26.20 -24.68
CA PRO K 198 -48.17 -26.49 -24.44
C PRO K 198 -48.75 -25.68 -23.29
N LYS K 199 -47.93 -25.26 -22.35
CA LYS K 199 -48.44 -24.44 -21.27
C LYS K 199 -48.97 -23.11 -21.77
N THR K 200 -48.32 -22.55 -22.79
CA THR K 200 -48.76 -21.29 -23.37
C THR K 200 -49.75 -21.52 -24.49
N SER K 201 -49.38 -22.36 -25.44
CA SER K 201 -50.19 -22.64 -26.62
C SER K 201 -50.73 -24.05 -26.51
N LYS K 202 -52.03 -24.17 -26.24
CA LYS K 202 -52.66 -25.48 -26.10
C LYS K 202 -52.99 -26.12 -27.43
N ASP K 203 -52.57 -25.49 -28.53
CA ASP K 203 -52.71 -26.07 -29.85
C ASP K 203 -51.48 -26.84 -30.27
N ALA K 204 -50.47 -26.91 -29.40
CA ALA K 204 -49.21 -27.53 -29.75
C ALA K 204 -49.38 -29.02 -30.00
N THR K 205 -48.62 -29.53 -30.96
CA THR K 205 -48.74 -30.91 -31.39
C THR K 205 -47.58 -31.73 -30.86
N PHE K 206 -47.88 -32.96 -30.47
CA PHE K 206 -46.87 -33.84 -29.90
C PHE K 206 -45.90 -34.32 -30.97
N ILE K 207 -44.71 -34.69 -30.52
CA ILE K 207 -43.66 -35.18 -31.41
C ILE K 207 -43.00 -36.39 -30.76
N PRO K 208 -43.20 -37.58 -31.30
CA PRO K 208 -42.65 -38.78 -30.67
C PRO K 208 -41.19 -38.99 -31.01
N ARG K 209 -40.80 -38.54 -32.20
CA ARG K 209 -39.45 -38.78 -32.68
C ARG K 209 -39.09 -37.69 -33.67
N ILE K 210 -37.81 -37.34 -33.70
CA ILE K 210 -37.34 -36.21 -34.49
C ILE K 210 -35.83 -36.26 -34.48
N SER K 211 -35.23 -35.70 -35.52
CA SER K 211 -33.79 -35.53 -35.58
C SER K 211 -33.44 -34.07 -35.36
N VAL K 212 -32.16 -33.84 -35.13
CA VAL K 212 -31.69 -32.49 -34.84
C VAL K 212 -31.91 -31.57 -36.02
N ASP K 213 -31.61 -32.05 -37.22
CA ASP K 213 -31.79 -31.23 -38.41
C ASP K 213 -33.26 -30.87 -38.60
N GLU K 214 -34.13 -31.86 -38.52
CA GLU K 214 -35.56 -31.60 -38.62
C GLU K 214 -36.02 -30.69 -37.50
N MET K 215 -35.39 -30.80 -36.34
CA MET K 215 -35.78 -29.99 -35.19
C MET K 215 -35.43 -28.54 -35.42
N LYS K 216 -34.31 -28.26 -36.08
CA LYS K 216 -33.95 -26.90 -36.41
C LYS K 216 -34.80 -26.36 -37.54
N ALA K 217 -35.05 -27.18 -38.56
CA ALA K 217 -35.87 -26.74 -39.67
C ALA K 217 -37.22 -26.23 -39.20
N LYS K 218 -37.77 -26.82 -38.14
CA LYS K 218 -39.05 -26.38 -37.63
C LYS K 218 -38.99 -24.97 -37.07
N GLY K 219 -37.80 -24.43 -36.86
CA GLY K 219 -37.66 -23.08 -36.38
C GLY K 219 -38.41 -22.85 -35.09
N LEU K 220 -38.19 -23.73 -34.12
CA LEU K 220 -38.89 -23.63 -32.87
C LEU K 220 -38.44 -22.40 -32.10
N HIS K 221 -39.43 -21.61 -31.65
CA HIS K 221 -39.13 -20.46 -30.82
C HIS K 221 -38.70 -20.88 -29.43
N ASP K 222 -39.32 -21.93 -28.91
CA ASP K 222 -39.00 -22.46 -27.60
C ASP K 222 -38.95 -23.96 -27.70
N SER K 223 -38.08 -24.56 -26.90
CA SER K 223 -37.93 -26.00 -26.90
C SER K 223 -37.87 -26.50 -25.47
N ILE K 224 -38.00 -27.81 -25.35
CA ILE K 224 -37.91 -28.46 -24.05
C ILE K 224 -36.47 -28.72 -23.68
N LEU K 225 -35.55 -28.53 -24.61
CA LEU K 225 -34.14 -28.65 -24.35
C LEU K 225 -33.42 -27.40 -24.81
N GLU K 226 -32.22 -27.23 -24.28
CA GLU K 226 -31.35 -26.18 -24.74
C GLU K 226 -30.81 -26.52 -26.13
N PHE K 227 -31.04 -25.61 -27.06
CA PHE K 227 -30.65 -25.87 -28.44
C PHE K 227 -29.19 -26.22 -28.59
N PRO K 228 -28.26 -25.58 -27.89
CA PRO K 228 -26.85 -26.00 -27.99
C PRO K 228 -26.64 -27.47 -27.75
N VAL K 229 -27.49 -28.08 -26.93
CA VAL K 229 -27.41 -29.51 -26.72
C VAL K 229 -27.59 -30.23 -28.03
N LEU K 230 -28.32 -29.64 -28.96
CA LEU K 230 -28.52 -30.28 -30.25
C LEU K 230 -27.23 -30.27 -31.05
N ASP K 231 -26.57 -29.13 -31.12
CA ASP K 231 -25.31 -29.05 -31.83
C ASP K 231 -24.28 -29.99 -31.20
N LEU K 232 -24.39 -30.18 -29.89
CA LEU K 232 -23.50 -31.12 -29.22
C LEU K 232 -23.84 -32.55 -29.60
N LEU K 233 -25.12 -32.87 -29.65
CA LEU K 233 -25.56 -34.21 -29.98
C LEU K 233 -25.20 -34.58 -31.40
N GLN K 234 -25.28 -33.61 -32.30
CA GLN K 234 -24.92 -33.83 -33.69
C GLN K 234 -23.44 -34.10 -33.84
N SER K 235 -22.66 -33.79 -32.81
CA SER K 235 -21.21 -33.86 -32.85
C SER K 235 -20.65 -34.92 -31.92
N ALA K 236 -21.51 -35.68 -31.26
CA ALA K 236 -21.05 -36.68 -30.33
C ALA K 236 -20.65 -37.95 -31.04
N GLN K 237 -20.10 -38.88 -30.26
CA GLN K 237 -19.60 -40.14 -30.76
C GLN K 237 -20.34 -41.33 -30.17
N HIS K 238 -20.51 -41.34 -28.85
CA HIS K 238 -21.15 -42.44 -28.16
C HIS K 238 -22.66 -42.28 -28.14
N VAL K 239 -23.13 -41.19 -27.56
CA VAL K 239 -24.54 -40.94 -27.42
C VAL K 239 -25.05 -40.26 -28.67
N ARG K 240 -25.84 -40.98 -29.45
CA ARG K 240 -26.39 -40.47 -30.69
C ARG K 240 -27.88 -40.20 -30.60
N GLU K 241 -28.47 -40.39 -29.42
CA GLU K 241 -29.87 -40.10 -29.24
C GLU K 241 -30.17 -39.94 -27.76
N VAL K 242 -31.19 -39.16 -27.47
CA VAL K 242 -31.66 -38.97 -26.11
C VAL K 242 -33.17 -39.14 -26.09
N GLN K 243 -33.71 -39.37 -24.90
CA GLN K 243 -35.14 -39.50 -24.74
C GLN K 243 -35.61 -38.53 -23.68
N VAL K 244 -36.81 -37.99 -23.88
CA VAL K 244 -37.44 -37.05 -22.97
C VAL K 244 -38.76 -37.65 -22.55
N VAL K 245 -39.02 -37.65 -21.25
CA VAL K 245 -40.19 -38.30 -20.70
C VAL K 245 -40.79 -37.44 -19.61
N ASN K 246 -41.97 -37.85 -19.17
CA ASN K 246 -42.69 -37.19 -18.11
C ASN K 246 -42.49 -37.98 -16.82
N GLY K 247 -41.91 -37.34 -15.81
CA GLY K 247 -41.69 -37.99 -14.55
C GLY K 247 -42.90 -37.99 -13.65
N LEU K 248 -43.91 -37.20 -13.99
CA LEU K 248 -45.14 -37.21 -13.22
C LEU K 248 -45.96 -38.46 -13.49
N VAL K 249 -45.92 -38.93 -14.73
CA VAL K 249 -46.55 -40.20 -15.06
C VAL K 249 -45.75 -41.33 -14.40
N PRO K 250 -46.38 -42.18 -13.58
CA PRO K 250 -45.63 -43.28 -12.96
C PRO K 250 -45.27 -44.34 -13.98
N GLY K 251 -44.06 -44.87 -13.83
CA GLY K 251 -43.58 -45.94 -14.67
C GLY K 251 -42.82 -45.50 -15.90
N ASN K 252 -43.12 -44.31 -16.41
CA ASN K 252 -42.50 -43.87 -17.66
C ASN K 252 -40.99 -43.97 -17.59
N LEU K 253 -40.41 -43.57 -16.47
CA LEU K 253 -38.96 -43.62 -16.32
C LEU K 253 -38.45 -45.06 -16.37
N THR K 254 -39.11 -45.95 -15.63
CA THR K 254 -38.70 -47.34 -15.63
C THR K 254 -38.80 -47.95 -17.02
N ARG K 255 -39.88 -47.66 -17.72
CA ARG K 255 -40.04 -48.19 -19.07
C ARG K 255 -38.96 -47.67 -19.99
N ALA K 256 -38.59 -46.40 -19.83
CA ALA K 256 -37.57 -45.81 -20.67
C ALA K 256 -36.22 -46.45 -20.41
N LEU K 257 -35.87 -46.64 -19.13
CA LEU K 257 -34.62 -47.28 -18.81
C LEU K 257 -34.49 -48.63 -19.48
N ALA K 258 -35.62 -49.32 -19.65
CA ALA K 258 -35.63 -50.59 -20.35
C ALA K 258 -35.47 -50.43 -21.86
N GLY K 259 -35.50 -49.20 -22.36
CA GLY K 259 -35.34 -48.94 -23.77
C GLY K 259 -36.61 -48.61 -24.50
N GLU K 260 -37.76 -48.63 -23.83
CA GLU K 260 -39.01 -48.36 -24.49
C GLU K 260 -39.01 -46.95 -25.08
N HIS K 261 -40.02 -46.69 -25.90
CA HIS K 261 -40.24 -45.37 -26.48
C HIS K 261 -41.46 -44.79 -25.78
N VAL K 262 -41.21 -44.13 -24.66
CA VAL K 262 -42.26 -43.60 -23.82
C VAL K 262 -42.65 -42.19 -24.21
N GLY K 263 -41.66 -41.34 -24.44
CA GLY K 263 -41.93 -39.97 -24.78
C GLY K 263 -41.35 -39.61 -26.12
N THR K 264 -40.47 -38.63 -26.12
CA THR K 264 -39.87 -38.15 -27.36
C THR K 264 -38.46 -38.66 -27.46
N ILE K 265 -38.03 -38.97 -28.67
CA ILE K 265 -36.69 -39.45 -28.93
C ILE K 265 -36.06 -38.53 -29.95
N ILE K 266 -34.91 -37.97 -29.59
CA ILE K 266 -34.20 -37.03 -30.42
C ILE K 266 -32.91 -37.68 -30.86
N THR K 267 -32.71 -37.75 -32.16
CA THR K 267 -31.61 -38.45 -32.77
C THR K 267 -30.72 -37.47 -33.52
N ALA K 268 -29.42 -37.65 -33.38
CA ALA K 268 -28.49 -36.79 -34.10
C ALA K 268 -28.68 -36.91 -35.60
N SER K 269 -28.97 -38.10 -36.07
CA SER K 269 -29.07 -38.36 -37.49
C SER K 269 -30.42 -38.99 -37.83
N THR L 4 -52.67 -28.83 -7.45
CA THR L 4 -52.33 -30.06 -6.75
C THR L 4 -50.82 -30.24 -6.66
N ASN L 5 -50.21 -30.52 -7.80
CA ASN L 5 -48.76 -30.67 -7.90
C ASN L 5 -48.17 -29.51 -8.68
N SER L 6 -48.87 -28.39 -8.70
CA SER L 6 -48.40 -27.25 -9.47
C SER L 6 -47.04 -26.80 -8.99
N ILE L 7 -46.35 -26.07 -9.84
CA ILE L 7 -45.01 -25.63 -9.51
C ILE L 7 -45.05 -24.48 -8.54
N LYS L 8 -44.12 -24.48 -7.61
CA LYS L 8 -43.91 -23.37 -6.69
C LYS L 8 -42.91 -22.42 -7.34
N HIS L 9 -43.40 -21.31 -7.85
CA HIS L 9 -42.57 -20.36 -8.55
C HIS L 9 -42.12 -19.24 -7.64
N VAL L 10 -40.95 -18.70 -7.97
CA VAL L 10 -40.48 -17.45 -7.40
C VAL L 10 -40.78 -16.35 -8.40
N ILE L 11 -41.44 -15.31 -7.94
CA ILE L 11 -41.83 -14.23 -8.84
C ILE L 11 -40.58 -13.59 -9.40
N SER L 12 -40.51 -13.52 -10.72
CA SER L 12 -39.36 -12.94 -11.40
C SER L 12 -39.75 -12.68 -12.84
N PRO L 13 -39.02 -11.81 -13.53
CA PRO L 13 -39.27 -11.60 -14.95
C PRO L 13 -39.05 -12.85 -15.77
N LEU L 14 -38.23 -13.78 -15.29
CA LEU L 14 -37.88 -14.98 -16.02
C LEU L 14 -38.61 -16.20 -15.50
N ALA L 15 -39.62 -16.00 -14.68
CA ALA L 15 -40.38 -17.11 -14.16
C ALA L 15 -41.23 -17.74 -15.23
N ARG L 16 -41.40 -19.05 -15.14
CA ARG L 16 -42.21 -19.82 -16.07
C ARG L 16 -41.58 -19.85 -17.45
N GLN L 17 -40.29 -19.59 -17.53
CA GLN L 17 -39.56 -19.59 -18.78
C GLN L 17 -38.56 -20.73 -18.81
N THR L 18 -38.21 -21.11 -20.03
CA THR L 18 -37.20 -22.11 -20.28
C THR L 18 -35.86 -21.49 -20.60
N LEU L 19 -35.82 -20.19 -20.85
CA LEU L 19 -34.61 -19.48 -21.23
C LEU L 19 -34.13 -19.87 -22.60
N GLN L 20 -34.99 -20.53 -23.37
CA GLN L 20 -34.70 -20.87 -24.75
C GLN L 20 -35.36 -19.92 -25.73
N ASP L 21 -36.48 -19.32 -25.34
CA ASP L 21 -37.16 -18.35 -26.19
C ASP L 21 -36.50 -16.99 -26.03
N ARG L 22 -35.82 -16.54 -27.08
CA ARG L 22 -35.05 -15.31 -26.97
C ARG L 22 -35.96 -14.09 -26.88
N ASP L 23 -37.16 -14.17 -27.44
CA ASP L 23 -38.07 -13.05 -27.40
C ASP L 23 -38.55 -12.75 -26.00
N LEU L 24 -38.42 -13.70 -25.08
CA LEU L 24 -38.87 -13.51 -23.71
C LEU L 24 -37.74 -13.14 -22.78
N THR L 25 -36.51 -13.48 -23.14
CA THR L 25 -35.35 -13.13 -22.35
C THR L 25 -34.73 -11.81 -22.75
N ARG L 26 -34.87 -11.43 -24.01
CA ARG L 26 -34.27 -10.20 -24.49
C ARG L 26 -34.69 -9.00 -23.66
N PRO L 27 -35.94 -8.86 -23.24
CA PRO L 27 -36.33 -7.71 -22.41
C PRO L 27 -35.60 -7.64 -21.10
N VAL L 28 -34.92 -8.69 -20.72
CA VAL L 28 -34.26 -8.79 -19.42
C VAL L 28 -32.77 -8.99 -19.58
N ALA L 29 -32.37 -9.88 -20.48
CA ALA L 29 -30.99 -10.27 -20.64
C ALA L 29 -30.44 -9.93 -22.01
N GLY L 30 -31.14 -9.12 -22.77
CA GLY L 30 -30.70 -8.78 -24.11
C GLY L 30 -29.80 -7.58 -24.17
N LYS L 31 -29.39 -7.04 -23.04
CA LYS L 31 -28.56 -5.86 -22.99
C LYS L 31 -27.09 -6.25 -22.94
N ARG L 32 -26.25 -5.30 -23.30
CA ARG L 32 -24.83 -5.53 -23.25
C ARG L 32 -24.35 -5.45 -21.81
N PRO L 33 -23.48 -6.31 -21.38
CA PRO L 33 -23.04 -6.30 -20.00
C PRO L 33 -22.02 -5.24 -19.70
N ILE L 34 -21.48 -5.30 -18.49
CA ILE L 34 -20.55 -4.32 -18.01
C ILE L 34 -19.17 -4.96 -17.88
N ARG L 35 -18.20 -4.14 -17.56
CA ARG L 35 -16.84 -4.59 -17.30
C ARG L 35 -16.61 -4.61 -15.80
N LEU L 36 -16.17 -5.75 -15.30
CA LEU L 36 -15.87 -5.88 -13.88
C LEU L 36 -14.49 -5.33 -13.56
N LEU L 37 -13.50 -5.69 -14.35
CA LEU L 37 -12.12 -5.27 -14.16
C LEU L 37 -11.64 -4.61 -15.44
N PRO L 38 -12.20 -3.45 -15.78
CA PRO L 38 -11.81 -2.77 -17.00
C PRO L 38 -10.38 -2.29 -16.99
N TRP L 39 -9.75 -2.30 -15.83
CA TRP L 39 -8.38 -1.84 -15.70
C TRP L 39 -7.39 -2.98 -15.75
N LEU L 40 -7.80 -4.12 -16.26
CA LEU L 40 -6.98 -5.31 -16.25
C LEU L 40 -6.38 -5.56 -17.61
N GLN L 41 -5.16 -6.05 -17.61
CA GLN L 41 -4.45 -6.45 -18.81
C GLN L 41 -4.11 -7.92 -18.69
N VAL L 42 -4.44 -8.68 -19.72
CA VAL L 42 -4.27 -10.11 -19.72
C VAL L 42 -3.19 -10.48 -20.71
N VAL L 43 -2.33 -11.39 -20.31
CA VAL L 43 -1.21 -11.82 -21.11
C VAL L 43 -1.15 -13.32 -21.09
N LYS L 44 -1.31 -13.93 -22.24
CA LYS L 44 -1.26 -15.37 -22.37
C LYS L 44 0.10 -15.75 -22.94
N ILE L 45 0.90 -16.41 -22.11
CA ILE L 45 2.18 -16.95 -22.53
C ILE L 45 1.94 -18.34 -23.10
N GLY L 46 2.49 -18.59 -24.27
CA GLY L 46 2.38 -19.90 -24.85
C GLY L 46 3.35 -20.88 -24.22
N GLY L 47 2.98 -22.14 -24.29
CA GLY L 47 3.80 -23.17 -23.69
C GLY L 47 5.03 -23.51 -24.50
N ARG L 48 4.99 -23.29 -25.81
CA ARG L 48 6.17 -23.48 -26.62
C ARG L 48 7.27 -22.52 -26.20
N VAL L 49 6.90 -21.41 -25.59
CA VAL L 49 7.87 -20.46 -25.08
C VAL L 49 8.51 -21.00 -23.82
N MET L 50 7.67 -21.36 -22.87
CA MET L 50 8.10 -21.92 -21.58
C MET L 50 9.00 -23.12 -21.84
N ASP L 51 8.62 -23.99 -22.76
CA ASP L 51 9.33 -25.21 -23.06
C ASP L 51 10.74 -24.95 -23.57
N ARG L 52 10.99 -23.74 -24.05
CA ARG L 52 12.31 -23.36 -24.48
C ARG L 52 13.26 -23.19 -23.30
N GLY L 53 12.74 -22.90 -22.13
CA GLY L 53 13.54 -22.86 -20.94
C GLY L 53 14.06 -21.47 -20.62
N ALA L 54 15.14 -21.45 -19.85
CA ALA L 54 15.74 -20.21 -19.41
C ALA L 54 16.00 -19.25 -20.55
N ASP L 55 16.54 -19.76 -21.66
CA ASP L 55 16.90 -18.93 -22.79
C ASP L 55 15.80 -17.97 -23.19
N ALA L 56 14.55 -18.37 -22.96
CA ALA L 56 13.40 -17.56 -23.31
C ALA L 56 12.67 -17.00 -22.12
N ILE L 57 12.81 -17.64 -20.96
CA ILE L 57 12.05 -17.21 -19.80
C ILE L 57 12.74 -16.05 -19.10
N LEU L 58 14.04 -16.15 -18.91
CA LEU L 58 14.74 -15.13 -18.15
C LEU L 58 14.56 -13.75 -18.75
N PRO L 59 14.71 -13.56 -20.05
CA PRO L 59 14.41 -12.26 -20.65
C PRO L 59 12.98 -11.86 -20.45
N LEU L 60 12.07 -12.81 -20.66
CA LEU L 60 10.65 -12.55 -20.45
C LEU L 60 10.39 -12.14 -19.03
N VAL L 61 11.04 -12.81 -18.09
CA VAL L 61 10.88 -12.47 -16.68
C VAL L 61 11.38 -11.06 -16.42
N GLU L 62 12.50 -10.69 -17.00
CA GLU L 62 13.03 -9.35 -16.74
C GLU L 62 12.15 -8.29 -17.37
N GLU L 63 11.48 -8.63 -18.45
CA GLU L 63 10.51 -7.71 -19.05
C GLU L 63 9.30 -7.54 -18.16
N LEU L 64 8.70 -8.65 -17.74
CA LEU L 64 7.56 -8.59 -16.85
C LEU L 64 7.90 -7.84 -15.57
N ARG L 65 9.11 -8.04 -15.06
CA ARG L 65 9.54 -7.34 -13.87
C ARG L 65 9.46 -5.85 -14.04
N LYS L 66 9.59 -5.38 -15.27
CA LYS L 66 9.51 -3.96 -15.57
C LYS L 66 8.12 -3.53 -15.98
N LEU L 67 7.24 -4.46 -16.25
CA LEU L 67 5.87 -4.12 -16.59
C LEU L 67 4.97 -3.97 -15.38
N LEU L 68 5.32 -4.59 -14.27
CA LEU L 68 4.43 -4.61 -13.12
C LEU L 68 4.00 -3.21 -12.68
N PRO L 69 4.93 -2.27 -12.45
CA PRO L 69 4.53 -0.94 -12.00
C PRO L 69 3.75 -0.17 -13.02
N GLU L 70 3.64 -0.66 -14.24
CA GLU L 70 2.95 0.01 -15.31
C GLU L 70 1.54 -0.49 -15.51
N HIS L 71 1.30 -1.77 -15.22
CA HIS L 71 0.02 -2.39 -15.44
C HIS L 71 -0.37 -3.26 -14.26
N ARG L 72 -1.63 -3.64 -14.26
CA ARG L 72 -2.15 -4.67 -13.38
C ARG L 72 -2.37 -5.90 -14.25
N LEU L 73 -1.60 -6.93 -14.01
CA LEU L 73 -1.44 -8.00 -14.97
C LEU L 73 -1.99 -9.34 -14.47
N LEU L 74 -2.67 -10.01 -15.38
CA LEU L 74 -3.02 -11.41 -15.21
C LEU L 74 -2.29 -12.19 -16.28
N ILE L 75 -1.31 -12.96 -15.86
CA ILE L 75 -0.46 -13.72 -16.75
C ILE L 75 -0.89 -15.17 -16.74
N LEU L 76 -1.44 -15.63 -17.84
CA LEU L 76 -1.95 -16.96 -17.98
C LEU L 76 -1.03 -17.76 -18.86
N THR L 77 -0.64 -18.92 -18.39
CA THR L 77 0.29 -19.76 -19.11
C THR L 77 -0.43 -20.84 -19.88
N GLY L 78 0.24 -21.33 -20.91
CA GLY L 78 -0.23 -22.45 -21.68
C GLY L 78 0.55 -23.70 -21.38
N ALA L 79 0.16 -24.77 -22.08
CA ALA L 79 0.63 -26.10 -21.77
C ALA L 79 1.95 -26.40 -22.45
N GLY L 80 1.94 -26.44 -23.77
CA GLY L 80 3.13 -26.76 -24.51
C GLY L 80 3.18 -28.18 -25.02
N VAL L 81 4.35 -28.79 -24.89
CA VAL L 81 4.58 -30.08 -25.51
C VAL L 81 4.16 -31.23 -24.62
N ARG L 82 4.32 -31.11 -23.31
CA ARG L 82 3.90 -32.19 -22.42
C ARG L 82 2.46 -32.57 -22.65
N ALA L 83 1.62 -31.58 -22.93
CA ALA L 83 0.25 -31.87 -23.29
C ALA L 83 0.17 -32.72 -24.53
N ARG L 84 1.10 -32.54 -25.46
CA ARG L 84 1.10 -33.37 -26.65
C ARG L 84 1.42 -34.81 -26.29
N HIS L 85 2.34 -35.00 -25.35
CA HIS L 85 2.68 -36.35 -24.93
C HIS L 85 1.50 -37.03 -24.28
N VAL L 86 0.84 -36.33 -23.36
CA VAL L 86 -0.29 -36.93 -22.68
C VAL L 86 -1.41 -37.19 -23.66
N PHE L 87 -1.54 -36.36 -24.70
CA PHE L 87 -2.49 -36.66 -25.75
C PHE L 87 -2.12 -37.93 -26.48
N SER L 88 -0.86 -38.07 -26.86
CA SER L 88 -0.44 -39.26 -27.56
C SER L 88 -0.79 -40.50 -26.76
N VAL L 89 -0.51 -40.46 -25.48
CA VAL L 89 -0.80 -41.60 -24.62
C VAL L 89 -2.30 -41.84 -24.53
N GLY L 90 -3.05 -40.84 -24.11
CA GLY L 90 -4.48 -41.01 -23.94
C GLY L 90 -5.17 -41.47 -25.20
N LEU L 91 -4.63 -41.10 -26.36
CA LEU L 91 -5.19 -41.55 -27.62
C LEU L 91 -4.80 -42.98 -27.91
N ASP L 92 -3.58 -43.38 -27.56
CA ASP L 92 -3.23 -44.78 -27.65
C ASP L 92 -4.18 -45.61 -26.80
N LEU L 93 -4.54 -45.09 -25.64
CA LEU L 93 -5.48 -45.75 -24.76
C LEU L 93 -6.93 -45.56 -25.19
N GLY L 94 -7.18 -44.65 -26.11
CA GLY L 94 -8.53 -44.44 -26.58
C GLY L 94 -9.35 -43.53 -25.71
N LEU L 95 -8.72 -42.76 -24.85
CA LEU L 95 -9.46 -41.90 -23.96
C LEU L 95 -10.15 -40.79 -24.74
N PRO L 96 -11.28 -40.34 -24.26
CA PRO L 96 -11.98 -39.24 -24.93
C PRO L 96 -11.43 -37.89 -24.53
N VAL L 97 -11.83 -36.90 -25.32
CA VAL L 97 -11.24 -35.58 -25.21
C VAL L 97 -11.46 -35.00 -23.83
N GLY L 98 -12.61 -35.28 -23.24
CA GLY L 98 -12.91 -34.82 -21.91
C GLY L 98 -12.01 -35.36 -20.86
N SER L 99 -11.30 -36.44 -21.15
CA SER L 99 -10.37 -37.00 -20.20
C SER L 99 -8.98 -36.46 -20.40
N LEU L 100 -8.71 -35.91 -21.57
CA LEU L 100 -7.42 -35.33 -21.87
C LEU L 100 -7.34 -33.88 -21.46
N ALA L 101 -8.44 -33.16 -21.53
CA ALA L 101 -8.43 -31.74 -21.21
C ALA L 101 -7.76 -31.43 -19.89
N PRO L 102 -8.19 -31.98 -18.76
CA PRO L 102 -7.55 -31.66 -17.49
C PRO L 102 -6.08 -32.03 -17.46
N LEU L 103 -5.71 -33.12 -18.11
CA LEU L 103 -4.34 -33.55 -18.09
C LEU L 103 -3.43 -32.52 -18.71
N ALA L 104 -3.95 -31.74 -19.64
CA ALA L 104 -3.19 -30.67 -20.27
C ALA L 104 -3.28 -29.38 -19.46
N ALA L 105 -4.46 -29.09 -18.94
CA ALA L 105 -4.60 -27.95 -18.04
C ALA L 105 -3.56 -28.00 -16.95
N SER L 106 -3.19 -29.19 -16.56
CA SER L 106 -2.22 -29.36 -15.50
CA SER L 106 -2.21 -29.36 -15.49
C SER L 106 -0.83 -28.91 -15.92
N GLU L 107 -0.43 -29.26 -17.13
CA GLU L 107 0.86 -28.81 -17.61
C GLU L 107 0.90 -27.30 -17.71
N ALA L 108 -0.21 -26.71 -18.10
CA ALA L 108 -0.32 -25.27 -18.07
C ALA L 108 -0.09 -24.73 -16.67
N GLY L 109 -0.75 -25.32 -15.68
CA GLY L 109 -0.60 -24.87 -14.33
C GLY L 109 0.80 -24.99 -13.81
N GLN L 110 1.52 -26.01 -14.26
CA GLN L 110 2.88 -26.21 -13.81
C GLN L 110 3.81 -25.17 -14.42
N ASN L 111 3.61 -24.88 -15.70
CA ASN L 111 4.34 -23.78 -16.29
C ASN L 111 4.09 -22.49 -15.53
N GLY L 112 2.86 -22.27 -15.10
CA GLY L 112 2.55 -21.09 -14.33
C GLY L 112 3.25 -21.05 -12.99
N HIS L 113 3.26 -22.19 -12.30
CA HIS L 113 3.95 -22.26 -11.02
C HIS L 113 5.42 -21.91 -11.19
N ILE L 114 6.02 -22.42 -12.26
CA ILE L 114 7.40 -22.08 -12.57
C ILE L 114 7.56 -20.58 -12.71
N LEU L 115 6.84 -20.01 -13.65
CA LEU L 115 6.97 -18.60 -13.94
C LEU L 115 6.78 -17.76 -12.69
N ALA L 116 5.86 -18.16 -11.82
CA ALA L 116 5.65 -17.43 -10.60
C ALA L 116 6.82 -17.56 -9.65
N ALA L 117 7.39 -18.74 -9.56
CA ALA L 117 8.58 -18.91 -8.75
C ALA L 117 9.68 -17.99 -9.21
N MET L 118 9.76 -17.75 -10.51
CA MET L 118 10.79 -16.86 -11.03
C MET L 118 10.47 -15.41 -10.76
N LEU L 119 9.29 -15.11 -10.25
CA LEU L 119 8.84 -13.74 -10.03
C LEU L 119 8.41 -13.49 -8.61
N ALA L 120 8.52 -14.47 -7.73
CA ALA L 120 8.04 -14.32 -6.38
C ALA L 120 8.72 -13.14 -5.69
N SER L 121 9.99 -12.93 -5.97
CA SER L 121 10.72 -11.82 -5.38
C SER L 121 10.03 -10.50 -5.60
N GLU L 122 9.15 -10.41 -6.59
CA GLU L 122 8.48 -9.18 -6.93
C GLU L 122 7.04 -9.13 -6.43
N GLY L 123 6.60 -10.14 -5.71
CA GLY L 123 5.26 -10.17 -5.18
C GLY L 123 4.26 -10.90 -6.02
N VAL L 124 4.71 -11.79 -6.87
CA VAL L 124 3.85 -12.49 -7.81
C VAL L 124 3.65 -13.92 -7.33
N SER L 125 2.46 -14.43 -7.58
CA SER L 125 2.11 -15.76 -7.14
C SER L 125 1.09 -16.35 -8.09
N TYR L 126 0.92 -17.66 -7.96
CA TYR L 126 -0.01 -18.42 -8.78
C TYR L 126 -1.32 -18.63 -8.07
N VAL L 127 -2.39 -18.31 -8.78
CA VAL L 127 -3.74 -18.29 -8.19
C VAL L 127 -4.49 -19.29 -9.04
N GLU L 128 -5.17 -20.19 -8.40
CA GLU L 128 -5.88 -21.25 -9.13
C GLU L 128 -7.18 -20.67 -9.67
N HIS L 129 -7.90 -21.30 -10.61
CA HIS L 129 -9.11 -20.65 -11.19
C HIS L 129 -10.19 -20.24 -10.18
N PRO L 130 -10.51 -20.98 -9.12
CA PRO L 130 -11.52 -20.51 -8.19
C PRO L 130 -11.22 -19.11 -7.66
N THR L 131 -9.96 -18.81 -7.42
CA THR L 131 -9.52 -17.53 -6.89
C THR L 131 -9.54 -16.48 -7.98
N VAL L 132 -9.17 -16.86 -9.19
CA VAL L 132 -9.27 -15.96 -10.32
C VAL L 132 -10.70 -15.54 -10.52
N ALA L 133 -11.62 -16.50 -10.41
CA ALA L 133 -13.06 -16.24 -10.63
C ALA L 133 -13.61 -15.09 -9.77
N ASP L 134 -13.65 -15.24 -8.44
CA ASP L 134 -14.28 -14.21 -7.57
C ASP L 134 -13.28 -13.37 -6.76
N GLN L 135 -11.98 -13.81 -6.51
CA GLN L 135 -11.04 -13.01 -5.68
C GLN L 135 -9.90 -12.37 -6.46
N LEU L 136 -10.03 -12.20 -7.74
CA LEU L 136 -8.96 -11.58 -8.57
C LEU L 136 -8.77 -10.11 -8.18
N ALA L 137 -9.79 -9.40 -7.70
CA ALA L 137 -9.61 -7.98 -7.47
C ALA L 137 -8.78 -7.72 -6.23
N ILE L 138 -9.00 -8.57 -5.24
CA ILE L 138 -8.32 -8.46 -3.93
C ILE L 138 -6.88 -8.93 -4.03
N HIS L 139 -6.56 -9.84 -4.94
CA HIS L 139 -5.22 -10.32 -5.17
C HIS L 139 -4.43 -9.37 -6.05
N LEU L 140 -5.17 -8.48 -6.70
CA LEU L 140 -4.59 -7.46 -7.57
C LEU L 140 -4.54 -6.14 -6.83
N SER L 141 -5.26 -6.01 -5.72
CA SER L 141 -5.08 -4.84 -4.88
C SER L 141 -3.90 -5.03 -3.95
N ALA L 142 -3.57 -6.27 -3.62
CA ALA L 142 -2.41 -6.53 -2.81
C ALA L 142 -1.13 -6.33 -3.60
N THR L 143 -0.98 -7.11 -4.64
CA THR L 143 0.18 -7.05 -5.50
C THR L 143 -0.22 -6.56 -6.87
N ARG L 144 0.72 -6.63 -7.79
CA ARG L 144 0.52 -6.06 -9.12
CA ARG L 144 0.59 -6.06 -9.13
C ARG L 144 0.16 -7.08 -10.18
N ALA L 145 0.78 -8.25 -10.18
CA ALA L 145 0.52 -9.25 -11.17
C ALA L 145 0.24 -10.57 -10.48
N VAL L 146 -0.57 -11.39 -11.12
CA VAL L 146 -0.77 -12.75 -10.67
C VAL L 146 -0.69 -13.66 -11.88
N VAL L 147 -0.24 -14.85 -11.64
CA VAL L 147 -0.13 -15.86 -12.67
C VAL L 147 -1.23 -16.87 -12.49
N GLY L 148 -1.61 -17.49 -13.60
CA GLY L 148 -2.68 -18.45 -13.62
C GLY L 148 -2.55 -19.35 -14.81
N SER L 149 -3.48 -20.29 -14.87
CA SER L 149 -3.57 -21.17 -16.00
C SER L 149 -4.59 -20.63 -16.99
N ALA L 150 -4.28 -20.82 -18.25
CA ALA L 150 -5.15 -20.38 -19.32
C ALA L 150 -6.16 -21.44 -19.73
N PHE L 151 -5.87 -22.71 -19.56
CA PHE L 151 -6.84 -23.69 -19.98
C PHE L 151 -8.08 -23.56 -19.12
N PRO L 152 -9.25 -23.54 -19.71
CA PRO L 152 -10.45 -23.36 -18.93
C PRO L 152 -10.90 -24.68 -18.34
N PRO L 153 -11.68 -24.63 -17.34
CA PRO L 153 -12.19 -25.84 -16.68
C PRO L 153 -13.35 -26.49 -17.42
N TYR L 154 -13.15 -26.77 -18.70
CA TYR L 154 -14.10 -27.57 -19.44
C TYR L 154 -13.77 -29.04 -19.28
N HIS L 155 -13.08 -29.37 -18.21
CA HIS L 155 -12.27 -30.58 -18.13
C HIS L 155 -12.97 -31.80 -18.68
N HIS L 156 -13.91 -32.28 -18.01
CA HIS L 156 -14.57 -33.52 -18.35
C HIS L 156 -15.81 -33.25 -19.16
N HIS L 157 -16.28 -31.94 -19.19
CA HIS L 157 -17.41 -31.50 -19.97
C HIS L 157 -16.99 -30.83 -21.26
N GLU L 158 -15.80 -31.10 -21.75
CA GLU L 158 -15.34 -30.49 -22.98
C GLU L 158 -16.24 -30.91 -24.14
N PHE L 159 -16.27 -30.06 -25.15
CA PHE L 159 -17.16 -30.30 -26.27
C PHE L 159 -16.63 -31.45 -27.12
N PRO L 160 -17.51 -32.28 -27.62
CA PRO L 160 -17.09 -33.39 -28.48
C PRO L 160 -16.97 -32.95 -29.92
N GLY L 161 -16.67 -33.93 -30.78
CA GLY L 161 -16.51 -33.69 -32.19
C GLY L 161 -15.09 -33.97 -32.62
N SER L 162 -14.16 -33.61 -31.75
CA SER L 162 -12.74 -33.85 -31.99
C SER L 162 -12.17 -34.62 -30.82
N ARG L 163 -11.18 -35.45 -31.11
CA ARG L 163 -10.45 -36.13 -30.07
C ARG L 163 -9.44 -35.22 -29.41
N ILE L 164 -9.34 -33.98 -29.87
CA ILE L 164 -8.43 -33.00 -29.32
C ILE L 164 -9.26 -31.89 -28.66
N PRO L 165 -8.96 -31.51 -27.43
CA PRO L 165 -9.72 -30.49 -26.77
C PRO L 165 -9.66 -29.18 -27.54
N PRO L 166 -10.80 -28.69 -28.01
CA PRO L 166 -10.78 -27.44 -28.77
C PRO L 166 -10.62 -26.22 -27.90
N HIS L 167 -11.07 -26.29 -26.66
CA HIS L 167 -10.99 -25.16 -25.75
C HIS L 167 -9.70 -25.25 -24.98
N ARG L 168 -8.68 -24.55 -25.48
CA ARG L 168 -7.34 -24.57 -24.86
C ARG L 168 -7.04 -23.21 -24.26
N ALA L 169 -5.77 -22.90 -24.06
CA ALA L 169 -5.32 -21.72 -23.33
C ALA L 169 -5.83 -20.44 -23.94
N ASP L 170 -5.60 -20.24 -25.22
CA ASP L 170 -6.02 -19.01 -25.88
C ASP L 170 -7.48 -18.72 -25.62
N THR L 171 -8.30 -19.75 -25.78
CA THR L 171 -9.73 -19.61 -25.61
C THR L 171 -10.07 -19.19 -24.20
N GLY L 172 -9.46 -19.81 -23.21
CA GLY L 172 -9.79 -19.47 -21.83
C GLY L 172 -9.35 -18.09 -21.46
N ALA L 173 -8.18 -17.70 -21.93
CA ALA L 173 -7.71 -16.34 -21.71
C ALA L 173 -8.69 -15.34 -22.29
N PHE L 174 -9.13 -15.57 -23.52
CA PHE L 174 -10.06 -14.62 -24.12
C PHE L 174 -11.37 -14.60 -23.36
N LEU L 175 -11.85 -15.76 -22.94
CA LEU L 175 -13.13 -15.81 -22.25
C LEU L 175 -13.08 -15.04 -20.95
N LEU L 176 -12.01 -15.21 -20.19
CA LEU L 176 -11.82 -14.39 -19.01
C LEU L 176 -11.84 -12.92 -19.38
N ALA L 177 -10.90 -12.51 -20.23
CA ALA L 177 -10.75 -11.11 -20.53
C ALA L 177 -12.05 -10.48 -20.97
N ASP L 178 -12.85 -11.19 -21.75
CA ASP L 178 -14.10 -10.64 -22.22
C ASP L 178 -15.15 -10.64 -21.14
N ALA L 179 -15.07 -11.58 -20.20
CA ALA L 179 -15.98 -11.56 -19.07
C ALA L 179 -15.66 -10.41 -18.13
N PHE L 180 -14.42 -10.35 -17.68
CA PHE L 180 -13.96 -9.26 -16.85
C PHE L 180 -14.02 -7.92 -17.55
N GLY L 181 -14.22 -7.90 -18.86
CA GLY L 181 -14.22 -6.65 -19.57
C GLY L 181 -12.87 -6.00 -19.55
N ALA L 182 -11.83 -6.81 -19.63
CA ALA L 182 -10.49 -6.31 -19.45
C ALA L 182 -10.14 -5.32 -20.53
N ALA L 183 -9.04 -4.61 -20.28
CA ALA L 183 -8.60 -3.57 -21.18
C ALA L 183 -7.99 -4.14 -22.44
N GLY L 184 -7.34 -5.28 -22.34
CA GLY L 184 -6.67 -5.83 -23.47
C GLY L 184 -6.22 -7.24 -23.17
N LEU L 185 -6.19 -8.03 -24.24
CA LEU L 185 -5.63 -9.36 -24.22
C LEU L 185 -4.46 -9.39 -25.18
N THR L 186 -3.38 -10.00 -24.74
CA THR L 186 -2.16 -10.05 -25.52
C THR L 186 -1.61 -11.46 -25.47
N ILE L 187 -1.31 -12.00 -26.63
CA ILE L 187 -0.84 -13.36 -26.76
C ILE L 187 0.62 -13.35 -27.15
N VAL L 188 1.41 -14.15 -26.44
CA VAL L 188 2.83 -14.25 -26.65
C VAL L 188 3.13 -15.61 -27.24
N GLU L 189 3.74 -15.63 -28.41
CA GLU L 189 4.08 -16.85 -29.08
C GLU L 189 5.57 -16.87 -29.38
N ASN L 190 5.99 -17.97 -30.01
CA ASN L 190 7.35 -18.16 -30.45
C ASN L 190 7.56 -17.74 -31.89
N VAL L 191 6.61 -17.00 -32.46
CA VAL L 191 6.72 -16.53 -33.83
C VAL L 191 6.23 -15.09 -33.87
N ASP L 192 6.66 -14.38 -34.90
CA ASP L 192 6.36 -12.96 -35.00
C ASP L 192 4.87 -12.70 -34.99
N GLY L 193 4.08 -13.69 -35.36
CA GLY L 193 2.65 -13.54 -35.39
C GLY L 193 1.97 -14.64 -36.16
N ILE L 194 0.96 -14.29 -36.92
CA ILE L 194 0.21 -15.22 -37.73
C ILE L 194 0.64 -15.09 -39.17
N TYR L 195 0.71 -16.23 -39.85
CA TYR L 195 1.06 -16.30 -41.25
C TYR L 195 -0.06 -17.00 -42.01
N THR L 196 0.17 -17.16 -43.30
CA THR L 196 -0.73 -17.94 -44.12
C THR L 196 -0.48 -19.43 -43.97
N ALA L 197 0.62 -19.80 -43.35
CA ALA L 197 0.98 -21.19 -43.21
C ALA L 197 2.06 -21.31 -42.15
N ASP L 198 2.23 -22.51 -41.65
CA ASP L 198 3.21 -22.75 -40.61
C ASP L 198 4.62 -22.49 -41.16
N PRO L 199 5.29 -21.44 -40.69
CA PRO L 199 6.66 -21.18 -41.14
C PRO L 199 7.66 -22.17 -40.61
N ASN L 200 7.31 -22.95 -39.59
CA ASN L 200 8.17 -24.05 -39.05
C ASN L 200 7.93 -25.36 -39.82
N GLY L 201 6.78 -25.48 -40.51
CA GLY L 201 6.35 -26.64 -41.30
C GLY L 201 6.94 -26.66 -42.70
N PRO L 202 6.55 -27.62 -43.59
CA PRO L 202 7.15 -27.74 -44.94
C PRO L 202 6.83 -26.60 -45.92
N ASP L 203 5.64 -25.99 -45.83
CA ASP L 203 5.24 -24.89 -46.68
C ASP L 203 5.68 -23.55 -46.13
N ARG L 204 6.79 -23.53 -45.39
CA ARG L 204 7.28 -22.29 -44.80
C ARG L 204 7.55 -21.24 -45.87
N GLY L 205 7.97 -21.67 -47.05
CA GLY L 205 8.34 -20.72 -48.08
C GLY L 205 7.20 -19.83 -48.52
N GLN L 206 6.00 -20.37 -48.58
CA GLN L 206 4.83 -19.63 -49.01
C GLN L 206 4.14 -18.89 -47.88
N ALA L 207 4.73 -18.88 -46.70
CA ALA L 207 4.11 -18.24 -45.55
C ALA L 207 4.28 -16.74 -45.63
N ARG L 208 3.16 -16.03 -45.64
CA ARG L 208 3.17 -14.58 -45.65
C ARG L 208 2.67 -14.08 -44.30
N PHE L 209 3.41 -13.15 -43.72
CA PHE L 209 3.00 -12.58 -42.45
C PHE L 209 1.74 -11.76 -42.62
N LEU L 210 0.85 -11.88 -41.65
CA LEU L 210 -0.38 -11.12 -41.63
C LEU L 210 -0.33 -10.10 -40.51
N PRO L 211 -0.07 -8.84 -40.81
CA PRO L 211 0.05 -7.86 -39.73
C PRO L 211 -1.26 -7.59 -39.06
N GLU L 212 -2.36 -7.80 -39.76
CA GLU L 212 -3.68 -7.50 -39.24
C GLU L 212 -4.69 -8.32 -40.00
N THR L 213 -5.74 -8.72 -39.30
CA THR L 213 -6.79 -9.50 -39.91
C THR L 213 -7.96 -9.58 -38.96
N SER L 214 -8.97 -10.30 -39.40
CA SER L 214 -10.19 -10.49 -38.64
C SER L 214 -10.34 -11.95 -38.25
N ALA L 215 -11.19 -12.16 -37.26
CA ALA L 215 -11.49 -13.52 -36.84
C ALA L 215 -12.25 -14.29 -37.90
N THR L 216 -13.08 -13.60 -38.68
CA THR L 216 -13.83 -14.26 -39.73
C THR L 216 -12.92 -14.71 -40.86
N ASP L 217 -12.06 -13.82 -41.32
CA ASP L 217 -11.14 -14.16 -42.39
C ASP L 217 -10.32 -15.39 -42.06
N LEU L 218 -10.12 -15.64 -40.78
CA LEU L 218 -9.35 -16.80 -40.36
C LEU L 218 -10.23 -18.02 -40.22
N ALA L 219 -11.39 -17.86 -39.60
CA ALA L 219 -12.26 -18.99 -39.34
C ALA L 219 -12.81 -19.57 -40.63
N LYS L 220 -13.02 -18.72 -41.63
CA LYS L 220 -13.46 -19.19 -42.93
C LYS L 220 -12.34 -19.84 -43.70
N SER L 221 -11.10 -19.59 -43.32
CA SER L 221 -9.97 -20.20 -43.97
C SER L 221 -9.79 -21.63 -43.47
N GLU L 222 -8.78 -22.29 -44.01
CA GLU L 222 -8.39 -23.61 -43.57
C GLU L 222 -6.89 -23.66 -43.46
N GLY L 223 -6.42 -24.45 -42.50
CA GLY L 223 -5.02 -24.53 -42.23
C GLY L 223 -4.73 -24.32 -40.77
N PRO L 224 -3.48 -24.54 -40.41
CA PRO L 224 -3.09 -24.42 -39.01
C PRO L 224 -3.06 -22.99 -38.55
N LEU L 225 -2.94 -22.84 -37.23
CA LEU L 225 -2.83 -21.55 -36.61
C LEU L 225 -2.09 -21.70 -35.30
N PRO L 226 -1.42 -20.65 -34.83
CA PRO L 226 -0.84 -20.66 -33.51
C PRO L 226 -1.85 -20.50 -32.40
N VAL L 227 -3.11 -20.33 -32.75
CA VAL L 227 -4.17 -20.14 -31.80
C VAL L 227 -5.31 -21.09 -32.12
N ASP L 228 -6.11 -21.36 -31.10
CA ASP L 228 -7.21 -22.28 -31.24
C ASP L 228 -8.23 -21.74 -32.24
N ARG L 229 -8.96 -22.63 -32.87
CA ARG L 229 -10.03 -22.23 -33.77
C ARG L 229 -11.31 -21.90 -33.03
N ALA L 230 -11.46 -22.41 -31.80
CA ALA L 230 -12.58 -22.02 -30.96
C ALA L 230 -12.45 -20.59 -30.49
N LEU L 231 -11.25 -20.06 -30.44
CA LEU L 231 -11.06 -18.66 -30.13
C LEU L 231 -11.74 -17.79 -31.15
N LEU L 232 -11.69 -18.19 -32.41
CA LEU L 232 -12.32 -17.43 -33.47
C LEU L 232 -13.83 -17.49 -33.38
N ASP L 233 -14.36 -18.53 -32.76
CA ASP L 233 -15.79 -18.65 -32.61
C ASP L 233 -16.28 -17.85 -31.42
N VAL L 234 -15.55 -17.88 -30.31
CA VAL L 234 -15.94 -17.07 -29.17
C VAL L 234 -15.71 -15.59 -29.42
N MET L 235 -14.75 -15.26 -30.28
CA MET L 235 -14.55 -13.86 -30.66
C MET L 235 -15.81 -13.26 -31.24
N ALA L 236 -16.48 -14.00 -32.12
CA ALA L 236 -17.67 -13.48 -32.76
C ALA L 236 -18.74 -13.14 -31.76
N THR L 237 -18.76 -13.81 -30.62
CA THR L 237 -19.75 -13.57 -29.58
C THR L 237 -19.18 -12.69 -28.49
N ALA L 238 -18.09 -12.00 -28.77
CA ALA L 238 -17.47 -11.14 -27.79
C ALA L 238 -18.32 -9.92 -27.54
N ARG L 239 -18.03 -9.25 -26.43
CA ARG L 239 -18.80 -8.13 -25.95
C ARG L 239 -17.98 -6.88 -25.74
N HIS L 240 -16.76 -7.03 -25.28
CA HIS L 240 -15.90 -5.91 -24.95
C HIS L 240 -14.62 -5.85 -25.74
N ILE L 241 -13.94 -6.98 -25.91
CA ILE L 241 -12.63 -6.98 -26.54
C ILE L 241 -12.80 -6.77 -28.03
N GLU L 242 -12.09 -5.78 -28.56
CA GLU L 242 -12.17 -5.44 -29.96
C GLU L 242 -11.00 -5.94 -30.76
N ARG L 243 -9.84 -6.08 -30.15
CA ARG L 243 -8.66 -6.52 -30.86
C ARG L 243 -7.75 -7.31 -29.93
N VAL L 244 -7.04 -8.24 -30.54
CA VAL L 244 -6.09 -9.09 -29.83
C VAL L 244 -4.80 -9.08 -30.62
N GLN L 245 -3.68 -8.87 -29.92
CA GLN L 245 -2.39 -8.84 -30.57
C GLN L 245 -1.59 -10.08 -30.22
N VAL L 246 -1.04 -10.69 -31.25
CA VAL L 246 -0.17 -11.85 -31.16
C VAL L 246 1.24 -11.37 -31.41
N VAL L 247 2.15 -11.67 -30.50
CA VAL L 247 3.50 -11.17 -30.58
C VAL L 247 4.47 -12.28 -30.26
N ASN L 248 5.74 -12.01 -30.56
CA ASN L 248 6.83 -12.91 -30.25
C ASN L 248 7.48 -12.48 -28.95
N GLY L 249 7.53 -13.38 -27.99
CA GLY L 249 8.17 -13.11 -26.73
C GLY L 249 9.65 -13.40 -26.70
N LEU L 250 10.14 -14.10 -27.70
CA LEU L 250 11.56 -14.28 -27.86
C LEU L 250 12.27 -12.99 -28.23
N VAL L 251 11.52 -12.03 -28.73
CA VAL L 251 12.08 -10.73 -29.11
C VAL L 251 11.77 -9.74 -28.00
N PRO L 252 12.77 -9.14 -27.37
CA PRO L 252 12.50 -8.24 -26.25
C PRO L 252 11.84 -6.95 -26.71
N GLY L 253 10.98 -6.44 -25.85
CA GLY L 253 10.35 -5.16 -26.05
C GLY L 253 9.03 -5.22 -26.77
N ARG L 254 8.71 -6.33 -27.42
CA ARG L 254 7.49 -6.39 -28.19
C ARG L 254 6.29 -6.55 -27.28
N LEU L 255 6.44 -7.31 -26.22
CA LEU L 255 5.36 -7.46 -25.25
C LEU L 255 5.08 -6.13 -24.57
N THR L 256 6.14 -5.47 -24.10
CA THR L 256 6.00 -4.18 -23.47
C THR L 256 5.26 -3.20 -24.37
N ALA L 257 5.61 -3.19 -25.65
CA ALA L 257 4.95 -2.30 -26.58
C ALA L 257 3.51 -2.69 -26.80
N ALA L 258 3.24 -3.98 -26.93
CA ALA L 258 1.89 -4.43 -27.19
C ALA L 258 0.96 -4.02 -26.06
N LEU L 259 1.43 -4.13 -24.83
CA LEU L 259 0.63 -3.67 -23.72
C LEU L 259 0.33 -2.19 -23.80
N ARG L 260 1.05 -1.46 -24.62
CA ARG L 260 0.81 -0.05 -24.84
C ARG L 260 0.07 0.23 -26.14
N GLY L 261 -0.38 -0.81 -26.83
CA GLY L 261 -1.17 -0.64 -28.01
C GLY L 261 -0.39 -0.63 -29.30
N GLU L 262 0.91 -0.78 -29.24
CA GLU L 262 1.72 -0.77 -30.44
C GLU L 262 1.42 -1.98 -31.31
N HIS L 263 1.63 -1.81 -32.60
CA HIS L 263 1.41 -2.86 -33.58
C HIS L 263 2.75 -3.47 -33.91
N VAL L 264 3.13 -4.47 -33.12
CA VAL L 264 4.40 -5.16 -33.27
C VAL L 264 4.22 -6.57 -33.77
N GLY L 265 3.00 -7.07 -33.78
CA GLY L 265 2.73 -8.38 -34.32
C GLY L 265 1.48 -8.42 -35.14
N THR L 266 0.64 -9.38 -34.87
CA THR L 266 -0.58 -9.59 -35.63
C THR L 266 -1.76 -9.08 -34.83
N LEU L 267 -2.61 -8.32 -35.49
CA LEU L 267 -3.81 -7.79 -34.86
C LEU L 267 -5.02 -8.52 -35.40
N ILE L 268 -5.85 -8.99 -34.48
CA ILE L 268 -7.06 -9.72 -34.82
C ILE L 268 -8.23 -8.91 -34.30
N ARG L 269 -9.07 -8.46 -35.21
CA ARG L 269 -10.26 -7.73 -34.84
C ARG L 269 -11.38 -8.71 -34.59
N THR L 270 -12.13 -8.47 -33.53
CA THR L 270 -13.27 -9.31 -33.18
C THR L 270 -14.52 -8.77 -33.86
N GLY L 271 -15.65 -9.39 -33.54
CA GLY L 271 -16.91 -8.96 -34.07
C GLY L 271 -17.52 -7.79 -33.37
N VAL L 272 -16.75 -7.16 -32.49
CA VAL L 272 -17.26 -6.06 -31.69
C VAL L 272 -17.27 -4.79 -32.53
N ARG L 273 -18.33 -4.02 -32.38
CA ARG L 273 -18.41 -2.71 -33.00
C ARG L 273 -18.14 -1.64 -31.97
N PRO L 274 -17.13 -0.80 -32.16
CA PRO L 274 -16.88 0.26 -31.18
C PRO L 274 -17.92 1.35 -31.23
N ALA L 275 -17.70 2.43 -30.50
CA ALA L 275 -18.62 3.55 -30.48
C ALA L 275 -18.43 4.46 -31.70
MO MOO M . 18.28 29.13 25.54
O1 MOO M . 17.61 27.83 24.74
O2 MOO M . 19.60 28.62 26.50
O3 MOO M . 18.96 30.29 24.53
O4 MOO M . 17.08 29.78 26.56
PG ATP N . 18.50 32.48 26.91
O1G ATP N . 19.15 31.28 27.54
O2G ATP N . 17.03 32.32 26.63
O3G ATP N . 19.29 33.09 25.80
PB ATP N . 19.87 33.97 28.80
O1B ATP N . 20.93 32.98 28.37
O2B ATP N . 20.09 35.44 28.66
O3B ATP N . 18.50 33.59 28.06
PA ATP N . 19.84 32.28 30.97
O1A ATP N . 18.79 32.01 32.00
O2A ATP N . 20.13 31.30 29.87
O3A ATP N . 19.46 33.68 30.30
O5' ATP N . 21.20 32.56 31.75
C5' ATP N . 21.35 33.81 32.40
C4' ATP N . 21.15 33.60 33.88
O4' ATP N . 22.16 32.76 34.44
C3' ATP N . 21.24 34.90 34.63
O3' ATP N . 19.94 35.38 34.97
C2' ATP N . 22.03 34.60 35.87
O2' ATP N . 21.29 34.87 37.05
C1' ATP N . 22.34 33.12 35.81
N9 ATP N . 23.68 32.71 36.27
C8 ATP N . 23.96 31.45 36.59
N7 ATP N . 25.24 31.31 36.98
C5 ATP N . 25.81 32.51 36.90
C6 ATP N . 27.13 33.05 37.17
N6 ATP N . 28.11 32.23 37.60
N1 ATP N . 27.34 34.35 36.98
C2 ATP N . 26.36 35.15 36.56
N3 ATP N . 25.13 34.72 36.29
C4 ATP N . 24.78 33.43 36.45
MG MG O . 20.97 31.07 28.19
O43 IWL P . 15.10 29.01 10.63
O10 IWL P . 13.91 32.51 7.63
O11 IWL P . 16.32 29.46 7.61
O12 IWL P . 13.71 29.77 8.71
O13 IWL P . 14.83 24.07 8.02
O14 IWL P . 15.51 28.73 4.62
O16 IWL P . 15.98 25.47 5.36
O17 IWL P . 12.11 27.31 7.99
O18 IWL P . 13.82 29.62 2.73
O2 IWL P . 13.72 33.09 5.54
O20 IWL P . 11.49 30.22 6.76
O21 IWL P . 14.45 27.22 6.96
O22 IWL P . 14.61 31.27 3.72
O23 IWL P . 14.96 26.61 3.54
O24 IWL P . 16.06 31.52 8.99
O25 IWL P . 13.24 28.47 4.86
O26 IWL P . 16.22 31.97 6.09
O28 IWL P . 12.34 24.27 8.99
O31 IWL P . 12.50 31.30 4.24
O4 IWL P . 13.86 30.56 5.91
O6 IWL P . 16.73 26.96 8.33
O7 IWL P . 13.61 26.98 9.51
O8 IWL P . 13.50 25.38 6.09
O9 IWL P . 11.34 33.43 6.21
W1 IWL P . 15.23 30.95 7.38
W2 IWL P . 15.12 28.23 8.63
W3 IWL P . 12.64 31.95 6.17
W4 IWL P . 13.07 28.82 6.89
W5 IWL P . 13.49 25.70 8.05
W6 IWL P . 13.96 29.86 4.35
W7 IWL P . 14.70 26.93 5.28
W8 IWL P . 14.68 30.83 10.29
O32 IWL P . 13.99 32.67 10.23
O33 IWL P . 12.86 30.16 11.00
O34 IWL P . 13.96 28.52 13.05
W9 IWL P . 15.42 29.26 12.43
O35 IWL P . 15.31 30.80 12.32
O36 IWL P . 15.92 27.68 12.45
O37 IWL P . 16.82 31.02 15.95
W10 IWL P . 16.08 31.10 14.11
O38 IWL P . 15.96 29.42 14.32
O39 IWL P . 16.91 29.52 11.89
O40 IWL P . 17.76 30.85 13.82
W11 IWL P . 12.52 28.70 9.51
O41 IWL P . 11.45 28.18 10.74
O42 IWL P . 11.05 29.92 9.02
O1 IV9 Q . 23.26 34.42 8.16
O10 IV9 Q . 22.61 33.08 3.07
O11 IV9 Q . 24.54 32.57 6.56
O12 IV9 Q . 22.33 32.97 6.12
O13 IV9 Q . 22.52 30.20 11.01
O14 IV9 Q . 24.33 28.88 5.87
O16 IV9 Q . 24.59 28.87 9.38
O17 IV9 Q . 20.54 31.24 8.05
O18 IV9 Q . 22.93 26.95 4.28
O2 IV9 Q . 22.69 31.19 1.37
O20 IV9 Q . 20.36 31.43 4.49
O21 IV9 Q . 22.80 30.81 7.85
O22 IV9 Q . 23.70 28.92 2.53
O23 IV9 Q . 23.71 27.34 7.76
O24 IV9 Q . 24.25 34.14 4.77
O25 IV9 Q . 21.98 29.04 6.12
O26 IV9 Q . 25.01 32.29 3.25
O28 IV9 Q . 20.13 30.35 10.99
O31 IV9 Q . 21.33 28.92 3.08
O4 IV9 Q . 22.94 30.79 4.24
O6 IV9 Q . 24.35 32.32 9.55
O7 IV9 Q . 21.87 32.26 9.78
O8 IV9 Q . 21.96 28.80 9.08
O9 IV9 Q . 20.07 31.39 1.93
W1 IV9 Q . 23.67 32.52 4.71
W2 IV9 Q . 23.08 32.62 8.08
W3 IV9 Q . 21.63 31.20 2.86
W4 IV9 Q . 21.58 31.15 6.16
W5 IV9 Q . 21.56 30.54 9.57
W6 IV9 Q . 22.96 28.83 4.20
W7 IV9 Q . 23.37 29.05 7.74
W8 IV9 Q . 24.08 30.68 2.46
O32 IV9 Q . 25.27 30.01 1.00
O33 IV9 Q . 25.49 30.02 3.47
PG ATP R . 33.12 11.47 1.87
O1G ATP R . 34.18 11.99 2.80
O2G ATP R . 32.55 12.50 0.94
O3G ATP R . 32.10 10.60 2.53
PB ATP R . 34.70 9.24 1.55
O1B ATP R . 34.34 9.19 3.00
O2B ATP R . 34.48 8.03 0.68
O3B ATP R . 33.91 10.47 0.90
PA ATP R . 37.11 10.07 2.61
O1A ATP R . 37.34 11.56 2.66
O2A ATP R . 36.57 9.35 3.81
O3A ATP R . 36.20 9.75 1.35
O5' ATP R . 38.48 9.39 2.22
C5' ATP R . 38.43 8.01 1.99
C4' ATP R . 39.84 7.48 1.74
O4' ATP R . 40.65 7.56 2.90
C3' ATP R . 39.82 6.03 1.37
O3' ATP R . 39.76 5.86 -0.05
C2' ATP R . 41.09 5.46 1.96
O2' ATP R . 42.07 5.12 0.99
C1' ATP R . 41.68 6.57 2.80
N9 ATP R . 42.14 6.19 4.16
C8 ATP R . 42.85 7.04 4.89
N7 ATP R . 43.20 6.50 6.08
C5 ATP R . 42.71 5.27 6.09
C6 ATP R . 42.72 4.16 7.05
N6 ATP R . 43.33 4.30 8.22
N1 ATP R . 42.10 3.03 6.72
C2 ATP R . 41.50 2.91 5.54
N3 ATP R . 41.45 3.86 4.62
C4 ATP R . 42.03 5.06 4.83
MG MG S . 35.11 8.31 4.35
O1 IWO T . 20.21 18.80 -3.82
W1 IWO T . 20.75 19.91 -2.51
O2 IWO T . 22.59 19.81 -2.49
W2 IWO T . 20.59 19.39 0.72
O3 IWO T . 20.67 21.64 -3.39
W3 IWO T . 18.82 21.99 -3.60
O4 IWO T . 18.74 20.52 -2.38
W4 IWO T . 18.53 21.40 -0.51
O5 IWO T . 20.63 21.01 -0.67
O6 IWO T . 22.41 19.18 0.75
W6 IWO T . 18.89 24.45 -0.48
O7 IWO T . 16.94 22.69 -3.55
W7 IWO T . 19.39 24.03 2.65
O8 IWO T . 20.22 18.09 1.90
W8 IWO T . 21.39 22.40 0.64
O9 IWO T . 19.00 23.15 -4.91
O11 IWO T . 19.18 22.85 0.89
O12 IWO T . 16.86 22.07 -0.63
O14 IWO T . 19.42 22.47 3.78
O16 IWO T . 21.23 23.29 2.38
O17 IWO T . 19.59 25.26 1.16
O18 IWO T . 19.42 25.80 -1.63
O19 IWO T . 17.07 24.94 -0.46
O20 IWO T . 21.05 23.88 -0.58
O21 IWO T . 17.66 24.23 2.79
O22 IWO T . 23.16 22.00 0.72
O23 IWO T . 20.07 25.28 3.90
O24 IWO T . 20.74 18.58 -1.08
O25 IWO T . 20.92 20.83 1.96
O26 IWO T . 18.78 22.95 -1.75
O27 IWO T . 18.28 20.74 -4.92
W9 IWO T . 19.19 21.28 2.05
O28 IWO T . 17.36 21.72 2.27
O29 IWO T . 19.28 19.89 3.11
MO MOO U . -11.22 40.94 -6.12
O1 MOO U . -11.52 41.28 -7.73
O2 MOO U . -12.61 41.30 -5.20
O3 MOO U . -10.93 39.32 -5.81
O4 MOO U . -9.93 41.93 -5.59
PG ATP V . -10.70 44.19 -7.59
O1G ATP V . -12.02 43.78 -7.00
O2G ATP V . -10.16 43.24 -8.61
O3G ATP V . -9.70 44.67 -6.59
PB ATP V . -11.85 46.70 -7.80
O1B ATP V . -12.32 46.27 -6.45
O2B ATP V . -11.03 47.95 -7.97
O3B ATP V . -11.04 45.49 -8.46
PA ATP V . -14.45 46.04 -8.45
O1A ATP V . -15.01 45.58 -9.76
O2A ATP V . -14.17 45.07 -7.34
O3A ATP V . -13.08 46.79 -8.81
O5' ATP V . -15.42 47.19 -7.91
C5' ATP V . -15.31 48.49 -8.47
C4' ATP V . -16.51 48.74 -9.34
O4' ATP V . -17.72 48.69 -8.58
C3' ATP V . -16.46 50.11 -9.97
O3' ATP V . -16.18 50.02 -11.38
C2' ATP V . -17.83 50.70 -9.75
O2' ATP V . -18.40 51.13 -10.99
C1' ATP V . -18.66 49.59 -9.16
N9 ATP V . -19.65 50.01 -8.13
C8 ATP V . -20.62 49.20 -7.71
N7 ATP V . -21.40 49.80 -6.78
C5 ATP V . -20.91 51.02 -6.61
C6 ATP V . -21.28 52.17 -5.79
N6 ATP V . -22.32 52.10 -4.95
N1 ATP V . -20.54 53.29 -5.88
C2 ATP V . -19.50 53.36 -6.72
N3 ATP V . -19.13 52.34 -7.50
C4 ATP V . -19.78 51.18 -7.50
MG MG W . -13.19 44.67 -5.78
O43 IWL X . 1.58 34.39 -1.26
O10 IWL X . 6.12 35.02 -1.91
O11 IWL X . 4.05 34.26 1.10
O12 IWL X . 4.13 33.61 -1.68
O13 IWL X . 1.11 29.41 1.00
O14 IWL X . 6.31 32.28 2.14
O16 IWL X . 3.90 30.13 3.10
O17 IWL X . 3.98 30.48 -1.91
O18 IWL X . 8.81 31.55 1.45
O2 IWL X . 8.08 35.07 -1.47
O20 IWL X . 6.45 32.20 -2.65
O21 IWL X . 3.99 31.32 0.55
O22 IWL X . 8.62 33.60 1.12
O23 IWL X . 6.25 29.95 2.84
O24 IWL X . 4.08 36.25 -0.40
O25 IWL X . 6.68 31.04 0.24
O26 IWL X . 6.58 35.73 1.05
O28 IWL X . 1.45 28.51 -1.39
O31 IWL X . 8.46 32.71 -0.99
O4 IWL X . 6.61 33.31 -0.33
O6 IWL X . 2.06 32.68 1.80
O7 IWL X . 2.15 31.69 -1.40
O8 IWL X . 4.14 28.98 0.68
O9 IWL X . 8.29 34.00 -3.82
W1 IWL X . 5.33 34.86 -0.10
W2 IWL X . 2.97 33.02 -0.04
W3 IWL X . 7.35 33.72 -2.07
W4 IWL X . 5.29 31.91 -1.01
W5 IWL X . 2.64 29.87 -0.37
W6 IWL X . 7.58 32.35 0.68
W7 IWL X . 5.10 30.66 1.67
W8 IWL X . 3.37 35.55 -2.15
O32 IWL X . 4.45 36.86 -3.27
O33 IWL X . 2.82 34.08 -3.60
O34 IWL X . -0.22 33.79 -3.22
W9 IWL X . 0.36 35.05 -2.15
O35 IWL X . 1.50 36.14 -2.34
O36 IWL X . -0.72 34.36 -1.03
O37 IWL X . -1.40 38.62 -3.39
W10 IWL X . 0.00 37.88 -2.79
O38 IWL X . -0.78 36.19 -2.46
O39 IWL X . 0.41 36.17 -0.70
O40 IWL X . -0.46 38.04 -1.15
W11 IWL X . 3.53 32.25 -2.90
O41 IWL X . 3.05 31.18 -4.18
O42 IWL X . 4.93 32.60 -3.87
O1 IV9 Y . 3.32 41.69 4.79
O10 IV9 Y . 7.54 38.62 7.49
O11 IV9 Y . 3.89 40.31 7.47
O12 IV9 Y . 5.14 39.42 5.75
O13 IV9 Y . -0.27 38.90 4.28
O14 IV9 Y . 2.61 37.01 8.72
O16 IV9 Y . -0.29 38.29 7.17
O17 IV9 Y . 3.24 37.77 3.85
O18 IV9 Y . 3.59 34.15 8.86
O2 IV9 Y . 7.90 36.58 8.96
O20 IV9 Y . 6.25 36.67 5.42
O21 IV9 Y . 2.48 38.48 5.91
O22 IV9 Y . 5.50 35.62 9.86
O23 IV9 Y . 0.49 36.08 7.70
O24 IV9 Y . 6.22 40.85 7.67
O25 IV9 Y . 3.21 36.07 6.62
O26 IV9 Y . 6.25 39.22 9.58
O28 IV9 Y . 0.55 37.83 2.30
O31 IV9 Y . 5.99 34.80 7.58
O4 IV9 Y . 5.32 37.33 7.84
O6 IV9 Y . 1.33 40.83 5.95
O7 IV9 Y . 1.97 39.82 3.76
O8 IV9 Y . 0.72 36.85 5.18
O9 IV9 Y . 8.36 35.64 6.47
W1 IV9 Y . 5.61 39.25 7.70
W2 IV9 Y . 3.15 40.14 5.50
W3 IV9 Y . 7.05 36.56 7.34
W4 IV9 Y . 4.39 37.59 5.66
W5 IV9 Y . 1.35 38.22 4.12
W6 IV9 Y . 4.33 35.75 8.43
W7 IV9 Y . 1.49 37.29 6.94
W8 IV9 Y . 6.34 37.21 9.68
O32 IV9 Y . 6.80 36.77 11.58
O33 IV9 Y . 4.76 37.70 10.53
PG ATP Z . -5.94 25.93 22.87
O1G ATP Z . -6.78 27.13 23.12
O2G ATP Z . -4.50 26.24 22.59
O3G ATP Z . -6.56 24.93 21.94
PB ATP Z . -7.30 24.77 24.96
O1B ATP Z . -8.39 25.02 23.96
O2B ATP Z . -7.13 23.41 25.59
O3B ATP Z . -5.92 25.18 24.28
PA ATP Z . -8.49 26.99 26.13
O1A ATP Z . -7.83 28.32 25.88
O2A ATP Z . -9.64 26.53 25.29
O3A ATP Z . -7.35 25.86 26.12
O5' ATP Z . -8.96 26.97 27.65
C5' ATP Z . -9.43 25.74 28.13
C4' ATP Z . -9.92 25.93 29.55
O4' ATP Z . -11.06 26.78 29.61
C3' ATP Z . -10.35 24.65 30.18
O3' ATP Z . -9.28 24.08 30.94
C2' ATP Z . -11.52 25.01 31.06
O2' ATP Z . -11.17 24.88 32.44
C1' ATP Z . -11.80 26.46 30.80
N9 ATP Z . -13.22 26.84 30.62
C8 ATP Z . -13.62 28.11 30.61
N7 ATP Z . -14.95 28.22 30.45
C5 ATP Z . -15.43 26.98 30.38
C6 ATP Z . -16.76 26.41 30.23
N6 ATP Z . -17.83 27.20 30.12
N1 ATP Z . -16.88 25.09 30.19
C2 ATP Z . -15.81 24.30 30.30
N3 ATP Z . -14.56 24.76 30.45
C4 ATP Z . -14.30 26.07 30.51
MG MG AA . -10.19 25.14 24.16
O1 IWO BA . 6.20 24.33 14.08
W1 IWO BA . 5.86 25.57 12.84
O2 IWO BA . 5.15 26.51 14.31
W2 IWO BA . 3.12 25.89 10.98
O3 IWO BA . 7.49 26.64 12.72
W3 IWO BA . 8.31 26.02 11.25
O4 IWO BA . 6.76 25.15 10.97
W4 IWO BA . 5.59 26.29 9.62
O5 IWO BA . 5.05 27.07 11.56
O6 IWO BA . 2.33 26.75 12.64
W6 IWO BA . 7.15 28.99 9.00
O7 IWO BA . 6.59 25.81 7.97
W7 IWO BA . 4.27 29.93 7.95
O8 IWO BA . 1.69 24.98 10.30
W8 IWO BA . 4.43 28.93 11.07
O9 IWO BA . 9.48 27.14 11.77
O11 IWO BA . 5.13 28.29 9.01
O12 IWO BA . 8.93 25.62 9.60
O14 IWO BA . 2.65 28.90 7.93
O16 IWO BA . 3.54 30.14 9.81
O17 IWO BA . 6.04 30.53 8.50
O18 IWO BA . 8.58 29.97 9.83
O19 IWO BA . 7.94 28.50 7.36
O20 IWO BA . 6.28 29.56 10.97
O21 IWO BA . 4.79 29.30 6.42
O22 IWO BA . 3.61 29.51 12.59
O23 IWO BA . 3.71 31.68 7.53
O24 IWO BA . 4.16 24.86 12.29
O25 IWO BA . 2.71 27.87 10.49
O26 IWO BA . 7.43 27.30 9.97
O27 IWO BA . 9.12 24.64 11.77
W9 IWO BA . 3.34 27.17 8.66
O28 IWO BA . 3.89 27.16 7.02
O29 IWO BA . 1.98 26.07 8.63
O11 IWZ CA . 8.19 23.00 -4.54
O12 IWZ CA . 6.59 20.99 -3.70
O13 IWZ CA . 9.07 23.40 -2.11
O14 IWZ CA . 7.35 21.69 -0.71
O21 IWZ CA . 4.18 21.50 -1.28
O22 IWZ CA . 4.36 24.27 -1.31
O23 IWZ CA . 6.53 24.25 -0.76
O24 IWZ CA . 4.91 22.94 1.11
O25 IWZ CA . 6.08 23.07 -2.62
O31 IWZ CA . 4.84 21.56 3.79
O32 IWZ CA . 7.23 22.37 4.28
O33 IWZ CA . 7.42 21.09 2.11
O34 IWZ CA . 5.04 24.09 3.49
O51 IWZ CA . 9.50 21.78 5.55
O52 IWZ CA . 7.83 20.12 5.07
O53 IWZ CA . 9.66 22.91 3.54
O61 IWZ CA . 10.37 20.52 3.24
O62 IWZ CA . 11.51 18.75 1.05
O63 IWZ CA . 13.24 20.45 2.38
O64 IWZ CA . 12.23 20.54 -0.19
O71 IWZ CA . 11.86 21.22 -3.12
O72 IWZ CA . 11.05 19.17 -2.35
O73 IWZ CA . 9.22 20.90 -2.70
O74 IWZ CA . 9.87 20.44 0.37
O81 IWZ CA . 7.08 26.14 0.61
O82 IWZ CA . 6.76 24.03 1.86
O83 IWZ CA . 9.15 25.67 -0.62
O91 IWZ CA . 11.20 24.39 0.60
O92 IWZ CA . 8.98 22.89 0.68
O93 IWZ CA . 11.31 24.64 -1.84
O94 IWZ CA . 11.31 24.72 2.69
W1 IWZ CA . 7.78 22.23 -2.83
W10 IWZ CA . 10.02 23.74 1.89
W2 IWZ CA . 5.42 22.75 -0.79
W3 IWZ CA . 6.04 22.53 2.82
W5 IWZ CA . 8.61 21.30 3.88
W6 IWZ CA . 11.60 20.45 1.67
W7 IWZ CA . 10.92 20.80 -1.68
W8 IWZ CA . 7.89 24.53 0.55
W9 IWZ CA . 10.07 23.91 -0.60
O101 IWZ CA . 8.70 25.23 2.24
O102 IWZ CA . 10.90 22.39 -0.99
O103 IWZ CA . 11.48 22.38 2.02
W11 IWZ CA . 7.81 20.02 0.47
O111 IWZ CA . 7.56 18.57 1.77
O112 IWZ CA . 8.11 18.65 -0.90
O113 IWZ CA . 5.76 19.72 0.15
MO MOO DA . 29.30 25.69 -17.82
O1 MOO DA . 28.16 24.61 -17.22
O2 MOO DA . 30.83 25.29 -17.19
O3 MOO DA . 29.53 25.59 -19.48
O4 MOO DA . 28.85 27.26 -17.35
PG ATP EA . 31.96 28.09 -17.54
O1G ATP EA . 31.67 27.32 -18.79
O2G ATP EA . 32.16 27.24 -16.31
O3G ATP EA . 31.08 29.29 -17.34
PB ATP EA . 33.74 29.51 -19.10
O1B ATP EA . 32.61 29.33 -20.06
O2B ATP EA . 34.22 30.87 -18.72
O3B ATP EA . 33.41 28.70 -17.77
PA ATP EA . 34.80 27.51 -20.68
O1A ATP EA . 35.86 26.49 -20.40
O2A ATP EA . 33.34 27.13 -20.68
O3A ATP EA . 35.00 28.67 -19.61
O5' ATP EA . 35.15 28.17 -22.08
C5' ATP EA . 36.22 29.09 -22.12
C4' ATP EA . 37.41 28.41 -22.78
O4' ATP EA . 37.14 28.10 -24.15
C3' ATP EA . 38.62 29.30 -22.78
O3' ATP EA . 39.54 28.92 -21.77
C2' ATP EA . 39.23 29.13 -24.15
O2' ATP EA . 40.57 28.65 -24.06
C1' ATP EA . 38.39 28.10 -24.85
N9 ATP EA . 38.15 28.32 -26.29
C8 ATP EA . 37.72 27.36 -27.11
N7 ATP EA . 37.57 27.79 -28.37
C5 ATP EA . 37.92 29.08 -28.38
C6 ATP EA . 38.00 30.12 -29.40
N6 ATP EA . 37.66 29.85 -30.66
N1 ATP EA . 38.41 31.33 -29.03
C2 ATP EA . 38.75 31.59 -27.77
N3 ATP EA . 38.70 30.69 -26.79
C4 ATP EA . 38.31 29.42 -27.02
MG MG FA . 31.58 27.84 -20.65
O43 IWL GA . 18.17 28.10 -7.58
O10 IWL GA . 17.83 30.99 -4.17
O11 IWL GA . 15.51 29.99 -7.06
O12 IWL GA . 17.24 28.76 -5.47
O13 IWL GA . 13.39 24.71 -7.64
O14 IWL GA . 12.96 29.84 -5.16
O16 IWL GA . 11.82 27.25 -6.98
O17 IWL GA . 15.99 25.90 -4.52
O18 IWL GA . 12.37 30.25 -2.57
O2 IWL GA . 16.49 32.25 -2.88
O20 IWL GA . 16.67 28.59 -2.53
O21 IWL GA . 14.45 27.41 -5.98
O22 IWL GA . 13.74 31.69 -3.14
O23 IWL GA . 11.21 28.17 -4.88
O24 IWL GA . 17.72 31.10 -6.86
O25 IWL GA . 13.72 28.39 -3.55
O26 IWL GA . 15.52 32.39 -5.39
O28 IWL GA . 15.26 23.33 -6.24
O31 IWL GA . 14.83 30.34 -1.69
O4 IWL GA . 15.41 30.10 -3.88
O6 IWL GA . 14.74 27.97 -8.57
O7 IWL GA . 16.62 26.03 -6.71
O8 IWL GA . 12.97 25.65 -5.19
O9 IWL GA . 17.83 31.04 -1.06
W1 IWL GA . 16.39 30.70 -5.58
W2 IWL GA . 16.11 28.08 -7.02
W3 IWL GA . 16.70 30.57 -2.60
W4 IWL GA . 15.60 28.00 -4.31
W5 IWL GA . 14.65 25.34 -6.18
W6 IWL GA . 13.77 30.04 -3.41
W7 IWL GA . 12.87 27.78 -5.43
W8 IWL GA . 18.98 29.62 -6.36
O32 IWL GA . 20.22 30.83 -5.30
O33 IWL GA . 19.55 27.69 -5.66
O34 IWL GA . 20.19 26.22 -7.90
W9 IWL GA . 19.66 27.73 -8.67
O35 IWL GA . 20.05 29.38 -8.18
O36 IWL GA . 19.20 26.48 -9.44
O37 IWL GA . 21.71 30.95 -8.65
W10 IWL GA . 21.56 29.49 -9.41
O38 IWL GA . 20.83 28.00 -9.78
O39 IWL GA . 18.97 28.75 -9.80
O40 IWL GA . 20.56 29.97 -10.71
W11 IWL GA . 17.83 26.78 -4.90
O41 IWL GA . 18.35 25.42 -3.99
O42 IWL GA . 18.45 27.71 -3.44
W3 IHW HA . 17.82 40.84 3.15
W4 IHW HA . 18.67 40.07 0.29
W5 IHW HA . 16.20 37.77 3.51
W6 IHW HA . 17.56 36.93 0.84
W7 IHW HA . 16.73 43.67 0.54
W8 IHW HA . 14.97 34.99 -0.09
O31 IHW HA . 15.72 42.85 3.85
O32 IHW HA . 17.45 39.20 3.80
O33 IHW HA . 18.06 41.45 5.05
O34 IHW HA . 19.21 40.61 2.13
O35 IHW HA . 17.13 40.30 1.59
O36 IHW HA . 16.87 42.15 2.01
O41 IHW HA . 20.52 39.79 -0.26
O42 IHW HA . 17.29 37.51 -0.72
O43 IHW HA . 18.64 38.22 0.92
O44 IHW HA . 19.07 41.82 0.01
O51 IHW HA . 15.20 36.19 3.50
O52 IHW HA . 16.42 37.50 5.37
O54 IHW HA . 17.71 36.71 2.46
O55 IHW HA . 16.40 37.99 1.49
O61 IHW HA . 16.50 35.75 0.58
O63 IHW HA . 18.86 36.23 0.02
O71 IHW HA . 16.80 45.17 -0.59
O81 IHW HA . 14.81 34.03 1.66
W32 IHW HA . 12.93 42.72 1.16
W42 IHW HA . 14.83 41.52 3.41
W52 IHW HA . 11.66 39.74 0.99
W62 IHW HA . 12.97 38.81 3.25
W82 IHW HA . 13.53 35.50 2.35
O312 IHW HA . 11.79 44.20 1.05
O322 IHW HA . 11.73 41.53 1.59
O332 IHW HA . 13.30 42.10 -0.85
O342 IHW HA . 13.73 42.76 3.14
O352 IHW HA . 14.50 41.41 1.77
O362 IHW HA . 14.72 43.51 0.70
O412 IHW HA . 14.52 41.76 5.03
O422 IHW HA . 16.21 40.76 3.89
O432 IHW HA . 13.78 40.31 3.74
O512 IHW HA . 11.33 37.76 0.76
O522 IHW HA . 10.00 40.30 0.31
O542 IHW HA . 11.35 39.32 2.66
O552 IHW HA . 13.41 39.03 1.60
O612 IHW HA . 12.72 37.24 2.79
O632 IHW HA . 14.51 38.24 3.69
O712 IHW HA . 18.55 44.15 1.12
O812 IHW HA . 13.36 34.71 -0.89
W33 IHW HA . 17.26 41.26 -2.40
W43 IHW HA . 14.59 41.82 -1.92
W53 IHW HA . 16.22 37.91 -1.98
W63 IHW HA . 13.13 38.85 -1.86
W83 IHW HA . 11.97 36.02 -0.02
O313 IHW HA . 18.22 42.01 -3.62
O323 IHW HA . 16.45 39.39 -2.79
O333 IHW HA . 18.40 40.40 -1.44
O343 IHW HA . 15.74 41.97 -3.14
O353 IHW HA . 15.91 40.93 -1.36
O363 IHW HA . 17.42 42.68 -1.25
O413 IHW HA . 13.17 42.33 -2.66
O423 IHW HA . 12.34 39.37 -0.58
O433 IHW HA . 13.58 40.45 -2.13
O443 IHW HA . 14.98 43.43 -1.56
O513 IHW HA . 15.59 36.16 -1.59
O523 IHW HA . 17.49 37.47 -3.04
O543 IHW HA . 14.64 38.11 -2.99
O553 IHW HA . 14.98 38.33 -0.95
O613 IHW HA . 12.56 37.29 -1.48
O633 IHW HA . 12.01 39.01 -2.97
O634 IHW HA . 12.22 38.40 4.86
O713 IHW HA . 16.22 45.08 1.83
O813 IHW HA . 15.70 33.62 -0.59
O903 IHW HA . 11.70 35.28 1.65
O913 IHW HA . 14.02 36.21 0.48
O923 IHW HA . 10.74 35.50 -1.11
O933 IHW HA . 12.88 35.03 3.87
O1 IV9 IA . 16.57 36.96 -11.62
O10 IV9 IA . 11.54 37.26 -8.69
O11 IV9 IA . 13.54 36.83 -12.15
O12 IV9 IA . 14.30 36.00 -9.89
O13 IV9 IA . 16.64 32.59 -13.54
O14 IV9 IA . 11.23 33.95 -12.86
O16 IV9 IA . 14.02 33.06 -14.82
O17 IV9 IA . 15.33 33.26 -10.13
O18 IV9 IA . 9.43 32.13 -11.58
O2 IV9 IA . 9.20 36.27 -8.54
O20 IV9 IA . 12.58 34.36 -8.14
O21 IV9 IA . 14.27 34.14 -11.99
O22 IV9 IA . 8.59 34.74 -10.71
O23 IV9 IA . 12.22 31.83 -13.81
O24 IV9 IA . 12.94 38.47 -10.50
O25 IV9 IA . 12.25 32.80 -11.04
O26 IV9 IA . 10.68 37.82 -10.93
O28 IV9 IA . 17.42 31.48 -11.57
O31 IV9 IA . 9.91 33.24 -9.06
O4 IV9 IA . 11.27 35.25 -10.30
O6 IV9 IA . 15.88 35.49 -13.84
O7 IV9 IA . 16.85 34.27 -11.73
O8 IV9 IA . 14.55 31.72 -12.59
O9 IV9 IA . 10.56 34.92 -6.65
W1 IV9 IA . 12.29 36.93 -10.56
W2 IV9 IA . 15.29 35.64 -11.89
W3 IV9 IA . 10.75 35.31 -8.43
W4 IV9 IA . 13.44 34.28 -10.05
W5 IV9 IA . 15.92 32.78 -11.94
W6 IV9 IA . 10.29 33.68 -10.95
W7 IV9 IA . 13.15 33.04 -12.97
W8 IV9 IA . 9.35 36.33 -10.38
O32 IV9 IA . 7.45 36.98 -10.82
O33 IV9 IA . 9.48 36.16 -12.21
PG ATP JA . -3.18 25.70 -23.66
O1G ATP JA . -2.47 26.33 -24.83
O2G ATP JA . -3.25 26.56 -22.44
O3G ATP JA . -2.80 24.27 -23.42
PB ATP JA . -5.04 24.84 -25.51
O1B ATP JA . -3.78 24.15 -25.97
O2B ATP JA . -6.29 24.04 -25.30
O3B ATP JA . -4.71 25.62 -24.16
PA ATP JA . -4.45 26.41 -27.71
O1A ATP JA . -3.74 27.71 -27.43
O2A ATP JA . -3.69 25.19 -28.10
O3A ATP JA . -5.38 26.07 -26.46
O5' ATP JA . -5.52 26.69 -28.85
C5' ATP JA . -6.41 25.64 -29.10
C4' ATP JA . -7.33 26.03 -30.25
O4' ATP JA . -6.61 26.19 -31.47
C3' ATP JA . -8.36 24.98 -30.52
O3' ATP JA . -9.59 25.31 -29.89
C2' ATP JA . -8.51 24.95 -32.02
O2' ATP JA . -9.81 25.38 -32.41
C1' ATP JA . -7.49 25.92 -32.56
N9 ATP JA . -6.72 25.47 -33.75
C8 ATP JA . -5.93 26.31 -34.42
N7 ATP JA . -5.33 25.70 -35.46
C5 ATP JA . -5.76 24.45 -35.48
C6 ATP JA . -5.53 23.29 -36.32
N6 ATP JA . -4.69 23.37 -37.35
N1 ATP JA . -6.15 22.15 -36.03
C2 ATP JA . -6.98 22.07 -34.99
N3 ATP JA . -7.24 23.10 -34.19
C4 ATP JA . -6.68 24.30 -34.36
MG MG KA . -3.29 23.46 -27.55
O1 IWO LA . -0.38 26.93 -8.23
W1 IWO LA . 1.09 27.71 -8.95
O2 IWO LA . 0.49 28.58 -10.47
W2 IWO LA . 3.57 26.34 -10.68
O3 IWO LA . 1.24 29.26 -8.01
W3 IWO LA . 1.88 28.73 -6.25
O4 IWO LA . 2.10 27.14 -7.20
W4 IWO LA . 4.11 27.20 -7.68
O5 IWO LA . 3.13 28.11 -9.41
O6 IWO LA . 2.84 27.22 -12.13
W6 IWO LA . 5.53 29.83 -6.97
O7 IWO LA . 2.71 28.02 -4.86
W7 IWO LA . 7.72 28.84 -9.08
O8 IWO LA . 3.71 25.19 -12.05
W8 IWO LA . 4.68 29.13 -10.22
O9 IWO LA . 1.07 30.17 -5.73
O11 IWO LA . 5.78 28.29 -8.42
O12 IWO LA . 4.86 26.47 -6.16
O14 IWO LA . 7.87 27.26 -10.18
O16 IWO LA . 6.58 29.26 -10.67
O17 IWO LA . 7.05 30.36 -8.08
O18 IWO LA . 5.00 31.64 -6.51
O19 IWO LA . 6.35 29.29 -5.37
O20 IWO LA . 4.50 30.52 -8.84
O21 IWO LA . 8.47 28.07 -7.70
O22 IWO LA . 4.00 29.70 -11.81
O23 IWO LA . 9.14 29.84 -9.83
O24 IWO LA . 1.69 26.13 -9.87
O25 IWO LA . 5.11 27.25 -11.02
O26 IWO LA . 3.80 28.93 -6.75
O27 IWO LA . 0.45 27.85 -5.52
W9 IWO LA . 6.15 26.58 -9.44
O28 IWO LA . 7.17 26.10 -8.12
O29 IWO LA . 6.24 25.12 -10.35
O11 IX3 MA . 9.49 15.53 0.37
O12 IX3 MA . 5.24 17.16 3.22
O13 IX3 MA . 4.79 17.43 -2.24
O41 IX3 MA . 5.66 14.37 0.29
O51 IX3 MA . 7.33 15.98 1.71
O52 IX3 MA . 4.78 16.96 0.53
O53 IX3 MA . 7.02 16.24 -1.22
O71 IX3 MA . 8.00 13.71 -1.11
O72 IX3 MA . 5.37 14.37 3.07
O73 IX3 MA . 3.45 15.30 -1.13
W1 IX3 MA . 7.94 14.96 0.06
W2 IX3 MA . 5.36 15.83 2.12
W3 IX3 MA . 4.99 16.04 -1.26
MO MOO NA . -14.87 -31.36 25.13
O1 MOO NA . -14.38 -29.97 24.32
O2 MOO NA . -16.09 -30.97 26.26
O3 MOO NA . -15.61 -32.51 24.15
O4 MOO NA . -13.52 -31.98 25.95
PG ATP OA . -14.86 -34.76 26.24
O1G ATP OA . -15.44 -33.63 27.06
O2G ATP OA . -13.44 -34.55 25.82
O3G ATP OA . -15.78 -35.25 25.17
PB ATP OA . -16.02 -36.38 28.14
O1B ATP OA . -17.09 -35.35 27.96
O2B ATP OA . -16.31 -37.84 27.91
O3B ATP OA . -14.75 -35.97 27.26
PA ATP OA . -15.68 -34.92 30.45
O1A ATP OA . -14.50 -34.76 31.36
O2A ATP OA . -16.09 -33.83 29.49
O3A ATP OA . -15.40 -36.25 29.61
O5' ATP OA . -16.93 -35.29 31.36
C5' ATP OA . -16.99 -36.58 31.91
C4' ATP OA . -16.57 -36.51 33.37
O4' ATP OA . -17.47 -35.73 34.15
C3' ATP OA . -16.55 -37.88 33.99
O3' ATP OA . -15.22 -38.33 34.18
C2' ATP OA . -17.24 -37.72 35.32
O2' ATP OA . -16.40 -38.17 36.39
C1' ATP OA . -17.49 -36.24 35.48
N9 ATP OA . -18.76 -35.87 36.14
C8 ATP OA . -18.98 -34.64 36.60
N7 ATP OA . -20.19 -34.53 37.17
C5 ATP OA . -20.77 -35.72 37.08
C6 ATP OA . -22.05 -36.29 37.49
N6 ATP OA . -22.95 -35.51 38.10
N1 ATP OA . -22.29 -37.57 37.22
C2 ATP OA . -21.40 -38.33 36.60
N3 ATP OA . -20.20 -37.88 36.21
C4 ATP OA . -19.83 -36.61 36.41
MG MG PA . -17.13 -33.47 27.96
O43 IWL QA . -13.55 -29.98 9.66
O10 IWL QA . -12.97 -33.02 6.42
O11 IWL QA . -15.35 -29.99 7.00
O12 IWL QA . -12.60 -30.39 7.70
O13 IWL QA . -13.73 -24.80 7.54
O14 IWL QA . -14.95 -28.99 4.01
O16 IWL QA . -15.29 -25.82 5.09
O17 IWL QA . -11.04 -27.89 6.90
O18 IWL QA . -13.55 -29.70 1.83
O2 IWL QA . -13.19 -33.58 4.26
O20 IWL QA . -10.84 -30.78 5.10
O21 IWL QA . -13.57 -27.68 6.29
O22 IWL QA . -14.20 -31.45 2.77
O23 IWL QA . -14.54 -26.79 3.05
O24 IWL QA . -14.91 -32.16 8.14
O25 IWL QA . -12.67 -28.73 3.96
O26 IWL QA . -15.48 -32.35 5.27
O28 IWL QA . -11.13 -25.19 8.36
O31 IWL QA . -12.11 -31.69 2.90
O4 IWL QA . -13.15 -30.92 4.88
O6 IWL QA . -15.64 -27.57 7.98
O7 IWL QA . -12.33 -27.77 8.74
O8 IWL QA . -12.65 -25.73 5.23
O9 IWL QA . -10.63 -33.80 4.58
W1 IWL QA . -14.31 -31.45 6.49
W2 IWL QA . -14.01 -28.85 7.95
W3 IWL QA . -12.01 -32.42 4.82
W4 IWL QA . -12.18 -29.33 5.88
W5 IWL QA . -12.42 -26.29 7.21
W6 IWL QA . -13.46 -30.09 3.43
W7 IWL QA . -14.05 -27.26 4.71
W8 IWL QA . -13.15 -32.02 9.20
O32 IWL QA . -12.55 -34.00 8.90
O33 IWL QA . -11.39 -30.84 9.68
O34 IWL QA . -11.79 -29.02 11.77
W9 IWL QA . -13.63 -29.89 11.34
O35 IWL QA . -13.33 -32.12 11.25
O36 IWL QA . -14.31 -28.49 11.64
O37 IWL QA . -14.53 -32.02 14.85
W10 IWL QA . -14.25 -32.19 13.20
O38 IWL QA . -13.95 -30.57 13.33
O39 IWL QA . -15.05 -30.38 10.97
O40 IWL QA . -15.72 -31.56 12.87
W11 IWL QA . -11.07 -29.44 8.30
O41 IWL QA . -9.82 -28.35 8.93
O42 IWL QA . -9.74 -30.36 7.35
O1 IV9 RA . -22.07 -34.98 8.32
O10 IV9 RA . -22.37 -33.32 2.95
O11 IV9 RA . -23.79 -33.13 6.69
O12 IV9 RA . -21.66 -33.48 5.92
O13 IV9 RA . -21.17 -31.15 11.02
O14 IV9 RA . -23.67 -29.39 6.31
O16 IV9 RA . -23.43 -29.70 9.81
O17 IV9 RA . -19.63 -31.91 7.73
O18 IV9 RA . -22.48 -27.33 4.73
O2 IV9 RA . -22.68 -31.28 1.45
O20 IV9 RA . -19.92 -31.79 4.18
O21 IV9 RA . -21.88 -31.48 7.90
O22 IV9 RA . -23.51 -29.13 2.93
O23 IV9 RA . -22.77 -28.02 8.23
O24 IV9 RA . -23.76 -34.53 4.76
O25 IV9 RA . -21.29 -29.56 6.22
O26 IV9 RA . -24.71 -32.57 3.52
O28 IV9 RA . -18.80 -31.28 10.66
O31 IV9 RA . -21.07 -29.17 3.15
O4 IV9 RA . -22.52 -31.15 4.35
O6 IV9 RA . -23.19 -33.16 9.64
O7 IV9 RA . -20.70 -33.09 9.54
O8 IV9 RA . -20.86 -29.59 9.17
O9 IV9 RA . -19.99 -31.53 1.62
W1 IV9 RA . -23.19 -32.91 4.76
W2 IV9 RA . -22.14 -33.31 7.98
W3 IV9 RA . -21.41 -31.42 2.77
W4 IV9 RA . -20.92 -31.66 6.02
W5 IV9 RA . -20.42 -31.35 9.44
W6 IV9 RA . -22.52 -29.19 4.49
W7 IV9 RA . -22.44 -29.72 8.02
W8 IV9 RA . -23.89 -30.89 2.76
O32 IV9 RA . -25.27 -30.10 1.54
O33 IV9 RA . -25.15 -30.31 4.02
PG ATP SA . -32.61 -11.76 5.32
O1G ATP SA . -33.47 -12.31 6.41
O2G ATP SA . -32.25 -12.76 4.25
O3G ATP SA . -31.46 -10.93 5.80
PB ATP SA . -34.23 -9.53 5.40
O1B ATP SA . -33.65 -9.57 6.78
O2B ATP SA . -34.16 -8.28 4.58
O3B ATP SA . -33.55 -10.72 4.57
PA ATP SA . -36.44 -10.52 6.77
O1A ATP SA . -36.65 -12.00 6.72
O2A ATP SA . -35.71 -9.88 7.93
O3A ATP SA . -35.75 -10.06 5.41
O5' ATP SA . -37.85 -9.83 6.66
C5' ATP SA . -37.85 -8.43 6.44
C4' ATP SA . -39.26 -7.93 6.38
O4' ATP SA . -39.96 -8.09 7.62
C3' ATP SA . -39.30 -6.45 6.08
O3' ATP SA . -39.56 -6.22 4.71
C2' ATP SA . -40.41 -5.91 6.94
O2' ATP SA . -41.47 -5.39 6.14
C1' ATP SA . -40.95 -7.07 7.73
N9 ATP SA . -41.24 -6.81 9.16
C8 ATP SA . -41.84 -7.72 9.93
N7 ATP SA . -42.02 -7.28 11.19
C5 ATP SA . -41.52 -6.05 11.24
C6 ATP SA . -41.40 -5.04 12.28
N6 ATP SA . -41.85 -5.27 13.51
N1 ATP SA . -40.82 -3.88 11.97
C2 ATP SA . -40.37 -3.64 10.73
N3 ATP SA . -40.45 -4.53 9.74
C4 ATP SA . -41.02 -5.73 9.91
MG MG TA . -34.22 -8.78 8.31
O1 IWO UA . -21.88 -18.53 -2.71
W1 IWO UA . -21.41 -19.72 -1.42
O2 IWO UA . -23.14 -19.78 -1.05
W2 IWO UA . -20.86 -19.46 1.71
O3 IWO UA . -21.47 -21.38 -2.46
W3 IWO UA . -19.70 -21.94 -3.01
O4 IWO UA . -19.40 -20.33 -1.63
W4 IWO UA . -18.95 -21.37 0.10
O5 IWO UA . -21.03 -21.03 0.21
O6 IWO UA . -22.61 -19.37 2.00
W6 IWO UA . -19.32 -24.41 -0.08
O7 IWO UA . -17.73 -22.46 -3.22
W7 IWO UA . -19.37 -24.27 3.11
O8 IWO UA . -20.47 -18.26 2.92
W8 IWO UA . -21.63 -22.47 1.55
O9 IWO UA . -20.11 -23.05 -4.42
O11 IWO UA . -19.41 -22.94 1.45
O12 IWO UA . -17.22 -21.67 -0.14
O14 IWO UA . -19.24 -22.82 4.37
O16 IWO UA . -21.24 -23.51 3.17
O17 IWO UA . -19.79 -25.36 1.56
O18 IWO UA . -20.07 -25.86 -1.12
O19 IWO UA . -17.52 -24.89 -0.36
O20 IWO UA . -21.47 -23.85 0.16
O21 IWO UA . -17.64 -24.47 3.00
O22 IWO UA . -23.37 -22.10 1.91
O23 IWO UA . -19.88 -25.63 4.32
O24 IWO UA . -20.95 -18.56 0.04
O25 IWO UA . -20.97 -21.02 2.92
O26 IWO UA . -19.37 -22.81 -1.22
O27 IWO UA . -19.34 -20.56 -4.29
W9 IWO UA . -19.13 -21.42 2.48
O28 IWO UA . -19.17 -20.30 3.90
O29 IWO UA . -17.27 -21.78 2.16
O11 IX3 VA . -9.52 -15.62 0.14
O12 IX3 VA . -4.81 -17.48 2.13
O13 IX3 VA . -5.20 -17.17 -3.12
O41 IX3 VA . -5.83 -14.48 -0.34
O51 IX3 VA . -7.17 -16.09 1.24
O52 IX3 VA . -4.82 -16.94 -0.35
O53 IX3 VA . -7.26 -16.07 -1.71
O71 IX3 VA . -8.32 -13.74 -1.41
O72 IX3 VA . -5.01 -14.89 2.74
O73 IX3 VA . -3.53 -15.16 -1.93
W1 IX3 VA . -7.99 -14.92 -0.20
W2 IX3 VA . -5.16 -15.95 1.39
W3 IX3 VA . -5.26 -15.86 -2.01
MO MOO WA . 10.02 -40.17 -11.12
O1 MOO WA . 9.90 -40.31 -12.79
O2 MOO WA . 11.59 -40.64 -10.65
O3 MOO WA . 9.87 -38.58 -10.57
O4 MOO WA . 8.89 -41.21 -10.40
PG ATP XA . 9.31 -43.28 -12.76
O1G ATP XA . 10.71 -42.87 -12.36
O2G ATP XA . 8.59 -42.29 -13.64
O3G ATP XA . 8.48 -43.83 -11.64
PB ATP XA . 10.42 -45.75 -13.27
O1B ATP XA . 11.09 -45.39 -11.98
O2B ATP XA . 9.58 -47.00 -13.38
O3B ATP XA . 9.52 -44.52 -13.74
PA ATP XA . 12.89 -45.05 -14.27
O1A ATP XA . 13.24 -44.47 -15.61
O2A ATP XA . 12.80 -44.17 -13.05
O3A ATP XA . 11.48 -45.78 -14.45
O5' ATP XA . 13.93 -46.22 -13.99
C5' ATP XA . 13.73 -47.47 -14.63
C4' ATP XA . 14.81 -47.66 -15.67
O4' ATP XA . 16.11 -47.68 -15.08
C3' ATP XA . 14.64 -48.97 -16.39
O3' ATP XA . 14.17 -48.79 -17.73
C2' ATP XA . 16.02 -49.58 -16.40
O2' ATP XA . 16.41 -49.91 -17.74
C1' ATP XA . 16.95 -48.53 -15.85
N9 ATP XA . 18.06 -49.02 -15.01
C8 ATP XA . 19.08 -48.25 -14.64
N7 ATP XA . 19.98 -48.92 -13.90
C5 ATP XA . 19.52 -50.16 -13.77
C6 ATP XA . 20.00 -51.37 -13.10
N6 ATP XA . 21.14 -51.34 -12.41
N1 ATP XA . 19.25 -52.47 -13.19
C2 ATP XA . 18.12 -52.48 -13.88
N3 ATP XA . 17.63 -51.41 -14.51
C4 ATP XA . 18.28 -50.24 -14.50
MG MG YA . 12.03 -43.85 -11.34
O43 IWL ZA . -2.29 -34.19 -4.22
O10 IWL ZA . -6.65 -35.12 -3.95
O11 IWL ZA . -4.12 -34.33 -1.37
O12 IWL ZA . -4.58 -33.42 -4.04
O13 IWL ZA . -1.66 -29.17 -1.01
O14 IWL ZA . -6.20 -32.46 0.14
O16 IWL ZA . -3.67 -30.38 0.95
O17 IWL ZA . -4.50 -30.46 -3.98
O18 IWL ZA . -8.76 -31.69 -0.12
O2 IWL ZA . -8.51 -35.48 -2.89
O20 IWL ZA . -7.23 -32.18 -4.44
O21 IWL ZA . -4.12 -31.35 -1.66
O22 IWL ZA . -8.64 -33.69 -0.66
O23 IWL ZA . -6.03 -30.20 1.04
O24 IWL ZA . -4.37 -36.17 -3.02
O25 IWL ZA . -6.82 -31.05 -1.56
O26 IWL ZA . -6.40 -36.07 -1.41
O28 IWL ZA . -1.94 -28.42 -3.58
O31 IWL ZA . -9.15 -32.67 -2.51
O4 IWL ZA . -6.86 -33.21 -2.19
O6 IWL ZA . -1.89 -32.99 -1.03
O7 IWL ZA . -2.45 -31.39 -3.75
O8 IWL ZA . -4.31 -28.97 -1.21
O9 IWL ZA . -9.39 -34.26 -5.20
W1 IWL ZA . -5.50 -34.72 -2.36
W2 IWL ZA . -3.19 -33.05 -2.67
W3 IWL ZA . -8.11 -33.94 -3.77
W4 IWL ZA . -5.62 -31.81 -3.07
W5 IWL ZA . -2.98 -29.78 -2.44
W6 IWL ZA . -7.66 -32.41 -1.12
W7 IWL ZA . -5.06 -30.79 -0.34
W8 IWL ZA . -3.91 -35.31 -4.79
O32 IWL ZA . -5.13 -36.53 -5.85
O33 IWL ZA . -3.55 -33.72 -6.16
O34 IWL ZA . -1.04 -33.38 -6.06
W9 IWL ZA . -0.91 -34.80 -5.16
O35 IWL ZA . -2.31 -36.50 -5.12
O36 IWL ZA . 0.22 -33.87 -4.31
O37 IWL ZA . 0.96 -37.55 -6.83
W10 IWL ZA . -0.58 -37.22 -5.97
O38 IWL ZA . 0.17 -35.90 -5.71
O39 IWL ZA . -0.67 -35.74 -3.79
O40 IWL ZA . 0.06 -37.64 -4.48
W11 IWL ZA . -4.14 -31.96 -5.22
O41 IWL ZA . -3.57 -30.55 -5.98
O42 IWL ZA . -5.65 -32.10 -6.24
O1 IV9 AB . -2.86 -42.05 1.53
O10 IV9 AB . -6.61 -39.19 5.01
O11 IV9 AB . -3.01 -40.84 4.35
O12 IV9 AB . -4.36 -39.89 2.85
O13 IV9 AB . 0.69 -39.12 0.75
O14 IV9 AB . -1.54 -37.65 5.68
O16 IV9 AB . 1.11 -38.77 3.65
O17 IV9 AB . -2.84 -37.99 0.90
O18 IV9 AB . -2.20 -34.92 6.23
O2 IV9 AB . -6.89 -37.24 6.68
O20 IV9 AB . -5.60 -37.04 2.96
O21 IV9 AB . -1.81 -38.86 2.77
O22 IV9 AB . -4.50 -36.25 7.29
O23 IV9 AB . 0.42 -36.63 4.47
O24 IV9 AB . -5.28 -41.41 4.81
O25 IV9 AB . -2.42 -36.53 3.78
O26 IV9 AB . -5.35 -39.88 6.74
O28 IV9 AB . -0.39 -37.89 -1.00
O31 IV9 AB . -4.73 -35.20 5.39
O4 IV9 AB . -4.36 -37.91 5.16
O6 IV9 AB . -0.48 -41.07 2.51
O7 IV9 AB . -1.61 -40.01 0.46
O8 IV9 AB . -0.15 -37.17 1.95
O9 IV9 AB . -7.54 -36.13 4.39
W1 IV9 AB . -4.66 -39.81 4.90
W2 IV9 AB . -2.49 -40.52 2.29
W3 IV9 AB . -6.21 -37.09 4.94
W4 IV9 AB . -3.73 -37.97 2.87
W5 IV9 AB . -0.93 -38.44 0.87
W6 IV9 AB . -3.28 -36.38 5.75
W7 IV9 AB . -0.69 -37.77 3.75
W8 IV9 AB . -5.21 -37.93 7.06
O32 IV9 AB . -5.62 -37.60 9.04
O33 IV9 AB . -3.60 -38.46 7.68
PG ATP BB . 8.80 -27.75 19.51
O1G ATP BB . 9.68 -28.96 19.50
O2G ATP BB . 7.33 -28.06 19.41
O3G ATP BB . 9.27 -26.63 18.62
PB ATP BB . 10.43 -26.80 21.51
O1B ATP BB . 11.38 -26.95 20.36
O2B ATP BB . 10.36 -25.51 22.26
O3B ATP BB . 8.98 -27.17 20.99
PA ATP BB . 11.77 -29.10 22.30
O1A ATP BB . 11.08 -30.41 22.01
O2A ATP BB . 12.80 -28.56 21.37
O3A ATP BB . 10.65 -27.99 22.56
O5' ATP BB . 12.44 -29.23 23.74
C5' ATP BB . 12.96 -28.05 24.27
C4' ATP BB . 13.61 -28.35 25.60
O4' ATP BB . 14.75 -29.19 25.47
C3' ATP BB . 14.11 -27.10 26.27
O3' ATP BB . 13.17 -26.63 27.23
C2' ATP BB . 15.39 -27.50 26.94
O2' ATP BB . 15.28 -27.43 28.36
C1' ATP BB . 15.66 -28.93 26.55
N9 ATP BB . 17.03 -29.28 26.15
C8 ATP BB . 17.40 -30.54 25.96
N7 ATP BB . 18.70 -30.64 25.61
C5 ATP BB . 19.19 -29.40 25.60
C6 ATP BB . 20.49 -28.81 25.30
N6 ATP BB . 21.51 -29.59 24.98
N1 ATP BB . 20.62 -27.49 25.38
C2 ATP BB . 19.58 -26.72 25.72
N3 ATP BB . 18.37 -27.19 25.99
C4 ATP BB . 18.10 -28.51 25.95
MG MG CB . 13.20 -27.04 20.31
O1 IWO DB . -4.73 -25.08 11.97
W1 IWO DB . -4.18 -26.62 11.21
O2 IWO DB . -3.35 -27.57 12.56
W2 IWO DB . -1.65 -27.13 9.34
O3 IWO DB . -5.71 -27.69 11.24
W3 IWO DB . -6.92 -26.95 9.85
O4 IWO DB . -5.27 -26.01 9.50
W4 IWO DB . -4.46 -27.13 7.97
O5 IWO DB . -3.46 -27.96 9.68
O6 IWO DB . -1.01 -28.10 10.64
W6 IWO DB . -5.93 -29.75 7.42
O7 IWO DB . -5.68 -26.55 6.82
W7 IWO DB . -3.30 -30.52 5.79
O8 IWO DB . -0.03 -26.62 9.00
W8 IWO DB . -3.02 -29.79 8.97
O9 IWO DB . -8.39 -27.80 10.74
O11 IWO DB . -4.01 -28.99 7.09
O12 IWO DB . -7.67 -26.08 8.30
O14 IWO DB . -1.61 -29.64 5.54
O16 IWO DB . -2.32 -30.90 7.50
O17 IWO DB . -4.98 -31.18 6.52
O18 IWO DB . -7.39 -30.78 8.25
O19 IWO DB . -6.95 -29.10 5.92
O20 IWO DB . -4.87 -30.43 9.08
O21 IWO DB . -4.02 -29.76 4.40
O22 IWO DB . -2.01 -30.50 10.30
O23 IWO DB . -2.83 -32.23 5.13
O24 IWO DB . -2.56 -25.87 10.50
O25 IWO DB . -1.38 -28.68 8.25
O26 IWO DB . -6.13 -28.11 8.44
O27 IWO DB . -7.54 -25.38 10.72
W9 IWO DB . -2.30 -28.15 6.54
O28 IWO DB . -3.03 -27.68 5.05
O29 IWO DB . -0.82 -27.18 6.34
MO MOO EB . -31.63 -24.24 -15.90
O1 MOO EB . -30.38 -23.26 -15.32
O2 MOO EB . -33.04 -23.91 -15.00
O3 MOO EB . -32.09 -23.91 -17.49
O4 MOO EB . -31.16 -25.86 -15.71
PG ATP FB . -34.22 -26.68 -15.43
O1G ATP FB . -34.10 -25.76 -16.63
O2G ATP FB . -34.20 -26.00 -14.10
O3G ATP FB . -33.33 -27.90 -15.52
PB ATP FB . -36.22 -27.92 -16.87
O1B ATP FB . -35.22 -27.66 -17.95
O2B ATP FB . -36.70 -29.31 -16.57
O3B ATP FB . -35.70 -27.27 -15.50
PA ATP FB . -37.43 -25.79 -18.12
O1A ATP FB . -38.43 -24.79 -17.64
O2A ATP FB . -35.97 -25.42 -18.29
O3A ATP FB . -37.51 -27.02 -17.11
O5' ATP FB . -37.97 -26.36 -19.50
C5' ATP FB . -39.05 -27.27 -19.46
C4' ATP FB . -40.30 -26.54 -19.87
O4' ATP FB . -40.25 -26.10 -21.22
C3' ATP FB . -41.50 -27.44 -19.78
O3' ATP FB . -42.31 -27.12 -18.66
C2' ATP FB . -42.28 -27.22 -21.06
O2' ATP FB . -43.62 -26.86 -20.79
C1' ATP FB . -41.57 -26.09 -21.76
N9 ATP FB . -41.51 -26.17 -23.24
C8 ATP FB . -41.18 -25.13 -23.99
N7 ATP FB . -41.20 -25.43 -25.30
C5 ATP FB . -41.56 -26.71 -25.39
C6 ATP FB . -41.77 -27.65 -26.49
N6 ATP FB . -41.58 -27.25 -27.76
N1 ATP FB . -42.14 -28.90 -26.19
C2 ATP FB . -42.32 -29.28 -24.93
N3 ATP FB . -42.14 -28.48 -23.88
C4 ATP FB . -41.78 -27.20 -24.04
MG MG GB . -34.24 -26.15 -18.53
O43 IWL HB . -18.98 -27.62 -7.14
O10 IWL HB . -18.13 -30.69 -4.29
O11 IWL HB . -16.31 -29.23 -7.39
O12 IWL HB . -18.06 -28.44 -5.10
O13 IWL HB . -14.25 -23.90 -7.79
O14 IWL HB . -13.52 -29.23 -5.85
O16 IWL HB . -12.62 -26.47 -7.57
O17 IWL HB . -16.40 -25.38 -4.46
O18 IWL HB . -12.57 -29.85 -3.41
O2 IWL HB . -16.66 -31.97 -3.56
O20 IWL HB . -16.82 -28.24 -2.64
O21 IWL HB . -15.09 -26.73 -6.24
O22 IWL HB . -14.03 -31.25 -3.92
O23 IWL HB . -11.74 -27.57 -5.67
O24 IWL HB . -18.59 -30.48 -6.89
O25 IWL HB . -14.05 -27.93 -4.04
O26 IWL HB . -16.12 -31.74 -6.19
O28 IWL HB . -15.95 -22.70 -6.09
O31 IWL HB . -14.90 -30.17 -2.23
O4 IWL HB . -15.77 -29.60 -4.26
O6 IWL HB . -15.75 -27.07 -8.80
O7 IWL HB . -17.08 -25.32 -6.39
O8 IWL HB . -13.52 -25.06 -5.51
O9 IWL HB . -17.79 -30.80 -1.23
W1 IWL HB . -16.97 -30.06 -5.87
W2 IWL HB . -16.89 -27.33 -7.08
W3 IWL HB . -16.85 -30.30 -2.86
W4 IWL HB . -16.01 -27.48 -4.49
W5 IWL HB . -15.31 -24.67 -6.23
W6 IWL HB . -14.08 -29.58 -4.03
W7 IWL HB . -13.46 -27.15 -5.95
W8 IWL HB . -19.89 -29.21 -5.89
O32 IWL HB . -20.87 -30.49 -4.81
O33 IWL HB . -20.20 -27.24 -5.10
O34 IWL HB . -20.76 -25.73 -6.96
W9 IWL HB . -20.12 -26.75 -8.10
O35 IWL HB . -21.17 -28.63 -7.47
O36 IWL HB . -19.63 -25.54 -8.82
O37 IWL HB . -23.87 -27.61 -9.81
W10 IWL HB . -22.63 -28.48 -8.88
O38 IWL HB . -21.76 -26.66 -9.08
O39 IWL HB . -19.94 -27.56 -9.50
O40 IWL HB . -21.81 -28.92 -10.30
W11 IWL HB . -18.22 -26.48 -4.76
O41 IWL HB . -18.80 -25.24 -3.68
O42 IWL HB . -18.94 -27.29 -3.36
W3 IHW IB . -17.51 -41.04 1.92
W4 IHW IB . -18.75 -40.03 -0.71
W5 IHW IB . -15.83 -38.00 2.32
W6 IHW IB . -17.55 -36.94 -0.05
W7 IHW IB . -16.81 -43.62 -1.06
W8 IHW IB . -15.29 -34.93 -1.00
O31 IHW IB . -15.35 -43.09 2.14
O32 IHW IB . -17.04 -39.47 2.66
O33 IHW IB . -17.49 -41.82 3.77
O34 IHW IB . -19.03 -40.72 1.12
O35 IHW IB . -17.04 -40.37 0.33
O36 IHW IB . -16.74 -42.23 0.54
O41 IHW IB . -20.65 -39.70 -0.98
O42 IHW IB . -17.50 -37.38 -1.69
O43 IHW IB . -18.61 -38.25 0.06
O44 IHW IB . -19.19 -41.74 -1.10
O51 IHW IB . -14.83 -36.42 2.31
O52 IHW IB . -15.81 -37.79 4.38
O54 IHW IB . -17.46 -36.86 1.59
O55 IHW IB . -16.31 -38.05 0.33
O61 IHW IB . -16.79 -35.45 -0.37
O63 IHW IB . -18.95 -36.18 -0.63
O71 IHW IB . -17.04 -44.89 -2.26
O81 IHW IB . -14.60 -34.42 0.55
W32 IHW IB . -12.96 -42.71 -0.89
W42 IHW IB . -14.52 -41.72 1.70
W52 IHW IB . -11.70 -39.71 -0.97
W62 IHW IB . -12.69 -39.00 1.52
W82 IHW IB . -13.40 -35.80 1.09
O312 IHW IB . -11.85 -44.17 -1.28
O322 IHW IB . -11.71 -41.55 -0.53
O332 IHW IB . -13.60 -41.91 -2.76
O342 IHW IB . -13.48 -42.93 1.17
O352 IHW IB . -14.40 -41.47 0.04
O362 IHW IB . -14.79 -43.47 -1.16
O412 IHW IB . -14.00 -42.09 3.24
O422 IHW IB . -15.81 -41.01 2.43
O432 IHW IB . -13.42 -40.55 1.98
O512 IHW IB . -11.47 -37.80 -1.11
O522 IHW IB . -10.15 -40.20 -1.91
O542 IHW IB . -11.16 -39.44 0.66
O552 IHW IB . -13.34 -39.07 -0.06
O612 IHW IB . -12.39 -37.50 1.12
O632 IHW IB . -14.15 -38.49 2.22
O712 IHW IB . -18.44 -43.98 -0.17
O812 IHW IB . -13.65 -34.52 -2.17
W33 IHW IB . -17.72 -40.96 -3.68
W43 IHW IB . -15.01 -41.56 -3.61
W53 IHW IB . -16.61 -37.66 -3.12
W63 IHW IB . -13.55 -38.58 -3.50
W83 IHW IB . -12.12 -35.93 -1.59
O313 IHW IB . -18.85 -41.62 -4.80
O323 IHW IB . -16.97 -39.06 -4.01
O333 IHW IB . -18.72 -40.21 -2.50
O343 IHW IB . -16.33 -41.59 -4.68
O353 IHW IB . -16.24 -40.72 -2.81
O363 IHW IB . -17.74 -42.48 -2.64
O413 IHW IB . -13.72 -41.99 -4.58
O423 IHW IB . -12.58 -39.22 -2.39
O433 IHW IB . -14.21 -40.02 -3.69
O443 IHW IB . -15.20 -43.21 -3.52
O513 IHW IB . -15.96 -35.74 -2.55
O523 IHW IB . -18.01 -37.13 -3.94
O543 IHW IB . -15.18 -37.76 -4.35
O553 IHW IB . -15.25 -38.16 -2.31
O613 IHW IB . -12.92 -37.06 -3.07
O633 IHW IB . -12.59 -38.64 -4.76
O634 IHW IB . -11.71 -38.73 3.05
O713 IHW IB . -16.17 -44.93 0.01
O813 IHW IB . -15.51 -33.29 -0.96
O903 IHW IB . -11.63 -35.33 0.09
O913 IHW IB . -14.13 -36.12 -0.69
O923 IHW IB . -10.97 -35.11 -2.61
O933 IHW IB . -12.18 -35.52 2.60
O1 IV9 JB . -18.40 -35.82 -12.66
O10 IV9 JB . -13.00 -36.62 -10.26
O11 IV9 JB . -15.46 -35.90 -13.35
O12 IV9 JB . -15.49 -35.19 -11.22
O13 IV9 JB . -18.69 -31.57 -13.93
O14 IV9 JB . -13.25 -32.94 -14.12
O16 IV9 JB . -16.27 -31.90 -15.59
O17 IV9 JB . -16.93 -32.53 -10.81
O18 IV9 JB . -11.28 -31.24 -12.95
O2 IV9 JB . -10.65 -35.63 -10.33
O20 IV9 JB . -13.94 -33.78 -9.32
O21 IV9 JB . -16.14 -33.24 -12.85
O22 IV9 JB . -10.46 -33.80 -12.37
O23 IV9 JB . -14.35 -30.76 -14.74
O24 IV9 JB . -14.65 -37.66 -11.96
O25 IV9 JB . -13.99 -31.96 -12.09
O26 IV9 JB . -12.35 -36.95 -12.68
O28 IV9 JB . -19.20 -30.64 -11.78
O31 IV9 JB . -11.41 -32.57 -10.49
O4 IV9 JB . -12.95 -34.47 -11.70
O6 IV9 JB . -17.86 -34.37 -14.30
O7 IV9 JB . -18.66 -33.39 -12.25
O8 IV9 JB . -16.49 -30.78 -13.20
O9 IV9 JB . -11.74 -34.46 -8.17
W1 IV9 JB . -13.99 -36.08 -11.96
W2 IV9 JB . -17.15 -34.75 -12.68
W3 IV9 JB . -12.17 -34.68 -9.93
W4 IV9 JB . -15.04 -33.54 -11.07
W5 IV9 JB . -17.76 -31.90 -12.47
W6 IV9 JB . -12.04 -32.84 -12.34
W7 IV9 JB . -15.15 -32.05 -13.88
W8 IV9 JB . -11.12 -35.46 -12.10
O32 IV9 JB . -9.32 -35.90 -12.84
O33 IV9 JB . -11.44 -35.19 -13.91
PG ATP KB . -0.17 -23.55 -26.02
O1G ATP KB . -1.06 -24.06 -27.11
O2G ATP KB . 0.07 -24.54 -24.91
O3G ATP KB . -0.49 -22.16 -25.57
PB ATP KB . 1.40 -22.49 -28.02
O1B ATP KB . 0.08 -21.82 -28.23
O2B ATP KB . 2.66 -21.68 -27.89
O3B ATP KB . 1.26 -23.42 -26.72
PA ATP KB . 0.52 -23.90 -30.24
O1A ATP KB . -0.12 -25.22 -29.96
O2A ATP KB . -0.31 -22.66 -30.42
O3A ATP KB . 1.62 -23.62 -29.12
O5' ATP KB . 1.41 -24.06 -31.54
C5' ATP KB . 2.27 -22.99 -31.84
C4' ATP KB . 3.02 -23.29 -33.12
O4' ATP KB . 2.16 -23.35 -34.26
C3' ATP KB . 4.02 -22.21 -33.43
O3' ATP KB . 5.33 -22.60 -33.01
C2' ATP KB . 3.96 -22.03 -34.92
O2' ATP KB . 5.19 -22.40 -35.52
C1' ATP KB . 2.89 -22.96 -35.42
N9 ATP KB . 1.96 -22.42 -36.43
C8 ATP KB . 1.07 -23.20 -37.05
N7 ATP KB . 0.34 -22.50 -37.94
C5 ATP KB . 0.78 -21.26 -37.91
C6 ATP KB . 0.43 -20.02 -38.62
N6 ATP KB . -0.54 -20.03 -39.53
N1 ATP KB . 1.10 -18.91 -38.33
C2 ATP KB . 2.07 -18.93 -37.41
N3 ATP KB . 2.44 -20.01 -36.74
C4 ATP KB . 1.85 -21.19 -36.94
MG MG LB . -0.52 -20.93 -29.68
O1 IWO MB . -0.86 -26.11 -10.78
W1 IWO MB . -2.52 -26.69 -11.25
O2 IWO MB . -2.14 -27.42 -12.89
W2 IWO MB . -5.07 -25.08 -12.65
O3 IWO MB . -2.54 -28.41 -10.30
W3 IWO MB . -2.93 -28.17 -8.41
O4 IWO MB . -3.29 -26.27 -9.31
W4 IWO MB . -5.35 -26.31 -9.52
O5 IWO MB . -4.61 -27.06 -11.44
O6 IWO MB . -4.73 -25.82 -14.24
W6 IWO MB . -6.66 -29.00 -8.86
O7 IWO MB . -3.49 -27.68 -6.64
W7 IWO MB . -9.13 -27.84 -10.55
O8 IWO MB . -5.54 -23.70 -13.31
W8 IWO MB . -6.26 -28.02 -12.12
O9 IWO MB . -2.70 -29.91 -8.39
O11 IWO MB . -7.10 -27.34 -10.11
O12 IWO MB . -5.83 -25.95 -7.87
O14 IWO MB . -9.42 -26.18 -11.48
O16 IWO MB . -8.20 -28.12 -12.31
O17 IWO MB . -8.33 -29.45 -9.80
O18 IWO MB . -6.06 -30.76 -8.44
O19 IWO MB . -7.24 -28.61 -7.11
O20 IWO MB . -5.90 -29.52 -10.90
O21 IWO MB . -9.67 -27.20 -9.01
O22 IWO MB . -5.82 -28.44 -13.83
O23 IWO MB . -10.64 -28.78 -11.17
O24 IWO MB . -3.23 -25.04 -11.92
O25 IWO MB . -6.80 -26.07 -12.68
O26 IWO MB . -4.91 -28.12 -8.80
O27 IWO MB . -1.34 -27.49 -7.83
W9 IWO MB . -7.66 -25.63 -10.93
O28 IWO MB . -8.42 -25.20 -9.43
O29 IWO MB . -7.81 -24.01 -11.67
O11 IWZ NB . -9.01 -22.22 -5.59
O12 IWZ NB . -7.25 -20.68 -4.78
O13 IWZ NB . -9.48 -23.27 -3.06
O14 IWZ NB . -7.52 -21.72 -1.78
O21 IWZ NB . -4.47 -21.50 -2.81
O22 IWZ NB . -4.72 -24.26 -3.08
O23 IWZ NB . -6.79 -24.27 -2.21
O24 IWZ NB . -5.32 -23.49 -0.40
O25 IWZ NB . -6.52 -22.82 -4.04
O31 IWZ NB . -4.37 -22.06 2.29
O32 IWZ NB . -6.66 -22.89 3.05
O33 IWZ NB . -7.23 -21.54 1.00
O34 IWZ NB . -4.67 -24.53 1.77
O51 IWZ NB . -8.62 -22.19 4.68
O52 IWZ NB . -7.28 -20.44 3.61
O53 IWZ NB . -9.13 -23.23 2.61
O61 IWZ NB . -9.90 -20.93 2.68
O62 IWZ NB . -11.24 -18.82 1.06
O63 IWZ NB . -12.74 -20.74 2.23
O64 IWZ NB . -12.24 -20.59 -0.42
O71 IWZ NB . -12.33 -20.97 -3.42
O72 IWZ NB . -11.32 -18.95 -2.50
O73 IWZ NB . -9.65 -20.72 -3.38
O74 IWZ NB . -9.87 -20.61 -0.43
O81 IWZ NB . -7.17 -26.28 -0.96
O82 IWZ NB . -6.61 -24.30 0.44
O83 IWZ NB . -9.38 -25.68 -1.80
O91 IWZ NB . -11.20 -24.51 -0.17
O92 IWZ NB . -8.96 -23.04 -0.28
O93 IWZ NB . -11.67 -24.52 -2.59
O94 IWZ NB . -10.99 -25.03 1.87
W1 IWZ NB . -8.25 -22.04 -3.80
W10 IWZ NB . -9.82 -24.00 0.98
W2 IWZ NB . -5.66 -22.78 -2.25
W3 IWZ NB . -5.71 -22.91 1.41
W5 IWZ NB . -8.10 -21.79 2.81
W6 IWZ NB . -11.34 -20.69 1.31
W7 IWZ NB . -11.18 -20.72 -2.11
W8 IWZ NB . -7.93 -24.66 -0.73
W9 IWZ NB . -10.25 -23.93 -1.47
O101 IWZ NB . -8.50 -25.51 0.99
O102 IWZ NB . -11.09 -22.36 -1.59
O103 IWZ NB . -11.22 -22.64 1.47
W11 IWZ NB . -7.77 -20.17 -0.39
O111 IWZ NB . -7.66 -18.97 1.07
O112 IWZ NB . -8.23 -18.68 -1.56
O113 IWZ NB . -5.79 -19.71 -0.79
#